data_1YUA
#
_entry.id   1YUA
#
_cell.length_a   1.000
_cell.length_b   1.000
_cell.length_c   1.000
_cell.angle_alpha   90.00
_cell.angle_beta   90.00
_cell.angle_gamma   90.00
#
_symmetry.space_group_name_H-M   'P 1'
#
_entity_poly.entity_id   1
_entity_poly.type   'polypeptide(L)'
_entity_poly.pdbx_seq_one_letter_code
;MNGEVAPPKEDPVPLPELPCEKSDAYFVLRDGAAGVFLAANTFPKSRETRAPLVEELYRFRDRLPEKLRYLADAPQQDPE
GNKTMVRFSRKTKQQYVSSEKDGKATGWSAFYVDGKWVEGKK
;
_entity_poly.pdbx_strand_id   A
#
# COMPACT_ATOMS: atom_id res chain seq x y z
N MET A 1 -23.65 17.91 -14.57
CA MET A 1 -24.27 17.13 -13.47
C MET A 1 -23.93 15.65 -13.63
N ASN A 2 -23.83 15.19 -14.85
CA ASN A 2 -23.50 13.75 -15.07
C ASN A 2 -22.37 13.34 -14.13
N GLY A 3 -22.67 12.53 -13.14
CA GLY A 3 -21.61 12.10 -12.19
C GLY A 3 -22.04 10.79 -11.51
N GLU A 4 -21.12 10.08 -10.93
CA GLU A 4 -21.47 8.80 -10.25
C GLU A 4 -20.80 8.75 -8.88
N VAL A 5 -20.37 9.88 -8.37
CA VAL A 5 -19.71 9.90 -7.04
C VAL A 5 -18.25 9.46 -7.21
N ALA A 6 -17.33 10.17 -6.61
CA ALA A 6 -15.90 9.78 -6.75
C ALA A 6 -15.61 9.46 -8.22
N PRO A 7 -15.51 10.50 -9.01
CA PRO A 7 -15.26 10.37 -10.43
C PRO A 7 -13.82 9.89 -10.67
N PRO A 8 -13.62 9.20 -11.77
CA PRO A 8 -12.31 8.68 -12.14
C PRO A 8 -11.26 9.79 -12.06
N LYS A 9 -11.68 11.02 -12.21
CA LYS A 9 -10.71 12.15 -12.14
C LYS A 9 -10.14 12.26 -10.71
N GLU A 10 -8.85 12.36 -10.59
CA GLU A 10 -8.25 12.47 -9.22
C GLU A 10 -6.74 12.24 -9.31
N ASP A 11 -5.96 13.23 -8.96
CA ASP A 11 -4.48 13.08 -9.03
C ASP A 11 -3.88 13.36 -7.64
N PRO A 12 -4.13 12.47 -6.72
CA PRO A 12 -3.63 12.60 -5.37
C PRO A 12 -2.14 12.25 -5.33
N VAL A 13 -1.82 11.02 -5.06
CA VAL A 13 -0.38 10.61 -5.02
C VAL A 13 -0.10 9.65 -6.17
N PRO A 14 -0.02 10.19 -7.36
CA PRO A 14 0.21 9.40 -8.55
C PRO A 14 1.65 8.88 -8.56
N LEU A 15 1.86 7.64 -8.93
CA LEU A 15 3.25 7.11 -8.96
C LEU A 15 3.62 6.64 -10.38
N PRO A 16 3.38 7.49 -11.35
CA PRO A 16 3.71 7.20 -12.74
C PRO A 16 5.01 6.40 -12.87
N GLU A 17 5.89 6.50 -11.90
CA GLU A 17 7.17 5.72 -12.00
C GLU A 17 6.91 4.25 -11.61
N LEU A 18 5.70 3.78 -11.71
CA LEU A 18 5.38 2.38 -11.37
C LEU A 18 4.33 1.86 -12.36
N PRO A 19 4.81 1.33 -13.46
CA PRO A 19 3.94 0.82 -14.51
C PRO A 19 2.84 -0.08 -13.93
N CYS A 20 1.71 -0.12 -14.58
CA CYS A 20 0.59 -0.97 -14.09
C CYS A 20 0.61 -2.32 -14.81
N GLU A 21 -0.11 -2.43 -15.90
CA GLU A 21 -0.14 -3.72 -16.64
C GLU A 21 0.73 -3.60 -17.89
N LYS A 22 0.28 -2.85 -18.86
CA LYS A 22 1.07 -2.69 -20.11
C LYS A 22 0.31 -1.80 -21.09
N SER A 23 -0.43 -0.84 -20.58
CA SER A 23 -1.20 0.07 -21.48
C SER A 23 -0.72 1.51 -21.28
N ASP A 24 0.47 1.68 -20.78
CA ASP A 24 1.00 3.04 -20.55
C ASP A 24 0.39 3.60 -19.26
N ALA A 25 -0.09 2.73 -18.42
CA ALA A 25 -0.70 3.18 -17.15
C ALA A 25 0.32 3.08 -16.02
N TYR A 26 -0.03 3.51 -14.84
CA TYR A 26 0.92 3.44 -13.70
C TYR A 26 0.14 3.25 -12.40
N PHE A 27 0.80 3.23 -11.29
CA PHE A 27 0.08 3.03 -10.00
C PHE A 27 -0.16 4.37 -9.29
N VAL A 28 -1.28 4.98 -9.51
CA VAL A 28 -1.58 6.28 -8.84
C VAL A 28 -2.09 5.98 -7.42
N LEU A 29 -1.24 6.14 -6.44
CA LEU A 29 -1.67 5.87 -5.03
C LEU A 29 -2.91 6.69 -4.70
N ARG A 30 -3.94 6.05 -4.22
CA ARG A 30 -5.18 6.77 -3.85
C ARG A 30 -5.63 6.29 -2.47
N ASP A 31 -6.81 6.65 -2.06
CA ASP A 31 -7.30 6.21 -0.72
C ASP A 31 -8.81 5.97 -0.77
N GLY A 32 -9.23 4.74 -0.72
CA GLY A 32 -10.70 4.46 -0.77
C GLY A 32 -10.93 2.95 -0.70
N ALA A 33 -10.08 2.24 -0.01
CA ALA A 33 -10.25 0.76 0.09
C ALA A 33 -9.95 0.31 1.53
N ALA A 34 -10.78 0.69 2.46
CA ALA A 34 -10.53 0.29 3.88
C ALA A 34 -9.23 0.92 4.37
N GLY A 35 -8.70 1.86 3.64
CA GLY A 35 -7.43 2.51 4.07
C GLY A 35 -6.75 3.16 2.86
N VAL A 36 -5.52 2.81 2.60
CA VAL A 36 -4.81 3.41 1.44
C VAL A 36 -4.43 2.30 0.46
N PHE A 37 -4.04 2.66 -0.74
CA PHE A 37 -3.66 1.62 -1.74
C PHE A 37 -3.18 2.29 -3.02
N LEU A 38 -2.97 1.53 -4.07
CA LEU A 38 -2.50 2.14 -5.35
C LEU A 38 -3.24 1.48 -6.52
N ALA A 39 -4.23 2.15 -7.05
CA ALA A 39 -4.97 1.56 -8.20
C ALA A 39 -4.31 2.00 -9.50
N ALA A 40 -4.51 1.26 -10.55
CA ALA A 40 -3.89 1.64 -11.85
C ALA A 40 -4.65 2.84 -12.42
N ASN A 41 -3.95 3.77 -13.00
CA ASN A 41 -4.63 4.97 -13.57
C ASN A 41 -5.42 4.55 -14.82
N THR A 42 -5.28 3.32 -15.24
CA THR A 42 -6.03 2.85 -16.45
C THR A 42 -7.31 2.14 -16.01
N PHE A 43 -7.54 2.03 -14.73
CA PHE A 43 -8.76 1.34 -14.23
C PHE A 43 -9.96 1.67 -15.14
N PRO A 44 -10.82 0.72 -15.34
CA PRO A 44 -10.70 -0.61 -14.75
C PRO A 44 -9.69 -1.47 -15.53
N LYS A 45 -9.21 -0.98 -16.65
CA LYS A 45 -8.24 -1.77 -17.45
C LYS A 45 -7.22 -2.43 -16.51
N SER A 46 -6.97 -1.83 -15.38
CA SER A 46 -6.00 -2.42 -14.42
C SER A 46 -6.57 -2.32 -13.01
N ARG A 47 -7.11 -3.39 -12.49
CA ARG A 47 -7.68 -3.34 -11.12
C ARG A 47 -6.60 -3.68 -10.10
N GLU A 48 -5.37 -3.76 -10.54
CA GLU A 48 -4.26 -4.08 -9.59
C GLU A 48 -4.24 -3.05 -8.47
N THR A 49 -4.96 -3.29 -7.41
CA THR A 49 -4.98 -2.31 -6.29
C THR A 49 -4.63 -3.01 -4.98
N ARG A 50 -4.06 -2.30 -4.05
CA ARG A 50 -3.68 -2.91 -2.75
C ARG A 50 -2.66 -2.01 -2.04
N ALA A 51 -2.55 -2.12 -0.75
CA ALA A 51 -1.57 -1.28 -0.01
C ALA A 51 -0.24 -1.26 -0.78
N PRO A 52 0.52 -0.23 -0.55
CA PRO A 52 1.81 -0.07 -1.23
C PRO A 52 2.91 -0.90 -0.56
N LEU A 53 3.69 -1.59 -1.34
CA LEU A 53 4.81 -2.40 -0.78
C LEU A 53 5.73 -1.46 0.01
N VAL A 54 5.90 -1.69 1.29
CA VAL A 54 6.77 -0.78 2.09
C VAL A 54 8.07 -0.52 1.32
N GLU A 55 8.67 -1.54 0.78
CA GLU A 55 9.95 -1.33 0.03
C GLU A 55 9.72 -0.32 -1.10
N GLU A 56 8.70 -0.51 -1.90
CA GLU A 56 8.44 0.45 -3.00
C GLU A 56 8.15 1.81 -2.39
N LEU A 57 7.71 1.84 -1.16
CA LEU A 57 7.42 3.14 -0.50
C LEU A 57 8.73 3.85 -0.19
N TYR A 58 9.71 3.14 0.26
CA TYR A 58 11.01 3.79 0.57
C TYR A 58 11.56 4.41 -0.71
N ARG A 59 11.43 3.72 -1.82
CA ARG A 59 11.93 4.27 -3.10
C ARG A 59 11.06 5.46 -3.50
N PHE A 60 9.83 5.49 -3.06
CA PHE A 60 8.93 6.62 -3.41
C PHE A 60 8.81 7.56 -2.22
N ARG A 61 9.76 7.53 -1.32
CA ARG A 61 9.70 8.44 -0.14
C ARG A 61 9.79 9.89 -0.61
N ASP A 62 10.62 10.16 -1.57
CA ASP A 62 10.75 11.56 -2.07
C ASP A 62 9.39 12.05 -2.57
N ARG A 63 8.52 11.13 -2.93
CA ARG A 63 7.18 11.55 -3.42
C ARG A 63 6.13 11.24 -2.35
N LEU A 64 6.50 10.53 -1.32
CA LEU A 64 5.53 10.20 -0.25
C LEU A 64 4.68 11.45 0.08
N PRO A 65 3.40 11.24 0.24
CA PRO A 65 2.48 12.32 0.57
C PRO A 65 2.57 12.69 2.06
N GLU A 66 3.60 12.23 2.73
CA GLU A 66 3.79 12.54 4.19
C GLU A 66 2.84 11.71 5.06
N LYS A 67 1.63 11.45 4.62
CA LYS A 67 0.69 10.65 5.43
C LYS A 67 1.06 9.15 5.36
N LEU A 68 2.23 8.83 4.89
CA LEU A 68 2.64 7.40 4.82
C LEU A 68 3.94 7.19 5.57
N ARG A 69 4.50 8.24 6.10
CA ARG A 69 5.78 8.12 6.86
C ARG A 69 5.78 6.84 7.70
N TYR A 70 4.66 6.51 8.31
CA TYR A 70 4.61 5.30 9.17
C TYR A 70 4.54 4.04 8.28
N LEU A 71 3.73 4.05 7.27
CA LEU A 71 3.61 2.85 6.40
C LEU A 71 4.98 2.57 5.76
N ALA A 72 5.48 3.48 5.00
CA ALA A 72 6.81 3.27 4.35
C ALA A 72 7.86 3.03 5.43
N ASP A 73 7.66 3.56 6.61
CA ASP A 73 8.66 3.35 7.70
C ASP A 73 8.66 1.88 8.10
N ALA A 74 7.52 1.25 8.11
CA ALA A 74 7.47 -0.19 8.50
C ALA A 74 8.49 -0.98 7.68
N PRO A 75 8.86 -2.12 8.19
CA PRO A 75 9.82 -2.99 7.52
C PRO A 75 9.43 -3.19 6.06
N GLN A 76 10.33 -3.67 5.25
CA GLN A 76 10.00 -3.89 3.81
C GLN A 76 10.31 -5.33 3.43
N GLN A 77 10.12 -6.26 4.34
CA GLN A 77 10.40 -7.69 4.03
C GLN A 77 10.48 -8.47 5.34
N ASP A 78 10.85 -9.71 5.28
CA ASP A 78 10.96 -10.52 6.52
C ASP A 78 12.39 -11.11 6.61
N PRO A 79 12.65 -11.82 7.67
CA PRO A 79 13.96 -12.43 7.88
C PRO A 79 14.40 -13.23 6.66
N GLU A 80 13.47 -13.70 5.87
CA GLU A 80 13.85 -14.50 4.66
C GLU A 80 14.03 -13.55 3.47
N GLY A 81 13.34 -12.44 3.47
CA GLY A 81 13.46 -11.49 2.33
C GLY A 81 12.08 -11.20 1.76
N ASN A 82 11.16 -12.12 1.92
CA ASN A 82 9.79 -11.89 1.38
C ASN A 82 9.38 -10.44 1.67
N LYS A 83 9.54 -9.58 0.71
CA LYS A 83 9.18 -8.16 0.92
C LYS A 83 7.89 -8.03 1.70
N THR A 84 7.74 -6.98 2.43
CA THR A 84 6.51 -6.79 3.24
C THR A 84 5.73 -5.58 2.71
N MET A 85 4.49 -5.79 2.37
CA MET A 85 3.69 -4.65 1.85
C MET A 85 2.72 -4.17 2.93
N VAL A 86 1.99 -3.13 2.66
CA VAL A 86 1.04 -2.61 3.69
C VAL A 86 -0.27 -3.39 3.62
N ARG A 87 -0.99 -3.42 4.70
CA ARG A 87 -2.31 -4.13 4.72
C ARG A 87 -3.27 -3.31 5.57
N PHE A 88 -4.46 -3.80 5.81
CA PHE A 88 -5.41 -3.03 6.64
C PHE A 88 -6.20 -3.96 7.54
N SER A 89 -6.38 -3.58 8.78
CA SER A 89 -7.16 -4.43 9.72
C SER A 89 -8.41 -3.67 10.16
N ARG A 90 -9.55 -4.32 10.16
CA ARG A 90 -10.79 -3.62 10.58
C ARG A 90 -10.97 -3.77 12.08
N LYS A 91 -10.28 -4.70 12.69
CA LYS A 91 -10.40 -4.88 14.16
C LYS A 91 -9.98 -3.60 14.85
N THR A 92 -9.18 -2.80 14.21
CA THR A 92 -8.71 -1.53 14.83
C THR A 92 -8.57 -0.46 13.75
N LYS A 93 -9.08 -0.70 12.57
CA LYS A 93 -8.97 0.31 11.48
C LYS A 93 -7.55 0.89 11.47
N GLN A 94 -6.58 0.10 11.12
CA GLN A 94 -5.18 0.62 11.09
C GLN A 94 -4.42 0.00 9.91
N GLN A 95 -3.13 0.25 9.83
CA GLN A 95 -2.33 -0.32 8.70
C GLN A 95 -1.33 -1.33 9.24
N TYR A 96 -1.39 -2.54 8.76
CA TYR A 96 -0.43 -3.58 9.23
C TYR A 96 0.29 -4.16 8.00
N VAL A 97 1.58 -4.31 8.06
CA VAL A 97 2.31 -4.86 6.87
C VAL A 97 2.35 -6.38 6.95
N SER A 98 2.68 -7.02 5.86
CA SER A 98 2.74 -8.50 5.86
C SER A 98 3.78 -8.97 4.83
N SER A 99 4.77 -9.70 5.25
CA SER A 99 5.81 -10.19 4.30
C SER A 99 5.17 -11.16 3.30
N GLU A 100 5.80 -11.37 2.19
CA GLU A 100 5.22 -12.31 1.18
C GLU A 100 6.36 -12.95 0.37
N LYS A 101 6.28 -14.23 0.14
CA LYS A 101 7.35 -14.92 -0.64
C LYS A 101 6.81 -15.32 -2.02
N ASP A 102 7.12 -14.55 -3.03
CA ASP A 102 6.63 -14.88 -4.39
C ASP A 102 5.12 -14.73 -4.44
N GLY A 103 4.42 -15.76 -4.08
CA GLY A 103 2.93 -15.70 -4.10
C GLY A 103 2.36 -16.75 -3.14
N LYS A 104 3.04 -17.00 -2.05
CA LYS A 104 2.54 -18.01 -1.08
C LYS A 104 2.13 -17.31 0.22
N ALA A 105 2.23 -16.01 0.27
CA ALA A 105 1.83 -15.28 1.51
C ALA A 105 2.40 -16.02 2.73
N THR A 106 3.66 -15.86 3.00
CA THR A 106 4.26 -16.55 4.18
C THR A 106 3.32 -16.44 5.37
N GLY A 107 3.22 -15.28 5.95
CA GLY A 107 2.31 -15.11 7.13
C GLY A 107 2.75 -13.89 7.94
N TRP A 108 4.00 -13.51 7.84
CA TRP A 108 4.49 -12.34 8.61
C TRP A 108 3.47 -11.20 8.51
N SER A 109 3.14 -10.59 9.61
CA SER A 109 2.15 -9.47 9.57
C SER A 109 2.43 -8.51 10.72
N ALA A 110 3.11 -7.43 10.47
CA ALA A 110 3.41 -6.45 11.55
C ALA A 110 2.29 -5.42 11.64
N PHE A 111 2.07 -4.86 12.80
CA PHE A 111 0.99 -3.85 12.96
C PHE A 111 1.58 -2.51 13.40
N TYR A 112 1.12 -1.43 12.83
CA TYR A 112 1.65 -0.10 13.23
C TYR A 112 0.86 0.40 14.45
N VAL A 113 1.44 0.34 15.61
CA VAL A 113 0.72 0.83 16.82
C VAL A 113 1.05 2.31 17.00
N ASP A 114 1.18 2.77 18.20
CA ASP A 114 1.52 4.22 18.41
C ASP A 114 2.94 4.39 17.94
N GLY A 115 3.14 4.63 16.66
CA GLY A 115 4.52 4.72 16.16
C GLY A 115 5.22 3.46 16.68
N LYS A 116 4.45 2.43 16.92
CA LYS A 116 5.02 1.19 17.49
C LYS A 116 4.72 -0.02 16.61
N TRP A 117 5.43 -0.19 15.52
CA TRP A 117 5.16 -1.38 14.66
C TRP A 117 5.25 -2.62 15.53
N VAL A 118 4.63 -3.70 15.13
CA VAL A 118 4.68 -4.94 15.95
C VAL A 118 4.71 -6.15 15.02
N GLU A 119 4.66 -7.33 15.58
CA GLU A 119 4.69 -8.55 14.73
C GLU A 119 3.73 -9.60 15.32
N GLY A 120 2.67 -9.90 14.62
CA GLY A 120 1.70 -10.91 15.14
C GLY A 120 1.85 -12.21 14.35
N LYS A 121 2.99 -12.84 14.42
CA LYS A 121 3.20 -14.11 13.68
C LYS A 121 1.99 -15.03 13.90
N LYS A 122 1.64 -15.81 12.92
CA LYS A 122 0.48 -16.74 13.08
C LYS A 122 0.77 -18.06 12.36
N MET A 1 -26.96 13.78 -2.08
CA MET A 1 -28.14 13.18 -1.39
C MET A 1 -27.87 11.70 -1.13
N ASN A 2 -26.98 11.10 -1.88
CA ASN A 2 -26.68 9.65 -1.68
C ASN A 2 -25.63 9.21 -2.70
N GLY A 3 -24.39 9.55 -2.47
CA GLY A 3 -23.32 9.14 -3.43
C GLY A 3 -22.11 10.07 -3.27
N GLU A 4 -21.26 9.80 -2.34
CA GLU A 4 -20.06 10.66 -2.14
C GLU A 4 -18.81 9.79 -2.04
N VAL A 5 -17.93 9.89 -2.99
CA VAL A 5 -16.69 9.06 -2.94
C VAL A 5 -15.70 9.58 -4.00
N ALA A 6 -14.75 10.38 -3.60
CA ALA A 6 -13.76 10.92 -4.57
C ALA A 6 -14.49 11.74 -5.65
N PRO A 7 -14.88 12.93 -5.28
CA PRO A 7 -15.58 13.82 -6.20
C PRO A 7 -14.82 13.92 -7.51
N PRO A 8 -15.32 14.77 -8.40
CA PRO A 8 -14.71 14.97 -9.70
C PRO A 8 -13.20 15.25 -9.53
N LYS A 9 -12.85 16.11 -8.63
CA LYS A 9 -11.41 16.42 -8.42
C LYS A 9 -10.75 15.32 -7.59
N GLU A 10 -9.47 15.13 -7.75
CA GLU A 10 -8.77 14.07 -6.98
C GLU A 10 -7.29 14.42 -6.85
N ASP A 11 -6.50 14.07 -7.83
CA ASP A 11 -5.05 14.38 -7.78
C ASP A 11 -4.52 14.07 -6.37
N PRO A 12 -4.57 12.80 -6.02
CA PRO A 12 -4.11 12.33 -4.73
C PRO A 12 -2.58 12.25 -4.71
N VAL A 13 -2.04 11.10 -5.03
CA VAL A 13 -0.56 10.95 -5.04
C VAL A 13 -0.17 10.03 -6.20
N PRO A 14 -0.41 10.51 -7.41
CA PRO A 14 -0.11 9.74 -8.61
C PRO A 14 1.31 9.17 -8.53
N LEU A 15 1.48 7.92 -8.86
CA LEU A 15 2.84 7.33 -8.81
C LEU A 15 3.26 6.81 -10.20
N PRO A 16 3.14 7.65 -11.19
CA PRO A 16 3.53 7.30 -12.54
C PRO A 16 4.84 6.50 -12.55
N GLU A 17 5.77 6.83 -11.69
CA GLU A 17 7.07 6.07 -11.66
C GLU A 17 6.78 4.57 -11.78
N LEU A 18 5.85 4.09 -10.99
CA LEU A 18 5.50 2.65 -11.04
C LEU A 18 4.43 2.43 -12.11
N PRO A 19 4.70 1.53 -13.04
CA PRO A 19 3.77 1.24 -14.13
C PRO A 19 2.54 0.48 -13.63
N CYS A 20 1.54 0.38 -14.45
CA CYS A 20 0.29 -0.35 -14.05
C CYS A 20 0.29 -1.74 -14.69
N GLU A 21 -0.21 -1.85 -15.90
CA GLU A 21 -0.25 -3.16 -16.58
C GLU A 21 0.80 -3.20 -17.70
N LYS A 22 0.47 -2.67 -18.84
CA LYS A 22 1.45 -2.67 -19.98
C LYS A 22 1.10 -1.54 -20.94
N SER A 23 0.38 -0.56 -20.49
CA SER A 23 0.00 0.57 -21.38
C SER A 23 0.56 1.88 -20.81
N ASP A 24 -0.07 2.98 -21.14
CA ASP A 24 0.42 4.29 -20.61
C ASP A 24 -0.20 4.55 -19.25
N ALA A 25 -0.78 3.55 -18.64
CA ALA A 25 -1.41 3.75 -17.30
C ALA A 25 -0.33 3.77 -16.23
N TYR A 26 -0.69 4.10 -15.01
CA TYR A 26 0.33 4.14 -13.93
C TYR A 26 -0.35 3.79 -12.60
N PHE A 27 0.38 3.86 -11.51
CA PHE A 27 -0.23 3.51 -10.20
C PHE A 27 -0.50 4.77 -9.38
N VAL A 28 -1.63 5.38 -9.58
CA VAL A 28 -1.96 6.60 -8.80
C VAL A 28 -2.52 6.19 -7.43
N LEU A 29 -1.99 6.75 -6.37
CA LEU A 29 -2.49 6.37 -5.02
C LEU A 29 -3.83 7.05 -4.73
N ARG A 30 -4.72 6.36 -4.09
CA ARG A 30 -6.04 6.95 -3.75
C ARG A 30 -6.46 6.50 -2.36
N ASP A 31 -7.68 6.74 -1.98
CA ASP A 31 -8.14 6.31 -0.63
C ASP A 31 -9.46 5.55 -0.74
N GLY A 32 -9.42 4.25 -0.68
CA GLY A 32 -10.68 3.46 -0.79
C GLY A 32 -10.46 2.08 -0.16
N ALA A 33 -11.49 1.28 -0.10
CA ALA A 33 -11.35 -0.07 0.50
C ALA A 33 -11.09 0.05 2.00
N ALA A 34 -11.38 1.20 2.56
CA ALA A 34 -11.15 1.38 4.02
C ALA A 34 -9.66 1.59 4.28
N GLY A 35 -8.90 1.83 3.25
CA GLY A 35 -7.43 2.04 3.44
C GLY A 35 -6.82 2.59 2.15
N VAL A 36 -5.81 3.43 2.27
CA VAL A 36 -5.18 4.00 1.05
C VAL A 36 -4.57 2.87 0.22
N PHE A 37 -4.21 3.16 -1.01
CA PHE A 37 -3.61 2.10 -1.88
C PHE A 37 -3.16 2.73 -3.20
N LEU A 38 -2.81 1.92 -4.16
CA LEU A 38 -2.36 2.47 -5.47
C LEU A 38 -3.16 1.81 -6.59
N ALA A 39 -4.21 2.43 -7.05
CA ALA A 39 -5.01 1.81 -8.14
C ALA A 39 -4.46 2.29 -9.49
N ALA A 40 -4.74 1.55 -10.53
CA ALA A 40 -4.25 1.95 -11.87
C ALA A 40 -5.06 3.16 -12.35
N ASN A 41 -4.40 4.15 -12.89
CA ASN A 41 -5.14 5.35 -13.37
C ASN A 41 -5.99 4.99 -14.58
N THR A 42 -5.78 3.83 -15.15
CA THR A 42 -6.58 3.43 -16.34
C THR A 42 -7.77 2.57 -15.88
N PHE A 43 -7.95 2.42 -14.59
CA PHE A 43 -9.08 1.60 -14.07
C PHE A 43 -10.32 1.82 -14.94
N PRO A 44 -11.09 0.79 -15.13
CA PRO A 44 -10.81 -0.54 -14.59
C PRO A 44 -9.79 -1.28 -15.47
N LYS A 45 -9.32 -0.65 -16.52
CA LYS A 45 -8.34 -1.33 -17.42
C LYS A 45 -7.33 -2.11 -16.57
N SER A 46 -7.03 -1.64 -15.40
CA SER A 46 -6.06 -2.36 -14.53
C SER A 46 -6.59 -2.37 -13.10
N ARG A 47 -7.13 -3.47 -12.67
CA ARG A 47 -7.67 -3.54 -11.27
C ARG A 47 -6.55 -4.01 -10.35
N GLU A 48 -5.35 -3.52 -10.55
CA GLU A 48 -4.22 -3.94 -9.68
C GLU A 48 -4.18 -3.06 -8.43
N THR A 49 -5.25 -3.04 -7.68
CA THR A 49 -5.28 -2.19 -6.45
C THR A 49 -4.85 -3.03 -5.24
N ARG A 50 -4.07 -2.47 -4.36
CA ARG A 50 -3.61 -3.23 -3.17
C ARG A 50 -2.48 -2.45 -2.48
N ALA A 51 -2.34 -2.61 -1.19
CA ALA A 51 -1.24 -1.88 -0.48
C ALA A 51 0.08 -2.09 -1.23
N PRO A 52 0.91 -1.07 -1.20
CA PRO A 52 2.20 -1.12 -1.87
C PRO A 52 3.24 -1.85 -1.03
N LEU A 53 4.11 -2.59 -1.67
CA LEU A 53 5.18 -3.31 -0.94
C LEU A 53 5.99 -2.30 -0.12
N VAL A 54 6.21 -2.56 1.13
CA VAL A 54 6.99 -1.60 1.97
C VAL A 54 8.32 -1.29 1.30
N GLU A 55 8.92 -2.26 0.65
CA GLU A 55 10.22 -2.01 -0.03
C GLU A 55 10.02 -1.01 -1.17
N GLU A 56 8.97 -1.17 -1.93
CA GLU A 56 8.73 -0.20 -3.05
C GLU A 56 8.36 1.15 -2.45
N LEU A 57 7.85 1.16 -1.26
CA LEU A 57 7.48 2.44 -0.60
C LEU A 57 8.75 3.16 -0.17
N TYR A 58 9.74 2.43 0.27
CA TYR A 58 11.01 3.08 0.69
C TYR A 58 11.66 3.73 -0.52
N ARG A 59 11.72 3.03 -1.63
CA ARG A 59 12.35 3.62 -2.84
C ARG A 59 11.52 4.82 -3.31
N PHE A 60 10.24 4.80 -3.05
CA PHE A 60 9.36 5.94 -3.46
C PHE A 60 9.26 6.93 -2.31
N ARG A 61 10.20 6.91 -1.41
CA ARG A 61 10.15 7.86 -0.26
C ARG A 61 10.31 9.29 -0.79
N ASP A 62 11.09 9.48 -1.81
CA ASP A 62 11.28 10.85 -2.37
C ASP A 62 9.95 11.39 -2.89
N ARG A 63 8.95 10.55 -2.98
CA ARG A 63 7.63 11.01 -3.47
C ARG A 63 6.59 10.84 -2.36
N LEU A 64 6.92 10.05 -1.38
CA LEU A 64 5.97 9.81 -0.26
C LEU A 64 5.57 11.16 0.37
N PRO A 65 4.34 11.55 0.16
CA PRO A 65 3.84 12.81 0.70
C PRO A 65 4.12 12.86 2.21
N GLU A 66 3.41 12.10 2.98
CA GLU A 66 3.62 12.10 4.45
C GLU A 66 2.59 11.18 5.10
N LYS A 67 1.42 11.09 4.53
CA LYS A 67 0.36 10.22 5.11
C LYS A 67 0.73 8.74 4.98
N LEU A 68 1.89 8.43 4.48
CA LEU A 68 2.28 7.00 4.34
C LEU A 68 3.74 6.82 4.76
N ARG A 69 4.36 7.85 5.27
CA ARG A 69 5.79 7.73 5.68
C ARG A 69 5.93 6.60 6.70
N TYR A 70 5.20 6.64 7.76
CA TYR A 70 5.30 5.55 8.79
C TYR A 70 5.13 4.19 8.12
N LEU A 71 4.36 4.13 7.07
CA LEU A 71 4.15 2.83 6.38
C LEU A 71 5.45 2.41 5.69
N ALA A 72 6.07 3.32 4.98
CA ALA A 72 7.34 2.98 4.29
C ALA A 72 8.44 2.76 5.34
N ASP A 73 8.17 3.09 6.57
CA ASP A 73 9.19 2.91 7.64
C ASP A 73 9.08 1.49 8.20
N ALA A 74 7.92 0.90 8.12
CA ALA A 74 7.76 -0.49 8.65
C ALA A 74 8.66 -1.45 7.87
N PRO A 75 8.86 -2.62 8.43
CA PRO A 75 9.69 -3.63 7.81
C PRO A 75 9.25 -3.84 6.35
N GLN A 76 10.09 -4.41 5.54
CA GLN A 76 9.71 -4.64 4.11
C GLN A 76 10.19 -6.01 3.66
N GLN A 77 10.14 -6.98 4.53
CA GLN A 77 10.59 -8.36 4.15
C GLN A 77 10.89 -9.16 5.42
N ASP A 78 11.14 -8.50 6.52
CA ASP A 78 11.45 -9.22 7.78
C ASP A 78 12.90 -9.71 7.74
N PRO A 79 13.40 -10.11 8.89
CA PRO A 79 14.77 -10.59 9.03
C PRO A 79 15.04 -11.75 8.06
N GLU A 80 14.03 -12.31 7.45
CA GLU A 80 14.26 -13.43 6.50
C GLU A 80 14.48 -12.87 5.10
N GLY A 81 13.55 -12.14 4.57
CA GLY A 81 13.73 -11.58 3.21
C GLY A 81 12.58 -12.03 2.30
N ASN A 82 11.44 -12.33 2.87
CA ASN A 82 10.28 -12.77 2.03
C ASN A 82 9.50 -11.53 1.57
N LYS A 83 10.08 -10.38 1.68
CA LYS A 83 9.38 -9.14 1.27
C LYS A 83 8.11 -8.98 2.06
N THR A 84 7.83 -7.79 2.47
CA THR A 84 6.61 -7.53 3.27
C THR A 84 5.87 -6.33 2.68
N MET A 85 4.62 -6.48 2.36
CA MET A 85 3.87 -5.33 1.77
C MET A 85 2.92 -4.75 2.81
N VAL A 86 2.18 -3.74 2.45
CA VAL A 86 1.24 -3.14 3.42
C VAL A 86 -0.11 -3.84 3.36
N ARG A 87 -0.87 -3.76 4.41
CA ARG A 87 -2.20 -4.41 4.44
C ARG A 87 -3.15 -3.51 5.24
N PHE A 88 -4.36 -3.94 5.48
CA PHE A 88 -5.29 -3.07 6.25
C PHE A 88 -6.28 -3.93 7.04
N SER A 89 -6.43 -3.64 8.30
CA SER A 89 -7.39 -4.42 9.13
C SER A 89 -8.53 -3.49 9.55
N ARG A 90 -9.75 -3.97 9.55
CA ARG A 90 -10.88 -3.09 9.94
C ARG A 90 -11.08 -3.17 11.45
N LYS A 91 -10.83 -4.31 12.02
CA LYS A 91 -11.00 -4.46 13.50
C LYS A 91 -10.40 -3.24 14.19
N THR A 92 -9.44 -2.60 13.57
CA THR A 92 -8.83 -1.41 14.21
C THR A 92 -8.68 -0.29 13.18
N LYS A 93 -9.07 -0.53 11.95
CA LYS A 93 -8.96 0.53 10.91
C LYS A 93 -7.53 1.07 10.91
N GLN A 94 -6.56 0.24 10.63
CA GLN A 94 -5.15 0.71 10.62
C GLN A 94 -4.38 0.05 9.48
N GLN A 95 -3.09 0.23 9.43
CA GLN A 95 -2.28 -0.39 8.36
C GLN A 95 -1.32 -1.43 8.95
N TYR A 96 -1.39 -2.64 8.49
CA TYR A 96 -0.48 -3.70 9.02
C TYR A 96 0.25 -4.35 7.85
N VAL A 97 1.53 -4.57 7.97
CA VAL A 97 2.28 -5.19 6.83
C VAL A 97 2.25 -6.72 6.97
N SER A 98 2.60 -7.42 5.92
CA SER A 98 2.59 -8.91 5.97
C SER A 98 3.66 -9.45 5.02
N SER A 99 4.58 -10.23 5.53
CA SER A 99 5.66 -10.80 4.67
C SER A 99 5.05 -11.88 3.77
N GLU A 100 5.12 -11.72 2.48
CA GLU A 100 4.55 -12.74 1.57
C GLU A 100 5.58 -13.09 0.49
N LYS A 101 5.57 -14.30 0.00
CA LYS A 101 6.55 -14.69 -1.06
C LYS A 101 5.88 -14.65 -2.43
N ASP A 102 5.93 -13.52 -3.07
CA ASP A 102 5.31 -13.39 -4.43
C ASP A 102 3.88 -13.97 -4.40
N GLY A 103 3.28 -14.05 -3.25
CA GLY A 103 1.89 -14.61 -3.17
C GLY A 103 1.91 -15.87 -2.33
N LYS A 104 2.65 -15.87 -1.25
CA LYS A 104 2.72 -17.07 -0.39
C LYS A 104 2.15 -16.73 1.00
N ALA A 105 2.03 -15.48 1.32
CA ALA A 105 1.51 -15.10 2.65
C ALA A 105 2.16 -15.97 3.72
N THR A 106 3.47 -15.96 3.77
CA THR A 106 4.20 -16.79 4.78
C THR A 106 3.46 -16.73 6.12
N GLY A 107 2.77 -15.65 6.39
CA GLY A 107 2.05 -15.53 7.68
C GLY A 107 2.49 -14.27 8.41
N TRP A 108 3.73 -13.91 8.27
CA TRP A 108 4.24 -12.69 8.96
C TRP A 108 3.24 -11.54 8.75
N SER A 109 2.90 -10.85 9.80
CA SER A 109 1.94 -9.72 9.67
C SER A 109 2.20 -8.71 10.79
N ALA A 110 2.91 -7.66 10.50
CA ALA A 110 3.20 -6.64 11.56
C ALA A 110 2.09 -5.59 11.57
N PHE A 111 1.84 -5.00 12.71
CA PHE A 111 0.77 -3.96 12.79
C PHE A 111 1.36 -2.62 13.23
N TYR A 112 0.94 -1.55 12.62
CA TYR A 112 1.46 -0.22 13.02
C TYR A 112 0.60 0.36 14.13
N VAL A 113 1.07 0.34 15.35
CA VAL A 113 0.27 0.89 16.46
C VAL A 113 0.62 2.37 16.61
N ASP A 114 0.66 2.89 17.81
CA ASP A 114 1.02 4.32 17.98
C ASP A 114 2.48 4.46 17.62
N GLY A 115 2.78 4.64 16.36
CA GLY A 115 4.21 4.69 15.97
C GLY A 115 4.84 3.45 16.60
N LYS A 116 4.02 2.44 16.81
CA LYS A 116 4.53 1.21 17.47
C LYS A 116 4.31 -0.03 16.60
N TRP A 117 5.00 -0.15 15.51
CA TRP A 117 4.80 -1.36 14.66
C TRP A 117 4.85 -2.60 15.57
N VAL A 118 4.37 -3.72 15.10
CA VAL A 118 4.40 -4.95 15.94
C VAL A 118 4.52 -6.18 15.05
N GLU A 119 4.66 -7.34 15.63
CA GLU A 119 4.78 -8.58 14.81
C GLU A 119 3.67 -9.55 15.20
N GLY A 120 2.96 -10.06 14.24
CA GLY A 120 1.86 -11.02 14.56
C GLY A 120 2.27 -12.43 14.13
N LYS A 121 3.19 -12.53 13.23
CA LYS A 121 3.64 -13.88 12.77
C LYS A 121 5.16 -13.91 12.64
N LYS A 122 5.78 -15.03 12.90
CA LYS A 122 7.26 -15.11 12.78
C LYS A 122 7.67 -16.57 12.62
N MET A 1 -20.56 13.22 -1.74
CA MET A 1 -20.11 14.59 -2.14
C MET A 1 -18.73 14.86 -1.55
N ASN A 2 -18.59 14.73 -0.25
CA ASN A 2 -17.27 14.98 0.38
C ASN A 2 -16.94 13.85 1.36
N GLY A 3 -16.37 12.78 0.87
CA GLY A 3 -16.03 11.64 1.78
C GLY A 3 -14.57 11.24 1.56
N GLU A 4 -13.80 12.10 0.98
CA GLU A 4 -12.36 11.77 0.74
C GLU A 4 -12.26 10.45 -0.02
N VAL A 5 -13.00 10.31 -1.08
CA VAL A 5 -12.96 9.05 -1.87
C VAL A 5 -12.38 9.33 -3.26
N ALA A 6 -11.09 9.37 -3.39
CA ALA A 6 -10.47 9.65 -4.71
C ALA A 6 -10.99 10.99 -5.24
N PRO A 7 -10.58 12.06 -4.60
CA PRO A 7 -10.99 13.40 -4.98
C PRO A 7 -10.78 13.61 -6.49
N PRO A 8 -11.50 14.57 -7.03
CA PRO A 8 -11.41 14.90 -8.45
C PRO A 8 -9.96 15.16 -8.85
N LYS A 9 -9.76 15.87 -9.94
CA LYS A 9 -8.37 16.16 -10.38
C LYS A 9 -7.77 14.91 -11.04
N GLU A 10 -6.62 15.03 -11.64
CA GLU A 10 -5.98 13.85 -12.30
C GLU A 10 -6.10 12.63 -11.38
N ASP A 11 -5.74 12.78 -10.13
CA ASP A 11 -5.81 11.62 -9.20
C ASP A 11 -4.97 11.91 -7.95
N PRO A 12 -5.11 11.05 -6.98
CA PRO A 12 -4.37 11.16 -5.71
C PRO A 12 -2.86 11.34 -5.97
N VAL A 13 -2.02 10.56 -5.35
CA VAL A 13 -0.55 10.70 -5.57
C VAL A 13 -0.16 9.80 -6.75
N PRO A 14 0.11 10.41 -7.88
CA PRO A 14 0.48 9.67 -9.08
C PRO A 14 1.83 8.98 -8.91
N LEU A 15 1.86 7.67 -9.00
CA LEU A 15 3.14 6.94 -8.86
C LEU A 15 3.47 6.27 -10.20
N PRO A 16 3.69 7.08 -11.20
CA PRO A 16 4.02 6.60 -12.54
C PRO A 16 5.33 5.81 -12.52
N GLU A 17 6.25 6.14 -11.65
CA GLU A 17 7.51 5.33 -11.60
C GLU A 17 7.08 3.87 -11.57
N LEU A 18 5.93 3.64 -11.01
CA LEU A 18 5.34 2.27 -10.95
C LEU A 18 4.18 2.23 -11.95
N PRO A 19 4.43 1.71 -13.11
CA PRO A 19 3.43 1.66 -14.17
C PRO A 19 2.28 0.73 -13.80
N CYS A 20 1.18 0.86 -14.49
CA CYS A 20 -0.01 0.01 -14.21
C CYS A 20 0.06 -1.30 -15.01
N GLU A 21 -0.71 -1.40 -16.07
CA GLU A 21 -0.69 -2.65 -16.88
C GLU A 21 0.07 -2.40 -18.19
N LYS A 22 1.29 -1.95 -18.09
CA LYS A 22 2.08 -1.68 -19.33
C LYS A 22 1.30 -0.73 -20.22
N SER A 23 0.35 -0.02 -19.66
CA SER A 23 -0.46 0.93 -20.47
C SER A 23 -0.01 2.35 -20.16
N ASP A 24 -0.79 3.32 -20.55
CA ASP A 24 -0.42 4.74 -20.28
C ASP A 24 -0.98 5.16 -18.91
N ALA A 25 -1.17 4.21 -18.03
CA ALA A 25 -1.72 4.56 -16.68
C ALA A 25 -0.62 4.41 -15.63
N TYR A 26 -0.62 5.27 -14.64
CA TYR A 26 0.42 5.18 -13.58
C TYR A 26 -0.20 4.63 -12.30
N PHE A 27 0.57 4.48 -11.26
CA PHE A 27 0.01 3.93 -9.99
C PHE A 27 -0.34 5.06 -9.01
N VAL A 28 -1.37 5.80 -9.28
CA VAL A 28 -1.76 6.88 -8.33
C VAL A 28 -2.02 6.27 -6.96
N LEU A 29 -2.16 7.07 -5.94
CA LEU A 29 -2.40 6.51 -4.58
C LEU A 29 -3.83 6.84 -4.13
N ARG A 30 -4.78 6.00 -4.44
CA ARG A 30 -6.17 6.29 -4.01
C ARG A 30 -6.37 5.68 -2.62
N ASP A 31 -7.30 6.20 -1.86
CA ASP A 31 -7.53 5.66 -0.50
C ASP A 31 -8.91 4.99 -0.44
N GLY A 32 -8.97 3.69 -0.61
CA GLY A 32 -10.28 3.00 -0.56
C GLY A 32 -11.03 3.40 0.72
N ALA A 33 -12.17 2.82 0.94
CA ALA A 33 -12.95 3.17 2.17
C ALA A 33 -12.45 2.30 3.34
N ALA A 34 -11.17 2.19 3.50
CA ALA A 34 -10.62 1.38 4.61
C ALA A 34 -9.12 1.64 4.76
N GLY A 35 -8.40 1.64 3.67
CA GLY A 35 -6.93 1.90 3.75
C GLY A 35 -6.47 2.61 2.48
N VAL A 36 -5.21 2.49 2.16
CA VAL A 36 -4.69 3.17 0.92
C VAL A 36 -4.24 2.10 -0.08
N PHE A 37 -3.88 2.51 -1.27
CA PHE A 37 -3.43 1.53 -2.29
C PHE A 37 -3.07 2.26 -3.58
N LEU A 38 -2.20 1.69 -4.38
CA LEU A 38 -1.81 2.36 -5.65
C LEU A 38 -2.74 1.90 -6.78
N ALA A 39 -3.69 2.72 -7.16
CA ALA A 39 -4.61 2.32 -8.26
C ALA A 39 -4.02 2.75 -9.60
N ALA A 40 -4.23 1.98 -10.62
CA ALA A 40 -3.69 2.35 -11.96
C ALA A 40 -4.56 3.44 -12.56
N ASN A 41 -3.99 4.32 -13.34
CA ASN A 41 -4.80 5.40 -13.95
C ASN A 41 -5.71 4.80 -15.02
N THR A 42 -5.50 3.57 -15.38
CA THR A 42 -6.35 2.92 -16.40
C THR A 42 -7.54 2.25 -15.73
N PHE A 43 -7.56 2.21 -14.41
CA PHE A 43 -8.68 1.56 -13.69
C PHE A 43 -10.00 1.91 -14.40
N PRO A 44 -10.89 0.93 -14.48
CA PRO A 44 -10.66 -0.40 -13.95
C PRO A 44 -9.80 -1.24 -14.90
N LYS A 45 -9.53 -0.76 -16.08
CA LYS A 45 -8.70 -1.56 -17.03
C LYS A 45 -7.53 -2.18 -16.27
N SER A 46 -6.94 -1.44 -15.38
CA SER A 46 -5.79 -2.00 -14.60
C SER A 46 -6.26 -2.26 -13.17
N ARG A 47 -6.53 -3.48 -12.84
CA ARG A 47 -7.00 -3.80 -11.46
C ARG A 47 -5.79 -4.08 -10.56
N GLU A 48 -4.65 -3.53 -10.90
CA GLU A 48 -3.44 -3.77 -10.07
C GLU A 48 -3.41 -2.74 -8.93
N THR A 49 -4.50 -2.58 -8.24
CA THR A 49 -4.54 -1.59 -7.13
C THR A 49 -4.63 -2.34 -5.80
N ARG A 50 -3.73 -2.06 -4.90
CA ARG A 50 -3.76 -2.76 -3.58
C ARG A 50 -2.77 -2.08 -2.63
N ALA A 51 -2.70 -2.52 -1.40
CA ALA A 51 -1.76 -1.90 -0.44
C ALA A 51 -0.38 -1.76 -1.09
N PRO A 52 0.30 -0.68 -0.78
CA PRO A 52 1.60 -0.41 -1.34
C PRO A 52 2.70 -1.24 -0.66
N LEU A 53 3.45 -2.00 -1.41
CA LEU A 53 4.53 -2.81 -0.80
C LEU A 53 5.47 -1.88 -0.04
N VAL A 54 5.92 -2.26 1.12
CA VAL A 54 6.83 -1.38 1.90
C VAL A 54 8.08 -1.08 1.07
N GLU A 55 8.42 -1.96 0.16
CA GLU A 55 9.63 -1.72 -0.68
C GLU A 55 9.29 -0.70 -1.76
N GLU A 56 8.10 -0.75 -2.30
CA GLU A 56 7.71 0.22 -3.34
C GLU A 56 7.47 1.58 -2.69
N LEU A 57 7.19 1.58 -1.41
CA LEU A 57 6.95 2.86 -0.69
C LEU A 57 8.29 3.47 -0.30
N TYR A 58 9.25 2.66 0.06
CA TYR A 58 10.58 3.20 0.45
C TYR A 58 11.24 3.81 -0.79
N ARG A 59 11.17 3.13 -1.91
CA ARG A 59 11.80 3.67 -3.14
C ARG A 59 10.97 4.87 -3.63
N PHE A 60 9.70 4.85 -3.39
CA PHE A 60 8.84 5.99 -3.84
C PHE A 60 8.80 7.06 -2.74
N ARG A 61 9.74 7.01 -1.84
CA ARG A 61 9.76 8.02 -0.74
C ARG A 61 9.89 9.43 -1.33
N ASP A 62 10.71 9.58 -2.34
CA ASP A 62 10.88 10.93 -2.95
C ASP A 62 9.53 11.41 -3.48
N ARG A 63 8.63 10.51 -3.77
CA ARG A 63 7.29 10.92 -4.28
C ARG A 63 6.25 10.77 -3.17
N LEU A 64 6.62 10.16 -2.07
CA LEU A 64 5.66 9.98 -0.96
C LEU A 64 5.37 11.33 -0.29
N PRO A 65 4.13 11.74 -0.30
CA PRO A 65 3.73 13.00 0.32
C PRO A 65 3.61 12.85 1.84
N GLU A 66 4.28 11.88 2.42
CA GLU A 66 4.20 11.67 3.89
C GLU A 66 2.79 11.22 4.31
N LYS A 67 1.86 11.13 3.40
CA LYS A 67 0.49 10.70 3.78
C LYS A 67 0.52 9.24 4.25
N LEU A 68 1.66 8.60 4.18
CA LEU A 68 1.76 7.18 4.63
C LEU A 68 3.17 6.91 5.14
N ARG A 69 3.85 7.93 5.62
CA ARG A 69 5.23 7.73 6.14
C ARG A 69 5.29 6.46 6.98
N TYR A 70 4.52 6.39 8.02
CA TYR A 70 4.54 5.17 8.89
C TYR A 70 4.59 3.91 8.02
N LEU A 71 3.81 3.86 6.99
CA LEU A 71 3.82 2.66 6.10
C LEU A 71 5.20 2.51 5.44
N ALA A 72 5.75 3.57 4.94
CA ALA A 72 7.09 3.48 4.30
C ALA A 72 8.16 3.28 5.36
N ASP A 73 7.80 3.41 6.61
CA ASP A 73 8.81 3.23 7.69
C ASP A 73 8.73 1.79 8.22
N ALA A 74 7.67 1.11 7.91
CA ALA A 74 7.52 -0.30 8.38
C ALA A 74 8.48 -1.20 7.60
N PRO A 75 8.81 -2.33 8.16
CA PRO A 75 9.70 -3.29 7.53
C PRO A 75 9.25 -3.57 6.10
N GLN A 76 10.12 -4.05 5.26
CA GLN A 76 9.73 -4.34 3.86
C GLN A 76 10.29 -5.70 3.42
N GLN A 77 10.28 -6.66 4.31
CA GLN A 77 10.80 -8.01 3.95
C GLN A 77 11.06 -8.82 5.22
N ASP A 78 11.28 -8.15 6.32
CA ASP A 78 11.56 -8.87 7.60
C ASP A 78 13.04 -9.29 7.63
N PRO A 79 13.53 -9.53 8.83
CA PRO A 79 14.92 -9.94 9.03
C PRO A 79 15.27 -11.15 8.16
N GLU A 80 14.29 -11.85 7.65
CA GLU A 80 14.59 -13.05 6.81
C GLU A 80 14.74 -12.62 5.34
N GLY A 81 14.02 -11.63 4.93
CA GLY A 81 14.13 -11.16 3.52
C GLY A 81 12.76 -11.26 2.85
N ASN A 82 11.96 -12.23 3.22
CA ASN A 82 10.61 -12.38 2.60
C ASN A 82 9.98 -10.99 2.46
N LYS A 83 10.12 -10.39 1.29
CA LYS A 83 9.56 -9.02 1.07
C LYS A 83 8.28 -8.84 1.86
N THR A 84 8.00 -7.65 2.28
CA THR A 84 6.77 -7.41 3.08
C THR A 84 5.99 -6.24 2.48
N MET A 85 4.74 -6.44 2.19
CA MET A 85 3.94 -5.34 1.60
C MET A 85 2.98 -4.78 2.65
N VAL A 86 2.32 -3.70 2.34
CA VAL A 86 1.36 -3.10 3.31
C VAL A 86 0.03 -3.84 3.25
N ARG A 87 -0.70 -3.82 4.33
CA ARG A 87 -2.03 -4.50 4.35
C ARG A 87 -3.01 -3.63 5.13
N PHE A 88 -4.20 -4.11 5.39
CA PHE A 88 -5.17 -3.29 6.15
C PHE A 88 -6.02 -4.19 7.05
N SER A 89 -6.00 -3.96 8.32
CA SER A 89 -6.81 -4.80 9.25
C SER A 89 -8.10 -4.06 9.58
N ARG A 90 -9.22 -4.74 9.55
CA ARG A 90 -10.51 -4.05 9.86
C ARG A 90 -10.78 -4.15 11.36
N LYS A 91 -10.07 -5.01 12.04
CA LYS A 91 -10.28 -5.15 13.51
C LYS A 91 -9.93 -3.81 14.18
N THR A 92 -9.16 -2.99 13.53
CA THR A 92 -8.80 -1.68 14.13
C THR A 92 -8.65 -0.63 13.01
N LYS A 93 -9.11 -0.93 11.83
CA LYS A 93 -9.00 0.04 10.71
C LYS A 93 -7.60 0.67 10.72
N GLN A 94 -6.58 -0.14 10.59
CA GLN A 94 -5.19 0.41 10.60
C GLN A 94 -4.38 -0.23 9.48
N GLN A 95 -3.10 0.03 9.45
CA GLN A 95 -2.25 -0.56 8.36
C GLN A 95 -1.29 -1.59 8.97
N TYR A 96 -1.20 -2.74 8.37
CA TYR A 96 -0.28 -3.79 8.88
C TYR A 96 0.44 -4.45 7.71
N VAL A 97 1.73 -4.60 7.77
CA VAL A 97 2.46 -5.21 6.63
C VAL A 97 2.51 -6.73 6.81
N SER A 98 2.83 -7.44 5.77
CA SER A 98 2.91 -8.93 5.88
C SER A 98 3.92 -9.45 4.86
N SER A 99 4.90 -10.20 5.30
CA SER A 99 5.91 -10.72 4.34
C SER A 99 5.22 -11.65 3.34
N GLU A 100 5.89 -12.03 2.30
CA GLU A 100 5.26 -12.93 1.29
C GLU A 100 6.34 -13.80 0.64
N LYS A 101 6.10 -15.07 0.52
CA LYS A 101 7.11 -15.96 -0.10
C LYS A 101 6.51 -16.66 -1.33
N ASP A 102 6.80 -16.16 -2.50
CA ASP A 102 6.24 -16.79 -3.73
C ASP A 102 4.74 -16.52 -3.81
N GLY A 103 4.23 -15.70 -2.93
CA GLY A 103 2.77 -15.40 -2.96
C GLY A 103 2.04 -16.33 -2.00
N LYS A 104 2.57 -16.53 -0.83
CA LYS A 104 1.90 -17.43 0.15
C LYS A 104 1.69 -16.69 1.48
N ALA A 105 2.11 -15.45 1.56
CA ALA A 105 1.94 -14.68 2.82
C ALA A 105 3.07 -14.99 3.79
N THR A 106 3.44 -16.24 3.91
CA THR A 106 4.54 -16.63 4.84
C THR A 106 4.02 -16.73 6.28
N GLY A 107 3.17 -15.83 6.69
CA GLY A 107 2.63 -15.88 8.07
C GLY A 107 3.13 -14.66 8.85
N TRP A 108 3.91 -13.82 8.22
CA TRP A 108 4.44 -12.62 8.91
C TRP A 108 3.45 -11.46 8.74
N SER A 109 3.16 -10.75 9.79
CA SER A 109 2.22 -9.61 9.67
C SER A 109 2.51 -8.59 10.77
N ALA A 110 3.18 -7.51 10.44
CA ALA A 110 3.49 -6.48 11.47
C ALA A 110 2.35 -5.48 11.56
N PHE A 111 2.14 -4.88 12.70
CA PHE A 111 1.04 -3.90 12.85
C PHE A 111 1.58 -2.53 13.25
N TYR A 112 1.05 -1.48 12.71
CA TYR A 112 1.54 -0.13 13.08
C TYR A 112 0.75 0.38 14.28
N VAL A 113 1.33 0.37 15.45
CA VAL A 113 0.60 0.87 16.64
C VAL A 113 0.91 2.36 16.80
N ASP A 114 1.03 2.84 17.99
CA ASP A 114 1.36 4.28 18.18
C ASP A 114 2.79 4.46 17.70
N GLY A 115 2.98 4.67 16.42
CA GLY A 115 4.37 4.75 15.91
C GLY A 115 5.08 3.52 16.47
N LYS A 116 4.31 2.49 16.74
CA LYS A 116 4.89 1.26 17.34
C LYS A 116 4.64 0.03 16.46
N TRP A 117 5.37 -0.14 15.40
CA TRP A 117 5.15 -1.35 14.56
C TRP A 117 5.27 -2.60 15.43
N VAL A 118 4.67 -3.68 15.01
CA VAL A 118 4.75 -4.94 15.80
C VAL A 118 4.83 -6.12 14.84
N GLU A 119 4.79 -7.32 15.35
CA GLU A 119 4.86 -8.50 14.45
C GLU A 119 4.17 -9.70 15.11
N GLY A 120 3.14 -10.21 14.50
CA GLY A 120 2.42 -11.37 15.08
C GLY A 120 2.85 -12.65 14.38
N LYS A 121 2.27 -13.76 14.73
CA LYS A 121 2.65 -15.05 14.06
C LYS A 121 1.43 -15.96 13.99
N LYS A 122 0.83 -16.08 12.83
CA LYS A 122 -0.36 -16.95 12.69
C LYS A 122 0.09 -18.36 12.30
N MET A 1 -27.32 9.02 7.26
CA MET A 1 -26.72 8.48 6.00
C MET A 1 -27.53 8.97 4.80
N ASN A 2 -26.89 9.65 3.87
CA ASN A 2 -27.63 10.16 2.68
C ASN A 2 -26.63 10.56 1.60
N GLY A 3 -25.58 9.80 1.43
CA GLY A 3 -24.57 10.15 0.40
C GLY A 3 -23.16 9.91 0.95
N GLU A 4 -22.25 10.81 0.68
CA GLU A 4 -20.87 10.64 1.20
C GLU A 4 -20.21 9.42 0.53
N VAL A 5 -19.89 9.53 -0.73
CA VAL A 5 -19.26 8.39 -1.44
C VAL A 5 -18.01 8.87 -2.17
N ALA A 6 -17.21 7.96 -2.68
CA ALA A 6 -15.98 8.37 -3.42
C ALA A 6 -16.30 9.56 -4.33
N PRO A 7 -15.92 10.74 -3.91
CA PRO A 7 -16.14 11.95 -4.68
C PRO A 7 -15.67 11.77 -6.12
N PRO A 8 -16.01 12.70 -6.97
CA PRO A 8 -15.63 12.66 -8.37
C PRO A 8 -14.13 12.94 -8.51
N LYS A 9 -13.66 14.05 -7.98
CA LYS A 9 -12.22 14.38 -8.09
C LYS A 9 -11.42 13.45 -7.17
N GLU A 10 -10.12 13.43 -7.32
CA GLU A 10 -9.29 12.55 -6.45
C GLU A 10 -7.86 13.10 -6.40
N ASP A 11 -7.09 12.89 -7.43
CA ASP A 11 -5.68 13.39 -7.44
C ASP A 11 -5.04 13.11 -6.09
N PRO A 12 -4.90 11.85 -5.78
CA PRO A 12 -4.31 11.43 -4.52
C PRO A 12 -2.78 11.54 -4.59
N VAL A 13 -2.11 10.48 -4.98
CA VAL A 13 -0.63 10.53 -5.08
C VAL A 13 -0.19 9.67 -6.28
N PRO A 14 -0.51 10.15 -7.46
CA PRO A 14 -0.16 9.46 -8.68
C PRO A 14 1.30 9.04 -8.66
N LEU A 15 1.60 7.81 -9.02
CA LEU A 15 3.01 7.36 -9.01
C LEU A 15 3.44 6.91 -10.41
N PRO A 16 3.19 7.74 -11.40
CA PRO A 16 3.58 7.45 -12.77
C PRO A 16 4.96 6.77 -12.83
N GLU A 17 5.89 7.21 -12.03
CA GLU A 17 7.26 6.59 -12.05
C GLU A 17 7.12 5.06 -12.13
N LEU A 18 6.29 4.50 -11.31
CA LEU A 18 6.09 3.02 -11.32
C LEU A 18 4.99 2.66 -12.34
N PRO A 19 5.25 1.65 -13.13
CA PRO A 19 4.30 1.21 -14.15
C PRO A 19 3.11 0.50 -13.51
N CYS A 20 2.11 0.19 -14.29
CA CYS A 20 0.91 -0.51 -13.74
C CYS A 20 0.72 -1.85 -14.47
N GLU A 21 0.15 -1.82 -15.65
CA GLU A 21 -0.06 -3.09 -16.40
C GLU A 21 0.99 -3.21 -17.51
N LYS A 22 2.21 -2.87 -17.22
CA LYS A 22 3.27 -2.96 -18.27
C LYS A 22 2.81 -2.19 -19.50
N SER A 23 1.88 -1.29 -19.35
CA SER A 23 1.39 -0.51 -20.51
C SER A 23 1.57 0.98 -20.23
N ASP A 24 0.82 1.81 -20.91
CA ASP A 24 0.93 3.28 -20.67
C ASP A 24 0.22 3.63 -19.37
N ALA A 25 -0.39 2.67 -18.72
CA ALA A 25 -1.11 2.95 -17.46
C ALA A 25 -0.10 2.95 -16.30
N TYR A 26 -0.20 3.92 -15.42
CA TYR A 26 0.75 3.97 -14.28
C TYR A 26 0.06 3.51 -12.99
N PHE A 27 0.70 3.70 -11.87
CA PHE A 27 0.09 3.26 -10.58
C PHE A 27 -0.20 4.46 -9.69
N VAL A 28 -1.38 5.01 -9.78
CA VAL A 28 -1.72 6.19 -8.93
C VAL A 28 -2.09 5.70 -7.53
N LEU A 29 -1.44 6.20 -6.52
CA LEU A 29 -1.77 5.77 -5.13
C LEU A 29 -3.14 6.32 -4.74
N ARG A 30 -4.13 5.47 -4.70
CA ARG A 30 -5.50 5.94 -4.32
C ARG A 30 -5.90 5.31 -2.99
N ASP A 31 -6.82 5.90 -2.30
CA ASP A 31 -7.25 5.33 -0.98
C ASP A 31 -8.66 4.74 -1.12
N GLY A 32 -8.85 3.52 -0.71
CA GLY A 32 -10.20 2.90 -0.81
C GLY A 32 -10.94 3.05 0.51
N ALA A 33 -10.59 4.06 1.27
CA ALA A 33 -11.27 4.27 2.58
C ALA A 33 -10.79 3.22 3.58
N ALA A 34 -10.38 3.65 4.74
CA ALA A 34 -9.89 2.69 5.77
C ALA A 34 -8.42 2.33 5.51
N GLY A 35 -8.05 2.10 4.28
CA GLY A 35 -6.64 1.74 3.98
C GLY A 35 -6.19 2.44 2.70
N VAL A 36 -4.92 2.43 2.41
CA VAL A 36 -4.42 3.09 1.18
C VAL A 36 -4.00 2.03 0.16
N PHE A 37 -3.69 2.44 -1.03
CA PHE A 37 -3.27 1.44 -2.07
C PHE A 37 -2.96 2.19 -3.39
N LEU A 38 -2.67 1.46 -4.42
CA LEU A 38 -2.37 2.12 -5.72
C LEU A 38 -3.19 1.47 -6.84
N ALA A 39 -4.11 2.18 -7.41
CA ALA A 39 -4.93 1.59 -8.50
C ALA A 39 -4.33 1.99 -9.85
N ALA A 40 -4.58 1.21 -10.87
CA ALA A 40 -4.05 1.54 -12.21
C ALA A 40 -4.82 2.74 -12.77
N ASN A 41 -4.14 3.67 -13.38
CA ASN A 41 -4.84 4.87 -13.93
C ASN A 41 -5.78 4.44 -15.06
N THR A 42 -5.41 3.43 -15.79
CA THR A 42 -6.28 2.97 -16.92
C THR A 42 -7.49 2.20 -16.37
N PHE A 43 -7.58 2.07 -15.07
CA PHE A 43 -8.72 1.34 -14.45
C PHE A 43 -10.00 1.61 -15.25
N PRO A 44 -10.84 0.60 -15.35
CA PRO A 44 -10.60 -0.70 -14.76
C PRO A 44 -9.59 -1.50 -15.59
N LYS A 45 -9.08 -0.93 -16.65
CA LYS A 45 -8.10 -1.66 -17.50
C LYS A 45 -7.14 -2.45 -16.62
N SER A 46 -6.89 -1.98 -15.43
CA SER A 46 -5.97 -2.71 -14.52
C SER A 46 -6.52 -2.66 -13.09
N ARG A 47 -7.09 -3.73 -12.63
CA ARG A 47 -7.64 -3.75 -11.24
C ARG A 47 -6.55 -4.19 -10.27
N GLU A 48 -5.37 -3.67 -10.45
CA GLU A 48 -4.24 -4.05 -9.55
C GLU A 48 -4.26 -3.15 -8.31
N THR A 49 -5.37 -3.08 -7.63
CA THR A 49 -5.45 -2.23 -6.42
C THR A 49 -5.11 -3.06 -5.19
N ARG A 50 -4.27 -2.55 -4.33
CA ARG A 50 -3.88 -3.31 -3.11
C ARG A 50 -2.84 -2.52 -2.32
N ALA A 51 -2.63 -2.88 -1.09
CA ALA A 51 -1.62 -2.15 -0.27
C ALA A 51 -0.27 -2.14 -1.01
N PRO A 52 0.41 -1.02 -0.93
CA PRO A 52 1.69 -0.86 -1.60
C PRO A 52 2.83 -1.53 -0.82
N LEU A 53 3.63 -2.33 -1.49
CA LEU A 53 4.77 -2.99 -0.81
C LEU A 53 5.54 -1.93 -0.02
N VAL A 54 5.88 -2.22 1.21
CA VAL A 54 6.63 -1.21 2.01
C VAL A 54 7.95 -0.89 1.31
N GLU A 55 8.37 -1.72 0.40
CA GLU A 55 9.64 -1.46 -0.32
C GLU A 55 9.37 -0.43 -1.42
N GLU A 56 8.28 -0.55 -2.12
CA GLU A 56 7.96 0.43 -3.18
C GLU A 56 7.62 1.76 -2.52
N LEU A 57 7.11 1.70 -1.32
CA LEU A 57 6.76 2.95 -0.59
C LEU A 57 8.05 3.67 -0.19
N TYR A 58 9.05 2.93 0.22
CA TYR A 58 10.34 3.58 0.61
C TYR A 58 10.95 4.25 -0.62
N ARG A 59 10.94 3.59 -1.74
CA ARG A 59 11.51 4.20 -2.98
C ARG A 59 10.70 5.43 -3.36
N PHE A 60 9.45 5.44 -3.00
CA PHE A 60 8.58 6.61 -3.34
C PHE A 60 8.52 7.57 -2.14
N ARG A 61 9.50 7.52 -1.29
CA ARG A 61 9.51 8.41 -0.10
C ARG A 61 9.67 9.87 -0.57
N ASP A 62 10.38 10.08 -1.64
CA ASP A 62 10.56 11.47 -2.14
C ASP A 62 9.24 12.00 -2.72
N ARG A 63 8.23 11.16 -2.78
CA ARG A 63 6.93 11.61 -3.32
C ARG A 63 5.81 11.25 -2.34
N LEU A 64 6.17 10.78 -1.17
CA LEU A 64 5.14 10.42 -0.17
C LEU A 64 4.72 11.66 0.61
N PRO A 65 3.49 12.07 0.45
CA PRO A 65 2.97 13.24 1.13
C PRO A 65 3.26 13.16 2.63
N GLU A 66 2.51 12.35 3.35
CA GLU A 66 2.75 12.23 4.82
C GLU A 66 1.67 11.32 5.42
N LYS A 67 0.49 11.35 4.86
CA LYS A 67 -0.62 10.51 5.39
C LYS A 67 -0.25 9.02 5.32
N LEU A 68 0.87 8.68 4.75
CA LEU A 68 1.24 7.23 4.66
C LEU A 68 2.72 7.07 5.02
N ARG A 69 3.37 8.11 5.44
CA ARG A 69 4.81 8.01 5.80
C ARG A 69 5.02 6.82 6.75
N TYR A 70 4.33 6.81 7.86
CA TYR A 70 4.48 5.68 8.82
C TYR A 70 4.37 4.35 8.06
N LEU A 71 3.44 4.26 7.14
CA LEU A 71 3.27 3.00 6.37
C LEU A 71 4.56 2.70 5.60
N ALA A 72 5.19 3.71 5.06
CA ALA A 72 6.44 3.48 4.29
C ALA A 72 7.59 3.19 5.25
N ASP A 73 7.38 3.45 6.52
CA ASP A 73 8.46 3.19 7.52
C ASP A 73 8.31 1.78 8.06
N ALA A 74 7.22 1.12 7.76
CA ALA A 74 7.01 -0.26 8.27
C ALA A 74 8.02 -1.20 7.63
N PRO A 75 8.26 -2.32 8.26
CA PRO A 75 9.18 -3.31 7.75
C PRO A 75 8.89 -3.60 6.28
N GLN A 76 9.86 -4.00 5.52
CA GLN A 76 9.62 -4.29 4.08
C GLN A 76 10.11 -5.70 3.75
N GLN A 77 10.02 -6.61 4.67
CA GLN A 77 10.47 -8.00 4.39
C GLN A 77 10.54 -8.78 5.71
N ASP A 78 10.79 -10.07 5.63
CA ASP A 78 10.86 -10.88 6.87
C ASP A 78 12.26 -11.53 6.97
N PRO A 79 12.47 -12.33 7.99
CA PRO A 79 13.75 -12.99 8.21
C PRO A 79 14.25 -13.70 6.95
N GLU A 80 13.34 -14.13 6.11
CA GLU A 80 13.78 -14.83 4.86
C GLU A 80 13.97 -13.81 3.74
N GLY A 81 13.27 -12.71 3.80
CA GLY A 81 13.42 -11.68 2.74
C GLY A 81 12.28 -11.79 1.73
N ASN A 82 11.11 -12.17 2.18
CA ASN A 82 9.96 -12.30 1.25
C ASN A 82 9.28 -10.93 1.09
N LYS A 83 9.89 -9.90 1.59
CA LYS A 83 9.31 -8.54 1.47
C LYS A 83 7.91 -8.49 2.07
N THR A 84 7.60 -7.43 2.76
CA THR A 84 6.24 -7.32 3.36
C THR A 84 5.56 -6.06 2.82
N MET A 85 4.31 -6.16 2.51
CA MET A 85 3.58 -4.99 1.94
C MET A 85 2.61 -4.42 2.97
N VAL A 86 1.94 -3.35 2.63
CA VAL A 86 0.96 -2.77 3.57
C VAL A 86 -0.22 -3.73 3.70
N ARG A 87 -0.87 -3.71 4.82
CA ARG A 87 -2.03 -4.62 5.04
C ARG A 87 -3.01 -3.94 6.00
N PHE A 88 -3.97 -3.21 5.49
CA PHE A 88 -4.92 -2.51 6.41
C PHE A 88 -6.09 -3.42 6.75
N SER A 89 -6.33 -3.64 8.01
CA SER A 89 -7.46 -4.50 8.44
C SER A 89 -8.55 -3.63 9.05
N ARG A 90 -9.79 -3.99 8.85
CA ARG A 90 -10.91 -3.18 9.42
C ARG A 90 -11.22 -3.67 10.83
N LYS A 91 -10.93 -4.92 11.11
CA LYS A 91 -11.20 -5.46 12.46
C LYS A 91 -10.70 -4.45 13.51
N THR A 92 -9.71 -3.68 13.16
CA THR A 92 -9.18 -2.68 14.12
C THR A 92 -8.86 -1.38 13.40
N LYS A 93 -9.22 -1.28 12.15
CA LYS A 93 -8.94 -0.03 11.39
C LYS A 93 -7.49 0.42 11.68
N GLN A 94 -6.53 -0.36 11.27
CA GLN A 94 -5.11 0.03 11.53
C GLN A 94 -4.22 -0.40 10.36
N GLN A 95 -2.98 0.02 10.35
CA GLN A 95 -2.06 -0.37 9.25
C GLN A 95 -1.11 -1.47 9.74
N TYR A 96 -1.17 -2.62 9.12
CA TYR A 96 -0.26 -3.73 9.53
C TYR A 96 0.38 -4.32 8.26
N VAL A 97 1.64 -4.62 8.30
CA VAL A 97 2.32 -5.16 7.07
C VAL A 97 2.19 -6.68 7.00
N SER A 98 2.53 -7.26 5.89
CA SER A 98 2.42 -8.73 5.75
C SER A 98 3.54 -9.24 4.84
N SER A 99 4.48 -9.97 5.38
CA SER A 99 5.60 -10.50 4.55
C SER A 99 5.05 -11.51 3.55
N GLU A 100 4.93 -11.13 2.31
CA GLU A 100 4.39 -12.09 1.29
C GLU A 100 5.50 -12.52 0.35
N LYS A 101 5.68 -13.82 0.17
CA LYS A 101 6.74 -14.30 -0.75
C LYS A 101 6.22 -14.33 -2.18
N ASP A 102 6.61 -13.38 -2.99
CA ASP A 102 6.14 -13.36 -4.40
C ASP A 102 4.62 -13.22 -4.42
N GLY A 103 3.93 -14.31 -4.37
CA GLY A 103 2.45 -14.26 -4.39
C GLY A 103 1.88 -15.52 -3.72
N LYS A 104 2.32 -15.82 -2.54
CA LYS A 104 1.81 -17.04 -1.84
C LYS A 104 1.52 -16.71 -0.37
N ALA A 105 1.56 -15.45 -0.02
CA ALA A 105 1.29 -15.06 1.40
C ALA A 105 2.17 -15.90 2.33
N THR A 106 2.10 -15.67 3.61
CA THR A 106 2.94 -16.45 4.56
C THR A 106 2.32 -16.38 5.95
N GLY A 107 2.12 -15.21 6.47
CA GLY A 107 1.53 -15.09 7.83
C GLY A 107 2.18 -13.92 8.58
N TRP A 108 3.48 -13.83 8.53
CA TRP A 108 4.18 -12.72 9.23
C TRP A 108 3.43 -11.40 8.97
N SER A 109 3.00 -10.75 10.01
CA SER A 109 2.27 -9.46 9.82
C SER A 109 2.75 -8.45 10.86
N ALA A 110 3.27 -7.33 10.42
CA ALA A 110 3.77 -6.31 11.39
C ALA A 110 2.63 -5.35 11.74
N PHE A 111 2.73 -4.66 12.84
CA PHE A 111 1.65 -3.71 13.23
C PHE A 111 2.24 -2.35 13.58
N TYR A 112 1.68 -1.30 13.05
CA TYR A 112 2.22 0.05 13.36
C TYR A 112 1.62 0.53 14.68
N VAL A 113 2.40 0.55 15.73
CA VAL A 113 1.88 1.03 17.02
C VAL A 113 2.19 2.52 17.14
N ASP A 114 2.49 2.99 18.31
CA ASP A 114 2.82 4.45 18.45
C ASP A 114 4.15 4.64 17.75
N GLY A 115 4.14 4.86 16.47
CA GLY A 115 5.43 4.96 15.76
C GLY A 115 6.23 3.73 16.18
N LYS A 116 5.52 2.68 16.56
CA LYS A 116 6.20 1.45 17.06
C LYS A 116 5.81 0.24 16.22
N TRP A 117 6.26 0.13 15.00
CA TRP A 117 5.90 -1.06 14.19
C TRP A 117 6.21 -2.31 15.02
N VAL A 118 5.60 -3.42 14.70
CA VAL A 118 5.86 -4.66 15.48
C VAL A 118 5.70 -5.88 14.58
N GLU A 119 5.70 -7.06 15.15
CA GLU A 119 5.54 -8.29 14.34
C GLU A 119 4.79 -9.35 15.14
N GLY A 120 3.78 -9.96 14.55
CA GLY A 120 3.01 -10.99 15.29
C GLY A 120 3.29 -12.37 14.67
N LYS A 121 4.35 -13.01 15.10
CA LYS A 121 4.69 -14.35 14.54
C LYS A 121 3.45 -15.25 14.64
N LYS A 122 3.19 -16.02 13.61
CA LYS A 122 2.00 -16.91 13.64
C LYS A 122 0.77 -16.12 14.07
N MET A 1 -24.37 12.92 7.34
CA MET A 1 -25.33 14.02 7.08
C MET A 1 -24.85 14.85 5.90
N ASN A 2 -23.76 15.57 6.07
CA ASN A 2 -23.23 16.40 4.94
C ASN A 2 -22.75 15.49 3.82
N GLY A 3 -22.02 14.45 4.15
CA GLY A 3 -21.52 13.53 3.10
C GLY A 3 -20.01 13.70 2.94
N GLU A 4 -19.24 12.70 3.30
CA GLU A 4 -17.76 12.80 3.18
C GLU A 4 -17.20 11.46 2.70
N VAL A 5 -17.86 10.83 1.76
CA VAL A 5 -17.36 9.52 1.26
C VAL A 5 -16.72 9.72 -0.13
N ALA A 6 -15.42 9.84 -0.17
CA ALA A 6 -14.75 10.04 -1.49
C ALA A 6 -15.40 11.21 -2.24
N PRO A 7 -14.92 12.40 -1.95
CA PRO A 7 -15.45 13.60 -2.58
C PRO A 7 -15.49 13.44 -4.10
N PRO A 8 -16.02 14.42 -4.77
CA PRO A 8 -16.13 14.41 -6.22
C PRO A 8 -14.78 14.07 -6.85
N LYS A 9 -13.72 14.58 -6.29
CA LYS A 9 -12.37 14.28 -6.86
C LYS A 9 -11.59 13.39 -5.88
N GLU A 10 -10.37 13.06 -6.21
CA GLU A 10 -9.56 12.20 -5.30
C GLU A 10 -8.19 12.84 -5.07
N ASP A 11 -7.65 13.48 -6.08
CA ASP A 11 -6.31 14.11 -5.93
C ASP A 11 -5.38 13.19 -5.16
N PRO A 12 -5.16 12.02 -5.72
CA PRO A 12 -4.31 11.02 -5.11
C PRO A 12 -2.83 11.34 -5.36
N VAL A 13 -1.97 10.36 -5.22
CA VAL A 13 -0.53 10.61 -5.47
C VAL A 13 -0.08 9.77 -6.66
N PRO A 14 -0.36 10.26 -7.85
CA PRO A 14 -0.01 9.57 -9.07
C PRO A 14 1.45 9.09 -9.00
N LEU A 15 1.70 7.84 -9.28
CA LEU A 15 3.11 7.34 -9.23
C LEU A 15 3.57 6.84 -10.60
N PRO A 16 3.35 7.64 -11.62
CA PRO A 16 3.79 7.29 -12.96
C PRO A 16 5.14 6.58 -12.94
N GLU A 17 5.98 6.88 -11.97
CA GLU A 17 7.32 6.22 -11.91
C GLU A 17 7.13 4.69 -11.94
N LEU A 18 6.28 4.19 -11.10
CA LEU A 18 6.04 2.71 -11.06
C LEU A 18 4.96 2.35 -12.10
N PRO A 19 5.23 1.32 -12.86
CA PRO A 19 4.30 0.87 -13.89
C PRO A 19 3.09 0.17 -13.27
N CYS A 20 2.04 0.00 -14.03
CA CYS A 20 0.82 -0.67 -13.49
C CYS A 20 0.58 -1.99 -14.22
N GLU A 21 -0.01 -1.94 -15.39
CA GLU A 21 -0.27 -3.20 -16.14
C GLU A 21 0.80 -3.39 -17.21
N LYS A 22 2.03 -3.14 -16.87
CA LYS A 22 3.13 -3.30 -17.87
C LYS A 22 2.76 -2.54 -19.15
N SER A 23 1.89 -1.57 -19.02
CA SER A 23 1.47 -0.78 -20.22
C SER A 23 1.76 0.69 -19.97
N ASP A 24 1.10 1.56 -20.69
CA ASP A 24 1.33 3.02 -20.49
C ASP A 24 0.62 3.46 -19.20
N ALA A 25 -0.04 2.56 -18.54
CA ALA A 25 -0.75 2.93 -17.29
C ALA A 25 0.24 2.97 -16.13
N TYR A 26 -0.09 3.63 -15.06
CA TYR A 26 0.85 3.69 -13.91
C TYR A 26 0.11 3.37 -12.62
N PHE A 27 0.74 3.59 -11.50
CA PHE A 27 0.07 3.29 -10.19
C PHE A 27 -0.21 4.57 -9.42
N VAL A 28 -1.36 5.15 -9.61
CA VAL A 28 -1.69 6.39 -8.85
C VAL A 28 -2.10 6.01 -7.42
N LEU A 29 -1.32 6.41 -6.45
CA LEU A 29 -1.66 6.07 -5.04
C LEU A 29 -3.09 6.49 -4.72
N ARG A 30 -3.99 5.54 -4.71
CA ARG A 30 -5.41 5.87 -4.38
C ARG A 30 -5.69 5.45 -2.94
N ASP A 31 -6.37 6.26 -2.19
CA ASP A 31 -6.66 5.90 -0.78
C ASP A 31 -8.11 5.43 -0.64
N GLY A 32 -8.32 4.21 -0.26
CA GLY A 32 -9.72 3.71 -0.11
C GLY A 32 -10.34 4.29 1.16
N ALA A 33 -11.51 3.81 1.53
CA ALA A 33 -12.16 4.34 2.77
C ALA A 33 -11.73 3.50 3.97
N ALA A 34 -10.47 3.17 4.05
CA ALA A 34 -10.00 2.35 5.21
C ALA A 34 -8.47 2.27 5.18
N GLY A 35 -7.91 1.94 4.04
CA GLY A 35 -6.42 1.84 3.95
C GLY A 35 -5.96 2.45 2.61
N VAL A 36 -4.68 2.49 2.39
CA VAL A 36 -4.16 3.06 1.11
C VAL A 36 -3.83 1.93 0.14
N PHE A 37 -3.59 2.26 -1.10
CA PHE A 37 -3.26 1.20 -2.10
C PHE A 37 -2.89 1.87 -3.43
N LEU A 38 -2.44 1.11 -4.39
CA LEU A 38 -2.08 1.71 -5.69
C LEU A 38 -3.10 1.30 -6.75
N ALA A 39 -3.92 2.21 -7.20
CA ALA A 39 -4.92 1.86 -8.24
C ALA A 39 -4.36 2.21 -9.62
N ALA A 40 -4.53 1.35 -10.57
CA ALA A 40 -4.01 1.65 -11.94
C ALA A 40 -4.69 2.91 -12.47
N ASN A 41 -3.96 3.74 -13.14
CA ASN A 41 -4.57 5.00 -13.67
C ASN A 41 -5.58 4.68 -14.77
N THR A 42 -5.65 3.44 -15.19
CA THR A 42 -6.60 3.08 -16.26
C THR A 42 -7.79 2.32 -15.68
N PHE A 43 -7.87 2.23 -14.38
CA PHE A 43 -9.00 1.51 -13.72
C PHE A 43 -10.29 1.75 -14.51
N PRO A 44 -11.12 0.73 -14.60
CA PRO A 44 -10.86 -0.57 -14.00
C PRO A 44 -9.91 -1.41 -14.88
N LYS A 45 -9.43 -0.85 -15.96
CA LYS A 45 -8.50 -1.60 -16.86
C LYS A 45 -7.56 -2.47 -16.00
N SER A 46 -6.67 -1.85 -15.29
CA SER A 46 -5.74 -2.64 -14.43
C SER A 46 -6.29 -2.68 -13.01
N ARG A 47 -6.79 -3.82 -12.59
CA ARG A 47 -7.36 -3.92 -11.22
C ARG A 47 -6.25 -4.30 -10.25
N GLU A 48 -5.08 -3.75 -10.43
CA GLU A 48 -3.96 -4.08 -9.51
C GLU A 48 -4.01 -3.15 -8.31
N THR A 49 -5.15 -3.05 -7.67
CA THR A 49 -5.28 -2.16 -6.49
C THR A 49 -4.95 -2.94 -5.22
N ARG A 50 -4.20 -2.34 -4.32
CA ARG A 50 -3.86 -3.04 -3.06
C ARG A 50 -2.67 -2.32 -2.40
N ALA A 51 -2.57 -2.37 -1.10
CA ALA A 51 -1.44 -1.69 -0.41
C ALA A 51 -0.14 -2.02 -1.17
N PRO A 52 0.69 -1.02 -1.33
CA PRO A 52 1.95 -1.17 -2.05
C PRO A 52 3.04 -1.77 -1.17
N LEU A 53 3.90 -2.56 -1.76
CA LEU A 53 5.01 -3.16 -0.98
C LEU A 53 5.63 -2.09 -0.08
N VAL A 54 6.14 -2.45 1.07
CA VAL A 54 6.73 -1.42 1.97
C VAL A 54 7.97 -0.83 1.28
N GLU A 55 8.53 -1.54 0.35
CA GLU A 55 9.73 -1.02 -0.36
C GLU A 55 9.28 -0.07 -1.48
N GLU A 56 8.12 -0.30 -2.02
CA GLU A 56 7.61 0.60 -3.11
C GLU A 56 7.11 1.89 -2.48
N LEU A 57 6.57 1.80 -1.29
CA LEU A 57 6.06 3.02 -0.61
C LEU A 57 7.25 3.79 -0.02
N TYR A 58 8.29 3.10 0.36
CA TYR A 58 9.48 3.79 0.92
C TYR A 58 10.15 4.62 -0.18
N ARG A 59 10.29 4.06 -1.35
CA ARG A 59 10.92 4.81 -2.47
C ARG A 59 10.03 6.01 -2.83
N PHE A 60 8.75 5.80 -2.89
CA PHE A 60 7.83 6.92 -3.23
C PHE A 60 7.57 7.77 -1.98
N ARG A 61 8.26 7.48 -0.91
CA ARG A 61 8.07 8.27 0.34
C ARG A 61 8.49 9.72 0.10
N ASP A 62 9.60 9.92 -0.56
CA ASP A 62 10.06 11.31 -0.83
C ASP A 62 9.16 11.97 -1.88
N ARG A 63 8.20 11.23 -2.39
CA ARG A 63 7.30 11.81 -3.42
C ARG A 63 5.84 11.70 -2.96
N LEU A 64 5.62 11.14 -1.79
CA LEU A 64 4.23 11.00 -1.30
C LEU A 64 3.86 12.23 -0.46
N PRO A 65 2.58 12.40 -0.21
CA PRO A 65 2.09 13.52 0.56
C PRO A 65 2.81 13.60 1.91
N GLU A 66 2.40 12.84 2.89
CA GLU A 66 3.07 12.87 4.21
C GLU A 66 2.31 11.98 5.20
N LYS A 67 1.02 11.84 5.02
CA LYS A 67 0.22 10.99 5.93
C LYS A 67 0.44 9.50 5.65
N LEU A 68 1.46 9.15 4.92
CA LEU A 68 1.71 7.71 4.63
C LEU A 68 3.16 7.37 4.96
N ARG A 69 3.91 8.33 5.43
CA ARG A 69 5.35 8.06 5.77
C ARG A 69 5.45 6.80 6.65
N TYR A 70 4.80 6.82 7.78
CA TYR A 70 4.85 5.63 8.69
C TYR A 70 4.70 4.35 7.87
N LEU A 71 3.79 4.33 6.94
CA LEU A 71 3.59 3.11 6.11
C LEU A 71 4.87 2.83 5.33
N ALA A 72 5.43 3.82 4.69
CA ALA A 72 6.68 3.60 3.91
C ALA A 72 7.82 3.24 4.86
N ASP A 73 7.59 3.38 6.14
CA ASP A 73 8.67 3.05 7.12
C ASP A 73 8.49 1.62 7.62
N ALA A 74 7.28 1.11 7.60
CA ALA A 74 7.05 -0.28 8.08
C ALA A 74 8.10 -1.21 7.46
N PRO A 75 8.22 -2.39 8.04
CA PRO A 75 9.18 -3.39 7.56
C PRO A 75 9.01 -3.60 6.05
N GLN A 76 9.96 -4.22 5.42
CA GLN A 76 9.85 -4.46 3.95
C GLN A 76 10.32 -5.87 3.61
N GLN A 77 10.13 -6.79 4.51
CA GLN A 77 10.56 -8.20 4.26
C GLN A 77 10.63 -8.95 5.59
N ASP A 78 10.68 -10.26 5.53
CA ASP A 78 10.75 -11.06 6.79
C ASP A 78 12.22 -11.37 7.09
N PRO A 79 12.46 -12.10 8.16
CA PRO A 79 13.81 -12.46 8.57
C PRO A 79 14.61 -13.03 7.41
N GLU A 80 13.96 -13.62 6.44
CA GLU A 80 14.70 -14.19 5.28
C GLU A 80 14.84 -13.13 4.20
N GLY A 81 13.76 -12.75 3.59
CA GLY A 81 13.83 -11.70 2.52
C GLY A 81 12.68 -11.89 1.52
N ASN A 82 11.52 -12.29 2.00
CA ASN A 82 10.37 -12.48 1.08
C ASN A 82 9.65 -11.14 0.89
N LYS A 83 10.25 -10.07 1.32
CA LYS A 83 9.62 -8.74 1.16
C LYS A 83 8.30 -8.67 1.91
N THR A 84 7.99 -7.53 2.44
CA THR A 84 6.72 -7.37 3.20
C THR A 84 5.97 -6.16 2.65
N MET A 85 4.73 -6.32 2.30
CA MET A 85 3.95 -5.19 1.75
C MET A 85 3.00 -4.64 2.80
N VAL A 86 2.34 -3.55 2.49
CA VAL A 86 1.39 -2.96 3.47
C VAL A 86 0.04 -3.67 3.37
N ARG A 87 -0.68 -3.73 4.45
CA ARG A 87 -2.01 -4.39 4.43
C ARG A 87 -2.97 -3.56 5.28
N PHE A 88 -4.16 -4.05 5.53
CA PHE A 88 -5.11 -3.26 6.36
C PHE A 88 -5.98 -4.21 7.19
N SER A 89 -6.16 -3.89 8.44
CA SER A 89 -7.00 -4.76 9.31
C SER A 89 -8.25 -3.98 9.74
N ARG A 90 -9.40 -4.58 9.68
CA ARG A 90 -10.64 -3.87 10.07
C ARG A 90 -10.88 -4.08 11.57
N LYS A 91 -10.22 -5.04 12.15
CA LYS A 91 -10.41 -5.29 13.62
C LYS A 91 -9.97 -4.04 14.38
N THR A 92 -9.15 -3.22 13.80
CA THR A 92 -8.69 -1.99 14.50
C THR A 92 -8.50 -0.86 13.47
N LYS A 93 -8.98 -1.05 12.27
CA LYS A 93 -8.83 0.01 11.24
C LYS A 93 -7.39 0.56 11.29
N GLN A 94 -6.42 -0.27 11.00
CA GLN A 94 -5.01 0.20 11.02
C GLN A 94 -4.23 -0.40 9.86
N GLN A 95 -2.95 -0.17 9.80
CA GLN A 95 -2.14 -0.73 8.69
C GLN A 95 -1.24 -1.85 9.22
N TYR A 96 -1.27 -2.99 8.58
CA TYR A 96 -0.42 -4.13 9.03
C TYR A 96 0.38 -4.66 7.84
N VAL A 97 1.66 -4.85 8.01
CA VAL A 97 2.49 -5.35 6.87
C VAL A 97 2.49 -6.89 6.87
N SER A 98 2.84 -7.49 5.78
CA SER A 98 2.85 -8.99 5.74
C SER A 98 3.91 -9.45 4.75
N SER A 99 4.83 -10.27 5.20
CA SER A 99 5.90 -10.77 4.28
C SER A 99 5.32 -11.83 3.36
N GLU A 100 5.32 -11.57 2.07
CA GLU A 100 4.78 -12.57 1.10
C GLU A 100 5.91 -13.14 0.27
N LYS A 101 6.01 -14.44 0.20
CA LYS A 101 7.11 -15.06 -0.62
C LYS A 101 6.68 -15.15 -2.08
N ASP A 102 6.92 -14.11 -2.84
CA ASP A 102 6.52 -14.13 -4.28
C ASP A 102 5.01 -13.93 -4.40
N GLY A 103 4.33 -13.78 -3.30
CA GLY A 103 2.85 -13.58 -3.36
C GLY A 103 2.14 -14.82 -2.81
N LYS A 104 2.81 -15.56 -1.96
CA LYS A 104 2.17 -16.78 -1.40
C LYS A 104 1.78 -16.54 0.06
N ALA A 105 1.77 -15.30 0.48
CA ALA A 105 1.40 -14.99 1.88
C ALA A 105 2.11 -15.97 2.82
N THR A 106 3.30 -15.62 3.27
CA THR A 106 4.05 -16.53 4.18
C THR A 106 3.32 -16.60 5.53
N GLY A 107 2.70 -15.53 5.94
CA GLY A 107 1.98 -15.54 7.24
C GLY A 107 2.54 -14.43 8.14
N TRP A 108 3.80 -14.10 7.98
CA TRP A 108 4.40 -13.02 8.82
C TRP A 108 3.63 -11.72 8.62
N SER A 109 3.23 -11.09 9.68
CA SER A 109 2.50 -9.80 9.55
C SER A 109 3.16 -8.75 10.44
N ALA A 110 2.66 -7.54 10.43
CA ALA A 110 3.25 -6.48 11.28
C ALA A 110 2.16 -5.46 11.61
N PHE A 111 2.28 -4.78 12.71
CA PHE A 111 1.24 -3.78 13.06
C PHE A 111 1.89 -2.42 13.32
N TYR A 112 1.31 -1.38 12.83
CA TYR A 112 1.90 -0.03 13.08
C TYR A 112 1.36 0.53 14.40
N VAL A 113 2.17 0.53 15.42
CA VAL A 113 1.70 1.06 16.73
C VAL A 113 2.08 2.54 16.82
N ASP A 114 2.43 3.01 17.98
CA ASP A 114 2.82 4.45 18.10
C ASP A 114 4.15 4.61 17.39
N GLY A 115 4.11 4.82 16.10
CA GLY A 115 5.39 4.89 15.34
C GLY A 115 6.16 3.65 15.78
N LYS A 116 5.44 2.62 16.17
CA LYS A 116 6.11 1.38 16.66
C LYS A 116 5.59 0.16 15.91
N TRP A 117 6.10 -0.12 14.74
CA TRP A 117 5.63 -1.31 14.00
C TRP A 117 5.83 -2.54 14.87
N VAL A 118 5.16 -3.63 14.57
CA VAL A 118 5.31 -4.86 15.40
C VAL A 118 5.16 -6.08 14.50
N GLU A 119 5.04 -7.25 15.08
CA GLU A 119 4.88 -8.47 14.24
C GLU A 119 4.15 -9.54 15.05
N GLY A 120 2.97 -9.92 14.63
CA GLY A 120 2.21 -10.95 15.37
C GLY A 120 2.57 -12.34 14.82
N LYS A 121 1.58 -13.12 14.48
CA LYS A 121 1.87 -14.48 13.94
C LYS A 121 0.55 -15.16 13.54
N LYS A 122 -0.15 -14.60 12.58
CA LYS A 122 -1.43 -15.21 12.14
C LYS A 122 -1.90 -14.54 10.85
N MET A 1 -23.21 8.55 -11.77
CA MET A 1 -23.36 9.98 -11.35
C MET A 1 -24.51 10.10 -10.36
N ASN A 2 -24.25 9.82 -9.10
CA ASN A 2 -25.34 9.91 -8.08
C ASN A 2 -24.77 9.58 -6.70
N GLY A 3 -23.92 8.60 -6.62
CA GLY A 3 -23.33 8.23 -5.31
C GLY A 3 -22.03 9.01 -5.08
N GLU A 4 -21.85 9.57 -3.92
CA GLU A 4 -20.61 10.34 -3.64
C GLU A 4 -19.52 9.39 -3.13
N VAL A 5 -18.91 8.64 -4.01
CA VAL A 5 -17.84 7.70 -3.57
C VAL A 5 -16.61 7.89 -4.45
N ALA A 6 -15.91 8.99 -4.28
CA ALA A 6 -14.70 9.23 -5.11
C ALA A 6 -15.11 9.66 -6.51
N PRO A 7 -15.46 10.91 -6.65
CA PRO A 7 -15.88 11.47 -7.93
C PRO A 7 -14.68 11.59 -8.88
N PRO A 8 -14.95 11.95 -10.10
CA PRO A 8 -13.92 12.12 -11.11
C PRO A 8 -12.79 13.00 -10.58
N LYS A 9 -13.12 14.18 -10.12
CA LYS A 9 -12.08 15.10 -9.59
C LYS A 9 -11.34 14.41 -8.43
N GLU A 10 -10.03 14.42 -8.47
CA GLU A 10 -9.26 13.76 -7.38
C GLU A 10 -7.80 14.24 -7.43
N ASP A 11 -7.18 14.39 -6.29
CA ASP A 11 -5.76 14.84 -6.28
C ASP A 11 -4.95 13.96 -5.33
N PRO A 12 -4.90 12.69 -5.65
CA PRO A 12 -4.17 11.72 -4.86
C PRO A 12 -2.67 11.78 -5.19
N VAL A 13 -1.96 10.72 -4.93
CA VAL A 13 -0.50 10.71 -5.25
C VAL A 13 -0.26 9.87 -6.51
N PRO A 14 -0.27 10.52 -7.64
CA PRO A 14 -0.06 9.85 -8.90
C PRO A 14 1.38 9.35 -8.98
N LEU A 15 1.60 8.13 -9.38
CA LEU A 15 2.99 7.63 -9.46
C LEU A 15 3.36 7.25 -10.90
N PRO A 16 3.15 8.18 -11.81
CA PRO A 16 3.50 8.00 -13.21
C PRO A 16 4.77 7.18 -13.37
N GLU A 17 5.66 7.20 -12.40
CA GLU A 17 6.90 6.38 -12.50
C GLU A 17 6.61 4.93 -12.10
N LEU A 18 5.39 4.48 -12.30
CA LEU A 18 5.02 3.08 -11.96
C LEU A 18 3.99 2.60 -12.98
N PRO A 19 4.48 2.21 -14.14
CA PRO A 19 3.64 1.75 -15.22
C PRO A 19 2.59 0.74 -14.74
N CYS A 20 1.36 0.92 -15.14
CA CYS A 20 0.28 -0.01 -14.73
C CYS A 20 0.42 -1.32 -15.52
N GLU A 21 -0.69 -1.96 -15.82
CA GLU A 21 -0.62 -3.24 -16.59
C GLU A 21 0.22 -3.01 -17.85
N LYS A 22 -0.28 -2.23 -18.77
CA LYS A 22 0.48 -1.98 -20.03
C LYS A 22 -0.37 -1.10 -20.95
N SER A 23 -1.08 -0.16 -20.41
CA SER A 23 -1.94 0.71 -21.28
C SER A 23 -1.43 2.15 -21.21
N ASP A 24 -0.19 2.33 -20.82
CA ASP A 24 0.37 3.71 -20.71
C ASP A 24 -0.11 4.34 -19.42
N ALA A 25 -0.62 3.53 -18.52
CA ALA A 25 -1.10 4.08 -17.22
C ALA A 25 0.02 3.99 -16.18
N TYR A 26 -0.28 4.31 -14.96
CA TYR A 26 0.76 4.23 -13.90
C TYR A 26 0.09 3.88 -12.57
N PHE A 27 0.76 4.06 -11.47
CA PHE A 27 0.14 3.71 -10.17
C PHE A 27 -0.27 4.97 -9.40
N VAL A 28 -1.44 5.48 -9.68
CA VAL A 28 -1.91 6.69 -8.95
C VAL A 28 -2.38 6.27 -7.56
N LEU A 29 -1.52 6.36 -6.59
CA LEU A 29 -1.92 5.97 -5.20
C LEU A 29 -3.21 6.68 -4.82
N ARG A 30 -4.32 6.00 -4.89
CA ARG A 30 -5.61 6.64 -4.53
C ARG A 30 -5.93 6.30 -3.07
N ASP A 31 -7.11 6.64 -2.62
CA ASP A 31 -7.46 6.33 -1.20
C ASP A 31 -8.82 5.63 -1.16
N GLY A 32 -8.82 4.32 -1.12
CA GLY A 32 -10.10 3.57 -1.08
C GLY A 32 -10.81 3.84 0.26
N ALA A 33 -11.95 3.24 0.47
CA ALA A 33 -12.68 3.46 1.75
C ALA A 33 -12.14 2.51 2.82
N ALA A 34 -11.07 1.81 2.53
CA ALA A 34 -10.50 0.87 3.53
C ALA A 34 -9.03 1.22 3.78
N GLY A 35 -8.49 2.13 3.02
CA GLY A 35 -7.06 2.51 3.22
C GLY A 35 -6.46 2.97 1.89
N VAL A 36 -5.33 3.61 1.93
CA VAL A 36 -4.69 4.08 0.66
C VAL A 36 -4.23 2.86 -0.14
N PHE A 37 -3.91 3.05 -1.40
CA PHE A 37 -3.44 1.92 -2.23
C PHE A 37 -2.93 2.44 -3.58
N LEU A 38 -2.30 1.61 -4.36
CA LEU A 38 -1.79 2.07 -5.68
C LEU A 38 -2.61 1.45 -6.81
N ALA A 39 -3.62 2.14 -7.27
CA ALA A 39 -4.44 1.59 -8.38
C ALA A 39 -3.94 2.13 -9.72
N ALA A 40 -4.10 1.39 -10.77
CA ALA A 40 -3.64 1.85 -12.10
C ALA A 40 -4.49 3.05 -12.52
N ASN A 41 -3.88 4.06 -13.08
CA ASN A 41 -4.66 5.26 -13.50
C ASN A 41 -5.55 4.91 -14.69
N THR A 42 -5.43 3.72 -15.21
CA THR A 42 -6.28 3.32 -16.37
C THR A 42 -7.38 2.36 -15.90
N PHE A 43 -7.49 2.16 -14.61
CA PHE A 43 -8.54 1.25 -14.06
C PHE A 43 -9.84 1.41 -14.87
N PRO A 44 -10.54 0.33 -15.10
CA PRO A 44 -10.13 -0.99 -14.63
C PRO A 44 -9.05 -1.58 -15.53
N LYS A 45 -8.66 -0.87 -16.55
CA LYS A 45 -7.59 -1.37 -17.48
C LYS A 45 -6.56 -2.18 -16.71
N SER A 46 -6.30 -1.81 -15.48
CA SER A 46 -5.30 -2.56 -14.68
C SER A 46 -5.85 -2.76 -13.27
N ARG A 47 -6.01 -3.99 -12.85
CA ARG A 47 -6.54 -4.24 -11.49
C ARG A 47 -5.39 -4.31 -10.50
N GLU A 48 -4.26 -3.76 -10.86
CA GLU A 48 -3.09 -3.79 -9.94
C GLU A 48 -3.28 -2.74 -8.85
N THR A 49 -4.06 -3.05 -7.85
CA THR A 49 -4.30 -2.07 -6.75
C THR A 49 -4.24 -2.79 -5.40
N ARG A 50 -3.60 -2.19 -4.44
CA ARG A 50 -3.50 -2.83 -3.09
C ARG A 50 -2.38 -2.15 -2.29
N ALA A 51 -2.28 -2.45 -1.02
CA ALA A 51 -1.22 -1.81 -0.20
C ALA A 51 0.11 -1.85 -0.97
N PRO A 52 0.91 -0.82 -0.78
CA PRO A 52 2.19 -0.72 -1.46
C PRO A 52 3.29 -1.47 -0.70
N LEU A 53 4.16 -2.14 -1.41
CA LEU A 53 5.28 -2.85 -0.73
C LEU A 53 5.98 -1.87 0.21
N VAL A 54 6.48 -2.32 1.33
CA VAL A 54 7.15 -1.39 2.26
C VAL A 54 8.36 -0.76 1.56
N GLU A 55 9.07 -1.54 0.78
CA GLU A 55 10.24 -0.98 0.05
C GLU A 55 9.74 -0.03 -1.04
N GLU A 56 8.57 -0.27 -1.56
CA GLU A 56 8.03 0.63 -2.61
C GLU A 56 7.67 1.97 -1.98
N LEU A 57 7.30 1.95 -0.73
CA LEU A 57 6.93 3.22 -0.05
C LEU A 57 8.21 4.04 0.18
N TYR A 58 9.26 3.41 0.61
CA TYR A 58 10.53 4.16 0.85
C TYR A 58 11.08 4.68 -0.48
N ARG A 59 10.97 3.91 -1.52
CA ARG A 59 11.49 4.37 -2.84
C ARG A 59 10.69 5.59 -3.30
N PHE A 60 9.39 5.51 -3.29
CA PHE A 60 8.56 6.67 -3.73
C PHE A 60 8.30 7.58 -2.54
N ARG A 61 9.07 7.44 -1.49
CA ARG A 61 8.86 8.30 -0.29
C ARG A 61 9.17 9.76 -0.65
N ASP A 62 10.17 9.98 -1.45
CA ASP A 62 10.52 11.37 -1.85
C ASP A 62 9.44 11.94 -2.77
N ARG A 63 8.50 11.12 -3.16
CA ARG A 63 7.42 11.60 -4.06
C ARG A 63 6.05 11.31 -3.42
N LEU A 64 6.04 10.89 -2.19
CA LEU A 64 4.75 10.60 -1.52
C LEU A 64 4.33 11.82 -0.68
N PRO A 65 3.11 11.78 -0.19
CA PRO A 65 2.57 12.86 0.62
C PRO A 65 3.21 12.85 2.01
N GLU A 66 2.63 12.14 2.93
CA GLU A 66 3.20 12.10 4.30
C GLU A 66 2.34 11.18 5.20
N LYS A 67 1.08 11.08 4.91
CA LYS A 67 0.19 10.22 5.74
C LYS A 67 0.55 8.73 5.58
N LEU A 68 1.57 8.41 4.85
CA LEU A 68 1.95 6.98 4.68
C LEU A 68 3.37 6.76 5.19
N ARG A 69 3.96 7.76 5.79
CA ARG A 69 5.36 7.61 6.30
C ARG A 69 5.46 6.35 7.18
N TYR A 70 4.73 6.30 8.26
CA TYR A 70 4.80 5.11 9.14
C TYR A 70 4.79 3.83 8.30
N LEU A 71 4.03 3.81 7.25
CA LEU A 71 3.98 2.60 6.39
C LEU A 71 5.36 2.39 5.72
N ALA A 72 5.93 3.44 5.21
CA ALA A 72 7.26 3.32 4.55
C ALA A 72 8.35 3.16 5.62
N ASP A 73 8.00 3.31 6.88
CA ASP A 73 9.00 3.17 7.95
C ASP A 73 8.97 1.74 8.50
N ALA A 74 7.97 0.98 8.15
CA ALA A 74 7.88 -0.42 8.64
C ALA A 74 8.85 -1.30 7.86
N PRO A 75 9.14 -2.46 8.39
CA PRO A 75 10.03 -3.41 7.76
C PRO A 75 9.59 -3.66 6.31
N GLN A 76 10.41 -4.31 5.53
CA GLN A 76 10.02 -4.57 4.12
C GLN A 76 10.50 -5.96 3.69
N GLN A 77 10.34 -6.94 4.54
CA GLN A 77 10.79 -8.32 4.19
C GLN A 77 10.95 -9.16 5.47
N ASP A 78 11.07 -8.53 6.61
CA ASP A 78 11.24 -9.32 7.86
C ASP A 78 12.65 -9.93 7.85
N PRO A 79 13.03 -10.57 8.93
CA PRO A 79 14.34 -11.20 9.03
C PRO A 79 14.46 -12.46 8.14
N GLU A 80 13.65 -12.58 7.10
CA GLU A 80 13.74 -13.76 6.22
C GLU A 80 14.12 -13.30 4.81
N GLY A 81 13.61 -12.18 4.39
CA GLY A 81 13.94 -11.67 3.03
C GLY A 81 12.80 -12.00 2.06
N ASN A 82 11.64 -12.30 2.57
CA ASN A 82 10.49 -12.64 1.67
C ASN A 82 9.77 -11.35 1.28
N LYS A 83 10.39 -10.23 1.50
CA LYS A 83 9.75 -8.93 1.16
C LYS A 83 8.45 -8.79 1.94
N THR A 84 8.19 -7.60 2.40
CA THR A 84 6.95 -7.38 3.18
C THR A 84 6.24 -6.13 2.67
N MET A 85 4.98 -6.25 2.37
CA MET A 85 4.23 -5.07 1.86
C MET A 85 3.28 -4.56 2.93
N VAL A 86 2.46 -3.60 2.60
CA VAL A 86 1.51 -3.06 3.60
C VAL A 86 0.19 -3.82 3.55
N ARG A 87 -0.57 -3.77 4.61
CA ARG A 87 -1.89 -4.46 4.64
C ARG A 87 -2.86 -3.59 5.45
N PHE A 88 -4.08 -4.01 5.60
CA PHE A 88 -5.04 -3.18 6.38
C PHE A 88 -5.95 -4.08 7.21
N SER A 89 -6.11 -3.77 8.46
CA SER A 89 -7.00 -4.58 9.34
C SER A 89 -8.25 -3.77 9.67
N ARG A 90 -9.41 -4.37 9.56
CA ARG A 90 -10.66 -3.61 9.86
C ARG A 90 -10.99 -3.78 11.34
N LYS A 91 -10.37 -4.73 11.99
CA LYS A 91 -10.65 -4.93 13.44
C LYS A 91 -10.21 -3.68 14.21
N THR A 92 -9.32 -2.91 13.63
CA THR A 92 -8.84 -1.68 14.32
C THR A 92 -8.56 -0.59 13.29
N LYS A 93 -9.00 -0.78 12.07
CA LYS A 93 -8.75 0.24 11.03
C LYS A 93 -7.31 0.75 11.13
N GLN A 94 -6.35 -0.11 10.87
CA GLN A 94 -4.93 0.33 10.97
C GLN A 94 -4.14 -0.25 9.80
N GLN A 95 -2.84 -0.09 9.81
CA GLN A 95 -2.01 -0.63 8.70
C GLN A 95 -1.00 -1.64 9.24
N TYR A 96 -1.02 -2.84 8.73
CA TYR A 96 -0.05 -3.87 9.20
C TYR A 96 0.67 -4.46 8.00
N VAL A 97 1.96 -4.64 8.07
CA VAL A 97 2.69 -5.20 6.89
C VAL A 97 2.71 -6.72 6.97
N SER A 98 3.02 -7.38 5.88
CA SER A 98 3.07 -8.86 5.89
C SER A 98 4.10 -9.35 4.88
N SER A 99 4.99 -10.21 5.28
CA SER A 99 6.04 -10.72 4.35
C SER A 99 5.48 -11.90 3.54
N GLU A 100 4.35 -11.72 2.92
CA GLU A 100 3.76 -12.83 2.13
C GLU A 100 3.93 -12.55 0.63
N LYS A 101 4.34 -13.52 -0.13
CA LYS A 101 4.53 -13.28 -1.59
C LYS A 101 4.13 -14.54 -2.37
N ASP A 102 4.03 -14.44 -3.67
CA ASP A 102 3.64 -15.63 -4.47
C ASP A 102 2.30 -16.16 -3.98
N GLY A 103 2.32 -17.06 -3.05
CA GLY A 103 1.05 -17.62 -2.52
C GLY A 103 1.36 -18.62 -1.40
N LYS A 104 2.31 -18.32 -0.57
CA LYS A 104 2.66 -19.25 0.54
C LYS A 104 2.50 -18.53 1.88
N ALA A 105 2.28 -17.25 1.86
CA ALA A 105 2.13 -16.50 3.13
C ALA A 105 3.20 -16.94 4.12
N THR A 106 4.39 -16.41 3.99
CA THR A 106 5.48 -16.80 4.92
C THR A 106 4.95 -16.84 6.36
N GLY A 107 3.93 -16.08 6.64
CA GLY A 107 3.36 -16.07 8.02
C GLY A 107 3.86 -14.85 8.77
N TRP A 108 4.41 -13.89 8.08
CA TRP A 108 4.92 -12.66 8.77
C TRP A 108 3.89 -11.54 8.62
N SER A 109 3.56 -10.88 9.70
CA SER A 109 2.57 -9.78 9.63
C SER A 109 2.84 -8.79 10.76
N ALA A 110 3.50 -7.70 10.48
CA ALA A 110 3.80 -6.71 11.55
C ALA A 110 2.66 -5.69 11.64
N PHE A 111 2.45 -5.13 12.80
CA PHE A 111 1.35 -4.13 12.96
C PHE A 111 1.92 -2.79 13.41
N TYR A 112 1.42 -1.71 12.87
CA TYR A 112 1.91 -0.38 13.29
C TYR A 112 1.13 0.10 14.52
N VAL A 113 1.73 0.04 15.68
CA VAL A 113 1.01 0.49 16.89
C VAL A 113 1.30 1.99 17.09
N ASP A 114 1.43 2.44 18.30
CA ASP A 114 1.72 3.89 18.52
C ASP A 114 3.14 4.12 18.04
N GLY A 115 3.31 4.37 16.76
CA GLY A 115 4.69 4.51 16.25
C GLY A 115 5.44 3.28 16.76
N LYS A 116 4.69 2.22 17.00
CA LYS A 116 5.32 0.99 17.56
C LYS A 116 5.03 -0.23 16.67
N TRP A 117 5.73 -0.39 15.58
CA TRP A 117 5.48 -1.58 14.72
C TRP A 117 5.58 -2.84 15.58
N VAL A 118 5.01 -3.92 15.14
CA VAL A 118 5.07 -5.18 15.95
C VAL A 118 5.13 -6.37 15.00
N GLU A 119 5.12 -7.56 15.52
CA GLU A 119 5.17 -8.77 14.65
C GLU A 119 4.16 -9.80 15.14
N GLY A 120 2.89 -9.52 15.01
CA GLY A 120 1.86 -10.48 15.46
C GLY A 120 1.77 -11.65 14.48
N LYS A 121 2.56 -12.66 14.67
CA LYS A 121 2.53 -13.82 13.74
C LYS A 121 1.15 -14.48 13.80
N LYS A 122 0.64 -14.89 12.67
CA LYS A 122 -0.70 -15.54 12.66
C LYS A 122 -0.55 -17.05 12.79
N MET A 1 -27.06 13.65 1.32
CA MET A 1 -25.86 12.78 1.24
C MET A 1 -25.19 12.70 2.62
N ASN A 2 -24.56 11.59 2.92
CA ASN A 2 -23.90 11.46 4.24
C ASN A 2 -22.44 11.90 4.12
N GLY A 3 -22.15 12.83 3.26
CA GLY A 3 -20.75 13.31 3.09
C GLY A 3 -20.31 13.08 1.64
N GLU A 4 -19.10 13.48 1.32
CA GLU A 4 -18.60 13.29 -0.07
C GLU A 4 -18.47 11.79 -0.36
N VAL A 5 -18.74 11.39 -1.57
CA VAL A 5 -18.63 9.94 -1.91
C VAL A 5 -17.64 9.77 -3.06
N ALA A 6 -16.38 10.04 -2.82
CA ALA A 6 -15.37 9.88 -3.91
C ALA A 6 -15.82 10.67 -5.14
N PRO A 7 -15.60 11.96 -5.11
CA PRO A 7 -15.97 12.83 -6.21
C PRO A 7 -15.04 12.61 -7.41
N PRO A 8 -15.56 12.86 -8.59
CA PRO A 8 -14.80 12.69 -9.82
C PRO A 8 -13.45 13.41 -9.70
N LYS A 9 -12.55 13.15 -10.62
CA LYS A 9 -11.22 13.82 -10.56
C LYS A 9 -10.50 13.41 -9.28
N GLU A 10 -9.22 13.17 -9.35
CA GLU A 10 -8.46 12.78 -8.14
C GLU A 10 -6.96 12.77 -8.44
N ASP A 11 -6.22 13.68 -7.88
CA ASP A 11 -4.75 13.72 -8.15
C ASP A 11 -4.00 13.73 -6.82
N PRO A 12 -4.09 12.63 -6.11
CA PRO A 12 -3.43 12.47 -4.82
C PRO A 12 -1.93 12.22 -5.02
N VAL A 13 -1.54 10.98 -5.12
CA VAL A 13 -0.09 10.67 -5.32
C VAL A 13 0.06 9.75 -6.54
N PRO A 14 0.08 10.35 -7.71
CA PRO A 14 0.23 9.61 -8.95
C PRO A 14 1.65 9.05 -9.06
N LEU A 15 1.79 7.78 -9.38
CA LEU A 15 3.18 7.23 -9.50
C LEU A 15 3.44 6.72 -10.92
N PRO A 16 3.19 7.57 -11.89
CA PRO A 16 3.45 7.24 -13.28
C PRO A 16 4.75 6.42 -13.43
N GLU A 17 5.80 6.82 -12.76
CA GLU A 17 7.09 6.08 -12.87
C GLU A 17 6.83 4.56 -12.85
N LEU A 18 6.00 4.12 -11.94
CA LEU A 18 5.70 2.66 -11.85
C LEU A 18 4.52 2.33 -12.79
N PRO A 19 4.68 1.30 -13.58
CA PRO A 19 3.65 0.90 -14.52
C PRO A 19 2.48 0.22 -13.78
N CYS A 20 1.35 0.12 -14.42
CA CYS A 20 0.17 -0.51 -13.76
C CYS A 20 -0.16 -1.84 -14.46
N GLU A 21 -0.82 -1.77 -15.59
CA GLU A 21 -1.18 -3.03 -16.32
C GLU A 21 -0.19 -3.25 -17.47
N LYS A 22 1.08 -3.04 -17.22
CA LYS A 22 2.09 -3.24 -18.30
C LYS A 22 1.72 -2.39 -19.52
N SER A 23 0.98 -1.34 -19.30
CA SER A 23 0.58 -0.47 -20.45
C SER A 23 0.95 0.98 -20.12
N ASP A 24 0.31 1.92 -20.77
CA ASP A 24 0.62 3.35 -20.49
C ASP A 24 0.01 3.73 -19.15
N ALA A 25 -0.71 2.84 -18.54
CA ALA A 25 -1.33 3.14 -17.23
C ALA A 25 -0.28 3.04 -16.13
N TYR A 26 -0.51 3.64 -15.00
CA TYR A 26 0.49 3.57 -13.91
C TYR A 26 -0.23 3.37 -12.57
N PHE A 27 0.47 3.51 -11.48
CA PHE A 27 -0.18 3.30 -10.16
C PHE A 27 -0.30 4.62 -9.39
N VAL A 28 -1.39 5.30 -9.53
CA VAL A 28 -1.57 6.58 -8.79
C VAL A 28 -2.01 6.27 -7.35
N LEU A 29 -1.06 6.16 -6.45
CA LEU A 29 -1.41 5.85 -5.04
C LEU A 29 -2.57 6.73 -4.58
N ARG A 30 -3.59 6.12 -4.03
CA ARG A 30 -4.76 6.90 -3.54
C ARG A 30 -5.04 6.51 -2.09
N ASP A 31 -6.10 7.04 -1.52
CA ASP A 31 -6.43 6.69 -0.11
C ASP A 31 -7.94 6.62 0.06
N GLY A 32 -8.50 5.44 0.06
CA GLY A 32 -9.96 5.30 0.22
C GLY A 32 -10.34 3.82 0.19
N ALA A 33 -9.63 3.02 -0.55
CA ALA A 33 -9.95 1.57 -0.61
C ALA A 33 -9.51 0.89 0.69
N ALA A 34 -10.33 0.94 1.71
CA ALA A 34 -9.96 0.30 3.00
C ALA A 34 -8.54 0.73 3.39
N GLY A 35 -8.28 2.00 3.42
CA GLY A 35 -6.91 2.47 3.79
C GLY A 35 -6.19 2.99 2.55
N VAL A 36 -4.89 3.07 2.59
CA VAL A 36 -4.13 3.57 1.41
C VAL A 36 -3.93 2.43 0.41
N PHE A 37 -3.55 2.74 -0.80
CA PHE A 37 -3.33 1.68 -1.81
C PHE A 37 -2.87 2.31 -3.12
N LEU A 38 -2.83 1.53 -4.18
CA LEU A 38 -2.40 2.09 -5.49
C LEU A 38 -3.36 1.61 -6.59
N ALA A 39 -4.19 2.50 -7.08
CA ALA A 39 -5.14 2.10 -8.16
C ALA A 39 -4.55 2.46 -9.51
N ALA A 40 -4.89 1.72 -10.53
CA ALA A 40 -4.36 2.03 -11.89
C ALA A 40 -5.03 3.30 -12.41
N ASN A 41 -4.28 4.14 -13.07
CA ASN A 41 -4.87 5.41 -13.60
C ASN A 41 -5.92 5.09 -14.68
N THR A 42 -5.72 4.02 -15.41
CA THR A 42 -6.70 3.67 -16.48
C THR A 42 -7.96 3.07 -15.85
N PHE A 43 -8.02 2.98 -14.55
CA PHE A 43 -9.22 2.41 -13.86
C PHE A 43 -10.49 2.83 -14.62
N PRO A 44 -11.46 1.95 -14.66
CA PRO A 44 -11.36 0.62 -14.04
C PRO A 44 -10.51 -0.32 -14.89
N LYS A 45 -9.97 0.16 -15.99
CA LYS A 45 -9.13 -0.71 -16.87
C LYS A 45 -8.28 -1.63 -15.99
N SER A 46 -7.31 -1.08 -15.32
CA SER A 46 -6.44 -1.92 -14.45
C SER A 46 -6.93 -1.78 -13.00
N ARG A 47 -7.69 -2.73 -12.53
CA ARG A 47 -8.21 -2.65 -11.13
C ARG A 47 -7.21 -3.32 -10.18
N GLU A 48 -5.95 -3.05 -10.35
CA GLU A 48 -4.93 -3.67 -9.46
C GLU A 48 -4.78 -2.79 -8.21
N THR A 49 -5.82 -2.67 -7.43
CA THR A 49 -5.75 -1.83 -6.20
C THR A 49 -5.27 -2.67 -5.02
N ARG A 50 -4.52 -2.09 -4.13
CA ARG A 50 -4.03 -2.85 -2.94
C ARG A 50 -2.93 -2.04 -2.25
N ALA A 51 -2.55 -2.43 -1.06
CA ALA A 51 -1.49 -1.68 -0.35
C ALA A 51 -0.16 -1.86 -1.10
N PRO A 52 0.65 -0.82 -1.08
CA PRO A 52 1.93 -0.83 -1.77
C PRO A 52 3.00 -1.56 -0.96
N LEU A 53 3.81 -2.35 -1.62
CA LEU A 53 4.91 -3.05 -0.91
C LEU A 53 5.60 -2.06 0.03
N VAL A 54 6.06 -2.50 1.18
CA VAL A 54 6.74 -1.57 2.11
C VAL A 54 8.01 -1.03 1.44
N GLU A 55 8.71 -1.88 0.75
CA GLU A 55 9.95 -1.42 0.05
C GLU A 55 9.56 -0.47 -1.08
N GLU A 56 8.37 -0.62 -1.60
CA GLU A 56 7.93 0.29 -2.71
C GLU A 56 7.66 1.67 -2.10
N LEU A 57 7.08 1.71 -0.95
CA LEU A 57 6.80 3.02 -0.30
C LEU A 57 8.12 3.74 -0.06
N TYR A 58 9.14 3.02 0.32
CA TYR A 58 10.46 3.67 0.56
C TYR A 58 11.10 4.06 -0.78
N ARG A 59 10.86 3.28 -1.80
CA ARG A 59 11.44 3.61 -3.13
C ARG A 59 10.82 4.90 -3.65
N PHE A 60 9.64 5.23 -3.20
CA PHE A 60 8.99 6.49 -3.66
C PHE A 60 8.85 7.45 -2.48
N ARG A 61 9.81 7.44 -1.59
CA ARG A 61 9.76 8.35 -0.41
C ARG A 61 9.83 9.80 -0.89
N ASP A 62 10.54 10.05 -1.96
CA ASP A 62 10.66 11.45 -2.47
C ASP A 62 9.28 11.98 -2.85
N ARG A 63 8.30 11.12 -2.91
CA ARG A 63 6.93 11.58 -3.28
C ARG A 63 5.99 11.33 -2.10
N LEU A 64 6.39 10.50 -1.19
CA LEU A 64 5.55 10.20 0.00
C LEU A 64 5.06 11.51 0.64
N PRO A 65 3.80 11.82 0.45
CA PRO A 65 3.23 13.02 1.02
C PRO A 65 3.54 13.09 2.51
N GLU A 66 2.89 12.28 3.30
CA GLU A 66 3.14 12.27 4.76
C GLU A 66 2.17 11.30 5.43
N LYS A 67 0.99 11.19 4.89
CA LYS A 67 -0.03 10.28 5.48
C LYS A 67 0.34 8.81 5.26
N LEU A 68 1.52 8.52 4.77
CA LEU A 68 1.91 7.10 4.55
C LEU A 68 3.37 6.89 4.96
N ARG A 69 3.98 7.89 5.51
CA ARG A 69 5.41 7.74 5.92
C ARG A 69 5.56 6.51 6.82
N TYR A 70 4.83 6.46 7.90
CA TYR A 70 4.94 5.29 8.82
C TYR A 70 4.84 4.00 7.99
N LEU A 71 4.01 3.99 6.98
CA LEU A 71 3.88 2.76 6.14
C LEU A 71 5.22 2.46 5.48
N ALA A 72 5.83 3.45 4.90
CA ALA A 72 7.16 3.22 4.25
C ALA A 72 8.23 3.06 5.32
N ASP A 73 7.88 3.24 6.56
CA ASP A 73 8.88 3.10 7.66
C ASP A 73 8.80 1.68 8.23
N ALA A 74 7.74 0.99 7.96
CA ALA A 74 7.60 -0.40 8.50
C ALA A 74 8.52 -1.35 7.72
N PRO A 75 8.79 -2.49 8.30
CA PRO A 75 9.64 -3.49 7.66
C PRO A 75 9.17 -3.74 6.22
N GLN A 76 9.99 -4.35 5.41
CA GLN A 76 9.58 -4.62 4.01
C GLN A 76 10.11 -5.98 3.55
N GLN A 77 10.08 -6.96 4.41
CA GLN A 77 10.57 -8.31 4.03
C GLN A 77 10.90 -9.13 5.28
N ASP A 78 11.11 -8.47 6.39
CA ASP A 78 11.44 -9.19 7.64
C ASP A 78 12.91 -9.62 7.62
N PRO A 79 13.43 -9.99 8.77
CA PRO A 79 14.81 -10.42 8.91
C PRO A 79 15.14 -11.55 7.94
N GLU A 80 14.15 -12.17 7.35
CA GLU A 80 14.43 -13.29 6.41
C GLU A 80 14.61 -12.73 4.99
N GLY A 81 13.62 -12.08 4.46
CA GLY A 81 13.75 -11.51 3.09
C GLY A 81 12.60 -12.00 2.20
N ASN A 82 11.48 -12.30 2.79
CA ASN A 82 10.32 -12.78 1.97
C ASN A 82 9.51 -11.57 1.50
N LYS A 83 10.08 -10.40 1.58
CA LYS A 83 9.37 -9.18 1.14
C LYS A 83 8.10 -9.01 1.95
N THR A 84 7.83 -7.81 2.35
CA THR A 84 6.61 -7.55 3.16
C THR A 84 5.89 -6.33 2.57
N MET A 85 4.63 -6.48 2.28
CA MET A 85 3.88 -5.33 1.69
C MET A 85 2.94 -4.75 2.75
N VAL A 86 2.33 -3.63 2.46
CA VAL A 86 1.41 -3.02 3.44
C VAL A 86 0.03 -3.67 3.31
N ARG A 87 -0.74 -3.62 4.36
CA ARG A 87 -2.11 -4.22 4.32
C ARG A 87 -3.06 -3.30 5.10
N PHE A 88 -4.27 -3.73 5.32
CA PHE A 88 -5.22 -2.87 6.09
C PHE A 88 -6.15 -3.75 6.93
N SER A 89 -5.90 -3.83 8.20
CA SER A 89 -6.79 -4.66 9.07
C SER A 89 -8.03 -3.84 9.41
N ARG A 90 -9.19 -4.45 9.37
CA ARG A 90 -10.44 -3.70 9.69
C ARG A 90 -10.71 -3.79 11.18
N LYS A 91 -10.16 -4.78 11.84
CA LYS A 91 -10.38 -4.92 13.30
C LYS A 91 -9.96 -3.62 13.98
N THR A 92 -9.09 -2.87 13.35
CA THR A 92 -8.64 -1.59 13.96
C THR A 92 -8.51 -0.53 12.87
N LYS A 93 -8.94 -0.83 11.66
CA LYS A 93 -8.84 0.17 10.56
C LYS A 93 -7.46 0.83 10.61
N GLN A 94 -6.42 0.07 10.40
CA GLN A 94 -5.05 0.66 10.44
C GLN A 94 -4.18 0.03 9.35
N GLN A 95 -2.91 0.32 9.36
CA GLN A 95 -2.00 -0.26 8.33
C GLN A 95 -1.18 -1.40 8.94
N TYR A 96 -1.26 -2.57 8.37
CA TYR A 96 -0.47 -3.71 8.91
C TYR A 96 0.28 -4.37 7.75
N VAL A 97 1.57 -4.54 7.85
CA VAL A 97 2.33 -5.17 6.73
C VAL A 97 2.36 -6.68 6.92
N SER A 98 2.65 -7.40 5.88
CA SER A 98 2.71 -8.88 5.99
C SER A 98 3.70 -9.45 4.99
N SER A 99 4.65 -10.23 5.44
CA SER A 99 5.65 -10.81 4.51
C SER A 99 4.98 -11.87 3.64
N GLU A 100 5.10 -11.77 2.34
CA GLU A 100 4.45 -12.77 1.45
C GLU A 100 5.40 -13.12 0.30
N LYS A 101 5.78 -14.36 0.19
CA LYS A 101 6.70 -14.76 -0.92
C LYS A 101 6.02 -14.54 -2.26
N ASP A 102 6.60 -15.07 -3.31
CA ASP A 102 5.99 -14.89 -4.66
C ASP A 102 4.70 -15.71 -4.75
N GLY A 103 4.39 -16.47 -3.75
CA GLY A 103 3.15 -17.30 -3.78
C GLY A 103 3.19 -18.34 -2.67
N LYS A 104 3.74 -18.00 -1.54
CA LYS A 104 3.81 -18.98 -0.41
C LYS A 104 3.14 -18.39 0.83
N ALA A 105 2.82 -17.13 0.81
CA ALA A 105 2.17 -16.50 1.98
C ALA A 105 2.86 -16.96 3.27
N THR A 106 4.07 -16.50 3.50
CA THR A 106 4.80 -16.91 4.72
C THR A 106 3.86 -16.85 5.93
N GLY A 107 3.48 -15.67 6.34
CA GLY A 107 2.56 -15.54 7.51
C GLY A 107 2.94 -14.30 8.32
N TRP A 108 4.12 -13.77 8.12
CA TRP A 108 4.53 -12.56 8.88
C TRP A 108 3.49 -11.46 8.70
N SER A 109 3.16 -10.75 9.75
CA SER A 109 2.15 -9.67 9.64
C SER A 109 2.36 -8.66 10.77
N ALA A 110 3.03 -7.57 10.51
CA ALA A 110 3.27 -6.56 11.57
C ALA A 110 2.12 -5.56 11.59
N PHE A 111 1.88 -4.93 12.71
CA PHE A 111 0.77 -3.94 12.80
C PHE A 111 1.31 -2.59 13.24
N TYR A 112 0.82 -1.53 12.68
CA TYR A 112 1.31 -0.18 13.08
C TYR A 112 0.45 0.33 14.25
N VAL A 113 0.98 0.30 15.44
CA VAL A 113 0.19 0.80 16.60
C VAL A 113 0.45 2.29 16.76
N ASP A 114 0.53 2.78 17.96
CA ASP A 114 0.82 4.23 18.15
C ASP A 114 2.24 4.46 17.71
N GLY A 115 2.46 4.68 16.44
CA GLY A 115 3.85 4.82 15.97
C GLY A 115 4.59 3.61 16.54
N LYS A 116 3.85 2.54 16.77
CA LYS A 116 4.46 1.33 17.39
C LYS A 116 4.26 0.09 16.51
N TRP A 117 4.97 -0.04 15.43
CA TRP A 117 4.79 -1.26 14.60
C TRP A 117 4.86 -2.48 15.52
N VAL A 118 4.38 -3.61 15.07
CA VAL A 118 4.43 -4.82 15.94
C VAL A 118 4.54 -6.07 15.08
N GLU A 119 4.63 -7.23 15.69
CA GLU A 119 4.74 -8.48 14.89
C GLU A 119 3.79 -9.53 15.45
N GLY A 120 2.76 -9.86 14.73
CA GLY A 120 1.79 -10.88 15.22
C GLY A 120 2.45 -12.26 15.20
N LYS A 121 3.53 -12.40 14.50
CA LYS A 121 4.21 -13.73 14.43
C LYS A 121 3.21 -14.80 13.99
N LYS A 122 3.21 -15.14 12.73
CA LYS A 122 2.27 -16.17 12.23
C LYS A 122 0.85 -15.85 12.74
N MET A 1 -21.16 17.80 0.82
CA MET A 1 -20.25 16.63 0.66
C MET A 1 -20.92 15.58 -0.24
N ASN A 2 -20.98 15.84 -1.51
CA ASN A 2 -21.62 14.86 -2.44
C ASN A 2 -20.53 14.12 -3.22
N GLY A 3 -20.38 12.84 -2.97
CA GLY A 3 -19.33 12.07 -3.70
C GLY A 3 -19.37 10.61 -3.25
N GLU A 4 -20.03 9.76 -3.98
CA GLU A 4 -20.10 8.32 -3.59
C GLU A 4 -19.21 7.50 -4.53
N VAL A 5 -18.28 8.13 -5.19
CA VAL A 5 -17.39 7.38 -6.11
C VAL A 5 -16.19 8.26 -6.50
N ALA A 6 -15.51 8.80 -5.52
CA ALA A 6 -14.34 9.66 -5.85
C ALA A 6 -14.73 10.69 -6.92
N PRO A 7 -15.28 11.80 -6.48
CA PRO A 7 -15.71 12.85 -7.38
C PRO A 7 -14.57 13.21 -8.35
N PRO A 8 -14.92 13.93 -9.40
CA PRO A 8 -13.95 14.34 -10.39
C PRO A 8 -12.75 15.01 -9.72
N LYS A 9 -11.85 15.57 -10.49
CA LYS A 9 -10.67 16.23 -9.90
C LYS A 9 -10.03 15.30 -8.86
N GLU A 10 -9.02 14.57 -9.25
CA GLU A 10 -8.37 13.64 -8.29
C GLU A 10 -6.98 14.18 -7.92
N ASP A 11 -6.59 14.03 -6.67
CA ASP A 11 -5.25 14.52 -6.26
C ASP A 11 -4.56 13.44 -5.40
N PRO A 12 -4.38 12.29 -5.98
CA PRO A 12 -3.76 11.17 -5.30
C PRO A 12 -2.24 11.29 -5.40
N VAL A 13 -1.53 10.19 -5.32
CA VAL A 13 -0.04 10.25 -5.44
C VAL A 13 0.35 9.49 -6.72
N PRO A 14 0.21 10.15 -7.85
CA PRO A 14 0.53 9.55 -9.12
C PRO A 14 1.89 8.87 -9.04
N LEU A 15 1.97 7.64 -9.46
CA LEU A 15 3.28 6.93 -9.43
C LEU A 15 3.69 6.49 -10.85
N PRO A 16 3.63 7.41 -11.78
CA PRO A 16 4.01 7.18 -13.17
C PRO A 16 5.20 6.23 -13.28
N GLU A 17 6.02 6.12 -12.25
CA GLU A 17 7.19 5.18 -12.33
C GLU A 17 6.71 3.75 -12.07
N LEU A 18 5.44 3.49 -12.26
CA LEU A 18 4.90 2.12 -12.03
C LEU A 18 3.70 1.93 -12.97
N PRO A 19 3.99 1.55 -14.19
CA PRO A 19 2.97 1.37 -15.21
C PRO A 19 2.05 0.19 -14.88
N CYS A 20 0.77 0.44 -14.82
CA CYS A 20 -0.19 -0.65 -14.51
C CYS A 20 -0.52 -1.43 -15.78
N GLU A 21 -0.50 -2.74 -15.72
CA GLU A 21 -0.80 -3.54 -16.93
C GLU A 21 0.17 -3.17 -18.05
N LYS A 22 1.24 -2.51 -17.73
CA LYS A 22 2.23 -2.12 -18.77
C LYS A 22 1.53 -1.24 -19.82
N SER A 23 0.66 -0.38 -19.39
CA SER A 23 -0.06 0.50 -20.36
C SER A 23 0.24 1.96 -20.02
N ASP A 24 -0.57 2.87 -20.51
CA ASP A 24 -0.34 4.30 -20.21
C ASP A 24 -0.82 4.61 -18.80
N ALA A 25 -1.33 3.64 -18.10
CA ALA A 25 -1.81 3.88 -16.72
C ALA A 25 -0.64 3.80 -15.76
N TYR A 26 -0.75 4.44 -14.62
CA TYR A 26 0.37 4.38 -13.64
C TYR A 26 -0.21 4.06 -12.26
N PHE A 27 0.54 4.26 -11.21
CA PHE A 27 0.00 3.93 -9.85
C PHE A 27 -0.34 5.19 -9.05
N VAL A 28 -1.49 5.76 -9.26
CA VAL A 28 -1.89 6.96 -8.47
C VAL A 28 -2.37 6.49 -7.09
N LEU A 29 -1.89 7.08 -6.04
CA LEU A 29 -2.32 6.65 -4.68
C LEU A 29 -3.76 7.11 -4.42
N ARG A 30 -4.70 6.20 -4.48
CA ARG A 30 -6.12 6.59 -4.24
C ARG A 30 -6.47 6.30 -2.77
N ASP A 31 -7.56 6.83 -2.30
CA ASP A 31 -7.96 6.58 -0.88
C ASP A 31 -9.39 6.04 -0.84
N GLY A 32 -9.55 4.80 -0.49
CA GLY A 32 -10.93 4.22 -0.43
C GLY A 32 -10.83 2.71 -0.19
N ALA A 33 -11.91 2.01 -0.42
CA ALA A 33 -11.89 0.53 -0.21
C ALA A 33 -11.70 0.23 1.29
N ALA A 34 -10.48 0.07 1.71
CA ALA A 34 -10.22 -0.22 3.15
C ALA A 34 -8.95 0.50 3.61
N GLY A 35 -8.66 1.63 3.02
CA GLY A 35 -7.43 2.39 3.42
C GLY A 35 -6.72 2.88 2.16
N VAL A 36 -5.94 3.91 2.29
CA VAL A 36 -5.21 4.45 1.10
C VAL A 36 -4.59 3.29 0.32
N PHE A 37 -4.16 3.54 -0.89
CA PHE A 37 -3.55 2.46 -1.70
C PHE A 37 -3.10 3.04 -3.05
N LEU A 38 -2.63 2.23 -3.95
CA LEU A 38 -2.19 2.76 -5.27
C LEU A 38 -3.00 2.11 -6.38
N ALA A 39 -4.00 2.79 -6.88
CA ALA A 39 -4.82 2.21 -7.98
C ALA A 39 -4.21 2.58 -9.33
N ALA A 40 -4.49 1.82 -10.35
CA ALA A 40 -3.92 2.13 -11.68
C ALA A 40 -4.63 3.35 -12.27
N ASN A 41 -3.98 4.07 -13.14
CA ASN A 41 -4.62 5.26 -13.74
C ASN A 41 -5.58 4.84 -14.86
N THR A 42 -5.75 3.56 -15.04
CA THR A 42 -6.67 3.08 -16.11
C THR A 42 -7.81 2.26 -15.48
N PHE A 43 -7.79 2.12 -14.18
CA PHE A 43 -8.87 1.34 -13.49
C PHE A 43 -10.23 1.62 -14.17
N PRO A 44 -11.05 0.61 -14.26
CA PRO A 44 -10.74 -0.73 -13.75
C PRO A 44 -9.81 -1.48 -14.72
N LYS A 45 -9.54 -0.92 -15.88
CA LYS A 45 -8.65 -1.60 -16.85
C LYS A 45 -7.45 -2.22 -16.10
N SER A 46 -7.08 -1.63 -15.00
CA SER A 46 -5.93 -2.17 -14.23
C SER A 46 -6.35 -2.34 -12.77
N ARG A 47 -6.66 -3.54 -12.35
CA ARG A 47 -7.08 -3.75 -10.94
C ARG A 47 -5.85 -4.06 -10.08
N GLU A 48 -4.72 -3.49 -10.43
CA GLU A 48 -3.49 -3.75 -9.63
C GLU A 48 -3.44 -2.75 -8.48
N THR A 49 -4.51 -2.62 -7.74
CA THR A 49 -4.52 -1.66 -6.60
C THR A 49 -4.43 -2.44 -5.28
N ARG A 50 -3.82 -1.87 -4.28
CA ARG A 50 -3.70 -2.56 -2.98
C ARG A 50 -2.62 -1.88 -2.13
N ALA A 51 -2.55 -2.19 -0.87
CA ALA A 51 -1.51 -1.55 -0.01
C ALA A 51 -0.17 -1.59 -0.73
N PRO A 52 0.59 -0.53 -0.60
CA PRO A 52 1.89 -0.41 -1.24
C PRO A 52 2.94 -1.26 -0.51
N LEU A 53 3.71 -2.02 -1.24
CA LEU A 53 4.75 -2.86 -0.60
C LEU A 53 5.68 -1.94 0.22
N VAL A 54 6.10 -2.37 1.38
CA VAL A 54 6.98 -1.51 2.21
C VAL A 54 8.24 -1.18 1.41
N GLU A 55 8.74 -2.10 0.64
CA GLU A 55 9.95 -1.83 -0.17
C GLU A 55 9.60 -0.85 -1.28
N GLU A 56 8.41 -0.93 -1.80
CA GLU A 56 8.00 0.01 -2.88
C GLU A 56 7.81 1.40 -2.27
N LEU A 57 7.53 1.45 -0.99
CA LEU A 57 7.35 2.77 -0.32
C LEU A 57 8.71 3.44 -0.15
N TYR A 58 9.72 2.69 0.17
CA TYR A 58 11.07 3.29 0.34
C TYR A 58 11.55 3.85 -1.00
N ARG A 59 11.42 3.08 -2.05
CA ARG A 59 11.86 3.57 -3.39
C ARG A 59 10.91 4.67 -3.86
N PHE A 60 9.68 4.62 -3.44
CA PHE A 60 8.71 5.67 -3.86
C PHE A 60 8.47 6.64 -2.71
N ARG A 61 9.30 6.59 -1.70
CA ARG A 61 9.13 7.51 -0.54
C ARG A 61 9.43 8.94 -0.98
N ASP A 62 10.40 9.12 -1.82
CA ASP A 62 10.75 10.50 -2.27
C ASP A 62 9.67 10.99 -3.25
N ARG A 63 8.71 10.18 -3.55
CA ARG A 63 7.63 10.60 -4.50
C ARG A 63 6.27 10.47 -3.81
N LEU A 64 6.24 10.09 -2.58
CA LEU A 64 4.95 9.95 -1.86
C LEU A 64 4.64 11.26 -1.11
N PRO A 65 3.42 11.36 -0.61
CA PRO A 65 3.00 12.54 0.12
C PRO A 65 3.68 12.58 1.49
N GLU A 66 3.08 11.97 2.48
CA GLU A 66 3.69 11.98 3.84
C GLU A 66 2.81 11.19 4.80
N LYS A 67 1.52 11.15 4.56
CA LYS A 67 0.61 10.40 5.46
C LYS A 67 0.92 8.90 5.45
N LEU A 68 1.90 8.46 4.69
CA LEU A 68 2.22 7.01 4.68
C LEU A 68 3.68 6.79 5.07
N ARG A 69 4.31 7.77 5.65
CA ARG A 69 5.74 7.62 6.04
C ARG A 69 5.87 6.48 7.05
N TYR A 70 5.18 6.57 8.15
CA TYR A 70 5.27 5.47 9.17
C TYR A 70 5.18 4.12 8.48
N LEU A 71 4.54 4.07 7.34
CA LEU A 71 4.43 2.78 6.60
C LEU A 71 5.73 2.52 5.83
N ALA A 72 6.25 3.53 5.19
CA ALA A 72 7.52 3.35 4.43
C ALA A 72 8.64 3.01 5.42
N ASP A 73 8.40 3.18 6.68
CA ASP A 73 9.44 2.87 7.70
C ASP A 73 9.32 1.40 8.10
N ALA A 74 8.13 0.88 8.11
CA ALA A 74 7.95 -0.55 8.50
C ALA A 74 8.94 -1.41 7.70
N PRO A 75 9.05 -2.65 8.11
CA PRO A 75 9.95 -3.61 7.45
C PRO A 75 9.43 -3.95 6.05
N GLN A 76 10.32 -4.32 5.17
CA GLN A 76 9.88 -4.68 3.79
C GLN A 76 10.43 -6.06 3.43
N GLN A 77 10.39 -6.97 4.37
CA GLN A 77 10.91 -8.35 4.11
C GLN A 77 11.23 -9.03 5.45
N ASP A 78 11.43 -8.26 6.48
CA ASP A 78 11.76 -8.84 7.81
C ASP A 78 13.24 -9.23 7.85
N PRO A 79 13.73 -9.51 9.03
CA PRO A 79 15.12 -9.90 9.24
C PRO A 79 15.51 -11.07 8.34
N GLU A 80 14.55 -11.75 7.77
CA GLU A 80 14.89 -12.92 6.91
C GLU A 80 15.09 -12.44 5.47
N GLY A 81 14.06 -11.96 4.83
CA GLY A 81 14.19 -11.48 3.43
C GLY A 81 13.06 -12.05 2.57
N ASN A 82 11.89 -12.17 3.13
CA ASN A 82 10.74 -12.72 2.35
C ASN A 82 9.93 -11.56 1.79
N LYS A 83 10.47 -10.37 1.81
CA LYS A 83 9.73 -9.19 1.29
C LYS A 83 8.45 -9.03 2.08
N THR A 84 8.11 -7.81 2.38
CA THR A 84 6.89 -7.57 3.18
C THR A 84 6.13 -6.38 2.59
N MET A 85 4.86 -6.54 2.32
CA MET A 85 4.09 -5.42 1.74
C MET A 85 3.16 -4.82 2.79
N VAL A 86 2.50 -3.74 2.48
CA VAL A 86 1.57 -3.12 3.46
C VAL A 86 0.20 -3.78 3.36
N ARG A 87 -0.56 -3.74 4.41
CA ARG A 87 -1.92 -4.36 4.39
C ARG A 87 -2.87 -3.45 5.20
N PHE A 88 -4.07 -3.90 5.43
CA PHE A 88 -5.02 -3.06 6.22
C PHE A 88 -5.88 -3.94 7.12
N SER A 89 -6.03 -3.57 8.36
CA SER A 89 -6.87 -4.38 9.28
C SER A 89 -8.13 -3.59 9.63
N ARG A 90 -9.27 -4.22 9.58
CA ARG A 90 -10.53 -3.51 9.90
C ARG A 90 -10.80 -3.60 11.41
N LYS A 91 -10.17 -4.54 12.07
CA LYS A 91 -10.38 -4.68 13.54
C LYS A 91 -9.92 -3.39 14.23
N THR A 92 -9.07 -2.64 13.59
CA THR A 92 -8.57 -1.38 14.20
C THR A 92 -8.42 -0.31 13.12
N LYS A 93 -8.91 -0.57 11.94
CA LYS A 93 -8.79 0.43 10.84
C LYS A 93 -7.36 0.97 10.82
N GLN A 94 -6.38 0.10 10.80
CA GLN A 94 -4.97 0.56 10.79
C GLN A 94 -4.22 -0.10 9.63
N GLN A 95 -2.93 0.06 9.59
CA GLN A 95 -2.13 -0.55 8.48
C GLN A 95 -1.18 -1.60 9.07
N TYR A 96 -1.12 -2.77 8.46
CA TYR A 96 -0.21 -3.83 8.98
C TYR A 96 0.53 -4.47 7.80
N VAL A 97 1.82 -4.63 7.91
CA VAL A 97 2.58 -5.25 6.78
C VAL A 97 2.62 -6.77 6.96
N SER A 98 2.90 -7.49 5.92
CA SER A 98 2.94 -8.97 6.03
C SER A 98 3.92 -9.53 4.98
N SER A 99 4.87 -10.33 5.41
CA SER A 99 5.85 -10.90 4.44
C SER A 99 5.09 -11.75 3.41
N GLU A 100 5.33 -11.52 2.16
CA GLU A 100 4.61 -12.33 1.11
C GLU A 100 5.62 -12.85 0.10
N LYS A 101 6.04 -14.08 0.23
CA LYS A 101 7.02 -14.65 -0.73
C LYS A 101 6.37 -14.82 -2.11
N ASP A 102 6.63 -13.92 -3.01
CA ASP A 102 6.03 -14.03 -4.38
C ASP A 102 4.54 -13.68 -4.30
N GLY A 103 4.08 -13.25 -3.15
CA GLY A 103 2.63 -12.90 -3.02
C GLY A 103 1.86 -14.14 -2.54
N LYS A 104 2.44 -14.93 -1.69
CA LYS A 104 1.75 -16.14 -1.19
C LYS A 104 1.52 -16.03 0.32
N ALA A 105 1.55 -14.83 0.85
CA ALA A 105 1.34 -14.67 2.31
C ALA A 105 2.15 -15.72 3.06
N THR A 106 3.40 -15.45 3.31
CA THR A 106 4.25 -16.44 4.04
C THR A 106 3.67 -16.67 5.44
N GLY A 107 4.19 -16.00 6.44
CA GLY A 107 3.68 -16.18 7.81
C GLY A 107 4.11 -15.00 8.67
N TRP A 108 4.37 -13.88 8.06
CA TRP A 108 4.80 -12.68 8.83
C TRP A 108 3.77 -11.57 8.66
N SER A 109 3.34 -10.97 9.74
CA SER A 109 2.33 -9.88 9.63
C SER A 109 2.51 -8.90 10.79
N ALA A 110 3.21 -7.82 10.56
CA ALA A 110 3.41 -6.82 11.65
C ALA A 110 2.28 -5.79 11.60
N PHE A 111 1.97 -5.19 12.71
CA PHE A 111 0.88 -4.18 12.73
C PHE A 111 1.44 -2.84 13.18
N TYR A 112 0.80 -1.77 12.80
CA TYR A 112 1.31 -0.43 13.23
C TYR A 112 0.46 0.06 14.39
N VAL A 113 0.98 0.02 15.59
CA VAL A 113 0.20 0.49 16.75
C VAL A 113 0.47 1.98 16.95
N ASP A 114 0.54 2.44 18.16
CA ASP A 114 0.83 3.89 18.39
C ASP A 114 2.25 4.14 17.94
N GLY A 115 2.46 4.39 16.68
CA GLY A 115 3.85 4.55 16.19
C GLY A 115 4.60 3.35 16.74
N LYS A 116 3.88 2.27 16.97
CA LYS A 116 4.52 1.06 17.56
C LYS A 116 4.30 -0.17 16.69
N TRP A 117 5.06 -0.35 15.65
CA TRP A 117 4.88 -1.56 14.81
C TRP A 117 4.82 -2.79 15.73
N VAL A 118 4.36 -3.90 15.23
CA VAL A 118 4.28 -5.13 16.08
C VAL A 118 4.46 -6.36 15.20
N GLU A 119 4.47 -7.53 15.81
CA GLU A 119 4.64 -8.77 15.01
C GLU A 119 3.63 -9.82 15.49
N GLY A 120 2.70 -10.18 14.65
CA GLY A 120 1.68 -11.19 15.06
C GLY A 120 1.85 -12.45 14.20
N LYS A 121 2.60 -13.41 14.69
CA LYS A 121 2.80 -14.66 13.90
C LYS A 121 1.46 -15.38 13.73
N LYS A 122 0.96 -15.44 12.52
CA LYS A 122 -0.34 -16.13 12.30
C LYS A 122 -1.38 -15.61 13.29
N MET A 1 -22.36 13.88 4.75
CA MET A 1 -21.31 13.34 3.83
C MET A 1 -21.98 12.47 2.76
N ASN A 2 -23.07 11.83 3.09
CA ASN A 2 -23.76 10.97 2.09
C ASN A 2 -24.09 11.80 0.85
N GLY A 3 -23.37 11.59 -0.22
CA GLY A 3 -23.65 12.36 -1.46
C GLY A 3 -22.36 12.51 -2.27
N GLU A 4 -21.41 13.26 -1.76
CA GLU A 4 -20.14 13.45 -2.51
C GLU A 4 -19.26 12.20 -2.32
N VAL A 5 -18.74 11.67 -3.39
CA VAL A 5 -17.89 10.46 -3.29
C VAL A 5 -16.94 10.40 -4.50
N ALA A 6 -15.68 10.66 -4.28
CA ALA A 6 -14.71 10.62 -5.40
C ALA A 6 -15.11 11.65 -6.47
N PRO A 7 -14.70 12.87 -6.27
CA PRO A 7 -15.00 13.96 -7.20
C PRO A 7 -14.21 13.79 -8.50
N PRO A 8 -14.54 14.60 -9.47
CA PRO A 8 -13.88 14.55 -10.77
C PRO A 8 -12.44 15.09 -10.64
N LYS A 9 -12.18 15.87 -9.63
CA LYS A 9 -10.80 16.42 -9.45
C LYS A 9 -10.14 15.74 -8.26
N GLU A 10 -8.96 15.21 -8.44
CA GLU A 10 -8.26 14.54 -7.31
C GLU A 10 -6.76 14.83 -7.38
N ASP A 11 -6.14 14.99 -6.25
CA ASP A 11 -4.67 15.28 -6.24
C ASP A 11 -3.97 14.37 -5.22
N PRO A 12 -4.08 13.08 -5.47
CA PRO A 12 -3.49 12.08 -4.58
C PRO A 12 -1.99 11.94 -4.87
N VAL A 13 -1.41 10.82 -4.53
CA VAL A 13 0.04 10.61 -4.80
C VAL A 13 0.18 9.64 -5.98
N PRO A 14 0.27 10.19 -7.17
CA PRO A 14 0.40 9.39 -8.37
C PRO A 14 1.77 8.72 -8.44
N LEU A 15 1.84 7.45 -8.81
CA LEU A 15 3.17 6.78 -8.90
C LEU A 15 3.45 6.33 -10.33
N PRO A 16 3.38 7.25 -11.26
CA PRO A 16 3.68 6.98 -12.66
C PRO A 16 4.89 6.04 -12.80
N GLU A 17 6.01 6.39 -12.22
CA GLU A 17 7.23 5.53 -12.32
C GLU A 17 6.84 4.06 -12.23
N LEU A 18 5.90 3.75 -11.38
CA LEU A 18 5.44 2.35 -11.21
C LEU A 18 4.33 2.08 -12.24
N PRO A 19 4.64 1.28 -13.23
CA PRO A 19 3.68 0.94 -14.28
C PRO A 19 2.55 0.06 -13.76
N CYS A 20 1.41 0.11 -14.38
CA CYS A 20 0.26 -0.72 -13.94
C CYS A 20 0.23 -2.04 -14.73
N GLU A 21 -0.45 -2.06 -15.84
CA GLU A 21 -0.52 -3.31 -16.64
C GLU A 21 0.28 -3.13 -17.93
N LYS A 22 1.54 -2.78 -17.82
CA LYS A 22 2.36 -2.58 -19.04
C LYS A 22 1.65 -1.62 -19.98
N SER A 23 0.75 -0.83 -19.46
CA SER A 23 0.02 0.13 -20.33
C SER A 23 0.47 1.56 -20.00
N ASP A 24 -0.25 2.54 -20.47
CA ASP A 24 0.14 3.95 -20.20
C ASP A 24 -0.37 4.34 -18.80
N ALA A 25 -0.93 3.40 -18.08
CA ALA A 25 -1.44 3.71 -16.73
C ALA A 25 -0.35 3.45 -15.69
N TYR A 26 -0.58 3.83 -14.45
CA TYR A 26 0.43 3.60 -13.40
C TYR A 26 -0.27 3.37 -12.06
N PHE A 27 0.45 3.40 -10.98
CA PHE A 27 -0.20 3.17 -9.65
C PHE A 27 -0.46 4.50 -8.95
N VAL A 28 -1.48 5.20 -9.33
CA VAL A 28 -1.78 6.50 -8.67
C VAL A 28 -2.33 6.23 -7.27
N LEU A 29 -1.46 6.20 -6.28
CA LEU A 29 -1.92 5.94 -4.89
C LEU A 29 -3.19 6.75 -4.59
N ARG A 30 -4.30 6.10 -4.46
CA ARG A 30 -5.56 6.83 -4.16
C ARG A 30 -5.96 6.55 -2.71
N ASP A 31 -6.98 7.20 -2.23
CA ASP A 31 -7.42 6.95 -0.81
C ASP A 31 -8.91 6.62 -0.79
N GLY A 32 -9.24 5.40 -0.51
CA GLY A 32 -10.68 5.00 -0.47
C GLY A 32 -10.80 3.48 -0.25
N ALA A 33 -11.93 2.92 -0.57
CA ALA A 33 -12.10 1.46 -0.39
C ALA A 33 -11.94 1.10 1.09
N ALA A 34 -10.75 0.77 1.51
CA ALA A 34 -10.54 0.42 2.94
C ALA A 34 -9.18 0.96 3.40
N GLY A 35 -8.83 2.14 2.95
CA GLY A 35 -7.52 2.73 3.36
C GLY A 35 -6.71 3.07 2.11
N VAL A 36 -5.78 3.97 2.23
CA VAL A 36 -4.95 4.36 1.05
C VAL A 36 -4.53 3.10 0.29
N PHE A 37 -4.05 3.25 -0.90
CA PHE A 37 -3.62 2.06 -1.70
C PHE A 37 -3.09 2.54 -3.05
N LEU A 38 -2.79 1.63 -3.94
CA LEU A 38 -2.27 2.04 -5.28
C LEU A 38 -3.20 1.51 -6.38
N ALA A 39 -4.12 2.32 -6.84
CA ALA A 39 -5.02 1.85 -7.92
C ALA A 39 -4.43 2.22 -9.28
N ALA A 40 -4.70 1.43 -10.28
CA ALA A 40 -4.15 1.74 -11.62
C ALA A 40 -4.89 2.97 -12.16
N ASN A 41 -4.18 3.86 -12.81
CA ASN A 41 -4.85 5.07 -13.36
C ASN A 41 -5.73 4.68 -14.55
N THR A 42 -5.68 3.43 -14.94
CA THR A 42 -6.53 2.98 -16.07
C THR A 42 -7.76 2.24 -15.53
N PHE A 43 -7.91 2.19 -14.24
CA PHE A 43 -9.07 1.48 -13.62
C PHE A 43 -10.33 1.75 -14.46
N PRO A 44 -11.16 0.74 -14.60
CA PRO A 44 -10.94 -0.57 -14.01
C PRO A 44 -10.01 -1.42 -14.88
N LYS A 45 -9.63 -0.92 -16.04
CA LYS A 45 -8.73 -1.70 -16.94
C LYS A 45 -7.66 -2.41 -16.10
N SER A 46 -7.29 -1.85 -14.99
CA SER A 46 -6.27 -2.49 -14.13
C SER A 46 -6.78 -2.60 -12.70
N ARG A 47 -7.17 -3.77 -12.29
CA ARG A 47 -7.69 -3.93 -10.90
C ARG A 47 -6.52 -4.27 -9.96
N GLU A 48 -5.36 -3.75 -10.24
CA GLU A 48 -4.19 -4.03 -9.36
C GLU A 48 -4.17 -3.03 -8.21
N THR A 49 -5.21 -3.00 -7.42
CA THR A 49 -5.26 -2.04 -6.28
C THR A 49 -5.17 -2.81 -4.96
N ARG A 50 -4.51 -2.26 -3.98
CA ARG A 50 -4.38 -2.96 -2.67
C ARG A 50 -3.46 -2.17 -1.75
N ALA A 51 -2.19 -2.45 -1.78
CA ALA A 51 -1.24 -1.71 -0.91
C ALA A 51 0.17 -1.77 -1.52
N PRO A 52 0.94 -0.74 -1.28
CA PRO A 52 2.29 -0.65 -1.81
C PRO A 52 3.28 -1.45 -0.95
N LEU A 53 4.05 -2.30 -1.56
CA LEU A 53 5.05 -3.08 -0.77
C LEU A 53 5.90 -2.09 0.03
N VAL A 54 6.40 -2.47 1.16
CA VAL A 54 7.22 -1.52 1.96
C VAL A 54 8.39 -1.04 1.10
N GLU A 55 8.73 -1.78 0.08
CA GLU A 55 9.86 -1.35 -0.79
C GLU A 55 9.35 -0.35 -1.83
N GLU A 56 8.17 -0.58 -2.35
CA GLU A 56 7.62 0.36 -3.36
C GLU A 56 7.34 1.70 -2.68
N LEU A 57 7.05 1.68 -1.41
CA LEU A 57 6.77 2.96 -0.69
C LEU A 57 8.10 3.66 -0.38
N TYR A 58 9.10 2.92 0.04
CA TYR A 58 10.41 3.55 0.34
C TYR A 58 10.93 4.25 -0.91
N ARG A 59 10.81 3.62 -2.05
CA ARG A 59 11.30 4.25 -3.31
C ARG A 59 10.43 5.47 -3.62
N PHE A 60 9.15 5.38 -3.36
CA PHE A 60 8.25 6.53 -3.64
C PHE A 60 8.17 7.43 -2.40
N ARG A 61 9.12 7.31 -1.53
CA ARG A 61 9.12 8.16 -0.30
C ARG A 61 9.32 9.61 -0.70
N ASP A 62 10.09 9.86 -1.72
CA ASP A 62 10.33 11.26 -2.17
C ASP A 62 9.02 11.83 -2.74
N ARG A 63 8.06 10.99 -2.99
CA ARG A 63 6.77 11.47 -3.54
C ARG A 63 5.66 11.17 -2.54
N LEU A 64 6.03 10.87 -1.32
CA LEU A 64 5.00 10.56 -0.29
C LEU A 64 4.62 11.85 0.46
N PRO A 65 3.36 12.21 0.38
CA PRO A 65 2.88 13.40 1.05
C PRO A 65 3.33 13.39 2.51
N GLU A 66 2.71 12.59 3.34
CA GLU A 66 3.11 12.53 4.77
C GLU A 66 2.15 11.61 5.54
N LYS A 67 0.94 11.45 5.06
CA LYS A 67 -0.04 10.57 5.77
C LYS A 67 0.32 9.09 5.59
N LEU A 68 1.48 8.79 5.09
CA LEU A 68 1.86 7.34 4.91
C LEU A 68 3.33 7.16 5.30
N ARG A 69 3.92 8.14 5.91
CA ARG A 69 5.35 8.03 6.31
C ARG A 69 5.55 6.74 7.12
N TYR A 70 4.82 6.60 8.20
CA TYR A 70 4.97 5.37 9.03
C TYR A 70 5.04 4.14 8.13
N LEU A 71 4.29 4.13 7.06
CA LEU A 71 4.31 2.97 6.14
C LEU A 71 5.66 2.91 5.42
N ALA A 72 6.09 4.01 4.87
CA ALA A 72 7.40 4.03 4.16
C ALA A 72 8.51 3.66 5.14
N ASP A 73 8.21 3.70 6.42
CA ASP A 73 9.25 3.35 7.43
C ASP A 73 9.11 1.89 7.83
N ALA A 74 7.91 1.36 7.79
CA ALA A 74 7.70 -0.06 8.18
C ALA A 74 8.81 -0.93 7.56
N PRO A 75 8.90 -2.14 8.04
CA PRO A 75 9.91 -3.09 7.55
C PRO A 75 9.55 -3.54 6.13
N GLN A 76 10.44 -4.21 5.46
CA GLN A 76 10.14 -4.67 4.07
C GLN A 76 10.51 -6.14 3.91
N GLN A 77 10.33 -6.94 4.93
CA GLN A 77 10.65 -8.38 4.81
C GLN A 77 10.56 -9.03 6.19
N ASP A 78 11.02 -10.25 6.30
CA ASP A 78 10.97 -10.97 7.61
C ASP A 78 12.35 -11.56 7.90
N PRO A 79 12.55 -12.03 9.12
CA PRO A 79 13.82 -12.63 9.49
C PRO A 79 14.28 -13.60 8.40
N GLU A 80 13.38 -14.09 7.59
CA GLU A 80 13.79 -15.03 6.51
C GLU A 80 14.14 -14.22 5.26
N GLY A 81 13.39 -13.20 4.97
CA GLY A 81 13.70 -12.36 3.76
C GLY A 81 12.42 -12.09 2.96
N ASN A 82 11.46 -12.96 3.00
CA ASN A 82 10.21 -12.72 2.22
C ASN A 82 9.78 -11.27 2.40
N LYS A 83 10.13 -10.41 1.48
CA LYS A 83 9.75 -8.98 1.63
C LYS A 83 8.30 -8.87 2.07
N THR A 84 7.99 -7.89 2.85
CA THR A 84 6.58 -7.73 3.32
C THR A 84 5.98 -6.48 2.67
N MET A 85 4.73 -6.54 2.32
CA MET A 85 4.10 -5.36 1.68
C MET A 85 3.16 -4.67 2.65
N VAL A 86 2.53 -3.61 2.23
CA VAL A 86 1.59 -2.89 3.13
C VAL A 86 0.21 -3.57 3.08
N ARG A 87 -0.49 -3.59 4.19
CA ARG A 87 -1.83 -4.22 4.21
C ARG A 87 -2.79 -3.30 4.98
N PHE A 88 -3.99 -3.74 5.22
CA PHE A 88 -4.95 -2.87 5.98
C PHE A 88 -5.88 -3.74 6.80
N SER A 89 -5.95 -3.51 8.08
CA SER A 89 -6.86 -4.31 8.94
C SER A 89 -8.13 -3.49 9.22
N ARG A 90 -9.27 -4.10 9.12
CA ARG A 90 -10.54 -3.35 9.37
C ARG A 90 -10.89 -3.45 10.85
N LYS A 91 -10.34 -4.41 11.54
CA LYS A 91 -10.64 -4.55 12.99
C LYS A 91 -10.16 -3.30 13.72
N THR A 92 -9.22 -2.59 13.15
CA THR A 92 -8.71 -1.35 13.81
C THR A 92 -8.54 -0.25 12.76
N LYS A 93 -8.92 -0.50 11.54
CA LYS A 93 -8.76 0.54 10.48
C LYS A 93 -7.34 1.09 10.52
N GLN A 94 -6.36 0.23 10.40
CA GLN A 94 -4.95 0.71 10.43
C GLN A 94 -4.15 0.07 9.30
N GLN A 95 -2.86 0.26 9.28
CA GLN A 95 -2.03 -0.35 8.20
C GLN A 95 -1.09 -1.39 8.80
N TYR A 96 -1.06 -2.56 8.25
CA TYR A 96 -0.15 -3.63 8.78
C TYR A 96 0.58 -4.28 7.62
N VAL A 97 1.84 -4.57 7.77
CA VAL A 97 2.60 -5.22 6.65
C VAL A 97 2.52 -6.73 6.80
N SER A 98 2.86 -7.44 5.75
CA SER A 98 2.82 -8.93 5.82
C SER A 98 3.87 -9.50 4.87
N SER A 99 4.84 -10.21 5.38
CA SER A 99 5.90 -10.77 4.51
C SER A 99 5.24 -11.49 3.32
N GLU A 100 6.01 -11.80 2.31
CA GLU A 100 5.43 -12.50 1.13
C GLU A 100 6.50 -13.36 0.47
N LYS A 101 6.20 -14.61 0.19
CA LYS A 101 7.21 -15.49 -0.45
C LYS A 101 6.99 -15.51 -1.96
N ASP A 102 7.37 -14.45 -2.64
CA ASP A 102 7.19 -14.42 -4.11
C ASP A 102 5.70 -14.25 -4.44
N GLY A 103 4.90 -13.97 -3.46
CA GLY A 103 3.44 -13.79 -3.71
C GLY A 103 2.68 -14.99 -3.13
N LYS A 104 2.83 -15.23 -1.86
CA LYS A 104 2.11 -16.37 -1.23
C LYS A 104 1.82 -16.06 0.25
N ALA A 105 1.91 -14.82 0.62
CA ALA A 105 1.65 -14.44 2.03
C ALA A 105 2.34 -15.44 2.95
N THR A 106 3.64 -15.36 3.06
CA THR A 106 4.38 -16.30 3.93
C THR A 106 3.64 -16.47 5.26
N GLY A 107 3.29 -15.39 5.90
CA GLY A 107 2.57 -15.48 7.20
C GLY A 107 2.94 -14.29 8.08
N TRP A 108 4.19 -13.89 8.06
CA TRP A 108 4.62 -12.74 8.90
C TRP A 108 3.66 -11.57 8.66
N SER A 109 3.16 -10.97 9.71
CA SER A 109 2.23 -9.82 9.55
C SER A 109 2.54 -8.77 10.63
N ALA A 110 3.22 -7.72 10.28
CA ALA A 110 3.56 -6.68 11.30
C ALA A 110 2.43 -5.64 11.34
N PHE A 111 2.23 -5.03 12.48
CA PHE A 111 1.15 -4.01 12.60
C PHE A 111 1.75 -2.67 13.04
N TYR A 112 1.33 -1.60 12.44
CA TYR A 112 1.87 -0.27 12.84
C TYR A 112 1.04 0.30 13.99
N VAL A 113 1.58 0.31 15.17
CA VAL A 113 0.82 0.85 16.32
C VAL A 113 1.18 2.33 16.48
N ASP A 114 1.24 2.83 17.67
CA ASP A 114 1.62 4.26 17.86
C ASP A 114 3.08 4.38 17.49
N GLY A 115 3.36 4.58 16.22
CA GLY A 115 4.78 4.60 15.81
C GLY A 115 5.40 3.35 16.42
N LYS A 116 4.58 2.35 16.64
CA LYS A 116 5.07 1.10 17.28
C LYS A 116 4.81 -0.12 16.41
N TRP A 117 5.46 -0.23 15.29
CA TRP A 117 5.23 -1.43 14.42
C TRP A 117 5.29 -2.67 15.31
N VAL A 118 4.78 -3.78 14.85
CA VAL A 118 4.81 -5.02 15.67
C VAL A 118 4.85 -6.24 14.75
N GLU A 119 4.80 -7.42 15.31
CA GLU A 119 4.83 -8.64 14.45
C GLU A 119 3.93 -9.72 15.07
N GLY A 120 2.73 -9.84 14.57
CA GLY A 120 1.81 -10.86 15.12
C GLY A 120 2.53 -12.20 15.26
N LYS A 121 3.17 -12.65 14.22
CA LYS A 121 3.91 -13.94 14.29
C LYS A 121 2.90 -15.10 14.24
N LYS A 122 2.81 -15.76 13.12
CA LYS A 122 1.85 -16.89 13.00
C LYS A 122 2.62 -18.18 12.71
N MET A 1 -11.95 12.63 9.08
CA MET A 1 -13.02 12.55 10.09
C MET A 1 -13.75 13.90 10.18
N ASN A 2 -13.01 14.97 10.34
CA ASN A 2 -13.66 16.31 10.42
C ASN A 2 -14.45 16.57 9.14
N GLY A 3 -13.84 17.18 8.16
CA GLY A 3 -14.56 17.46 6.88
C GLY A 3 -13.57 17.41 5.72
N GLU A 4 -13.27 16.24 5.23
CA GLU A 4 -12.32 16.13 4.10
C GLU A 4 -12.07 14.66 3.77
N VAL A 5 -12.71 14.14 2.76
CA VAL A 5 -12.52 12.71 2.41
C VAL A 5 -12.81 12.50 0.92
N ALA A 6 -11.78 12.31 0.13
CA ALA A 6 -12.00 12.11 -1.33
C ALA A 6 -12.61 13.37 -1.94
N PRO A 7 -11.76 14.26 -2.38
CA PRO A 7 -12.19 15.52 -2.99
C PRO A 7 -12.80 15.25 -4.37
N PRO A 8 -13.34 16.28 -4.96
CA PRO A 8 -13.96 16.18 -6.28
C PRO A 8 -13.02 15.47 -7.26
N LYS A 9 -11.90 16.08 -7.58
CA LYS A 9 -10.96 15.43 -8.53
C LYS A 9 -10.04 14.46 -7.77
N GLU A 10 -10.36 14.18 -6.54
CA GLU A 10 -9.52 13.24 -5.74
C GLU A 10 -8.10 13.80 -5.63
N ASP A 11 -7.44 13.56 -4.53
CA ASP A 11 -6.05 14.07 -4.37
C ASP A 11 -5.16 12.95 -3.85
N PRO A 12 -5.04 11.92 -4.65
CA PRO A 12 -4.24 10.76 -4.30
C PRO A 12 -2.75 11.04 -4.54
N VAL A 13 -1.95 10.01 -4.61
CA VAL A 13 -0.50 10.21 -4.85
C VAL A 13 -0.11 9.50 -6.16
N PRO A 14 -0.42 10.13 -7.27
CA PRO A 14 -0.13 9.58 -8.58
C PRO A 14 1.31 9.06 -8.63
N LEU A 15 1.51 7.84 -9.03
CA LEU A 15 2.90 7.30 -9.10
C LEU A 15 3.29 6.93 -10.54
N PRO A 16 3.02 7.82 -11.47
CA PRO A 16 3.38 7.60 -12.86
C PRO A 16 4.75 6.91 -12.96
N GLU A 17 5.61 7.13 -12.00
CA GLU A 17 6.97 6.49 -12.05
C GLU A 17 6.81 4.96 -12.13
N LEU A 18 6.02 4.40 -11.25
CA LEU A 18 5.81 2.92 -11.26
C LEU A 18 4.65 2.59 -12.21
N PRO A 19 4.96 1.93 -13.30
CA PRO A 19 3.96 1.55 -14.30
C PRO A 19 2.79 0.81 -13.63
N CYS A 20 1.72 0.61 -14.36
CA CYS A 20 0.54 -0.10 -13.80
C CYS A 20 0.47 -1.52 -14.39
N GLU A 21 0.00 -1.63 -15.61
CA GLU A 21 -0.10 -2.98 -16.24
C GLU A 21 0.85 -3.06 -17.43
N LYS A 22 0.46 -2.47 -18.54
CA LYS A 22 1.34 -2.51 -19.73
C LYS A 22 0.96 -1.37 -20.67
N SER A 23 0.49 -0.28 -20.12
CA SER A 23 0.10 0.88 -20.98
C SER A 23 0.62 2.18 -20.36
N ASP A 24 0.11 3.30 -20.77
CA ASP A 24 0.57 4.58 -20.19
C ASP A 24 -0.01 4.73 -18.78
N ALA A 25 -0.81 3.79 -18.36
CA ALA A 25 -1.40 3.89 -17.00
C ALA A 25 -0.29 3.73 -15.95
N TYR A 26 -0.58 4.03 -14.72
CA TYR A 26 0.46 3.90 -13.66
C TYR A 26 -0.22 3.59 -12.32
N PHE A 27 0.49 3.70 -11.24
CA PHE A 27 -0.13 3.38 -9.92
C PHE A 27 -0.44 4.66 -9.15
N VAL A 28 -1.60 5.22 -9.33
CA VAL A 28 -1.97 6.46 -8.59
C VAL A 28 -2.45 6.06 -7.19
N LEU A 29 -1.66 6.33 -6.18
CA LEU A 29 -2.07 5.95 -4.79
C LEU A 29 -3.50 6.41 -4.53
N ARG A 30 -4.45 5.56 -4.77
CA ARG A 30 -5.86 5.95 -4.51
C ARG A 30 -6.22 5.57 -3.07
N ASP A 31 -7.08 6.31 -2.44
CA ASP A 31 -7.44 5.99 -1.03
C ASP A 31 -8.94 5.70 -0.94
N GLY A 32 -9.30 4.51 -0.53
CA GLY A 32 -10.75 4.17 -0.42
C GLY A 32 -10.90 2.67 -0.21
N ALA A 33 -9.97 1.89 -0.69
CA ALA A 33 -10.08 0.41 -0.52
C ALA A 33 -9.72 0.04 0.92
N ALA A 34 -10.65 0.18 1.82
CA ALA A 34 -10.37 -0.17 3.24
C ALA A 34 -9.02 0.44 3.66
N GLY A 35 -8.90 1.73 3.58
CA GLY A 35 -7.61 2.37 3.97
C GLY A 35 -6.95 2.99 2.73
N VAL A 36 -5.71 2.69 2.50
CA VAL A 36 -5.01 3.26 1.31
C VAL A 36 -4.68 2.13 0.33
N PHE A 37 -4.34 2.48 -0.88
CA PHE A 37 -4.01 1.44 -1.89
C PHE A 37 -3.67 2.11 -3.23
N LEU A 38 -2.78 1.53 -3.99
CA LEU A 38 -2.41 2.15 -5.29
C LEU A 38 -3.30 1.59 -6.41
N ALA A 39 -4.29 2.33 -6.83
CA ALA A 39 -5.16 1.82 -7.92
C ALA A 39 -4.58 2.27 -9.27
N ALA A 40 -4.80 1.50 -10.29
CA ALA A 40 -4.27 1.88 -11.63
C ALA A 40 -4.97 3.16 -12.09
N ASN A 41 -4.23 4.08 -12.63
CA ASN A 41 -4.86 5.35 -13.09
C ASN A 41 -5.76 5.09 -14.30
N THR A 42 -5.68 3.91 -14.86
CA THR A 42 -6.54 3.60 -16.04
C THR A 42 -7.71 2.70 -15.59
N PHE A 43 -7.87 2.53 -14.31
CA PHE A 43 -8.99 1.68 -13.79
C PHE A 43 -10.24 1.89 -14.67
N PRO A 44 -10.97 0.82 -14.89
CA PRO A 44 -10.64 -0.51 -14.38
C PRO A 44 -9.59 -1.19 -15.27
N LYS A 45 -9.13 -0.51 -16.29
CA LYS A 45 -8.11 -1.12 -17.21
C LYS A 45 -7.15 -2.00 -16.40
N SER A 46 -6.90 -1.65 -15.18
CA SER A 46 -5.98 -2.47 -14.34
C SER A 46 -6.58 -2.61 -12.94
N ARG A 47 -6.86 -3.82 -12.53
CA ARG A 47 -7.44 -4.02 -11.18
C ARG A 47 -6.31 -4.19 -10.16
N GLU A 48 -5.12 -3.78 -10.52
CA GLU A 48 -3.98 -3.90 -9.58
C GLU A 48 -4.06 -2.80 -8.52
N THR A 49 -4.91 -2.98 -7.55
CA THR A 49 -5.04 -1.93 -6.49
C THR A 49 -5.01 -2.59 -5.11
N ARG A 50 -4.26 -2.04 -4.20
CA ARG A 50 -4.18 -2.63 -2.83
C ARG A 50 -3.06 -1.94 -2.05
N ALA A 51 -2.94 -2.22 -0.78
CA ALA A 51 -1.87 -1.57 0.03
C ALA A 51 -0.55 -1.61 -0.77
N PRO A 52 0.24 -0.59 -0.60
CA PRO A 52 1.50 -0.47 -1.31
C PRO A 52 2.61 -1.27 -0.62
N LEU A 53 3.46 -1.91 -1.39
CA LEU A 53 4.60 -2.67 -0.80
C LEU A 53 5.40 -1.72 0.09
N VAL A 54 5.84 -2.18 1.23
CA VAL A 54 6.62 -1.30 2.13
C VAL A 54 7.93 -0.91 1.44
N GLU A 55 8.55 -1.84 0.77
CA GLU A 55 9.82 -1.52 0.06
C GLU A 55 9.53 -0.60 -1.13
N GLU A 56 8.31 -0.62 -1.60
CA GLU A 56 7.95 0.26 -2.75
C GLU A 56 7.94 1.71 -2.27
N LEU A 57 7.32 1.97 -1.15
CA LEU A 57 7.27 3.36 -0.62
C LEU A 57 8.70 3.83 -0.32
N TYR A 58 9.52 2.95 0.17
CA TYR A 58 10.93 3.34 0.48
C TYR A 58 11.61 3.84 -0.80
N ARG A 59 11.46 3.13 -1.87
CA ARG A 59 12.09 3.56 -3.15
C ARG A 59 11.40 4.83 -3.65
N PHE A 60 10.22 5.08 -3.20
CA PHE A 60 9.48 6.30 -3.65
C PHE A 60 9.54 7.36 -2.54
N ARG A 61 10.57 7.33 -1.74
CA ARG A 61 10.68 8.34 -0.64
C ARG A 61 10.84 9.73 -1.25
N ASP A 62 11.55 9.84 -2.34
CA ASP A 62 11.74 11.17 -2.97
C ASP A 62 10.39 11.74 -3.38
N ARG A 63 9.36 10.92 -3.39
CA ARG A 63 8.01 11.41 -3.77
C ARG A 63 7.04 11.16 -2.62
N LEU A 64 7.50 10.54 -1.57
CA LEU A 64 6.60 10.27 -0.41
C LEU A 64 5.75 11.51 -0.11
N PRO A 65 4.45 11.34 -0.12
CA PRO A 65 3.52 12.42 0.15
C PRO A 65 3.38 12.63 1.67
N GLU A 66 4.48 12.74 2.38
CA GLU A 66 4.41 12.94 3.85
C GLU A 66 3.52 11.87 4.47
N LYS A 67 2.24 12.11 4.55
CA LYS A 67 1.32 11.10 5.14
C LYS A 67 1.44 9.78 4.38
N LEU A 68 2.24 8.87 4.87
CA LEU A 68 2.42 7.56 4.17
C LEU A 68 3.72 6.94 4.65
N ARG A 69 4.69 7.75 4.96
CA ARG A 69 6.00 7.23 5.43
C ARG A 69 5.79 6.17 6.52
N TYR A 70 4.96 6.45 7.48
CA TYR A 70 4.73 5.46 8.57
C TYR A 70 4.58 4.06 7.97
N LEU A 71 3.85 3.93 6.90
CA LEU A 71 3.67 2.60 6.26
C LEU A 71 4.98 2.17 5.61
N ALA A 72 5.68 3.09 5.00
CA ALA A 72 6.97 2.73 4.35
C ALA A 72 8.06 2.55 5.42
N ASP A 73 7.74 2.80 6.66
CA ASP A 73 8.75 2.64 7.74
C ASP A 73 8.62 1.24 8.34
N ALA A 74 7.62 0.50 7.96
CA ALA A 74 7.45 -0.87 8.52
C ALA A 74 8.34 -1.85 7.74
N PRO A 75 8.61 -2.97 8.36
CA PRO A 75 9.43 -4.00 7.74
C PRO A 75 8.92 -4.30 6.33
N GLN A 76 9.77 -4.21 5.34
CA GLN A 76 9.32 -4.48 3.95
C GLN A 76 9.81 -5.87 3.49
N GLN A 77 9.70 -6.85 4.35
CA GLN A 77 10.15 -8.22 3.97
C GLN A 77 10.32 -9.07 5.23
N ASP A 78 10.54 -8.44 6.35
CA ASP A 78 10.71 -9.20 7.61
C ASP A 78 12.16 -9.76 7.68
N PRO A 79 12.57 -10.13 8.88
CA PRO A 79 13.92 -10.65 9.13
C PRO A 79 14.34 -11.71 8.10
N GLU A 80 13.43 -12.29 7.39
CA GLU A 80 13.81 -13.33 6.40
C GLU A 80 14.10 -12.67 5.05
N GLY A 81 13.11 -12.12 4.41
CA GLY A 81 13.34 -11.48 3.09
C GLY A 81 12.26 -11.90 2.10
N ASN A 82 11.05 -12.10 2.57
CA ASN A 82 9.95 -12.52 1.64
C ASN A 82 9.17 -11.27 1.21
N LYS A 83 9.75 -10.11 1.36
CA LYS A 83 9.05 -8.86 0.98
C LYS A 83 7.77 -8.72 1.78
N THR A 84 7.50 -7.55 2.22
CA THR A 84 6.29 -7.32 3.03
C THR A 84 5.57 -6.06 2.53
N MET A 85 4.30 -6.17 2.25
CA MET A 85 3.56 -4.99 1.75
C MET A 85 2.64 -4.48 2.86
N VAL A 86 1.79 -3.54 2.55
CA VAL A 86 0.88 -3.00 3.59
C VAL A 86 -0.46 -3.73 3.54
N ARG A 87 -1.22 -3.62 4.60
CA ARG A 87 -2.55 -4.28 4.65
C ARG A 87 -3.49 -3.37 5.47
N PHE A 88 -4.72 -3.75 5.65
CA PHE A 88 -5.64 -2.90 6.44
C PHE A 88 -6.51 -3.77 7.34
N SER A 89 -6.57 -3.46 8.60
CA SER A 89 -7.42 -4.25 9.53
C SER A 89 -8.64 -3.42 9.92
N ARG A 90 -9.81 -4.01 9.88
CA ARG A 90 -11.03 -3.24 10.24
C ARG A 90 -11.28 -3.36 11.73
N LYS A 91 -10.60 -4.28 12.39
CA LYS A 91 -10.79 -4.43 13.85
C LYS A 91 -10.35 -3.15 14.55
N THR A 92 -9.54 -2.36 13.90
CA THR A 92 -9.06 -1.10 14.53
C THR A 92 -8.82 -0.05 13.44
N LYS A 93 -9.31 -0.29 12.25
CA LYS A 93 -9.10 0.70 11.15
C LYS A 93 -7.64 1.17 11.17
N GLN A 94 -6.71 0.28 10.96
CA GLN A 94 -5.28 0.69 10.96
C GLN A 94 -4.55 0.07 9.78
N GLN A 95 -3.25 0.18 9.74
CA GLN A 95 -2.48 -0.41 8.61
C GLN A 95 -1.48 -1.43 9.15
N TYR A 96 -1.57 -2.65 8.69
CA TYR A 96 -0.63 -3.70 9.15
C TYR A 96 0.06 -4.31 7.93
N VAL A 97 1.34 -4.55 7.98
CA VAL A 97 2.04 -5.13 6.80
C VAL A 97 1.97 -6.65 6.83
N SER A 98 2.34 -7.28 5.75
CA SER A 98 2.31 -8.77 5.69
C SER A 98 3.41 -9.26 4.74
N SER A 99 4.28 -10.10 5.20
CA SER A 99 5.39 -10.61 4.33
C SER A 99 4.89 -11.82 3.53
N GLU A 100 3.76 -11.70 2.89
CA GLU A 100 3.22 -12.84 2.09
C GLU A 100 3.54 -12.61 0.62
N LYS A 101 4.59 -13.22 0.12
CA LYS A 101 4.94 -13.03 -1.31
C LYS A 101 5.77 -14.22 -1.80
N ASP A 102 6.07 -14.26 -3.08
CA ASP A 102 6.87 -15.38 -3.62
C ASP A 102 5.98 -16.62 -3.81
N GLY A 103 4.76 -16.55 -3.38
CA GLY A 103 3.85 -17.72 -3.54
C GLY A 103 4.05 -18.67 -2.35
N LYS A 104 4.41 -18.15 -1.22
CA LYS A 104 4.62 -19.02 -0.03
C LYS A 104 3.70 -18.57 1.11
N ALA A 105 3.11 -17.41 0.98
CA ALA A 105 2.20 -16.92 2.06
C ALA A 105 2.86 -17.17 3.42
N THR A 106 4.05 -16.66 3.62
CA THR A 106 4.75 -16.86 4.91
C THR A 106 3.75 -16.65 6.06
N GLY A 107 2.97 -15.62 6.01
CA GLY A 107 1.98 -15.36 7.09
C GLY A 107 2.45 -14.17 7.92
N TRP A 108 3.70 -13.81 7.81
CA TRP A 108 4.21 -12.65 8.59
C TRP A 108 3.27 -11.47 8.43
N SER A 109 3.05 -10.73 9.47
CA SER A 109 2.15 -9.55 9.37
C SER A 109 2.38 -8.64 10.58
N ALA A 110 2.96 -7.49 10.36
CA ALA A 110 3.22 -6.56 11.48
C ALA A 110 2.09 -5.53 11.57
N PHE A 111 1.90 -4.95 12.73
CA PHE A 111 0.81 -3.94 12.88
C PHE A 111 1.42 -2.60 13.30
N TYR A 112 0.97 -1.53 12.72
CA TYR A 112 1.50 -0.19 13.09
C TYR A 112 0.72 0.34 14.29
N VAL A 113 1.30 0.30 15.46
CA VAL A 113 0.58 0.81 16.65
C VAL A 113 0.91 2.30 16.80
N ASP A 114 1.07 2.78 18.00
CA ASP A 114 1.43 4.23 18.17
C ASP A 114 2.84 4.39 17.65
N GLY A 115 3.00 4.60 16.38
CA GLY A 115 4.38 4.67 15.84
C GLY A 115 5.09 3.44 16.38
N LYS A 116 4.32 2.40 16.67
CA LYS A 116 4.91 1.18 17.27
C LYS A 116 4.59 -0.06 16.42
N TRP A 117 5.29 -0.27 15.34
CA TRP A 117 5.02 -1.48 14.52
C TRP A 117 5.12 -2.72 15.42
N VAL A 118 4.48 -3.78 15.05
CA VAL A 118 4.54 -5.01 15.90
C VAL A 118 4.61 -6.25 15.00
N GLU A 119 4.74 -7.41 15.58
CA GLU A 119 4.79 -8.65 14.76
C GLU A 119 3.68 -9.61 15.19
N GLY A 120 2.95 -10.14 14.26
CA GLY A 120 1.85 -11.08 14.61
C GLY A 120 2.14 -12.45 14.00
N LYS A 121 3.00 -12.51 13.03
CA LYS A 121 3.32 -13.82 12.38
C LYS A 121 4.83 -13.95 12.23
N LYS A 122 5.46 -14.72 13.08
CA LYS A 122 6.93 -14.90 12.98
C LYS A 122 7.63 -13.56 13.22
N MET A 1 -18.91 12.46 -1.09
CA MET A 1 -19.81 13.48 -0.47
C MET A 1 -21.21 12.90 -0.31
N ASN A 2 -21.80 12.45 -1.39
CA ASN A 2 -23.17 11.87 -1.30
C ASN A 2 -23.08 10.34 -1.29
N GLY A 3 -21.91 9.80 -1.48
CA GLY A 3 -21.76 8.32 -1.48
C GLY A 3 -21.19 7.87 -2.82
N GLU A 4 -20.28 8.62 -3.38
CA GLU A 4 -19.68 8.22 -4.69
C GLU A 4 -18.51 7.27 -4.45
N VAL A 5 -18.26 6.38 -5.37
CA VAL A 5 -17.13 5.42 -5.19
C VAL A 5 -16.09 5.66 -6.29
N ALA A 6 -14.96 6.20 -5.94
CA ALA A 6 -13.90 6.45 -6.97
C ALA A 6 -14.51 7.21 -8.15
N PRO A 7 -14.65 8.50 -7.99
CA PRO A 7 -15.21 9.35 -9.03
C PRO A 7 -14.53 9.08 -10.37
N PRO A 8 -15.10 9.62 -11.43
CA PRO A 8 -14.56 9.45 -12.77
C PRO A 8 -13.06 9.78 -12.79
N LYS A 9 -12.65 10.79 -12.08
CA LYS A 9 -11.21 11.15 -12.07
C LYS A 9 -10.76 11.43 -10.63
N GLU A 10 -9.55 11.89 -10.46
CA GLU A 10 -9.05 12.17 -9.09
C GLU A 10 -7.54 12.41 -9.15
N ASP A 11 -7.02 13.24 -8.29
CA ASP A 11 -5.55 13.51 -8.31
C ASP A 11 -4.99 13.39 -6.88
N PRO A 12 -5.00 12.19 -6.36
CA PRO A 12 -4.50 11.91 -5.03
C PRO A 12 -2.97 11.90 -5.04
N VAL A 13 -2.38 10.75 -5.26
CA VAL A 13 -0.89 10.67 -5.30
C VAL A 13 -0.47 9.79 -6.48
N PRO A 14 -0.78 10.22 -7.66
CA PRO A 14 -0.46 9.49 -8.88
C PRO A 14 1.03 9.12 -8.89
N LEU A 15 1.36 7.89 -9.20
CA LEU A 15 2.79 7.50 -9.25
C LEU A 15 3.16 7.00 -10.66
N PRO A 16 2.81 7.77 -11.66
CA PRO A 16 3.11 7.47 -13.05
C PRO A 16 4.48 6.77 -13.19
N GLU A 17 5.39 6.99 -12.27
CA GLU A 17 6.72 6.33 -12.39
C GLU A 17 6.64 4.86 -11.94
N LEU A 18 5.47 4.27 -11.96
CA LEU A 18 5.33 2.85 -11.55
C LEU A 18 4.28 2.19 -12.45
N PRO A 19 4.75 1.55 -13.49
CA PRO A 19 3.87 0.88 -14.43
C PRO A 19 2.83 0.03 -13.71
N CYS A 20 1.63 -0.02 -14.23
CA CYS A 20 0.55 -0.82 -13.58
C CYS A 20 0.46 -2.19 -14.26
N GLU A 21 -0.20 -2.26 -15.39
CA GLU A 21 -0.33 -3.56 -16.10
C GLU A 21 0.79 -3.69 -17.13
N LYS A 22 1.99 -3.32 -16.76
CA LYS A 22 3.12 -3.42 -17.72
C LYS A 22 2.77 -2.67 -19.00
N SER A 23 1.81 -1.79 -18.94
CA SER A 23 1.42 -1.02 -20.15
C SER A 23 1.66 0.47 -19.91
N ASP A 24 0.92 1.31 -20.58
CA ASP A 24 1.11 2.77 -20.38
C ASP A 24 0.41 3.21 -19.09
N ALA A 25 -0.14 2.28 -18.37
CA ALA A 25 -0.83 2.63 -17.10
C ALA A 25 0.19 2.71 -15.96
N TYR A 26 -0.20 3.26 -14.85
CA TYR A 26 0.75 3.36 -13.70
C TYR A 26 0.00 3.10 -12.39
N PHE A 27 0.59 3.41 -11.28
CA PHE A 27 -0.10 3.16 -9.98
C PHE A 27 -0.37 4.48 -9.24
N VAL A 28 -1.54 5.04 -9.40
CA VAL A 28 -1.84 6.31 -8.68
C VAL A 28 -2.27 5.98 -7.24
N LEU A 29 -1.39 6.18 -6.30
CA LEU A 29 -1.73 5.88 -4.89
C LEU A 29 -3.00 6.64 -4.49
N ARG A 30 -4.09 5.93 -4.33
CA ARG A 30 -5.36 6.59 -3.93
C ARG A 30 -5.64 6.27 -2.46
N ASP A 31 -6.82 6.57 -1.99
CA ASP A 31 -7.15 6.28 -0.57
C ASP A 31 -8.63 5.93 -0.44
N GLY A 32 -8.95 4.67 -0.39
CA GLY A 32 -10.38 4.26 -0.27
C GLY A 32 -10.85 4.51 1.17
N ALA A 33 -11.97 3.93 1.54
CA ALA A 33 -12.49 4.13 2.93
C ALA A 33 -12.12 2.92 3.78
N ALA A 34 -11.20 2.12 3.33
CA ALA A 34 -10.80 0.91 4.12
C ALA A 34 -9.28 0.86 4.25
N GLY A 35 -8.59 1.81 3.69
CA GLY A 35 -7.10 1.80 3.77
C GLY A 35 -6.51 2.41 2.50
N VAL A 36 -5.33 2.94 2.59
CA VAL A 36 -4.70 3.56 1.38
C VAL A 36 -4.30 2.45 0.41
N PHE A 37 -3.93 2.81 -0.80
CA PHE A 37 -3.53 1.77 -1.79
C PHE A 37 -3.14 2.46 -3.10
N LEU A 38 -2.93 1.70 -4.14
CA LEU A 38 -2.55 2.31 -5.45
C LEU A 38 -3.28 1.58 -6.58
N ALA A 39 -4.31 2.18 -7.12
CA ALA A 39 -5.07 1.53 -8.22
C ALA A 39 -4.45 1.93 -9.56
N ALA A 40 -4.61 1.12 -10.56
CA ALA A 40 -4.04 1.46 -11.90
C ALA A 40 -4.84 2.62 -12.51
N ASN A 41 -4.17 3.53 -13.16
CA ASN A 41 -4.89 4.69 -13.77
C ASN A 41 -5.80 4.19 -14.89
N THR A 42 -5.42 3.16 -15.58
CA THR A 42 -6.26 2.64 -16.69
C THR A 42 -7.45 1.86 -16.11
N PHE A 43 -7.50 1.72 -14.81
CA PHE A 43 -8.62 0.98 -14.16
C PHE A 43 -9.93 1.26 -14.91
N PRO A 44 -10.78 0.26 -15.00
CA PRO A 44 -10.51 -1.06 -14.43
C PRO A 44 -9.51 -1.84 -15.30
N LYS A 45 -9.07 -1.26 -16.38
CA LYS A 45 -8.10 -1.97 -17.27
C LYS A 45 -7.06 -2.72 -16.41
N SER A 46 -6.76 -2.20 -15.25
CA SER A 46 -5.78 -2.88 -14.38
C SER A 46 -6.28 -2.86 -12.93
N ARG A 47 -6.81 -3.96 -12.47
CA ARG A 47 -7.33 -3.99 -11.07
C ARG A 47 -6.20 -4.41 -10.12
N GLU A 48 -5.00 -3.93 -10.37
CA GLU A 48 -3.86 -4.29 -9.48
C GLU A 48 -3.83 -3.33 -8.29
N THR A 49 -4.95 -3.14 -7.63
CA THR A 49 -4.98 -2.21 -6.47
C THR A 49 -4.95 -3.03 -5.17
N ARG A 50 -4.62 -2.40 -4.07
CA ARG A 50 -4.59 -3.14 -2.78
C ARG A 50 -3.88 -2.28 -1.73
N ALA A 51 -2.58 -2.33 -1.70
CA ALA A 51 -1.83 -1.51 -0.69
C ALA A 51 -0.41 -1.26 -1.20
N PRO A 52 0.20 -0.22 -0.71
CA PRO A 52 1.55 0.17 -1.12
C PRO A 52 2.60 -0.74 -0.46
N LEU A 53 3.29 -1.51 -1.26
CA LEU A 53 4.35 -2.39 -0.69
C LEU A 53 5.28 -1.54 0.18
N VAL A 54 5.73 -2.05 1.29
CA VAL A 54 6.63 -1.24 2.16
C VAL A 54 7.82 -0.74 1.34
N GLU A 55 8.47 -1.63 0.64
CA GLU A 55 9.64 -1.20 -0.19
C GLU A 55 9.20 -0.16 -1.20
N GLU A 56 8.00 -0.26 -1.71
CA GLU A 56 7.52 0.74 -2.70
C GLU A 56 7.41 2.10 -2.01
N LEU A 57 7.03 2.11 -0.75
CA LEU A 57 6.91 3.40 -0.03
C LEU A 57 8.30 4.05 0.08
N TYR A 58 9.31 3.27 0.33
CA TYR A 58 10.68 3.85 0.46
C TYR A 58 11.16 4.31 -0.92
N ARG A 59 10.79 3.60 -1.96
CA ARG A 59 11.22 4.00 -3.33
C ARG A 59 10.59 5.34 -3.70
N PHE A 60 9.44 5.63 -3.14
CA PHE A 60 8.77 6.92 -3.47
C PHE A 60 8.78 7.82 -2.23
N ARG A 61 9.80 7.72 -1.42
CA ARG A 61 9.87 8.58 -0.20
C ARG A 61 9.98 10.04 -0.62
N ASP A 62 10.62 10.31 -1.72
CA ASP A 62 10.77 11.72 -2.18
C ASP A 62 9.38 12.28 -2.54
N ARG A 63 8.42 11.43 -2.74
CA ARG A 63 7.05 11.91 -3.09
C ARG A 63 6.08 11.53 -1.96
N LEU A 64 6.60 11.07 -0.85
CA LEU A 64 5.71 10.68 0.28
C LEU A 64 5.05 11.94 0.86
N PRO A 65 3.74 12.02 0.75
CA PRO A 65 2.98 13.15 1.28
C PRO A 65 2.81 13.03 2.80
N GLU A 66 3.63 12.25 3.46
CA GLU A 66 3.54 12.09 4.94
C GLU A 66 2.27 11.30 5.35
N LYS A 67 1.28 11.22 4.51
CA LYS A 67 0.05 10.45 4.88
C LYS A 67 0.37 8.95 4.96
N LEU A 68 1.60 8.57 4.76
CA LEU A 68 1.95 7.12 4.81
C LEU A 68 3.40 6.98 5.29
N ARG A 69 3.95 8.00 5.89
CA ARG A 69 5.36 7.91 6.37
C ARG A 69 5.54 6.64 7.20
N TYR A 70 4.82 6.53 8.29
CA TYR A 70 4.94 5.31 9.15
C TYR A 70 4.91 4.06 8.27
N LEU A 71 4.09 4.05 7.25
CA LEU A 71 4.01 2.86 6.35
C LEU A 71 5.38 2.64 5.69
N ALA A 72 6.00 3.69 5.22
CA ALA A 72 7.32 3.53 4.56
C ALA A 72 8.40 3.30 5.64
N ASP A 73 8.03 3.40 6.89
CA ASP A 73 9.03 3.19 7.97
C ASP A 73 8.94 1.74 8.46
N ALA A 74 7.95 1.01 8.02
CA ALA A 74 7.81 -0.41 8.46
C ALA A 74 8.72 -1.30 7.61
N PRO A 75 9.00 -2.47 8.12
CA PRO A 75 9.86 -3.42 7.43
C PRO A 75 9.34 -3.64 6.00
N GLN A 76 10.17 -4.15 5.12
CA GLN A 76 9.71 -4.38 3.72
C GLN A 76 10.17 -5.76 3.26
N GLN A 77 10.09 -6.74 4.11
CA GLN A 77 10.51 -8.11 3.70
C GLN A 77 10.71 -9.01 4.93
N ASP A 78 10.06 -8.73 6.03
CA ASP A 78 10.24 -9.58 7.25
C ASP A 78 11.74 -9.72 7.56
N PRO A 79 12.05 -10.32 8.68
CA PRO A 79 13.44 -10.50 9.11
C PRO A 79 14.16 -11.61 8.32
N GLU A 80 13.62 -12.02 7.21
CA GLU A 80 14.27 -13.09 6.42
C GLU A 80 14.54 -12.59 5.01
N GLY A 81 13.62 -11.85 4.45
CA GLY A 81 13.82 -11.31 3.08
C GLY A 81 12.47 -11.33 2.33
N ASN A 82 11.63 -12.28 2.63
CA ASN A 82 10.30 -12.34 1.95
C ASN A 82 9.72 -10.93 1.90
N LYS A 83 9.88 -10.25 0.79
CA LYS A 83 9.35 -8.86 0.66
C LYS A 83 8.06 -8.71 1.46
N THR A 84 7.82 -7.55 1.97
CA THR A 84 6.59 -7.34 2.79
C THR A 84 5.82 -6.13 2.26
N MET A 85 4.57 -6.29 2.00
CA MET A 85 3.77 -5.15 1.48
C MET A 85 2.90 -4.56 2.59
N VAL A 86 2.38 -3.39 2.38
CA VAL A 86 1.53 -2.77 3.43
C VAL A 86 0.11 -3.32 3.33
N ARG A 87 -0.56 -3.45 4.44
CA ARG A 87 -1.96 -3.97 4.43
C ARG A 87 -2.83 -3.07 5.30
N PHE A 88 -4.04 -3.47 5.58
CA PHE A 88 -4.91 -2.62 6.44
C PHE A 88 -5.72 -3.51 7.38
N SER A 89 -5.91 -3.07 8.60
CA SER A 89 -6.69 -3.86 9.58
C SER A 89 -7.92 -3.06 10.00
N ARG A 90 -9.08 -3.65 9.98
CA ARG A 90 -10.30 -2.91 10.39
C ARG A 90 -10.51 -3.06 11.90
N LYS A 91 -9.85 -4.01 12.50
CA LYS A 91 -10.01 -4.21 13.97
C LYS A 91 -9.45 -2.97 14.69
N THR A 92 -8.56 -2.26 14.05
CA THR A 92 -7.97 -1.05 14.69
C THR A 92 -7.83 0.06 13.66
N LYS A 93 -8.35 -0.14 12.48
CA LYS A 93 -8.24 0.91 11.43
C LYS A 93 -6.78 1.39 11.35
N GLN A 94 -5.87 0.49 11.10
CA GLN A 94 -4.43 0.91 11.01
C GLN A 94 -3.77 0.20 9.83
N GLN A 95 -2.47 0.31 9.72
CA GLN A 95 -1.76 -0.34 8.58
C GLN A 95 -0.92 -1.50 9.10
N TYR A 96 -1.00 -2.64 8.46
CA TYR A 96 -0.18 -3.80 8.91
C TYR A 96 0.47 -4.43 7.67
N VAL A 97 1.77 -4.60 7.67
CA VAL A 97 2.44 -5.20 6.48
C VAL A 97 2.46 -6.72 6.63
N SER A 98 2.77 -7.40 5.56
CA SER A 98 2.82 -8.88 5.62
C SER A 98 3.82 -9.40 4.58
N SER A 99 4.78 -10.18 4.99
CA SER A 99 5.78 -10.72 4.03
C SER A 99 5.08 -11.75 3.12
N GLU A 100 5.13 -11.55 1.84
CA GLU A 100 4.48 -12.53 0.92
C GLU A 100 5.48 -12.95 -0.16
N LYS A 101 5.86 -14.20 -0.19
CA LYS A 101 6.83 -14.67 -1.20
C LYS A 101 6.34 -14.32 -2.60
N ASP A 102 6.93 -14.91 -3.61
CA ASP A 102 6.51 -14.62 -5.01
C ASP A 102 5.02 -14.94 -5.19
N GLY A 103 4.44 -15.65 -4.27
CA GLY A 103 2.99 -15.98 -4.39
C GLY A 103 2.66 -17.19 -3.52
N LYS A 104 3.02 -17.14 -2.27
CA LYS A 104 2.72 -18.30 -1.36
C LYS A 104 2.28 -17.79 0.01
N ALA A 105 2.11 -16.50 0.15
CA ALA A 105 1.69 -15.94 1.47
C ALA A 105 2.44 -16.66 2.58
N THR A 106 3.65 -16.25 2.84
CA THR A 106 4.45 -16.92 3.92
C THR A 106 3.64 -16.94 5.21
N GLY A 107 3.95 -16.08 6.14
CA GLY A 107 3.19 -16.06 7.43
C GLY A 107 3.65 -14.87 8.27
N TRP A 108 4.13 -13.84 7.64
CA TRP A 108 4.59 -12.65 8.40
C TRP A 108 3.58 -11.51 8.25
N SER A 109 3.25 -10.87 9.34
CA SER A 109 2.26 -9.75 9.27
C SER A 109 2.56 -8.77 10.41
N ALA A 110 3.24 -7.69 10.13
CA ALA A 110 3.56 -6.71 11.20
C ALA A 110 2.43 -5.68 11.32
N PHE A 111 2.29 -5.09 12.48
CA PHE A 111 1.21 -4.08 12.67
C PHE A 111 1.80 -2.76 13.16
N TYR A 112 1.31 -1.66 12.67
CA TYR A 112 1.85 -0.34 13.12
C TYR A 112 1.07 0.12 14.36
N VAL A 113 1.67 0.01 15.52
CA VAL A 113 0.97 0.45 16.75
C VAL A 113 1.29 1.93 16.97
N ASP A 114 1.41 2.36 18.19
CA ASP A 114 1.74 3.79 18.44
C ASP A 114 3.16 4.00 17.96
N GLY A 115 3.35 4.29 16.70
CA GLY A 115 4.72 4.41 16.19
C GLY A 115 5.45 3.16 16.65
N LYS A 116 4.68 2.10 16.87
CA LYS A 116 5.29 0.85 17.39
C LYS A 116 4.97 -0.34 16.47
N TRP A 117 5.67 -0.48 15.38
CA TRP A 117 5.39 -1.63 14.49
C TRP A 117 5.48 -2.92 15.31
N VAL A 118 4.89 -3.98 14.83
CA VAL A 118 4.93 -5.27 15.59
C VAL A 118 4.93 -6.44 14.61
N GLU A 119 4.84 -7.64 15.11
CA GLU A 119 4.83 -8.82 14.20
C GLU A 119 4.05 -9.96 14.85
N GLY A 120 2.96 -10.37 14.24
CA GLY A 120 2.16 -11.49 14.83
C GLY A 120 2.26 -12.71 13.93
N LYS A 121 1.15 -13.23 13.48
CA LYS A 121 1.17 -14.43 12.61
C LYS A 121 -0.22 -14.68 12.01
N LYS A 122 -0.56 -13.96 10.98
CA LYS A 122 -1.91 -14.15 10.36
C LYS A 122 -1.78 -14.10 8.83
N MET A 1 -15.09 11.43 12.05
CA MET A 1 -15.01 10.83 10.70
C MET A 1 -16.28 11.16 9.91
N ASN A 2 -16.24 12.19 9.11
CA ASN A 2 -17.44 12.58 8.32
C ASN A 2 -17.14 12.41 6.83
N GLY A 3 -16.82 11.22 6.40
CA GLY A 3 -16.52 11.01 4.96
C GLY A 3 -15.83 9.65 4.79
N GLU A 4 -14.71 9.62 4.12
CA GLU A 4 -13.99 8.33 3.91
C GLU A 4 -14.82 7.44 2.98
N VAL A 5 -15.57 8.02 2.09
CA VAL A 5 -16.38 7.20 1.16
C VAL A 5 -16.17 7.70 -0.28
N ALA A 6 -14.94 7.80 -0.70
CA ALA A 6 -14.67 8.28 -2.09
C ALA A 6 -15.38 9.62 -2.32
N PRO A 7 -14.92 10.63 -1.63
CA PRO A 7 -15.49 11.97 -1.74
C PRO A 7 -15.60 12.37 -3.21
N PRO A 8 -16.08 13.57 -3.44
CA PRO A 8 -16.24 14.10 -4.79
C PRO A 8 -14.94 13.93 -5.58
N LYS A 9 -13.91 14.67 -5.23
CA LYS A 9 -12.62 14.56 -5.97
C LYS A 9 -11.75 13.50 -5.29
N GLU A 10 -10.73 13.03 -5.98
CA GLU A 10 -9.83 12.00 -5.38
C GLU A 10 -8.38 12.42 -5.56
N ASP A 11 -7.89 12.35 -6.77
CA ASP A 11 -6.48 12.72 -7.04
C ASP A 11 -5.58 12.19 -5.91
N PRO A 12 -5.62 10.89 -5.72
CA PRO A 12 -4.82 10.25 -4.67
C PRO A 12 -3.33 10.56 -4.91
N VAL A 13 -2.48 9.60 -4.68
CA VAL A 13 -1.03 9.82 -4.91
C VAL A 13 -0.64 9.17 -6.24
N PRO A 14 -0.64 9.95 -7.29
CA PRO A 14 -0.30 9.43 -8.61
C PRO A 14 1.16 8.97 -8.61
N LEU A 15 1.41 7.76 -9.05
CA LEU A 15 2.82 7.27 -9.05
C LEU A 15 3.32 7.00 -10.48
N PRO A 16 3.14 7.96 -11.35
CA PRO A 16 3.61 7.87 -12.72
C PRO A 16 4.96 7.13 -12.78
N GLU A 17 5.87 7.44 -11.90
CA GLU A 17 7.19 6.75 -11.91
C GLU A 17 6.98 5.26 -12.14
N LEU A 18 6.13 4.66 -11.35
CA LEU A 18 5.85 3.20 -11.49
C LEU A 18 4.73 3.03 -12.53
N PRO A 19 5.06 2.39 -13.64
CA PRO A 19 4.11 2.17 -14.72
C PRO A 19 3.03 1.15 -14.32
N CYS A 20 1.85 1.29 -14.86
CA CYS A 20 0.75 0.35 -14.53
C CYS A 20 0.31 -0.40 -15.80
N GLU A 21 0.68 -1.65 -15.91
CA GLU A 21 0.28 -2.44 -17.11
C GLU A 21 1.08 -1.96 -18.32
N LYS A 22 1.98 -1.03 -18.14
CA LYS A 22 2.77 -0.53 -19.29
C LYS A 22 1.84 0.02 -20.37
N SER A 23 0.75 0.63 -19.97
CA SER A 23 -0.20 1.18 -20.97
C SER A 23 -0.24 2.71 -20.84
N ASP A 24 0.84 3.30 -20.41
CA ASP A 24 0.88 4.77 -20.24
C ASP A 24 0.23 5.12 -18.91
N ALA A 25 -0.31 4.14 -18.23
CA ALA A 25 -0.95 4.40 -16.93
C ALA A 25 0.10 4.27 -15.83
N TYR A 26 -0.30 4.45 -14.60
CA TYR A 26 0.69 4.33 -13.50
C TYR A 26 -0.03 3.87 -12.23
N PHE A 27 0.60 4.00 -11.09
CA PHE A 27 -0.07 3.53 -9.84
C PHE A 27 -0.50 4.72 -8.98
N VAL A 28 -1.68 5.22 -9.20
CA VAL A 28 -2.19 6.35 -8.38
C VAL A 28 -2.67 5.81 -7.03
N LEU A 29 -1.79 5.72 -6.06
CA LEU A 29 -2.17 5.19 -4.72
C LEU A 29 -3.59 5.64 -4.35
N ARG A 30 -4.57 4.82 -4.64
CA ARG A 30 -5.97 5.18 -4.30
C ARG A 30 -6.35 4.55 -2.97
N ASP A 31 -7.38 5.03 -2.33
CA ASP A 31 -7.79 4.43 -1.02
C ASP A 31 -9.21 3.89 -1.13
N GLY A 32 -9.39 2.63 -0.91
CA GLY A 32 -10.75 2.03 -0.99
C GLY A 32 -11.49 2.25 0.33
N ALA A 33 -11.97 1.18 0.93
CA ALA A 33 -12.69 1.33 2.22
C ALA A 33 -11.77 0.90 3.37
N ALA A 34 -11.42 1.81 4.23
CA ALA A 34 -10.52 1.46 5.37
C ALA A 34 -9.36 0.59 4.86
N GLY A 35 -8.77 0.97 3.76
CA GLY A 35 -7.64 0.16 3.21
C GLY A 35 -7.00 0.92 2.05
N VAL A 36 -5.74 1.25 2.19
CA VAL A 36 -5.04 2.00 1.10
C VAL A 36 -4.53 1.00 0.07
N PHE A 37 -4.15 1.46 -1.09
CA PHE A 37 -3.64 0.55 -2.14
C PHE A 37 -3.21 1.35 -3.37
N LEU A 38 -2.71 0.68 -4.38
CA LEU A 38 -2.27 1.41 -5.60
C LEU A 38 -3.05 0.89 -6.81
N ALA A 39 -3.99 1.65 -7.29
CA ALA A 39 -4.77 1.20 -8.47
C ALA A 39 -4.21 1.86 -9.73
N ALA A 40 -4.30 1.20 -10.85
CA ALA A 40 -3.77 1.79 -12.11
C ALA A 40 -4.59 3.04 -12.44
N ASN A 41 -3.94 4.09 -12.84
CA ASN A 41 -4.68 5.35 -13.16
C ASN A 41 -5.51 5.15 -14.43
N THR A 42 -5.37 4.03 -15.08
CA THR A 42 -6.15 3.79 -16.33
C THR A 42 -7.33 2.86 -16.01
N PHE A 43 -7.54 2.56 -14.75
CA PHE A 43 -8.68 1.67 -14.35
C PHE A 43 -9.91 2.00 -15.20
N PRO A 44 -10.68 1.00 -15.53
CA PRO A 44 -10.41 -0.39 -15.13
C PRO A 44 -9.35 -1.02 -16.04
N LYS A 45 -8.82 -0.28 -16.97
CA LYS A 45 -7.78 -0.83 -17.87
C LYS A 45 -6.84 -1.75 -17.08
N SER A 46 -6.67 -1.46 -15.82
CA SER A 46 -5.78 -2.30 -14.97
C SER A 46 -6.42 -2.46 -13.61
N ARG A 47 -6.73 -3.67 -13.22
CA ARG A 47 -7.37 -3.88 -11.89
C ARG A 47 -6.28 -4.08 -10.84
N GLU A 48 -5.07 -3.72 -11.16
CA GLU A 48 -3.96 -3.87 -10.18
C GLU A 48 -4.25 -3.02 -8.95
N THR A 49 -4.78 -3.60 -7.91
CA THR A 49 -5.11 -2.80 -6.70
C THR A 49 -4.71 -3.59 -5.44
N ARG A 50 -4.01 -2.96 -4.54
CA ARG A 50 -3.61 -3.67 -3.29
C ARG A 50 -2.60 -2.80 -2.53
N ALA A 51 -2.40 -3.07 -1.27
CA ALA A 51 -1.42 -2.27 -0.48
C ALA A 51 -0.07 -2.28 -1.20
N PRO A 52 0.65 -1.19 -1.07
CA PRO A 52 1.95 -1.05 -1.72
C PRO A 52 3.05 -1.79 -0.94
N LEU A 53 3.92 -2.46 -1.65
CA LEU A 53 5.05 -3.17 -0.99
C LEU A 53 5.82 -2.17 -0.12
N VAL A 54 6.27 -2.58 1.03
CA VAL A 54 7.01 -1.63 1.91
C VAL A 54 8.28 -1.15 1.19
N GLU A 55 8.84 -1.97 0.34
CA GLU A 55 10.06 -1.56 -0.39
C GLU A 55 9.68 -0.56 -1.49
N GLU A 56 8.51 -0.69 -2.04
CA GLU A 56 8.10 0.26 -3.11
C GLU A 56 7.73 1.60 -2.48
N LEU A 57 7.24 1.56 -1.27
CA LEU A 57 6.87 2.83 -0.58
C LEU A 57 8.14 3.52 -0.08
N TYR A 58 9.17 2.75 0.19
CA TYR A 58 10.44 3.36 0.67
C TYR A 58 11.14 4.08 -0.49
N ARG A 59 11.11 3.49 -1.65
CA ARG A 59 11.76 4.13 -2.82
C ARG A 59 10.96 5.36 -3.25
N PHE A 60 9.66 5.30 -3.09
CA PHE A 60 8.81 6.46 -3.48
C PHE A 60 8.72 7.44 -2.31
N ARG A 61 9.59 7.32 -1.35
CA ARG A 61 9.57 8.24 -0.18
C ARG A 61 9.66 9.69 -0.67
N ASP A 62 10.44 9.93 -1.69
CA ASP A 62 10.58 11.32 -2.21
C ASP A 62 9.22 11.82 -2.73
N ARG A 63 8.46 10.95 -3.34
CA ARG A 63 7.14 11.37 -3.87
C ARG A 63 6.05 11.10 -2.81
N LEU A 64 6.43 10.49 -1.71
CA LEU A 64 5.43 10.20 -0.65
C LEU A 64 4.83 11.51 -0.12
N PRO A 65 3.52 11.57 -0.05
CA PRO A 65 2.83 12.75 0.46
C PRO A 65 2.89 12.82 1.99
N GLU A 66 3.72 12.01 2.60
CA GLU A 66 3.85 11.98 4.09
C GLU A 66 2.59 11.40 4.75
N LYS A 67 1.49 11.27 4.05
CA LYS A 67 0.27 10.69 4.68
C LYS A 67 0.44 9.17 4.85
N LEU A 68 1.63 8.66 4.61
CA LEU A 68 1.85 7.20 4.77
C LEU A 68 3.28 6.96 5.24
N ARG A 69 3.93 7.99 5.73
CA ARG A 69 5.33 7.82 6.21
C ARG A 69 5.45 6.54 7.02
N TYR A 70 4.69 6.40 8.06
CA TYR A 70 4.76 5.17 8.89
C TYR A 70 4.81 3.94 7.99
N LEU A 71 3.98 3.89 6.99
CA LEU A 71 3.99 2.71 6.07
C LEU A 71 5.34 2.61 5.38
N ALA A 72 5.90 3.72 4.96
CA ALA A 72 7.22 3.68 4.29
C ALA A 72 8.32 3.35 5.31
N ASP A 73 8.01 3.43 6.57
CA ASP A 73 9.03 3.14 7.61
C ASP A 73 8.92 1.68 8.04
N ALA A 74 7.88 1.00 7.62
CA ALA A 74 7.72 -0.43 8.00
C ALA A 74 8.75 -1.28 7.25
N PRO A 75 8.89 -2.52 7.68
CA PRO A 75 9.82 -3.46 7.07
C PRO A 75 9.34 -3.82 5.66
N GLN A 76 10.21 -4.37 4.85
CA GLN A 76 9.78 -4.74 3.47
C GLN A 76 10.29 -6.14 3.12
N GLN A 77 10.23 -7.05 4.06
CA GLN A 77 10.69 -8.45 3.78
C GLN A 77 10.94 -9.19 5.10
N ASP A 78 11.16 -8.47 6.17
CA ASP A 78 11.42 -9.14 7.47
C ASP A 78 12.88 -9.63 7.52
N PRO A 79 13.36 -9.88 8.71
CA PRO A 79 14.74 -10.34 8.91
C PRO A 79 15.03 -11.58 8.07
N GLU A 80 14.01 -12.23 7.54
CA GLU A 80 14.26 -13.45 6.72
C GLU A 80 14.46 -13.05 5.26
N GLY A 81 13.66 -12.16 4.76
CA GLY A 81 13.81 -11.73 3.34
C GLY A 81 12.45 -11.76 2.63
N ASN A 82 11.60 -12.70 2.99
CA ASN A 82 10.27 -12.76 2.33
C ASN A 82 9.68 -11.35 2.26
N LYS A 83 9.83 -10.70 1.12
CA LYS A 83 9.32 -9.32 0.95
C LYS A 83 8.07 -9.09 1.79
N THR A 84 7.87 -7.88 2.24
CA THR A 84 6.68 -7.60 3.07
C THR A 84 5.98 -6.36 2.53
N MET A 85 4.71 -6.48 2.23
CA MET A 85 3.97 -5.31 1.67
C MET A 85 3.04 -4.73 2.73
N VAL A 86 2.18 -3.83 2.33
CA VAL A 86 1.25 -3.21 3.31
C VAL A 86 -0.09 -3.96 3.33
N ARG A 87 -0.84 -3.78 4.38
CA ARG A 87 -2.17 -4.42 4.52
C ARG A 87 -3.06 -3.49 5.34
N PHE A 88 -4.20 -3.93 5.77
CA PHE A 88 -5.06 -3.03 6.59
C PHE A 88 -5.82 -3.85 7.65
N SER A 89 -6.25 -3.20 8.69
CA SER A 89 -7.01 -3.91 9.75
C SER A 89 -8.12 -2.99 10.25
N ARG A 90 -9.33 -3.45 10.27
CA ARG A 90 -10.45 -2.59 10.76
C ARG A 90 -10.60 -2.74 12.26
N LYS A 91 -10.21 -3.86 12.80
CA LYS A 91 -10.32 -4.05 14.28
C LYS A 91 -9.71 -2.83 14.97
N THR A 92 -8.77 -2.19 14.31
CA THR A 92 -8.13 -0.99 14.93
C THR A 92 -8.14 0.15 13.91
N LYS A 93 -8.64 -0.09 12.72
CA LYS A 93 -8.68 0.98 11.70
C LYS A 93 -7.26 1.51 11.48
N GLN A 94 -6.32 0.63 11.23
CA GLN A 94 -4.92 1.08 11.02
C GLN A 94 -4.28 0.32 9.87
N GLN A 95 -2.99 0.46 9.70
CA GLN A 95 -2.28 -0.27 8.60
C GLN A 95 -1.36 -1.33 9.19
N TYR A 96 -1.16 -2.41 8.49
CA TYR A 96 -0.26 -3.48 9.00
C TYR A 96 0.41 -4.16 7.80
N VAL A 97 1.69 -4.41 7.86
CA VAL A 97 2.38 -5.06 6.71
C VAL A 97 2.33 -6.57 6.86
N SER A 98 2.62 -7.29 5.82
CA SER A 98 2.59 -8.78 5.90
C SER A 98 3.60 -9.37 4.91
N SER A 99 4.50 -10.18 5.39
CA SER A 99 5.52 -10.79 4.47
C SER A 99 4.81 -11.69 3.46
N GLU A 100 5.50 -12.11 2.45
CA GLU A 100 4.87 -12.98 1.42
C GLU A 100 5.92 -13.92 0.81
N LYS A 101 5.53 -14.80 -0.06
CA LYS A 101 6.50 -15.72 -0.68
C LYS A 101 5.94 -16.29 -1.99
N ASP A 102 6.06 -15.55 -3.06
CA ASP A 102 5.53 -16.05 -4.37
C ASP A 102 4.01 -15.90 -4.39
N GLY A 103 3.44 -15.39 -3.32
CA GLY A 103 1.96 -15.23 -3.29
C GLY A 103 1.34 -16.31 -2.41
N LYS A 104 1.89 -16.53 -1.24
CA LYS A 104 1.33 -17.58 -0.35
C LYS A 104 1.12 -16.98 1.05
N ALA A 105 1.27 -15.69 1.19
CA ALA A 105 1.08 -15.06 2.53
C ALA A 105 1.76 -15.91 3.59
N THR A 106 3.07 -15.86 3.65
CA THR A 106 3.80 -16.66 4.67
C THR A 106 3.08 -16.56 6.01
N GLY A 107 2.50 -15.42 6.31
CA GLY A 107 1.78 -15.27 7.61
C GLY A 107 2.30 -14.02 8.33
N TRP A 108 3.57 -13.75 8.21
CA TRP A 108 4.14 -12.54 8.88
C TRP A 108 3.19 -11.36 8.70
N SER A 109 2.88 -10.66 9.75
CA SER A 109 1.96 -9.49 9.64
C SER A 109 2.28 -8.49 10.73
N ALA A 110 3.03 -7.46 10.42
CA ALA A 110 3.38 -6.45 11.46
C ALA A 110 2.31 -5.36 11.48
N PHE A 111 2.14 -4.71 12.60
CA PHE A 111 1.10 -3.64 12.70
C PHE A 111 1.76 -2.32 13.08
N TYR A 112 1.13 -1.23 12.79
CA TYR A 112 1.73 0.09 13.14
C TYR A 112 1.09 0.63 14.42
N VAL A 113 1.83 0.71 15.48
CA VAL A 113 1.25 1.23 16.75
C VAL A 113 1.61 2.70 16.87
N ASP A 114 1.85 3.19 18.05
CA ASP A 114 2.23 4.63 18.19
C ASP A 114 3.60 4.78 17.60
N GLY A 115 3.69 4.98 16.31
CA GLY A 115 5.03 5.04 15.68
C GLY A 115 5.75 3.80 16.18
N LYS A 116 4.98 2.77 16.51
CA LYS A 116 5.60 1.53 17.05
C LYS A 116 5.17 0.30 16.25
N TRP A 117 5.79 0.04 15.14
CA TRP A 117 5.40 -1.16 14.37
C TRP A 117 5.32 -2.36 15.31
N VAL A 118 4.85 -3.48 14.84
CA VAL A 118 4.76 -4.68 15.74
C VAL A 118 4.90 -5.95 14.90
N GLU A 119 5.18 -7.06 15.53
CA GLU A 119 5.32 -8.33 14.77
C GLU A 119 4.36 -9.38 15.34
N GLY A 120 3.20 -9.50 14.77
CA GLY A 120 2.22 -10.51 15.28
C GLY A 120 2.66 -11.91 14.86
N LYS A 121 2.41 -12.29 13.64
CA LYS A 121 2.82 -13.65 13.18
C LYS A 121 1.82 -14.68 13.72
N LYS A 122 2.05 -15.93 13.44
CA LYS A 122 1.11 -16.98 13.94
C LYS A 122 -0.31 -16.65 13.49
N MET A 1 -24.77 16.52 5.58
CA MET A 1 -23.33 16.61 5.98
C MET A 1 -22.63 15.29 5.65
N ASN A 2 -22.28 15.09 4.41
CA ASN A 2 -21.58 13.83 4.03
C ASN A 2 -20.15 14.14 3.62
N GLY A 3 -19.95 14.65 2.44
CA GLY A 3 -18.56 14.97 1.98
C GLY A 3 -18.34 14.43 0.58
N GLU A 4 -17.46 15.02 -0.17
CA GLU A 4 -17.20 14.53 -1.55
C GLU A 4 -16.66 13.10 -1.49
N VAL A 5 -16.53 12.45 -2.61
CA VAL A 5 -16.01 11.05 -2.62
C VAL A 5 -15.29 10.78 -3.93
N ALA A 6 -14.01 11.06 -3.99
CA ALA A 6 -13.24 10.82 -5.25
C ALA A 6 -13.57 11.91 -6.26
N PRO A 7 -12.93 13.04 -6.11
CA PRO A 7 -13.14 14.17 -7.00
C PRO A 7 -12.99 13.73 -8.47
N PRO A 8 -13.32 14.61 -9.38
CA PRO A 8 -13.24 14.32 -10.80
C PRO A 8 -11.77 14.25 -11.23
N LYS A 9 -10.98 15.20 -10.85
CA LYS A 9 -9.54 15.18 -11.23
C LYS A 9 -8.77 14.30 -10.24
N GLU A 10 -8.97 13.01 -10.31
CA GLU A 10 -8.26 12.10 -9.38
C GLU A 10 -6.75 12.20 -9.60
N ASP A 11 -6.09 13.08 -8.89
CA ASP A 11 -4.62 13.21 -9.06
C ASP A 11 -3.96 13.33 -7.68
N PRO A 12 -4.12 12.28 -6.90
CA PRO A 12 -3.56 12.22 -5.56
C PRO A 12 -2.05 11.95 -5.61
N VAL A 13 -1.67 10.76 -6.02
CA VAL A 13 -0.22 10.43 -6.07
C VAL A 13 0.06 9.54 -7.28
N PRO A 14 -0.15 10.08 -8.45
CA PRO A 14 0.09 9.37 -9.69
C PRO A 14 1.51 8.79 -9.69
N LEU A 15 1.67 7.50 -9.91
CA LEU A 15 3.06 6.94 -9.90
C LEU A 15 3.47 6.45 -11.30
N PRO A 16 3.49 7.35 -12.24
CA PRO A 16 3.92 7.04 -13.60
C PRO A 16 5.13 6.10 -13.60
N GLU A 17 6.16 6.42 -12.85
CA GLU A 17 7.38 5.55 -12.80
C GLU A 17 6.97 4.07 -12.79
N LEU A 18 5.97 3.74 -12.02
CA LEU A 18 5.48 2.33 -11.97
C LEU A 18 4.20 2.25 -12.77
N PRO A 19 4.32 1.86 -14.01
CA PRO A 19 3.17 1.78 -14.87
C PRO A 19 2.23 0.67 -14.42
N CYS A 20 1.05 0.62 -14.99
CA CYS A 20 0.06 -0.44 -14.60
C CYS A 20 -0.31 -1.27 -15.83
N GLU A 21 -0.36 -2.57 -15.69
CA GLU A 21 -0.72 -3.43 -16.85
C GLU A 21 0.24 -3.17 -18.00
N LYS A 22 1.37 -2.55 -17.73
CA LYS A 22 2.35 -2.27 -18.81
C LYS A 22 1.67 -1.42 -19.89
N SER A 23 0.85 -0.49 -19.48
CA SER A 23 0.16 0.38 -20.48
C SER A 23 0.50 1.85 -20.21
N ASP A 24 -0.30 2.76 -20.70
CA ASP A 24 -0.02 4.19 -20.46
C ASP A 24 -0.51 4.58 -19.05
N ALA A 25 -0.96 3.62 -18.30
CA ALA A 25 -1.45 3.92 -16.93
C ALA A 25 -0.32 3.73 -15.93
N TYR A 26 -0.52 4.08 -14.69
CA TYR A 26 0.54 3.92 -13.67
C TYR A 26 -0.10 3.70 -12.30
N PHE A 27 0.68 3.64 -11.26
CA PHE A 27 0.07 3.40 -9.92
C PHE A 27 -0.22 4.73 -9.21
N VAL A 28 -1.31 5.34 -9.55
CA VAL A 28 -1.67 6.62 -8.87
C VAL A 28 -2.21 6.30 -7.48
N LEU A 29 -1.34 6.18 -6.51
CA LEU A 29 -1.79 5.85 -5.14
C LEU A 29 -3.01 6.68 -4.77
N ARG A 30 -3.98 6.07 -4.13
CA ARG A 30 -5.20 6.81 -3.72
C ARG A 30 -5.57 6.41 -2.29
N ASP A 31 -6.72 6.81 -1.82
CA ASP A 31 -7.12 6.45 -0.44
C ASP A 31 -8.62 6.15 -0.41
N GLY A 32 -8.99 4.91 -0.54
CA GLY A 32 -10.44 4.56 -0.51
C GLY A 32 -11.01 4.83 0.88
N ALA A 33 -12.01 4.09 1.27
CA ALA A 33 -12.61 4.30 2.62
C ALA A 33 -12.13 3.21 3.58
N ALA A 34 -10.85 3.03 3.69
CA ALA A 34 -10.32 1.99 4.61
C ALA A 34 -8.79 2.13 4.73
N GLY A 35 -8.11 2.30 3.62
CA GLY A 35 -6.63 2.46 3.68
C GLY A 35 -6.12 2.92 2.31
N VAL A 36 -4.93 3.46 2.27
CA VAL A 36 -4.38 3.92 0.97
C VAL A 36 -4.03 2.72 0.10
N PHE A 37 -3.57 2.95 -1.10
CA PHE A 37 -3.21 1.81 -1.99
C PHE A 37 -2.69 2.36 -3.33
N LEU A 38 -2.36 1.49 -4.25
CA LEU A 38 -1.84 1.96 -5.56
C LEU A 38 -2.73 1.43 -6.69
N ALA A 39 -3.71 2.19 -7.08
CA ALA A 39 -4.61 1.73 -8.18
C ALA A 39 -4.04 2.19 -9.52
N ALA A 40 -4.27 1.42 -10.56
CA ALA A 40 -3.76 1.80 -11.90
C ALA A 40 -4.54 3.03 -12.39
N ASN A 41 -3.91 3.88 -13.14
CA ASN A 41 -4.62 5.11 -13.63
C ASN A 41 -5.55 4.71 -14.77
N THR A 42 -5.47 3.49 -15.24
CA THR A 42 -6.37 3.05 -16.34
C THR A 42 -7.55 2.28 -15.76
N PHE A 43 -7.60 2.15 -14.46
CA PHE A 43 -8.73 1.42 -13.80
C PHE A 43 -10.04 1.72 -14.54
N PRO A 44 -10.89 0.72 -14.64
CA PRO A 44 -10.64 -0.60 -14.10
C PRO A 44 -9.74 -1.42 -15.04
N LYS A 45 -9.40 -0.87 -16.19
CA LYS A 45 -8.54 -1.62 -17.14
C LYS A 45 -7.42 -2.33 -16.37
N SER A 46 -7.03 -1.79 -15.25
CA SER A 46 -5.96 -2.44 -14.45
C SER A 46 -6.39 -2.50 -12.99
N ARG A 47 -6.85 -3.63 -12.54
CA ARG A 47 -7.29 -3.75 -11.12
C ARG A 47 -6.10 -4.17 -10.26
N GLU A 48 -4.93 -3.69 -10.57
CA GLU A 48 -3.74 -4.05 -9.76
C GLU A 48 -3.62 -3.08 -8.59
N THR A 49 -4.70 -2.85 -7.90
CA THR A 49 -4.66 -1.91 -6.75
C THR A 49 -4.51 -2.69 -5.44
N ARG A 50 -3.96 -2.06 -4.44
CA ARG A 50 -3.77 -2.75 -3.12
C ARG A 50 -2.76 -1.97 -2.29
N ALA A 51 -2.66 -2.26 -1.02
CA ALA A 51 -1.68 -1.53 -0.17
C ALA A 51 -0.30 -1.54 -0.85
N PRO A 52 0.41 -0.46 -0.73
CA PRO A 52 1.72 -0.31 -1.35
C PRO A 52 2.78 -1.11 -0.57
N LEU A 53 3.57 -1.89 -1.26
CA LEU A 53 4.63 -2.67 -0.57
C LEU A 53 5.48 -1.71 0.27
N VAL A 54 5.94 -2.13 1.41
CA VAL A 54 6.77 -1.24 2.26
C VAL A 54 8.01 -0.80 1.48
N GLU A 55 8.47 -1.64 0.59
CA GLU A 55 9.68 -1.28 -0.21
C GLU A 55 9.27 -0.29 -1.31
N GLU A 56 8.08 -0.42 -1.83
CA GLU A 56 7.63 0.52 -2.88
C GLU A 56 7.33 1.88 -2.25
N LEU A 57 7.07 1.88 -0.97
CA LEU A 57 6.77 3.17 -0.27
C LEU A 57 8.07 3.90 0.02
N TYR A 58 9.10 3.18 0.41
CA TYR A 58 10.40 3.83 0.70
C TYR A 58 11.05 4.30 -0.61
N ARG A 59 11.04 3.47 -1.62
CA ARG A 59 11.64 3.87 -2.92
C ARG A 59 10.92 5.11 -3.46
N PHE A 60 9.62 5.08 -3.49
CA PHE A 60 8.86 6.26 -4.01
C PHE A 60 8.46 7.15 -2.83
N ARG A 61 9.16 7.05 -1.72
CA ARG A 61 8.81 7.90 -0.55
C ARG A 61 9.11 9.36 -0.88
N ASP A 62 10.09 9.61 -1.69
CA ASP A 62 10.42 11.02 -2.04
C ASP A 62 9.37 11.58 -2.99
N ARG A 63 8.41 10.76 -3.37
CA ARG A 63 7.36 11.26 -4.31
C ARG A 63 5.98 11.09 -3.65
N LEU A 64 5.94 10.66 -2.42
CA LEU A 64 4.63 10.50 -1.73
C LEU A 64 4.33 11.76 -0.89
N PRO A 65 3.13 11.84 -0.39
CA PRO A 65 2.70 12.97 0.41
C PRO A 65 3.39 12.93 1.78
N GLU A 66 2.84 12.21 2.72
CA GLU A 66 3.45 12.12 4.07
C GLU A 66 2.59 11.24 4.98
N LYS A 67 1.31 11.17 4.72
CA LYS A 67 0.41 10.35 5.58
C LYS A 67 0.74 8.84 5.44
N LEU A 68 1.74 8.49 4.67
CA LEU A 68 2.08 7.04 4.53
C LEU A 68 3.54 6.82 4.91
N ARG A 69 4.20 7.83 5.43
CA ARG A 69 5.63 7.66 5.81
C ARG A 69 5.76 6.55 6.86
N TYR A 70 5.10 6.70 7.98
CA TYR A 70 5.19 5.64 9.03
C TYR A 70 4.98 4.27 8.39
N LEU A 71 4.28 4.22 7.30
CA LEU A 71 4.04 2.91 6.62
C LEU A 71 5.31 2.50 5.87
N ALA A 72 5.93 3.42 5.19
CA ALA A 72 7.18 3.09 4.45
C ALA A 72 8.31 2.81 5.44
N ASP A 73 8.07 3.06 6.69
CA ASP A 73 9.13 2.81 7.72
C ASP A 73 9.02 1.37 8.22
N ALA A 74 7.85 0.80 8.15
CA ALA A 74 7.67 -0.61 8.62
C ALA A 74 8.62 -1.52 7.85
N PRO A 75 8.94 -2.64 8.45
CA PRO A 75 9.84 -3.62 7.83
C PRO A 75 9.36 -3.93 6.41
N GLN A 76 10.26 -3.94 5.46
CA GLN A 76 9.86 -4.24 4.06
C GLN A 76 10.36 -5.63 3.66
N GLN A 77 10.21 -6.59 4.54
CA GLN A 77 10.67 -7.97 4.21
C GLN A 77 10.70 -8.80 5.50
N ASP A 78 10.89 -8.15 6.63
CA ASP A 78 10.94 -8.88 7.93
C ASP A 78 12.37 -9.39 8.19
N PRO A 79 12.65 -9.69 9.44
CA PRO A 79 13.97 -10.15 9.87
C PRO A 79 14.54 -11.25 8.95
N GLU A 80 13.71 -11.90 8.19
CA GLU A 80 14.23 -12.98 7.29
C GLU A 80 14.61 -12.36 5.94
N GLY A 81 13.65 -11.89 5.20
CA GLY A 81 13.97 -11.29 3.87
C GLY A 81 12.71 -11.26 3.00
N ASN A 82 11.87 -12.25 3.12
CA ASN A 82 10.63 -12.26 2.29
C ASN A 82 10.02 -10.85 2.33
N LYS A 83 10.18 -10.11 1.27
CA LYS A 83 9.65 -8.72 1.23
C LYS A 83 8.31 -8.64 1.94
N THR A 84 8.04 -7.51 2.54
CA THR A 84 6.77 -7.34 3.28
C THR A 84 6.00 -6.16 2.68
N MET A 85 4.75 -6.35 2.36
CA MET A 85 3.96 -5.24 1.77
C MET A 85 2.97 -4.69 2.80
N VAL A 86 2.39 -3.55 2.54
CA VAL A 86 1.42 -2.97 3.50
C VAL A 86 0.07 -3.68 3.35
N ARG A 87 -0.67 -3.74 4.42
CA ARG A 87 -2.03 -4.39 4.37
C ARG A 87 -2.99 -3.55 5.19
N PHE A 88 -4.19 -4.01 5.41
CA PHE A 88 -5.15 -3.22 6.22
C PHE A 88 -5.91 -4.13 7.17
N SER A 89 -5.92 -3.81 8.43
CA SER A 89 -6.66 -4.65 9.41
C SER A 89 -7.94 -3.91 9.83
N ARG A 90 -9.05 -4.59 9.85
CA ARG A 90 -10.31 -3.92 10.26
C ARG A 90 -10.48 -4.02 11.77
N LYS A 91 -9.70 -4.85 12.41
CA LYS A 91 -9.81 -4.99 13.89
C LYS A 91 -9.45 -3.65 14.53
N THR A 92 -8.74 -2.82 13.82
CA THR A 92 -8.36 -1.49 14.40
C THR A 92 -8.25 -0.46 13.28
N LYS A 93 -8.78 -0.77 12.13
CA LYS A 93 -8.72 0.20 11.00
C LYS A 93 -7.31 0.80 10.92
N GLN A 94 -6.31 -0.03 10.74
CA GLN A 94 -4.92 0.50 10.66
C GLN A 94 -4.16 -0.18 9.52
N GLN A 95 -2.88 0.07 9.41
CA GLN A 95 -2.10 -0.57 8.30
C GLN A 95 -1.16 -1.63 8.90
N TYR A 96 -1.27 -2.85 8.44
CA TYR A 96 -0.38 -3.92 8.96
C TYR A 96 0.36 -4.55 7.77
N VAL A 97 1.65 -4.72 7.87
CA VAL A 97 2.40 -5.31 6.72
C VAL A 97 2.41 -6.83 6.83
N SER A 98 2.79 -7.50 5.78
CA SER A 98 2.83 -8.98 5.82
C SER A 98 3.91 -9.49 4.86
N SER A 99 4.87 -10.22 5.36
CA SER A 99 5.95 -10.73 4.47
C SER A 99 5.37 -11.74 3.48
N GLU A 100 5.33 -11.42 2.22
CA GLU A 100 4.76 -12.37 1.22
C GLU A 100 5.65 -12.39 -0.03
N LYS A 101 5.70 -13.51 -0.70
CA LYS A 101 6.55 -13.61 -1.93
C LYS A 101 5.97 -14.65 -2.87
N ASP A 102 5.62 -14.25 -4.07
CA ASP A 102 5.05 -15.23 -5.04
C ASP A 102 3.60 -15.53 -4.67
N GLY A 103 3.10 -14.95 -3.62
CA GLY A 103 1.69 -15.21 -3.22
C GLY A 103 1.64 -16.40 -2.26
N LYS A 104 2.76 -16.73 -1.66
CA LYS A 104 2.77 -17.87 -0.71
C LYS A 104 2.47 -17.37 0.71
N ALA A 105 2.44 -16.09 0.89
CA ALA A 105 2.14 -15.54 2.25
C ALA A 105 3.04 -16.22 3.28
N THR A 106 4.26 -15.76 3.41
CA THR A 106 5.18 -16.38 4.40
C THR A 106 4.47 -16.53 5.75
N GLY A 107 3.52 -15.67 6.03
CA GLY A 107 2.80 -15.77 7.33
C GLY A 107 3.14 -14.54 8.18
N TRP A 108 4.26 -13.92 7.93
CA TRP A 108 4.65 -12.74 8.72
C TRP A 108 3.62 -11.63 8.53
N SER A 109 3.18 -11.03 9.59
CA SER A 109 2.18 -9.93 9.47
C SER A 109 2.40 -8.93 10.60
N ALA A 110 3.08 -7.85 10.33
CA ALA A 110 3.34 -6.85 11.39
C ALA A 110 2.20 -5.83 11.45
N PHE A 111 1.99 -5.22 12.58
CA PHE A 111 0.90 -4.22 12.71
C PHE A 111 1.46 -2.89 13.20
N TYR A 112 1.06 -1.81 12.60
CA TYR A 112 1.57 -0.48 13.04
C TYR A 112 0.69 0.02 14.19
N VAL A 113 1.17 -0.03 15.40
CA VAL A 113 0.37 0.45 16.54
C VAL A 113 0.66 1.94 16.73
N ASP A 114 0.69 2.41 17.95
CA ASP A 114 1.00 3.86 18.18
C ASP A 114 2.46 4.04 17.82
N GLY A 115 2.75 4.28 16.56
CA GLY A 115 4.18 4.37 16.18
C GLY A 115 4.84 3.12 16.74
N LYS A 116 4.05 2.08 16.92
CA LYS A 116 4.58 0.83 17.54
C LYS A 116 4.35 -0.38 16.63
N TRP A 117 5.09 -0.50 15.55
CA TRP A 117 4.89 -1.67 14.67
C TRP A 117 4.97 -2.94 15.53
N VAL A 118 4.45 -4.03 15.03
CA VAL A 118 4.49 -5.29 15.82
C VAL A 118 4.55 -6.49 14.86
N GLU A 119 4.44 -7.69 15.36
CA GLU A 119 4.47 -8.87 14.47
C GLU A 119 3.79 -10.05 15.16
N GLY A 120 2.74 -10.56 14.57
CA GLY A 120 2.03 -11.72 15.20
C GLY A 120 2.33 -13.00 14.41
N LYS A 121 3.21 -13.82 14.91
CA LYS A 121 3.55 -15.08 14.19
C LYS A 121 2.29 -15.92 14.01
N LYS A 122 2.20 -16.65 12.94
CA LYS A 122 1.00 -17.50 12.70
C LYS A 122 -0.26 -16.63 12.81
N MET A 1 -23.26 7.67 11.48
CA MET A 1 -23.32 7.14 10.09
C MET A 1 -22.72 8.17 9.13
N ASN A 2 -21.50 8.57 9.34
CA ASN A 2 -20.86 9.57 8.44
C ASN A 2 -19.38 9.23 8.27
N GLY A 3 -18.70 8.91 9.34
CA GLY A 3 -17.26 8.58 9.24
C GLY A 3 -16.55 9.61 8.35
N GLU A 4 -15.61 9.17 7.56
CA GLU A 4 -14.88 10.12 6.68
C GLU A 4 -14.27 9.36 5.50
N VAL A 5 -14.56 9.78 4.29
CA VAL A 5 -14.00 9.09 3.11
C VAL A 5 -13.66 10.11 2.02
N ALA A 6 -12.80 11.04 2.32
CA ALA A 6 -12.42 12.07 1.32
C ALA A 6 -13.58 13.05 1.13
N PRO A 7 -13.75 13.92 2.10
CA PRO A 7 -14.82 14.91 2.07
C PRO A 7 -14.81 15.68 0.74
N PRO A 8 -13.65 16.14 0.32
CA PRO A 8 -13.53 16.88 -0.93
C PRO A 8 -13.60 15.93 -2.12
N LYS A 9 -12.47 15.45 -2.58
CA LYS A 9 -12.48 14.51 -3.74
C LYS A 9 -11.73 13.24 -3.36
N GLU A 10 -10.44 13.21 -3.57
CA GLU A 10 -9.65 12.00 -3.23
C GLU A 10 -8.24 12.41 -2.80
N ASP A 11 -7.67 13.39 -3.46
CA ASP A 11 -6.30 13.83 -3.09
C ASP A 11 -5.43 12.60 -2.85
N PRO A 12 -5.29 11.80 -3.87
CA PRO A 12 -4.51 10.58 -3.81
C PRO A 12 -3.02 10.88 -3.96
N VAL A 13 -2.20 9.87 -4.07
CA VAL A 13 -0.74 10.09 -4.24
C VAL A 13 -0.32 9.53 -5.60
N PRO A 14 -0.54 10.31 -6.63
CA PRO A 14 -0.20 9.92 -7.99
C PRO A 14 1.21 9.35 -8.05
N LEU A 15 1.39 8.17 -8.59
CA LEU A 15 2.76 7.60 -8.69
C LEU A 15 3.15 7.36 -10.15
N PRO A 16 2.97 8.38 -10.97
CA PRO A 16 3.33 8.32 -12.38
C PRO A 16 4.61 7.51 -12.62
N GLU A 17 5.46 7.40 -11.63
CA GLU A 17 6.72 6.61 -11.82
C GLU A 17 6.42 5.11 -11.72
N LEU A 18 5.19 4.71 -11.92
CA LEU A 18 4.83 3.26 -11.84
C LEU A 18 3.71 2.99 -12.84
N PRO A 19 4.09 2.73 -14.07
CA PRO A 19 3.15 2.47 -15.14
C PRO A 19 2.09 1.47 -14.71
N CYS A 20 0.86 1.72 -15.07
CA CYS A 20 -0.25 0.79 -14.71
C CYS A 20 -0.08 -0.53 -15.45
N GLU A 21 -1.17 -1.18 -15.80
CA GLU A 21 -1.07 -2.47 -16.54
C GLU A 21 -0.06 -2.34 -17.67
N LYS A 22 -0.41 -1.63 -18.71
CA LYS A 22 0.53 -1.47 -19.86
C LYS A 22 0.06 -0.32 -20.73
N SER A 23 -0.67 0.61 -20.18
CA SER A 23 -1.16 1.76 -21.00
C SER A 23 -0.46 3.04 -20.54
N ASP A 24 -1.03 4.17 -20.81
CA ASP A 24 -0.40 5.45 -20.38
C ASP A 24 -0.88 5.82 -18.97
N ALA A 25 -1.15 4.84 -18.16
CA ALA A 25 -1.62 5.13 -16.78
C ALA A 25 -0.47 4.89 -15.78
N TYR A 26 -0.74 5.06 -14.53
CA TYR A 26 0.32 4.85 -13.49
C TYR A 26 -0.34 4.38 -12.20
N PHE A 27 0.35 4.41 -11.10
CA PHE A 27 -0.27 3.95 -9.83
C PHE A 27 -0.64 5.14 -8.95
N VAL A 28 -1.79 5.72 -9.16
CA VAL A 28 -2.23 6.87 -8.34
C VAL A 28 -2.81 6.33 -7.02
N LEU A 29 -2.03 6.35 -5.98
CA LEU A 29 -2.52 5.85 -4.66
C LEU A 29 -3.96 6.32 -4.43
N ARG A 30 -4.91 5.43 -4.51
CA ARG A 30 -6.32 5.82 -4.28
C ARG A 30 -6.74 5.41 -2.87
N ASP A 31 -7.72 6.06 -2.32
CA ASP A 31 -8.17 5.71 -0.94
C ASP A 31 -9.61 5.22 -0.98
N GLY A 32 -9.82 3.95 -0.76
CA GLY A 32 -11.22 3.41 -0.78
C GLY A 32 -11.19 1.93 -0.39
N ALA A 33 -12.26 1.23 -0.65
CA ALA A 33 -12.31 -0.22 -0.30
C ALA A 33 -12.21 -0.37 1.22
N ALA A 34 -11.02 -0.56 1.72
CA ALA A 34 -10.85 -0.73 3.20
C ALA A 34 -9.91 0.35 3.74
N GLY A 35 -9.13 0.95 2.88
CA GLY A 35 -8.19 2.00 3.35
C GLY A 35 -7.52 2.67 2.15
N VAL A 36 -6.23 2.56 2.04
CA VAL A 36 -5.52 3.18 0.89
C VAL A 36 -4.89 2.09 0.02
N PHE A 37 -4.45 2.44 -1.16
CA PHE A 37 -3.83 1.44 -2.06
C PHE A 37 -3.33 2.13 -3.33
N LEU A 38 -2.76 1.39 -4.24
CA LEU A 38 -2.26 2.03 -5.49
C LEU A 38 -3.10 1.55 -6.69
N ALA A 39 -4.14 2.28 -7.02
CA ALA A 39 -4.98 1.86 -8.18
C ALA A 39 -4.43 2.51 -9.45
N ALA A 40 -4.57 1.84 -10.56
CA ALA A 40 -4.06 2.42 -11.83
C ALA A 40 -4.93 3.61 -12.22
N ASN A 41 -4.33 4.64 -12.75
CA ASN A 41 -5.14 5.83 -13.15
C ASN A 41 -5.98 5.49 -14.37
N THR A 42 -5.82 4.31 -14.91
CA THR A 42 -6.63 3.91 -16.11
C THR A 42 -7.81 3.04 -15.66
N PHE A 43 -7.92 2.80 -14.38
CA PHE A 43 -9.04 1.97 -13.85
C PHE A 43 -10.33 2.30 -14.62
N PRO A 44 -11.12 1.30 -14.89
CA PRO A 44 -10.83 -0.07 -14.51
C PRO A 44 -9.85 -0.72 -15.50
N LYS A 45 -9.56 -0.07 -16.59
CA LYS A 45 -8.62 -0.66 -17.59
C LYS A 45 -7.44 -1.32 -16.87
N SER A 46 -7.11 -0.85 -15.69
CA SER A 46 -5.98 -1.47 -14.95
C SER A 46 -6.43 -1.77 -13.52
N ARG A 47 -6.81 -2.99 -13.25
CA ARG A 47 -7.27 -3.35 -11.89
C ARG A 47 -6.07 -3.82 -11.05
N GLU A 48 -4.91 -3.27 -11.32
CA GLU A 48 -3.70 -3.67 -10.54
C GLU A 48 -3.61 -2.83 -9.27
N THR A 49 -4.69 -2.76 -8.53
CA THR A 49 -4.67 -1.95 -7.28
C THR A 49 -4.59 -2.87 -6.06
N ARG A 50 -3.63 -2.67 -5.21
CA ARG A 50 -3.49 -3.54 -4.01
C ARG A 50 -2.56 -2.87 -3.00
N ALA A 51 -2.08 -3.62 -2.03
CA ALA A 51 -1.16 -3.02 -1.02
C ALA A 51 0.24 -2.89 -1.63
N PRO A 52 0.88 -1.78 -1.37
CA PRO A 52 2.21 -1.51 -1.89
C PRO A 52 3.30 -2.18 -1.05
N LEU A 53 4.09 -3.04 -1.64
CA LEU A 53 5.20 -3.68 -0.89
C LEU A 53 5.93 -2.59 -0.09
N VAL A 54 6.18 -2.80 1.18
CA VAL A 54 6.89 -1.75 1.96
C VAL A 54 8.18 -1.36 1.25
N GLU A 55 8.76 -2.26 0.48
CA GLU A 55 10.01 -1.93 -0.23
C GLU A 55 9.70 -0.95 -1.37
N GLU A 56 8.65 -1.19 -2.11
CA GLU A 56 8.30 -0.28 -3.23
C GLU A 56 7.97 1.10 -2.65
N LEU A 57 7.35 1.13 -1.50
CA LEU A 57 7.01 2.44 -0.88
C LEU A 57 8.30 3.15 -0.46
N TYR A 58 9.30 2.41 -0.09
CA TYR A 58 10.58 3.04 0.32
C TYR A 58 11.26 3.65 -0.91
N ARG A 59 11.27 2.94 -2.01
CA ARG A 59 11.91 3.48 -3.24
C ARG A 59 11.14 4.72 -3.70
N PHE A 60 9.88 4.78 -3.39
CA PHE A 60 9.07 5.97 -3.79
C PHE A 60 9.06 6.99 -2.66
N ARG A 61 10.04 6.94 -1.80
CA ARG A 61 10.09 7.89 -0.66
C ARG A 61 10.27 9.32 -1.19
N ASP A 62 11.00 9.46 -2.26
CA ASP A 62 11.22 10.83 -2.83
C ASP A 62 9.87 11.42 -3.27
N ARG A 63 8.85 10.61 -3.31
CA ARG A 63 7.51 11.13 -3.72
C ARG A 63 6.54 10.98 -2.56
N LEU A 64 6.88 10.17 -1.60
CA LEU A 64 5.99 9.96 -0.42
C LEU A 64 5.66 11.31 0.22
N PRO A 65 4.43 11.74 0.06
CA PRO A 65 3.99 13.00 0.63
C PRO A 65 4.34 13.05 2.12
N GLU A 66 3.66 12.29 2.92
CA GLU A 66 3.95 12.28 4.38
C GLU A 66 2.95 11.37 5.08
N LYS A 67 1.76 11.27 4.56
CA LYS A 67 0.72 10.41 5.19
C LYS A 67 1.04 8.91 5.00
N LEU A 68 2.21 8.59 4.50
CA LEU A 68 2.55 7.15 4.30
C LEU A 68 4.01 6.91 4.71
N ARG A 69 4.64 7.90 5.30
CA ARG A 69 6.06 7.72 5.71
C ARG A 69 6.21 6.44 6.55
N TYR A 70 5.54 6.38 7.66
CA TYR A 70 5.65 5.16 8.52
C TYR A 70 5.48 3.91 7.67
N LEU A 71 4.65 3.96 6.67
CA LEU A 71 4.44 2.75 5.81
C LEU A 71 5.73 2.45 5.05
N ALA A 72 6.36 3.45 4.49
CA ALA A 72 7.63 3.20 3.74
C ALA A 72 8.74 2.88 4.74
N ASP A 73 8.49 3.04 6.00
CA ASP A 73 9.55 2.75 7.01
C ASP A 73 9.37 1.32 7.54
N ALA A 74 8.22 0.73 7.34
CA ALA A 74 8.00 -0.65 7.83
C ALA A 74 9.15 -1.56 7.37
N PRO A 75 9.30 -2.67 8.05
CA PRO A 75 10.35 -3.63 7.74
C PRO A 75 10.41 -3.90 6.24
N GLN A 76 9.38 -4.48 5.69
CA GLN A 76 9.35 -4.79 4.22
C GLN A 76 10.04 -6.12 3.95
N GLN A 77 10.00 -7.02 4.90
CA GLN A 77 10.64 -8.36 4.70
C GLN A 77 10.89 -9.00 6.07
N ASP A 78 10.96 -8.20 7.11
CA ASP A 78 11.21 -8.77 8.47
C ASP A 78 12.70 -9.08 8.62
N PRO A 79 13.12 -9.29 9.85
CA PRO A 79 14.50 -9.59 10.17
C PRO A 79 15.01 -10.78 9.35
N GLU A 80 14.14 -11.53 8.73
CA GLU A 80 14.60 -12.70 7.92
C GLU A 80 14.86 -12.24 6.48
N GLY A 81 13.85 -11.85 5.77
CA GLY A 81 14.06 -11.40 4.37
C GLY A 81 13.02 -12.05 3.45
N ASN A 82 11.83 -12.27 3.94
CA ASN A 82 10.78 -12.91 3.09
C ASN A 82 9.95 -11.81 2.43
N LYS A 83 10.45 -10.60 2.43
CA LYS A 83 9.69 -9.48 1.83
C LYS A 83 8.36 -9.32 2.54
N THR A 84 7.99 -8.11 2.78
CA THR A 84 6.71 -7.86 3.50
C THR A 84 6.01 -6.67 2.85
N MET A 85 4.76 -6.84 2.50
CA MET A 85 4.01 -5.73 1.86
C MET A 85 3.01 -5.12 2.84
N VAL A 86 2.60 -3.91 2.61
CA VAL A 86 1.63 -3.26 3.53
C VAL A 86 0.27 -3.95 3.42
N ARG A 87 -0.53 -3.85 4.44
CA ARG A 87 -1.88 -4.48 4.41
C ARG A 87 -2.86 -3.53 5.10
N PHE A 88 -4.07 -3.96 5.33
CA PHE A 88 -5.04 -3.06 6.02
C PHE A 88 -5.94 -3.88 6.95
N SER A 89 -5.91 -3.58 8.21
CA SER A 89 -6.78 -4.33 9.16
C SER A 89 -8.05 -3.51 9.41
N ARG A 90 -9.19 -4.14 9.37
CA ARG A 90 -10.46 -3.39 9.60
C ARG A 90 -10.78 -3.38 11.09
N LYS A 91 -10.15 -4.24 11.83
CA LYS A 91 -10.41 -4.28 13.30
C LYS A 91 -9.96 -2.95 13.91
N THR A 92 -9.05 -2.27 13.27
CA THR A 92 -8.58 -0.97 13.81
C THR A 92 -8.41 0.03 12.67
N LYS A 93 -8.76 -0.35 11.47
CA LYS A 93 -8.61 0.59 10.32
C LYS A 93 -7.18 1.14 10.31
N GLN A 94 -6.21 0.29 10.14
CA GLN A 94 -4.80 0.78 10.13
C GLN A 94 -3.99 0.00 9.08
N GLN A 95 -2.70 0.18 9.07
CA GLN A 95 -1.85 -0.55 8.08
C GLN A 95 -1.04 -1.64 8.79
N TYR A 96 -0.99 -2.82 8.21
CA TYR A 96 -0.19 -3.91 8.84
C TYR A 96 0.57 -4.63 7.73
N VAL A 97 1.87 -4.75 7.87
CA VAL A 97 2.67 -5.42 6.80
C VAL A 97 2.76 -6.92 7.07
N SER A 98 2.60 -7.72 6.06
CA SER A 98 2.70 -9.19 6.24
C SER A 98 3.69 -9.76 5.23
N SER A 99 4.61 -10.57 5.67
CA SER A 99 5.62 -11.15 4.74
C SER A 99 4.89 -11.98 3.68
N GLU A 100 5.56 -12.24 2.58
CA GLU A 100 4.92 -13.05 1.49
C GLU A 100 6.01 -13.81 0.73
N LYS A 101 6.18 -15.07 1.03
CA LYS A 101 7.23 -15.85 0.33
C LYS A 101 7.04 -15.77 -1.18
N ASP A 102 7.71 -16.60 -1.92
CA ASP A 102 7.58 -16.57 -3.41
C ASP A 102 6.12 -16.72 -3.81
N GLY A 103 5.29 -17.17 -2.92
CA GLY A 103 3.85 -17.33 -3.25
C GLY A 103 3.22 -18.35 -2.31
N LYS A 104 3.31 -18.15 -1.04
CA LYS A 104 2.71 -19.10 -0.07
C LYS A 104 2.23 -18.35 1.18
N ALA A 105 2.14 -17.05 1.09
CA ALA A 105 1.69 -16.25 2.27
C ALA A 105 2.40 -16.76 3.52
N THR A 106 3.66 -16.44 3.67
CA THR A 106 4.42 -16.91 4.86
C THR A 106 3.55 -16.77 6.11
N GLY A 107 2.99 -15.62 6.34
CA GLY A 107 2.13 -15.44 7.55
C GLY A 107 2.64 -14.26 8.38
N TRP A 108 3.90 -13.96 8.31
CA TRP A 108 4.44 -12.83 9.11
C TRP A 108 3.49 -11.63 8.99
N SER A 109 3.30 -10.91 10.07
CA SER A 109 2.40 -9.74 10.03
C SER A 109 2.94 -8.66 10.98
N ALA A 110 2.59 -7.43 10.77
CA ALA A 110 3.09 -6.34 11.66
C ALA A 110 2.05 -5.23 11.71
N PHE A 111 1.87 -4.64 12.86
CA PHE A 111 0.85 -3.55 12.96
C PHE A 111 1.53 -2.24 13.34
N TYR A 112 1.17 -1.16 12.68
CA TYR A 112 1.79 0.15 13.01
C TYR A 112 1.05 0.77 14.21
N VAL A 113 1.66 0.75 15.36
CA VAL A 113 0.99 1.34 16.55
C VAL A 113 1.37 2.82 16.64
N ASP A 114 1.57 3.34 17.81
CA ASP A 114 1.97 4.77 17.94
C ASP A 114 3.38 4.88 17.39
N GLY A 115 3.52 5.05 16.10
CA GLY A 115 4.88 5.07 15.53
C GLY A 115 5.56 3.84 16.09
N LYS A 116 4.78 2.82 16.40
CA LYS A 116 5.34 1.60 17.02
C LYS A 116 4.96 0.34 16.24
N TRP A 117 5.59 0.07 15.12
CA TRP A 117 5.25 -1.17 14.38
C TRP A 117 5.29 -2.34 15.38
N VAL A 118 4.57 -3.40 15.09
CA VAL A 118 4.58 -4.55 16.04
C VAL A 118 4.57 -5.85 15.24
N GLU A 119 4.63 -6.98 15.90
CA GLU A 119 4.62 -8.27 15.17
C GLU A 119 3.60 -9.21 15.81
N GLY A 120 2.58 -9.58 15.07
CA GLY A 120 1.54 -10.47 15.64
C GLY A 120 1.59 -11.83 14.91
N LYS A 121 2.61 -12.60 15.17
CA LYS A 121 2.71 -13.93 14.49
C LYS A 121 1.36 -14.64 14.55
N LYS A 122 0.89 -15.17 13.45
CA LYS A 122 -0.42 -15.87 13.44
C LYS A 122 -0.72 -16.37 12.03
N MET A 1 -28.99 10.07 -4.03
CA MET A 1 -28.21 10.74 -2.95
C MET A 1 -26.76 10.94 -3.42
N ASN A 2 -26.19 12.08 -3.12
CA ASN A 2 -24.78 12.34 -3.56
C ASN A 2 -23.94 12.74 -2.34
N GLY A 3 -24.07 12.01 -1.26
CA GLY A 3 -23.27 12.35 -0.05
C GLY A 3 -21.79 12.38 -0.40
N GLU A 4 -21.14 11.25 -0.44
CA GLU A 4 -19.70 11.22 -0.78
C GLU A 4 -19.33 9.83 -1.32
N VAL A 5 -19.11 9.72 -2.60
CA VAL A 5 -18.75 8.39 -3.17
C VAL A 5 -17.72 8.59 -4.29
N ALA A 6 -16.51 8.94 -3.94
CA ALA A 6 -15.46 9.15 -4.98
C ALA A 6 -15.77 10.44 -5.76
N PRO A 7 -15.53 11.56 -5.13
CA PRO A 7 -15.77 12.86 -5.74
C PRO A 7 -15.11 12.92 -7.12
N PRO A 8 -15.43 13.96 -7.85
CA PRO A 8 -14.88 14.15 -9.19
C PRO A 8 -13.39 14.54 -9.10
N LYS A 9 -12.77 14.79 -10.21
CA LYS A 9 -11.33 15.17 -10.19
C LYS A 9 -10.54 14.09 -9.44
N GLU A 10 -9.83 13.25 -10.16
CA GLU A 10 -9.05 12.18 -9.48
C GLU A 10 -7.56 12.56 -9.49
N ASP A 11 -7.15 13.40 -8.57
CA ASP A 11 -5.72 13.80 -8.52
C ASP A 11 -5.20 13.64 -7.09
N PRO A 12 -5.17 12.42 -6.64
CA PRO A 12 -4.70 12.10 -5.30
C PRO A 12 -3.16 12.12 -5.26
N VAL A 13 -2.55 10.99 -5.47
CA VAL A 13 -1.06 10.93 -5.45
C VAL A 13 -0.58 10.05 -6.61
N PRO A 14 -0.85 10.49 -7.81
CA PRO A 14 -0.47 9.76 -9.01
C PRO A 14 0.99 9.33 -8.94
N LEU A 15 1.28 8.09 -9.26
CA LEU A 15 2.70 7.64 -9.23
C LEU A 15 3.12 7.13 -10.62
N PRO A 16 2.83 7.91 -11.65
CA PRO A 16 3.20 7.58 -13.02
C PRO A 16 4.56 6.88 -13.10
N GLU A 17 5.42 7.07 -12.13
CA GLU A 17 6.76 6.39 -12.18
C GLU A 17 6.63 4.91 -11.81
N LEU A 18 5.45 4.36 -11.87
CA LEU A 18 5.26 2.92 -11.52
C LEU A 18 4.16 2.36 -12.43
N PRO A 19 4.56 1.79 -13.54
CA PRO A 19 3.64 1.22 -14.50
C PRO A 19 2.61 0.33 -13.80
N CYS A 20 1.45 0.17 -14.39
CA CYS A 20 0.40 -0.68 -13.77
C CYS A 20 0.32 -2.02 -14.51
N GLU A 21 -0.33 -2.04 -15.65
CA GLU A 21 -0.44 -3.31 -16.42
C GLU A 21 0.60 -3.33 -17.53
N LYS A 22 1.78 -2.85 -17.26
CA LYS A 22 2.85 -2.84 -18.30
C LYS A 22 2.34 -2.07 -19.53
N SER A 23 1.32 -1.29 -19.36
CA SER A 23 0.78 -0.52 -20.52
C SER A 23 0.95 0.99 -20.27
N ASP A 24 0.14 1.80 -20.87
CA ASP A 24 0.26 3.27 -20.65
C ASP A 24 -0.36 3.62 -19.29
N ALA A 25 -0.84 2.64 -18.57
CA ALA A 25 -1.44 2.93 -17.25
C ALA A 25 -0.35 2.96 -16.17
N TYR A 26 -0.57 3.69 -15.12
CA TYR A 26 0.45 3.76 -14.04
C TYR A 26 -0.20 3.45 -12.69
N PHE A 27 0.45 3.73 -11.61
CA PHE A 27 -0.14 3.43 -10.28
C PHE A 27 -0.48 4.73 -9.54
N VAL A 28 -1.65 5.26 -9.75
CA VAL A 28 -2.03 6.51 -9.05
C VAL A 28 -2.58 6.17 -7.67
N LEU A 29 -1.88 6.54 -6.63
CA LEU A 29 -2.36 6.22 -5.25
C LEU A 29 -3.68 6.95 -4.98
N ARG A 30 -4.61 6.29 -4.36
CA ARG A 30 -5.92 6.94 -4.06
C ARG A 30 -6.29 6.66 -2.60
N ASP A 31 -7.50 6.95 -2.22
CA ASP A 31 -7.92 6.70 -0.82
C ASP A 31 -9.40 6.32 -0.79
N GLY A 32 -9.70 5.06 -0.60
CA GLY A 32 -11.12 4.64 -0.56
C GLY A 32 -11.22 3.14 -0.87
N ALA A 33 -10.70 2.31 0.01
CA ALA A 33 -10.76 0.85 -0.23
C ALA A 33 -10.03 0.12 0.90
N ALA A 34 -10.51 0.24 2.10
CA ALA A 34 -9.83 -0.42 3.25
C ALA A 34 -8.50 0.28 3.54
N GLY A 35 -8.38 1.52 3.14
CA GLY A 35 -7.12 2.26 3.39
C GLY A 35 -6.52 2.71 2.06
N VAL A 36 -5.83 3.82 2.04
CA VAL A 36 -5.23 4.31 0.78
C VAL A 36 -4.55 3.13 0.05
N PHE A 37 -4.19 3.32 -1.18
CA PHE A 37 -3.53 2.22 -1.94
C PHE A 37 -3.05 2.73 -3.29
N LEU A 38 -2.67 1.85 -4.17
CA LEU A 38 -2.19 2.29 -5.51
C LEU A 38 -3.07 1.68 -6.59
N ALA A 39 -4.07 2.39 -7.04
CA ALA A 39 -4.96 1.85 -8.10
C ALA A 39 -4.42 2.25 -9.47
N ALA A 40 -4.59 1.40 -10.46
CA ALA A 40 -4.09 1.75 -11.81
C ALA A 40 -4.84 2.99 -12.32
N ASN A 41 -4.15 3.90 -12.95
CA ASN A 41 -4.82 5.13 -13.46
C ASN A 41 -5.74 4.77 -14.62
N THR A 42 -5.71 3.54 -15.06
CA THR A 42 -6.58 3.13 -16.20
C THR A 42 -7.79 2.36 -15.65
N PHE A 43 -7.90 2.24 -14.35
CA PHE A 43 -9.06 1.51 -13.74
C PHE A 43 -10.33 1.79 -14.55
N PRO A 44 -11.17 0.79 -14.67
CA PRO A 44 -10.94 -0.53 -14.09
C PRO A 44 -9.96 -1.34 -14.94
N LYS A 45 -9.46 -0.76 -16.01
CA LYS A 45 -8.51 -1.50 -16.89
C LYS A 45 -7.56 -2.34 -16.04
N SER A 46 -6.71 -1.72 -15.27
CA SER A 46 -5.77 -2.49 -14.41
C SER A 46 -6.29 -2.48 -12.97
N ARG A 47 -6.85 -3.57 -12.52
CA ARG A 47 -7.38 -3.61 -11.13
C ARG A 47 -6.27 -4.07 -10.19
N GLU A 48 -5.09 -3.57 -10.35
CA GLU A 48 -3.96 -3.96 -9.46
C GLU A 48 -3.97 -3.08 -8.21
N THR A 49 -5.08 -3.04 -7.52
CA THR A 49 -5.16 -2.19 -6.30
C THR A 49 -4.73 -3.01 -5.07
N ARG A 50 -4.06 -2.38 -4.13
CA ARG A 50 -3.61 -3.12 -2.92
C ARG A 50 -2.52 -2.30 -2.22
N ALA A 51 -2.22 -2.64 -1.00
CA ALA A 51 -1.16 -1.88 -0.26
C ALA A 51 0.17 -2.01 -1.01
N PRO A 52 0.95 -0.96 -0.97
CA PRO A 52 2.24 -0.93 -1.64
C PRO A 52 3.32 -1.62 -0.80
N LEU A 53 4.25 -2.29 -1.45
CA LEU A 53 5.35 -2.96 -0.70
C LEU A 53 5.99 -1.93 0.23
N VAL A 54 6.45 -2.36 1.38
CA VAL A 54 7.09 -1.40 2.31
C VAL A 54 8.34 -0.80 1.66
N GLU A 55 9.07 -1.61 0.93
CA GLU A 55 10.29 -1.09 0.26
C GLU A 55 9.87 -0.15 -0.87
N GLU A 56 8.71 -0.35 -1.43
CA GLU A 56 8.24 0.53 -2.53
C GLU A 56 7.90 1.90 -1.93
N LEU A 57 7.33 1.90 -0.75
CA LEU A 57 6.98 3.20 -0.10
C LEU A 57 8.27 3.98 0.17
N TYR A 58 9.31 3.32 0.58
CA TYR A 58 10.58 4.02 0.86
C TYR A 58 11.21 4.48 -0.46
N ARG A 59 11.06 3.70 -1.49
CA ARG A 59 11.64 4.08 -2.81
C ARG A 59 10.89 5.30 -3.36
N PHE A 60 9.69 5.52 -2.91
CA PHE A 60 8.92 6.70 -3.41
C PHE A 60 8.92 7.78 -2.34
N ARG A 61 9.95 7.84 -1.54
CA ARG A 61 10.01 8.89 -0.48
C ARG A 61 10.09 10.28 -1.12
N ASP A 62 10.73 10.38 -2.25
CA ASP A 62 10.84 11.70 -2.93
C ASP A 62 9.45 12.19 -3.31
N ARG A 63 8.46 11.33 -3.24
CA ARG A 63 7.08 11.75 -3.60
C ARG A 63 6.15 11.50 -2.41
N LEU A 64 6.66 10.88 -1.38
CA LEU A 64 5.82 10.60 -0.19
C LEU A 64 4.93 11.79 0.14
N PRO A 65 3.64 11.56 0.24
CA PRO A 65 2.68 12.61 0.56
C PRO A 65 2.65 12.86 2.07
N GLU A 66 3.79 13.08 2.68
CA GLU A 66 3.82 13.34 4.14
C GLU A 66 3.18 12.16 4.88
N LYS A 67 1.88 12.21 5.07
CA LYS A 67 1.18 11.09 5.78
C LYS A 67 1.35 9.79 4.99
N LEU A 68 2.37 9.05 5.27
CA LEU A 68 2.61 7.78 4.53
C LEU A 68 3.97 7.21 4.96
N ARG A 69 4.89 8.08 5.28
CA ARG A 69 6.25 7.61 5.69
C ARG A 69 6.13 6.57 6.79
N TYR A 70 5.31 6.82 7.79
CA TYR A 70 5.16 5.82 8.89
C TYR A 70 5.03 4.42 8.29
N LEU A 71 4.31 4.29 7.21
CA LEU A 71 4.14 2.97 6.56
C LEU A 71 5.42 2.62 5.80
N ALA A 72 6.05 3.60 5.21
CA ALA A 72 7.31 3.35 4.45
C ALA A 72 8.45 3.08 5.44
N ASP A 73 8.20 3.24 6.71
CA ASP A 73 9.27 3.00 7.71
C ASP A 73 9.18 1.55 8.20
N ALA A 74 8.07 0.91 7.94
CA ALA A 74 7.91 -0.51 8.39
C ALA A 74 8.92 -1.39 7.63
N PRO A 75 9.06 -2.61 8.09
CA PRO A 75 9.98 -3.55 7.47
C PRO A 75 9.49 -3.96 6.09
N GLN A 76 10.40 -4.20 5.18
CA GLN A 76 10.01 -4.62 3.80
C GLN A 76 10.49 -6.05 3.56
N GLN A 77 10.31 -6.93 4.52
CA GLN A 77 10.75 -8.33 4.35
C GLN A 77 10.87 -8.99 5.73
N ASP A 78 10.54 -10.24 5.85
CA ASP A 78 10.64 -10.91 7.17
C ASP A 78 12.11 -11.19 7.49
N PRO A 79 12.36 -11.81 8.62
CA PRO A 79 13.72 -12.11 9.06
C PRO A 79 14.54 -12.78 7.95
N GLU A 80 13.91 -13.47 7.05
CA GLU A 80 14.67 -14.13 5.96
C GLU A 80 14.81 -13.17 4.78
N GLY A 81 13.73 -12.90 4.10
CA GLY A 81 13.79 -11.97 2.94
C GLY A 81 12.59 -12.21 2.02
N ASN A 82 11.44 -12.48 2.59
CA ASN A 82 10.23 -12.71 1.74
C ASN A 82 9.60 -11.37 1.39
N LYS A 83 10.28 -10.28 1.66
CA LYS A 83 9.71 -8.95 1.36
C LYS A 83 8.42 -8.79 2.15
N THR A 84 8.12 -7.58 2.54
CA THR A 84 6.89 -7.35 3.34
C THR A 84 6.18 -6.12 2.81
N MET A 85 4.92 -6.24 2.47
CA MET A 85 4.18 -5.07 1.94
C MET A 85 3.19 -4.56 2.99
N VAL A 86 2.36 -3.62 2.62
CA VAL A 86 1.39 -3.07 3.60
C VAL A 86 0.06 -3.83 3.50
N ARG A 87 -0.73 -3.75 4.54
CA ARG A 87 -2.05 -4.44 4.55
C ARG A 87 -3.02 -3.59 5.36
N PHE A 88 -4.22 -4.04 5.58
CA PHE A 88 -5.18 -3.23 6.37
C PHE A 88 -6.08 -4.15 7.20
N SER A 89 -6.36 -3.77 8.41
CA SER A 89 -7.25 -4.59 9.27
C SER A 89 -8.47 -3.77 9.65
N ARG A 90 -9.64 -4.34 9.56
CA ARG A 90 -10.87 -3.58 9.91
C ARG A 90 -11.16 -3.76 11.41
N LYS A 91 -10.57 -4.74 12.01
CA LYS A 91 -10.80 -4.96 13.47
C LYS A 91 -10.36 -3.71 14.24
N THR A 92 -9.46 -2.95 13.67
CA THR A 92 -8.99 -1.71 14.36
C THR A 92 -8.75 -0.61 13.33
N LYS A 93 -9.15 -0.83 12.10
CA LYS A 93 -8.94 0.21 11.06
C LYS A 93 -7.50 0.72 11.15
N GLN A 94 -6.53 -0.10 10.84
CA GLN A 94 -5.11 0.36 10.90
C GLN A 94 -4.33 -0.24 9.73
N GLN A 95 -3.04 0.00 9.69
CA GLN A 95 -2.21 -0.54 8.58
C GLN A 95 -1.21 -1.55 9.15
N TYR A 96 -1.19 -2.75 8.62
CA TYR A 96 -0.23 -3.77 9.12
C TYR A 96 0.50 -4.38 7.94
N VAL A 97 1.80 -4.54 8.02
CA VAL A 97 2.55 -5.14 6.88
C VAL A 97 2.60 -6.66 7.03
N SER A 98 2.85 -7.35 5.96
CA SER A 98 2.92 -8.84 6.04
C SER A 98 3.87 -9.36 4.95
N SER A 99 4.76 -10.25 5.31
CA SER A 99 5.71 -10.78 4.30
C SER A 99 4.92 -11.49 3.19
N GLU A 100 5.46 -11.56 2.01
CA GLU A 100 4.74 -12.24 0.90
C GLU A 100 5.76 -12.83 -0.08
N LYS A 101 5.63 -14.09 -0.39
CA LYS A 101 6.59 -14.72 -1.34
C LYS A 101 5.83 -15.37 -2.50
N ASP A 102 5.87 -14.78 -3.66
CA ASP A 102 5.15 -15.36 -4.82
C ASP A 102 3.64 -15.27 -4.59
N GLY A 103 3.23 -14.58 -3.55
CA GLY A 103 1.77 -14.45 -3.27
C GLY A 103 1.32 -15.61 -2.38
N LYS A 104 2.25 -16.24 -1.71
CA LYS A 104 1.87 -17.38 -0.83
C LYS A 104 1.68 -16.88 0.60
N ALA A 105 1.65 -15.59 0.79
CA ALA A 105 1.47 -15.04 2.16
C ALA A 105 2.37 -15.80 3.12
N THR A 106 3.65 -15.53 3.10
CA THR A 106 4.60 -16.24 4.00
C THR A 106 3.98 -16.36 5.39
N GLY A 107 3.36 -15.32 5.87
CA GLY A 107 2.73 -15.39 7.22
C GLY A 107 3.15 -14.17 8.05
N TRP A 108 4.39 -13.75 7.94
CA TRP A 108 4.85 -12.57 8.73
C TRP A 108 3.81 -11.46 8.61
N SER A 109 3.51 -10.81 9.71
CA SER A 109 2.50 -9.72 9.66
C SER A 109 2.73 -8.75 10.82
N ALA A 110 3.39 -7.64 10.58
CA ALA A 110 3.64 -6.67 11.67
C ALA A 110 2.48 -5.67 11.73
N PHE A 111 2.26 -5.07 12.86
CA PHE A 111 1.14 -4.09 12.97
C PHE A 111 1.67 -2.73 13.37
N TYR A 112 1.19 -1.68 12.76
CA TYR A 112 1.67 -0.32 13.10
C TYR A 112 0.83 0.22 14.27
N VAL A 113 1.38 0.22 15.45
CA VAL A 113 0.61 0.74 16.62
C VAL A 113 0.89 2.24 16.74
N ASP A 114 1.00 2.77 17.92
CA ASP A 114 1.28 4.22 18.06
C ASP A 114 2.70 4.43 17.58
N GLY A 115 2.88 4.61 16.29
CA GLY A 115 4.27 4.73 15.78
C GLY A 115 5.02 3.54 16.37
N LYS A 116 4.29 2.48 16.66
CA LYS A 116 4.91 1.29 17.30
C LYS A 116 4.67 0.03 16.47
N TRP A 117 5.39 -0.16 15.41
CA TRP A 117 5.19 -1.40 14.61
C TRP A 117 5.29 -2.60 15.54
N VAL A 118 4.77 -3.74 15.14
CA VAL A 118 4.84 -4.93 16.03
C VAL A 118 4.88 -6.19 15.16
N GLU A 119 4.85 -7.35 15.78
CA GLU A 119 4.89 -8.61 14.99
C GLU A 119 3.93 -9.63 15.61
N GLY A 120 2.99 -10.12 14.85
CA GLY A 120 2.03 -11.12 15.40
C GLY A 120 2.13 -12.42 14.62
N LYS A 121 3.10 -13.24 14.94
CA LYS A 121 3.26 -14.54 14.21
C LYS A 121 1.90 -15.19 14.04
N LYS A 122 1.64 -15.78 12.90
CA LYS A 122 0.32 -16.44 12.68
C LYS A 122 0.21 -16.86 11.21
N MET A 1 -23.42 13.45 -5.40
CA MET A 1 -22.75 14.61 -6.06
C MET A 1 -21.84 15.31 -5.04
N ASN A 2 -20.75 15.87 -5.50
CA ASN A 2 -19.82 16.56 -4.57
C ASN A 2 -19.30 15.55 -3.53
N GLY A 3 -18.56 16.03 -2.56
CA GLY A 3 -18.03 15.10 -1.52
C GLY A 3 -16.51 14.98 -1.68
N GLU A 4 -15.88 14.25 -0.80
CA GLU A 4 -14.39 14.10 -0.90
C GLU A 4 -14.06 12.71 -1.45
N VAL A 5 -13.53 12.63 -2.63
CA VAL A 5 -13.19 11.31 -3.22
C VAL A 5 -12.04 11.46 -4.21
N ALA A 6 -11.69 10.43 -4.92
CA ALA A 6 -10.58 10.51 -5.90
C ALA A 6 -10.67 11.84 -6.66
N PRO A 7 -9.85 12.79 -6.28
CA PRO A 7 -9.83 14.09 -6.93
C PRO A 7 -9.72 13.94 -8.44
N PRO A 8 -10.17 14.96 -9.15
CA PRO A 8 -10.13 14.95 -10.60
C PRO A 8 -8.69 15.12 -11.10
N LYS A 9 -8.52 15.52 -12.32
CA LYS A 9 -7.14 15.69 -12.87
C LYS A 9 -6.37 14.38 -12.69
N GLU A 10 -5.06 14.45 -12.70
CA GLU A 10 -4.25 13.21 -12.53
C GLU A 10 -4.78 12.42 -11.34
N ASP A 11 -4.43 12.83 -10.15
CA ASP A 11 -4.91 12.09 -8.94
C ASP A 11 -4.06 12.48 -7.73
N PRO A 12 -4.47 11.99 -6.58
CA PRO A 12 -3.78 12.26 -5.33
C PRO A 12 -2.25 12.15 -5.48
N VAL A 13 -1.72 10.96 -5.58
CA VAL A 13 -0.24 10.82 -5.71
C VAL A 13 0.10 9.83 -6.82
N PRO A 14 -0.20 10.21 -8.04
CA PRO A 14 0.06 9.38 -9.20
C PRO A 14 1.52 8.93 -9.22
N LEU A 15 1.78 7.67 -9.46
CA LEU A 15 3.20 7.20 -9.50
C LEU A 15 3.51 6.61 -10.88
N PRO A 16 3.21 7.36 -11.92
CA PRO A 16 3.48 6.96 -13.29
C PRO A 16 4.78 6.17 -13.40
N GLU A 17 5.72 6.36 -12.50
CA GLU A 17 7.00 5.60 -12.59
C GLU A 17 6.79 4.17 -12.05
N LEU A 18 5.58 3.67 -12.05
CA LEU A 18 5.32 2.30 -11.55
C LEU A 18 4.20 1.69 -12.41
N PRO A 19 4.59 0.95 -13.42
CA PRO A 19 3.65 0.32 -14.34
C PRO A 19 2.53 -0.37 -13.57
N CYS A 20 1.34 -0.38 -14.12
CA CYS A 20 0.19 -1.03 -13.44
C CYS A 20 -0.07 -2.40 -14.06
N GLU A 21 -0.72 -2.42 -15.20
CA GLU A 21 -1.01 -3.72 -15.87
C GLU A 21 0.05 -4.00 -16.94
N LYS A 22 1.29 -3.71 -16.65
CA LYS A 22 2.36 -3.96 -17.65
C LYS A 22 2.02 -3.22 -18.94
N SER A 23 1.22 -2.20 -18.86
CA SER A 23 0.85 -1.44 -20.08
C SER A 23 1.22 0.03 -19.91
N ASP A 24 0.56 0.92 -20.60
CA ASP A 24 0.88 2.36 -20.46
C ASP A 24 0.27 2.89 -19.16
N ALA A 25 -0.41 2.05 -18.43
CA ALA A 25 -1.03 2.50 -17.16
C ALA A 25 0.03 2.53 -16.06
N TYR A 26 -0.29 3.04 -14.91
CA TYR A 26 0.69 3.10 -13.80
C TYR A 26 -0.02 2.93 -12.47
N PHE A 27 0.63 3.22 -11.38
CA PHE A 27 -0.04 3.04 -10.06
C PHE A 27 -0.15 4.38 -9.31
N VAL A 28 -1.29 5.02 -9.40
CA VAL A 28 -1.46 6.30 -8.67
C VAL A 28 -1.82 6.00 -7.22
N LEU A 29 -0.97 6.35 -6.30
CA LEU A 29 -1.25 6.08 -4.86
C LEU A 29 -2.55 6.79 -4.46
N ARG A 30 -3.63 6.07 -4.39
CA ARG A 30 -4.93 6.69 -4.00
C ARG A 30 -5.29 6.25 -2.58
N ASP A 31 -6.19 6.95 -1.95
CA ASP A 31 -6.58 6.56 -0.57
C ASP A 31 -8.10 6.35 -0.50
N GLY A 32 -8.55 5.13 -0.63
CA GLY A 32 -10.01 4.86 -0.58
C GLY A 32 -10.56 5.24 0.79
N ALA A 33 -11.51 4.51 1.29
CA ALA A 33 -12.08 4.83 2.63
C ALA A 33 -11.66 3.75 3.63
N ALA A 34 -11.09 2.67 3.15
CA ALA A 34 -10.67 1.58 4.08
C ALA A 34 -9.20 1.79 4.46
N GLY A 35 -8.41 2.28 3.55
CA GLY A 35 -6.96 2.50 3.86
C GLY A 35 -6.26 3.06 2.63
N VAL A 36 -4.98 3.31 2.72
CA VAL A 36 -4.23 3.85 1.55
C VAL A 36 -4.00 2.74 0.53
N PHE A 37 -3.63 3.09 -0.67
CA PHE A 37 -3.38 2.05 -1.71
C PHE A 37 -2.98 2.72 -3.02
N LEU A 38 -2.92 1.97 -4.09
CA LEU A 38 -2.54 2.57 -5.39
C LEU A 38 -3.33 1.89 -6.51
N ALA A 39 -4.35 2.54 -7.01
CA ALA A 39 -5.16 1.92 -8.09
C ALA A 39 -4.56 2.31 -9.45
N ALA A 40 -4.77 1.51 -10.45
CA ALA A 40 -4.22 1.84 -11.79
C ALA A 40 -4.88 3.12 -12.30
N ASN A 41 -4.12 4.03 -12.84
CA ASN A 41 -4.72 5.29 -13.34
C ASN A 41 -5.55 5.00 -14.59
N THR A 42 -5.48 3.81 -15.09
CA THR A 42 -6.28 3.46 -16.31
C THR A 42 -7.61 2.85 -15.88
N PHE A 43 -7.87 2.76 -14.60
CA PHE A 43 -9.14 2.18 -14.11
C PHE A 43 -10.30 2.59 -15.03
N PRO A 44 -11.23 1.67 -15.24
CA PRO A 44 -11.19 0.35 -14.63
C PRO A 44 -10.22 -0.57 -15.39
N LYS A 45 -9.59 -0.07 -16.42
CA LYS A 45 -8.64 -0.91 -17.19
C LYS A 45 -7.83 -1.80 -16.24
N SER A 46 -7.62 -1.35 -15.03
CA SER A 46 -6.86 -2.17 -14.06
C SER A 46 -7.45 -1.95 -12.66
N ARG A 47 -8.05 -2.97 -12.09
CA ARG A 47 -8.64 -2.81 -10.74
C ARG A 47 -7.58 -3.15 -9.68
N GLU A 48 -6.33 -3.09 -10.03
CA GLU A 48 -5.27 -3.39 -9.05
C GLU A 48 -5.27 -2.33 -7.95
N THR A 49 -5.77 -2.66 -6.79
CA THR A 49 -5.82 -1.66 -5.69
C THR A 49 -5.48 -2.34 -4.36
N ARG A 50 -4.65 -1.74 -3.56
CA ARG A 50 -4.30 -2.34 -2.25
C ARG A 50 -3.05 -1.64 -1.69
N ALA A 51 -2.75 -1.86 -0.44
CA ALA A 51 -1.56 -1.20 0.16
C ALA A 51 -0.32 -1.53 -0.69
N PRO A 52 0.53 -0.56 -0.87
CA PRO A 52 1.74 -0.73 -1.68
C PRO A 52 2.84 -1.47 -0.90
N LEU A 53 3.69 -2.17 -1.61
CA LEU A 53 4.81 -2.89 -0.95
C LEU A 53 5.55 -1.91 -0.04
N VAL A 54 5.83 -2.29 1.18
CA VAL A 54 6.56 -1.38 2.10
C VAL A 54 7.85 -0.91 1.42
N GLU A 55 8.50 -1.77 0.70
CA GLU A 55 9.76 -1.38 0.01
C GLU A 55 9.45 -0.35 -1.09
N GLU A 56 8.33 -0.50 -1.75
CA GLU A 56 7.97 0.47 -2.82
C GLU A 56 7.70 1.82 -2.17
N LEU A 57 7.15 1.83 -1.00
CA LEU A 57 6.87 3.12 -0.30
C LEU A 57 8.19 3.83 -0.01
N TYR A 58 9.20 3.09 0.39
CA TYR A 58 10.51 3.73 0.68
C TYR A 58 11.19 4.12 -0.62
N ARG A 59 10.94 3.39 -1.68
CA ARG A 59 11.58 3.71 -2.98
C ARG A 59 11.02 5.04 -3.50
N PHE A 60 9.81 5.36 -3.14
CA PHE A 60 9.20 6.64 -3.62
C PHE A 60 9.23 7.65 -2.48
N ARG A 61 10.18 7.55 -1.60
CA ARG A 61 10.26 8.52 -0.47
C ARG A 61 10.42 9.94 -1.02
N ASP A 62 11.15 10.10 -2.09
CA ASP A 62 11.33 11.46 -2.67
C ASP A 62 9.96 12.01 -3.09
N ARG A 63 9.05 11.14 -3.41
CA ARG A 63 7.69 11.61 -3.83
C ARG A 63 6.68 11.21 -2.75
N LEU A 64 7.10 11.20 -1.51
CA LEU A 64 6.18 10.81 -0.41
C LEU A 64 5.67 12.06 0.31
N PRO A 65 4.38 12.28 0.26
CA PRO A 65 3.77 13.43 0.92
C PRO A 65 3.66 13.18 2.44
N GLU A 66 4.33 12.17 2.94
CA GLU A 66 4.28 11.85 4.40
C GLU A 66 2.90 11.31 4.81
N LYS A 67 1.92 11.36 3.94
CA LYS A 67 0.58 10.83 4.31
C LYS A 67 0.67 9.32 4.59
N LEU A 68 1.81 8.73 4.37
CA LEU A 68 1.96 7.27 4.63
C LEU A 68 3.42 6.96 4.98
N ARG A 69 4.18 7.95 5.36
CA ARG A 69 5.60 7.70 5.72
C ARG A 69 5.67 6.56 6.74
N TYR A 70 5.02 6.73 7.86
CA TYR A 70 5.05 5.66 8.91
C TYR A 70 4.89 4.29 8.24
N LEU A 71 4.14 4.22 7.18
CA LEU A 71 3.94 2.92 6.47
C LEU A 71 5.24 2.54 5.76
N ALA A 72 5.85 3.46 5.07
CA ALA A 72 7.12 3.16 4.35
C ALA A 72 8.22 2.90 5.38
N ASP A 73 7.95 3.15 6.63
CA ASP A 73 8.98 2.92 7.68
C ASP A 73 8.93 1.46 8.13
N ALA A 74 7.78 0.85 8.07
CA ALA A 74 7.66 -0.57 8.50
C ALA A 74 8.63 -1.43 7.68
N PRO A 75 8.86 -2.62 8.15
CA PRO A 75 9.76 -3.57 7.49
C PRO A 75 9.44 -3.63 5.99
N GLN A 76 10.36 -4.11 5.19
CA GLN A 76 10.11 -4.18 3.73
C GLN A 76 10.48 -5.58 3.20
N GLN A 77 10.63 -6.54 4.07
CA GLN A 77 10.99 -7.91 3.61
C GLN A 77 11.41 -8.77 4.80
N ASP A 78 10.85 -8.54 5.96
CA ASP A 78 11.24 -9.35 7.15
C ASP A 78 12.75 -9.31 7.33
N PRO A 79 13.23 -9.81 8.43
CA PRO A 79 14.65 -9.84 8.73
C PRO A 79 15.36 -10.87 7.85
N GLU A 80 14.61 -11.64 7.11
CA GLU A 80 15.23 -12.67 6.22
C GLU A 80 15.27 -12.14 4.79
N GLY A 81 14.19 -11.59 4.31
CA GLY A 81 14.16 -11.05 2.93
C GLY A 81 12.75 -11.17 2.36
N ASN A 82 11.97 -12.08 2.86
CA ASN A 82 10.58 -12.23 2.34
C ASN A 82 9.94 -10.85 2.22
N LYS A 83 9.94 -10.28 1.03
CA LYS A 83 9.35 -8.92 0.84
C LYS A 83 8.14 -8.75 1.73
N THR A 84 7.94 -7.57 2.22
CA THR A 84 6.78 -7.32 3.11
C THR A 84 5.93 -6.19 2.53
N MET A 85 4.69 -6.45 2.25
CA MET A 85 3.83 -5.39 1.68
C MET A 85 2.89 -4.87 2.77
N VAL A 86 2.33 -3.70 2.59
CA VAL A 86 1.42 -3.15 3.60
C VAL A 86 0.01 -3.71 3.38
N ARG A 87 -0.73 -3.90 4.44
CA ARG A 87 -2.11 -4.44 4.31
C ARG A 87 -3.04 -3.58 5.16
N PHE A 88 -4.27 -3.99 5.33
CA PHE A 88 -5.21 -3.19 6.15
C PHE A 88 -6.17 -4.10 6.91
N SER A 89 -6.17 -4.02 8.21
CA SER A 89 -7.09 -4.87 9.01
C SER A 89 -8.30 -4.03 9.45
N ARG A 90 -9.47 -4.58 9.39
CA ARG A 90 -10.68 -3.81 9.80
C ARG A 90 -10.93 -4.01 11.29
N LYS A 91 -10.24 -4.93 11.89
CA LYS A 91 -10.44 -5.17 13.35
C LYS A 91 -9.96 -3.93 14.13
N THR A 92 -9.10 -3.15 13.53
CA THR A 92 -8.60 -1.93 14.23
C THR A 92 -8.41 -0.80 13.21
N LYS A 93 -8.87 -0.98 12.01
CA LYS A 93 -8.71 0.09 10.98
C LYS A 93 -7.25 0.56 10.98
N GLN A 94 -6.34 -0.32 10.66
CA GLN A 94 -4.89 0.07 10.64
C GLN A 94 -4.19 -0.64 9.49
N GLN A 95 -2.94 -0.34 9.27
CA GLN A 95 -2.20 -1.01 8.16
C GLN A 95 -1.31 -2.10 8.72
N TYR A 96 -1.50 -3.33 8.30
CA TYR A 96 -0.64 -4.43 8.80
C TYR A 96 0.17 -4.99 7.63
N VAL A 97 1.46 -5.02 7.74
CA VAL A 97 2.30 -5.54 6.62
C VAL A 97 2.46 -7.05 6.75
N SER A 98 2.96 -7.69 5.72
CA SER A 98 3.15 -9.16 5.78
C SER A 98 4.31 -9.55 4.85
N SER A 99 5.32 -10.17 5.38
CA SER A 99 6.48 -10.57 4.53
C SER A 99 6.04 -11.65 3.54
N GLU A 100 5.51 -11.27 2.41
CA GLU A 100 5.06 -12.28 1.41
C GLU A 100 5.95 -12.19 0.17
N LYS A 101 6.09 -13.27 -0.55
CA LYS A 101 6.94 -13.25 -1.77
C LYS A 101 6.18 -13.86 -2.95
N ASP A 102 6.02 -13.13 -4.01
CA ASP A 102 5.29 -13.67 -5.19
C ASP A 102 3.85 -14.02 -4.78
N GLY A 103 3.66 -15.21 -4.32
CA GLY A 103 2.29 -15.64 -3.90
C GLY A 103 2.40 -16.70 -2.81
N LYS A 104 3.17 -16.43 -1.79
CA LYS A 104 3.31 -17.42 -0.68
C LYS A 104 3.40 -16.68 0.66
N ALA A 105 2.29 -16.18 1.14
CA ALA A 105 2.31 -15.45 2.43
C ALA A 105 3.17 -16.22 3.44
N THR A 106 4.42 -15.86 3.56
CA THR A 106 5.32 -16.57 4.51
C THR A 106 4.63 -16.69 5.88
N GLY A 107 3.71 -15.80 6.15
CA GLY A 107 3.01 -15.86 7.47
C GLY A 107 3.34 -14.59 8.24
N TRP A 108 4.50 -14.04 8.01
CA TRP A 108 4.91 -12.79 8.72
C TRP A 108 3.84 -11.72 8.47
N SER A 109 3.32 -11.13 9.51
CA SER A 109 2.28 -10.08 9.34
C SER A 109 2.37 -9.08 10.49
N ALA A 110 2.99 -7.95 10.29
CA ALA A 110 3.10 -6.95 11.38
C ALA A 110 1.89 -6.03 11.37
N PHE A 111 1.62 -5.37 12.46
CA PHE A 111 0.46 -4.45 12.51
C PHE A 111 0.90 -3.08 13.01
N TYR A 112 0.31 -2.04 12.50
CA TYR A 112 0.69 -0.68 12.96
C TYR A 112 -0.19 -0.28 14.14
N VAL A 113 0.35 -0.28 15.33
CA VAL A 113 -0.46 0.11 16.50
C VAL A 113 -0.33 1.62 16.69
N ASP A 114 -0.24 2.10 17.89
CA ASP A 114 -0.09 3.57 18.08
C ASP A 114 1.29 3.93 17.58
N GLY A 115 1.42 4.18 16.29
CA GLY A 115 2.78 4.43 15.76
C GLY A 115 3.65 3.31 16.30
N LYS A 116 3.04 2.17 16.57
CA LYS A 116 3.80 1.04 17.16
C LYS A 116 3.67 -0.23 16.31
N TRP A 117 4.42 -0.34 15.25
CA TRP A 117 4.33 -1.58 14.44
C TRP A 117 4.39 -2.79 15.37
N VAL A 118 3.95 -3.93 14.94
CA VAL A 118 3.99 -5.13 15.82
C VAL A 118 4.14 -6.40 14.97
N GLU A 119 4.23 -7.54 15.59
CA GLU A 119 4.39 -8.80 14.81
C GLU A 119 3.51 -9.89 15.43
N GLY A 120 2.63 -10.47 14.66
CA GLY A 120 1.75 -11.54 15.21
C GLY A 120 2.45 -12.89 15.08
N LYS A 121 3.39 -12.99 14.19
CA LYS A 121 4.12 -14.29 14.02
C LYS A 121 3.11 -15.38 13.64
N LYS A 122 3.01 -15.68 12.37
CA LYS A 122 2.06 -16.75 11.94
C LYS A 122 0.72 -16.56 12.66
N MET A 1 -30.54 7.46 -4.03
CA MET A 1 -29.76 6.27 -4.48
C MET A 1 -28.42 6.73 -5.06
N ASN A 2 -28.40 7.85 -5.73
CA ASN A 2 -27.13 8.35 -6.31
C ASN A 2 -26.02 8.29 -5.25
N GLY A 3 -24.85 7.86 -5.62
CA GLY A 3 -23.74 7.77 -4.64
C GLY A 3 -22.40 7.99 -5.36
N GLU A 4 -22.07 9.22 -5.66
CA GLU A 4 -20.78 9.49 -6.36
C GLU A 4 -19.62 8.93 -5.54
N VAL A 5 -18.51 8.67 -6.17
CA VAL A 5 -17.34 8.12 -5.42
C VAL A 5 -16.06 8.39 -6.20
N ALA A 6 -15.16 9.16 -5.64
CA ALA A 6 -13.89 9.47 -6.36
C ALA A 6 -14.21 9.95 -7.78
N PRO A 7 -14.56 11.21 -7.87
CA PRO A 7 -14.89 11.82 -9.15
C PRO A 7 -13.79 11.54 -10.18
N PRO A 8 -14.11 11.70 -11.43
CA PRO A 8 -13.17 11.47 -12.52
C PRO A 8 -11.86 12.21 -12.25
N LYS A 9 -11.94 13.35 -11.59
CA LYS A 9 -10.70 14.12 -11.30
C LYS A 9 -10.21 13.79 -9.89
N GLU A 10 -9.09 13.15 -9.77
CA GLU A 10 -8.57 12.80 -8.42
C GLU A 10 -7.04 12.85 -8.43
N ASP A 11 -6.44 13.61 -7.56
CA ASP A 11 -4.95 13.69 -7.54
C ASP A 11 -4.45 13.35 -6.13
N PRO A 12 -4.55 12.11 -5.76
CA PRO A 12 -4.12 11.64 -4.46
C PRO A 12 -2.59 11.55 -4.42
N VAL A 13 -2.04 10.41 -4.72
CA VAL A 13 -0.56 10.26 -4.73
C VAL A 13 -0.14 9.47 -5.97
N PRO A 14 -0.39 10.05 -7.12
CA PRO A 14 -0.06 9.43 -8.39
C PRO A 14 1.39 8.93 -8.40
N LEU A 15 1.62 7.72 -8.83
CA LEU A 15 3.02 7.21 -8.88
C LEU A 15 3.39 6.81 -10.31
N PRO A 16 3.12 7.67 -11.26
CA PRO A 16 3.44 7.45 -12.66
C PRO A 16 4.79 6.74 -12.82
N GLU A 17 5.67 6.83 -11.85
CA GLU A 17 6.99 6.13 -11.97
C GLU A 17 6.83 4.63 -11.73
N LEU A 18 5.63 4.11 -11.81
CA LEU A 18 5.42 2.65 -11.59
C LEU A 18 4.31 2.17 -12.53
N PRO A 19 4.72 1.66 -13.67
CA PRO A 19 3.77 1.18 -14.67
C PRO A 19 2.70 0.30 -14.04
N CYS A 20 1.54 0.24 -14.66
CA CYS A 20 0.43 -0.59 -14.12
C CYS A 20 0.26 -1.85 -14.97
N GLU A 21 -0.40 -1.73 -16.09
CA GLU A 21 -0.59 -2.92 -16.97
C GLU A 21 0.45 -2.92 -18.08
N LYS A 22 1.67 -2.58 -17.76
CA LYS A 22 2.74 -2.55 -18.80
C LYS A 22 2.28 -1.68 -19.97
N SER A 23 1.32 -0.81 -19.74
CA SER A 23 0.83 0.06 -20.82
C SER A 23 1.08 1.53 -20.45
N ASP A 24 0.30 2.43 -20.98
CA ASP A 24 0.49 3.86 -20.65
C ASP A 24 -0.12 4.15 -19.28
N ALA A 25 -0.64 3.14 -18.63
CA ALA A 25 -1.25 3.34 -17.29
C ALA A 25 -0.17 3.22 -16.22
N TYR A 26 -0.37 3.85 -15.10
CA TYR A 26 0.64 3.77 -14.00
C TYR A 26 -0.06 3.39 -12.70
N PHE A 27 0.60 3.56 -11.58
CA PHE A 27 -0.05 3.19 -10.28
C PHE A 27 -0.31 4.45 -9.45
N VAL A 28 -1.46 5.04 -9.60
CA VAL A 28 -1.78 6.25 -8.80
C VAL A 28 -2.23 5.83 -7.40
N LEU A 29 -1.41 6.06 -6.41
CA LEU A 29 -1.78 5.66 -5.03
C LEU A 29 -3.04 6.41 -4.60
N ARG A 30 -4.07 5.69 -4.28
CA ARG A 30 -5.34 6.35 -3.85
C ARG A 30 -5.71 5.83 -2.45
N ASP A 31 -6.90 6.13 -1.99
CA ASP A 31 -7.31 5.65 -0.65
C ASP A 31 -8.81 5.36 -0.64
N GLY A 32 -9.18 4.11 -0.67
CA GLY A 32 -10.63 3.75 -0.67
C GLY A 32 -11.25 4.14 0.67
N ALA A 33 -12.23 3.41 1.13
CA ALA A 33 -12.87 3.75 2.42
C ALA A 33 -12.42 2.77 3.49
N ALA A 34 -11.46 1.93 3.18
CA ALA A 34 -10.97 0.94 4.19
C ALA A 34 -9.51 1.25 4.52
N GLY A 35 -8.68 1.43 3.54
CA GLY A 35 -7.25 1.72 3.81
C GLY A 35 -6.62 2.41 2.59
N VAL A 36 -5.35 2.24 2.38
CA VAL A 36 -4.69 2.88 1.22
C VAL A 36 -4.29 1.81 0.19
N PHE A 37 -3.93 2.21 -0.99
CA PHE A 37 -3.54 1.22 -2.02
C PHE A 37 -3.09 1.94 -3.30
N LEU A 38 -2.77 1.21 -4.33
CA LEU A 38 -2.32 1.85 -5.59
C LEU A 38 -3.11 1.26 -6.77
N ALA A 39 -4.09 1.96 -7.24
CA ALA A 39 -4.89 1.46 -8.39
C ALA A 39 -4.32 2.01 -9.69
N ALA A 40 -4.51 1.33 -10.79
CA ALA A 40 -3.98 1.82 -12.08
C ALA A 40 -4.68 3.14 -12.44
N ASN A 41 -3.95 4.09 -12.95
CA ASN A 41 -4.58 5.40 -13.31
C ASN A 41 -5.49 5.21 -14.52
N THR A 42 -5.44 4.05 -15.14
CA THR A 42 -6.31 3.81 -16.32
C THR A 42 -7.51 2.96 -15.91
N PHE A 43 -7.58 2.58 -14.65
CA PHE A 43 -8.73 1.74 -14.16
C PHE A 43 -10.02 2.17 -14.88
N PRO A 44 -10.87 1.20 -15.15
CA PRO A 44 -10.62 -0.19 -14.82
C PRO A 44 -9.63 -0.81 -15.80
N LYS A 45 -9.17 -0.05 -16.76
CA LYS A 45 -8.20 -0.60 -17.76
C LYS A 45 -7.16 -1.48 -17.05
N SER A 46 -6.90 -1.20 -15.80
CA SER A 46 -5.90 -2.02 -15.05
C SER A 46 -6.33 -2.12 -13.58
N ARG A 47 -6.91 -3.23 -13.20
CA ARG A 47 -7.34 -3.40 -11.79
C ARG A 47 -6.20 -4.00 -10.98
N GLU A 48 -4.99 -3.59 -11.23
CA GLU A 48 -3.84 -4.15 -10.48
C GLU A 48 -3.66 -3.37 -9.18
N THR A 49 -4.71 -3.18 -8.43
CA THR A 49 -4.60 -2.43 -7.15
C THR A 49 -4.28 -3.39 -6.01
N ARG A 50 -3.35 -3.04 -5.16
CA ARG A 50 -3.00 -3.93 -4.02
C ARG A 50 -2.51 -3.10 -2.85
N ALA A 51 -1.96 -3.72 -1.84
CA ALA A 51 -1.46 -2.94 -0.66
C ALA A 51 -0.09 -2.32 -1.01
N PRO A 52 0.10 -1.10 -0.60
CA PRO A 52 1.35 -0.38 -0.87
C PRO A 52 2.56 -1.18 -0.36
N LEU A 53 3.12 -2.03 -1.17
CA LEU A 53 4.32 -2.80 -0.72
C LEU A 53 5.27 -1.85 0.02
N VAL A 54 5.44 -2.05 1.30
CA VAL A 54 6.34 -1.15 2.08
C VAL A 54 7.66 -0.98 1.33
N GLU A 55 8.01 -1.92 0.49
CA GLU A 55 9.28 -1.79 -0.27
C GLU A 55 9.11 -0.73 -1.36
N GLU A 56 8.05 -0.81 -2.11
CA GLU A 56 7.83 0.20 -3.18
C GLU A 56 7.76 1.59 -2.54
N LEU A 57 7.08 1.69 -1.44
CA LEU A 57 6.98 3.02 -0.74
C LEU A 57 8.37 3.49 -0.36
N TYR A 58 9.20 2.61 0.14
CA TYR A 58 10.58 3.03 0.54
C TYR A 58 11.30 3.60 -0.68
N ARG A 59 11.30 2.88 -1.77
CA ARG A 59 11.98 3.38 -2.99
C ARG A 59 11.24 4.60 -3.52
N PHE A 60 10.06 4.85 -3.02
CA PHE A 60 9.28 6.03 -3.49
C PHE A 60 9.25 7.09 -2.38
N ARG A 61 10.27 7.16 -1.58
CA ARG A 61 10.30 8.17 -0.49
C ARG A 61 10.40 9.57 -1.10
N ASP A 62 11.03 9.69 -2.23
CA ASP A 62 11.15 11.03 -2.88
C ASP A 62 9.78 11.47 -3.39
N ARG A 63 8.79 10.63 -3.29
CA ARG A 63 7.43 11.00 -3.77
C ARG A 63 6.42 10.80 -2.63
N LEU A 64 6.88 10.31 -1.51
CA LEU A 64 5.96 10.07 -0.37
C LEU A 64 5.62 11.42 0.30
N PRO A 65 4.37 11.78 0.27
CA PRO A 65 3.94 13.03 0.89
C PRO A 65 4.09 12.94 2.40
N GLU A 66 3.17 12.31 3.07
CA GLU A 66 3.26 12.18 4.55
C GLU A 66 2.05 11.41 5.06
N LYS A 67 0.93 11.56 4.40
CA LYS A 67 -0.30 10.84 4.86
C LYS A 67 -0.06 9.33 4.91
N LEU A 68 1.07 8.87 4.40
CA LEU A 68 1.34 7.40 4.43
C LEU A 68 2.81 7.17 4.75
N ARG A 69 3.53 8.20 5.12
CA ARG A 69 4.97 8.02 5.44
C ARG A 69 5.13 6.90 6.47
N TYR A 70 4.56 7.05 7.62
CA TYR A 70 4.66 5.99 8.67
C TYR A 70 4.45 4.63 8.02
N LEU A 71 3.55 4.53 7.08
CA LEU A 71 3.29 3.24 6.40
C LEU A 71 4.56 2.80 5.67
N ALA A 72 5.15 3.67 4.90
CA ALA A 72 6.40 3.30 4.19
C ALA A 72 7.52 3.05 5.21
N ASP A 73 7.27 3.35 6.45
CA ASP A 73 8.31 3.13 7.49
C ASP A 73 8.30 1.66 7.90
N ALA A 74 7.14 1.05 7.93
CA ALA A 74 7.07 -0.38 8.33
C ALA A 74 8.12 -1.16 7.56
N PRO A 75 8.31 -2.41 7.93
CA PRO A 75 9.28 -3.26 7.28
C PRO A 75 8.80 -3.58 5.86
N GLN A 76 9.69 -4.03 5.01
CA GLN A 76 9.28 -4.34 3.61
C GLN A 76 9.89 -5.68 3.18
N GLN A 77 10.03 -6.62 4.07
CA GLN A 77 10.61 -7.94 3.67
C GLN A 77 10.53 -8.92 4.84
N ASP A 78 10.65 -8.43 6.05
CA ASP A 78 10.57 -9.32 7.24
C ASP A 78 11.95 -9.97 7.49
N PRO A 79 12.14 -10.47 8.69
CA PRO A 79 13.40 -11.09 9.09
C PRO A 79 13.95 -12.05 8.02
N GLU A 80 13.10 -12.65 7.23
CA GLU A 80 13.59 -13.58 6.19
C GLU A 80 13.89 -12.81 4.90
N GLY A 81 13.10 -11.83 4.59
CA GLY A 81 13.34 -11.04 3.35
C GLY A 81 12.10 -11.05 2.46
N ASN A 82 11.05 -11.69 2.91
CA ASN A 82 9.81 -11.73 2.08
C ASN A 82 9.20 -10.34 2.04
N LYS A 83 9.31 -9.66 0.92
CA LYS A 83 8.75 -8.28 0.81
C LYS A 83 7.40 -8.22 1.54
N THR A 84 7.21 -7.23 2.36
CA THR A 84 5.91 -7.12 3.07
C THR A 84 5.17 -5.89 2.58
N MET A 85 3.88 -5.98 2.50
CA MET A 85 3.08 -4.81 2.02
C MET A 85 2.20 -4.28 3.15
N VAL A 86 1.93 -3.01 3.15
CA VAL A 86 1.08 -2.43 4.23
C VAL A 86 -0.37 -2.85 4.07
N ARG A 87 -0.81 -3.77 4.88
CA ARG A 87 -2.23 -4.21 4.81
C ARG A 87 -3.05 -3.31 5.74
N PHE A 88 -4.33 -3.55 5.86
CA PHE A 88 -5.16 -2.71 6.76
C PHE A 88 -6.03 -3.59 7.63
N SER A 89 -5.99 -3.38 8.93
CA SER A 89 -6.83 -4.20 9.85
C SER A 89 -8.03 -3.39 10.30
N ARG A 90 -9.20 -3.95 10.25
CA ARG A 90 -10.42 -3.19 10.68
C ARG A 90 -10.64 -3.40 12.18
N LYS A 91 -9.92 -4.32 12.78
CA LYS A 91 -10.09 -4.55 14.24
C LYS A 91 -9.62 -3.32 15.01
N THR A 92 -8.81 -2.50 14.39
CA THR A 92 -8.31 -1.28 15.09
C THR A 92 -8.08 -0.17 14.07
N LYS A 93 -8.63 -0.31 12.89
CA LYS A 93 -8.44 0.75 11.85
C LYS A 93 -6.96 1.15 11.80
N GLN A 94 -6.08 0.20 11.63
CA GLN A 94 -4.63 0.53 11.58
C GLN A 94 -4.00 -0.12 10.34
N GLN A 95 -2.70 -0.08 10.24
CA GLN A 95 -2.03 -0.69 9.05
C GLN A 95 -1.16 -1.87 9.49
N TYR A 96 -1.50 -3.06 9.10
CA TYR A 96 -0.67 -4.24 9.46
C TYR A 96 -0.02 -4.77 8.20
N VAL A 97 1.28 -4.93 8.19
CA VAL A 97 1.98 -5.40 6.94
C VAL A 97 1.95 -6.92 6.87
N SER A 98 2.41 -7.45 5.76
CA SER A 98 2.39 -8.92 5.59
C SER A 98 3.55 -9.34 4.67
N SER A 99 4.49 -10.10 5.18
CA SER A 99 5.63 -10.54 4.33
C SER A 99 5.18 -11.72 3.48
N GLU A 100 5.51 -11.73 2.21
CA GLU A 100 5.10 -12.86 1.34
C GLU A 100 6.30 -13.38 0.56
N LYS A 101 6.45 -14.67 0.46
CA LYS A 101 7.60 -15.24 -0.29
C LYS A 101 7.23 -15.44 -1.76
N ASP A 102 7.66 -14.56 -2.62
CA ASP A 102 7.33 -14.69 -4.06
C ASP A 102 5.83 -14.44 -4.27
N GLY A 103 5.15 -14.03 -3.24
CA GLY A 103 3.68 -13.78 -3.38
C GLY A 103 2.90 -15.03 -3.00
N LYS A 104 3.38 -15.77 -2.03
CA LYS A 104 2.66 -17.01 -1.62
C LYS A 104 2.19 -16.88 -0.17
N ALA A 105 2.37 -15.72 0.42
CA ALA A 105 1.93 -15.53 1.83
C ALA A 105 2.71 -16.49 2.74
N THR A 106 3.25 -16.00 3.81
CA THR A 106 4.02 -16.88 4.73
C THR A 106 3.42 -16.82 6.14
N GLY A 107 2.55 -15.87 6.39
CA GLY A 107 1.93 -15.76 7.74
C GLY A 107 2.50 -14.52 8.45
N TRP A 108 3.61 -14.03 7.97
CA TRP A 108 4.22 -12.82 8.61
C TRP A 108 3.25 -11.64 8.49
N SER A 109 2.92 -11.04 9.60
CA SER A 109 1.97 -9.88 9.55
C SER A 109 2.38 -8.86 10.62
N ALA A 110 2.86 -7.72 10.21
CA ALA A 110 3.28 -6.68 11.21
C ALA A 110 2.11 -5.75 11.52
N PHE A 111 2.20 -5.01 12.59
CA PHE A 111 1.09 -4.09 12.94
C PHE A 111 1.67 -2.73 13.32
N TYR A 112 1.10 -1.67 12.80
CA TYR A 112 1.62 -0.31 13.14
C TYR A 112 0.94 0.19 14.41
N VAL A 113 1.61 0.15 15.52
CA VAL A 113 1.00 0.64 16.77
C VAL A 113 1.31 2.13 16.90
N ASP A 114 1.55 2.61 18.08
CA ASP A 114 1.89 4.05 18.24
C ASP A 114 3.25 4.24 17.61
N GLY A 115 3.31 4.47 16.33
CA GLY A 115 4.65 4.56 15.68
C GLY A 115 5.42 3.33 16.16
N LYS A 116 4.68 2.28 16.48
CA LYS A 116 5.33 1.06 17.02
C LYS A 116 5.04 -0.15 16.13
N TRP A 117 5.53 -0.18 14.91
CA TRP A 117 5.26 -1.36 14.06
C TRP A 117 5.56 -2.63 14.88
N VAL A 118 5.03 -3.75 14.49
CA VAL A 118 5.28 -5.00 15.26
C VAL A 118 5.22 -6.20 14.32
N GLU A 119 5.33 -7.39 14.83
CA GLU A 119 5.28 -8.59 13.97
C GLU A 119 4.18 -9.54 14.46
N GLY A 120 3.67 -10.38 13.61
CA GLY A 120 2.61 -11.32 14.03
C GLY A 120 3.12 -12.76 13.94
N LYS A 121 4.37 -12.97 14.25
CA LYS A 121 4.93 -14.35 14.18
C LYS A 121 4.06 -15.29 15.02
N LYS A 122 3.19 -16.03 14.38
CA LYS A 122 2.32 -16.97 15.13
C LYS A 122 2.02 -18.20 14.26
N MET A 1 -26.36 16.69 0.70
CA MET A 1 -26.83 15.31 1.01
C MET A 1 -25.64 14.44 1.41
N ASN A 2 -25.72 13.78 2.53
CA ASN A 2 -24.58 12.92 2.98
C ASN A 2 -24.30 11.87 1.90
N GLY A 3 -23.13 11.28 1.93
CA GLY A 3 -22.80 10.24 0.91
C GLY A 3 -21.68 10.76 0.01
N GLU A 4 -20.54 11.06 0.57
CA GLU A 4 -19.41 11.56 -0.25
C GLU A 4 -18.14 10.80 0.11
N VAL A 5 -17.25 10.62 -0.84
CA VAL A 5 -15.98 9.89 -0.55
C VAL A 5 -15.06 9.96 -1.77
N ALA A 6 -14.30 11.00 -1.88
CA ALA A 6 -13.38 11.13 -3.05
C ALA A 6 -14.18 11.52 -4.30
N PRO A 7 -14.49 12.79 -4.40
CA PRO A 7 -15.24 13.31 -5.53
C PRO A 7 -14.36 13.33 -6.79
N PRO A 8 -14.97 13.66 -7.90
CA PRO A 8 -14.26 13.71 -9.17
C PRO A 8 -12.97 14.52 -9.03
N LYS A 9 -12.00 14.26 -9.85
CA LYS A 9 -10.72 15.02 -9.76
C LYS A 9 -10.11 14.79 -8.37
N GLU A 10 -8.95 14.18 -8.31
CA GLU A 10 -8.32 13.93 -6.99
C GLU A 10 -6.85 14.34 -7.03
N ASP A 11 -6.13 13.93 -8.04
CA ASP A 11 -4.69 14.28 -8.12
C ASP A 11 -4.04 14.10 -6.75
N PRO A 12 -4.07 12.88 -6.28
CA PRO A 12 -3.50 12.53 -4.98
C PRO A 12 -1.98 12.41 -5.07
N VAL A 13 -1.48 11.22 -5.28
CA VAL A 13 0.00 11.05 -5.38
C VAL A 13 0.30 10.08 -6.53
N PRO A 14 0.00 10.52 -7.72
CA PRO A 14 0.23 9.72 -8.92
C PRO A 14 1.67 9.17 -8.92
N LEU A 15 1.85 7.93 -9.26
CA LEU A 15 3.22 7.36 -9.27
C LEU A 15 3.56 6.83 -10.67
N PRO A 16 3.35 7.64 -11.67
CA PRO A 16 3.66 7.27 -13.04
C PRO A 16 4.98 6.49 -13.11
N GLU A 17 5.97 6.87 -12.34
CA GLU A 17 7.27 6.15 -12.36
C GLU A 17 7.02 4.64 -12.42
N LEU A 18 6.17 4.16 -11.55
CA LEU A 18 5.86 2.70 -11.53
C LEU A 18 4.72 2.41 -12.51
N PRO A 19 4.94 1.49 -13.43
CA PRO A 19 3.93 1.14 -14.42
C PRO A 19 2.78 0.36 -13.78
N CYS A 20 1.69 0.24 -14.48
CA CYS A 20 0.52 -0.51 -13.92
C CYS A 20 0.25 -1.76 -14.77
N GLU A 21 -0.49 -1.62 -15.84
CA GLU A 21 -0.79 -2.80 -16.69
C GLU A 21 -0.07 -2.65 -18.04
N LYS A 22 0.99 -1.89 -18.08
CA LYS A 22 1.71 -1.71 -19.37
C LYS A 22 0.72 -1.28 -20.45
N SER A 23 -0.40 -0.74 -20.04
CA SER A 23 -1.43 -0.29 -21.02
C SER A 23 -1.37 1.23 -21.16
N ASP A 24 -0.23 1.81 -20.93
CA ASP A 24 -0.10 3.29 -21.02
C ASP A 24 -0.61 3.91 -19.73
N ALA A 25 -0.95 3.10 -18.77
CA ALA A 25 -1.46 3.64 -17.49
C ALA A 25 -0.32 3.66 -16.47
N TYR A 26 -0.62 3.96 -15.24
CA TYR A 26 0.45 4.00 -14.21
C TYR A 26 -0.13 3.63 -12.85
N PHE A 27 0.61 3.84 -11.79
CA PHE A 27 0.08 3.48 -10.44
C PHE A 27 -0.12 4.75 -9.60
N VAL A 28 -1.27 5.36 -9.70
CA VAL A 28 -1.53 6.59 -8.90
C VAL A 28 -2.10 6.20 -7.54
N LEU A 29 -1.54 6.72 -6.48
CA LEU A 29 -2.05 6.37 -5.12
C LEU A 29 -3.39 7.06 -4.88
N ARG A 30 -4.31 6.38 -4.24
CA ARG A 30 -5.64 6.99 -3.96
C ARG A 30 -6.14 6.48 -2.61
N ASP A 31 -7.38 6.74 -2.29
CA ASP A 31 -7.92 6.26 -0.99
C ASP A 31 -9.20 5.46 -1.23
N GLY A 32 -9.14 4.16 -1.07
CA GLY A 32 -10.35 3.33 -1.29
C GLY A 32 -11.27 3.41 -0.07
N ALA A 33 -11.58 2.31 0.54
CA ALA A 33 -12.46 2.33 1.73
C ALA A 33 -11.73 1.70 2.92
N ALA A 34 -10.91 0.71 2.68
CA ALA A 34 -10.18 0.06 3.79
C ALA A 34 -8.94 0.90 4.15
N GLY A 35 -8.27 1.42 3.16
CA GLY A 35 -7.06 2.25 3.44
C GLY A 35 -6.43 2.70 2.13
N VAL A 36 -5.65 3.74 2.15
CA VAL A 36 -4.99 4.23 0.91
C VAL A 36 -4.44 3.02 0.13
N PHE A 37 -4.08 3.24 -1.11
CA PHE A 37 -3.53 2.11 -1.91
C PHE A 37 -3.01 2.64 -3.25
N LEU A 38 -2.71 1.78 -4.16
CA LEU A 38 -2.19 2.23 -5.49
C LEU A 38 -3.02 1.58 -6.60
N ALA A 39 -3.86 2.34 -7.25
CA ALA A 39 -4.70 1.77 -8.34
C ALA A 39 -4.18 2.23 -9.69
N ALA A 40 -4.45 1.49 -10.72
CA ALA A 40 -3.99 1.89 -12.07
C ALA A 40 -4.76 3.14 -12.51
N ASN A 41 -4.06 4.19 -12.88
CA ASN A 41 -4.75 5.43 -13.29
C ASN A 41 -5.72 5.16 -14.44
N THR A 42 -5.60 4.02 -15.07
CA THR A 42 -6.52 3.71 -16.20
C THR A 42 -7.82 3.09 -15.65
N PHE A 43 -8.07 3.25 -14.38
CA PHE A 43 -9.31 2.68 -13.79
C PHE A 43 -10.53 3.41 -14.36
N PRO A 44 -11.57 2.67 -14.64
CA PRO A 44 -11.60 1.23 -14.44
C PRO A 44 -10.86 0.51 -15.57
N LYS A 45 -9.79 -0.18 -15.25
CA LYS A 45 -9.02 -0.91 -16.29
C LYS A 45 -8.26 -2.05 -15.61
N SER A 46 -7.10 -1.77 -15.09
CA SER A 46 -6.32 -2.83 -14.41
C SER A 46 -6.69 -2.86 -12.93
N ARG A 47 -7.02 -4.01 -12.41
CA ARG A 47 -7.40 -4.07 -10.97
C ARG A 47 -6.15 -4.31 -10.13
N GLU A 48 -5.11 -3.56 -10.40
CA GLU A 48 -3.84 -3.73 -9.63
C GLU A 48 -3.92 -2.88 -8.35
N THR A 49 -5.00 -2.98 -7.63
CA THR A 49 -5.14 -2.19 -6.38
C THR A 49 -4.68 -3.02 -5.19
N ARG A 50 -3.91 -2.45 -4.30
CA ARG A 50 -3.43 -3.20 -3.12
C ARG A 50 -2.24 -2.46 -2.49
N ALA A 51 -2.13 -2.47 -1.19
CA ALA A 51 -1.00 -1.77 -0.53
C ALA A 51 0.29 -2.09 -1.28
N PRO A 52 1.18 -1.12 -1.34
CA PRO A 52 2.44 -1.27 -2.03
C PRO A 52 3.49 -1.93 -1.12
N LEU A 53 4.40 -2.68 -1.69
CA LEU A 53 5.46 -3.33 -0.88
C LEU A 53 6.10 -2.25 0.01
N VAL A 54 6.55 -2.60 1.18
CA VAL A 54 7.17 -1.57 2.06
C VAL A 54 8.41 -1.00 1.36
N GLU A 55 9.07 -1.79 0.55
CA GLU A 55 10.27 -1.29 -0.16
C GLU A 55 9.82 -0.36 -1.29
N GLU A 56 8.67 -0.63 -1.86
CA GLU A 56 8.17 0.25 -2.96
C GLU A 56 7.80 1.61 -2.37
N LEU A 57 7.32 1.62 -1.16
CA LEU A 57 6.94 2.91 -0.52
C LEU A 57 8.20 3.72 -0.23
N TYR A 58 9.24 3.07 0.23
CA TYR A 58 10.50 3.80 0.52
C TYR A 58 11.08 4.35 -0.79
N ARG A 59 10.93 3.63 -1.86
CA ARG A 59 11.47 4.11 -3.17
C ARG A 59 10.75 5.40 -3.57
N PHE A 60 9.46 5.44 -3.40
CA PHE A 60 8.70 6.68 -3.78
C PHE A 60 8.48 7.54 -2.53
N ARG A 61 9.30 7.37 -1.53
CA ARG A 61 9.14 8.18 -0.28
C ARG A 61 9.36 9.65 -0.61
N ASP A 62 10.35 9.96 -1.41
CA ASP A 62 10.62 11.38 -1.75
C ASP A 62 9.58 11.87 -2.75
N ARG A 63 8.67 11.01 -3.14
CA ARG A 63 7.62 11.43 -4.12
C ARG A 63 6.24 11.28 -3.48
N LEU A 64 6.18 10.87 -2.25
CA LEU A 64 4.86 10.69 -1.59
C LEU A 64 4.59 11.91 -0.68
N PRO A 65 3.37 12.01 -0.20
CA PRO A 65 2.98 13.10 0.67
C PRO A 65 3.61 12.94 2.05
N GLU A 66 2.99 12.21 2.92
CA GLU A 66 3.55 12.02 4.29
C GLU A 66 2.64 11.11 5.11
N LYS A 67 1.36 11.11 4.82
CA LYS A 67 0.42 10.24 5.59
C LYS A 67 0.73 8.75 5.38
N LEU A 68 1.73 8.43 4.59
CA LEU A 68 2.06 6.99 4.38
C LEU A 68 3.54 6.74 4.68
N ARG A 69 4.25 7.76 5.07
CA ARG A 69 5.70 7.58 5.37
C ARG A 69 5.87 6.49 6.44
N TYR A 70 5.24 6.66 7.57
CA TYR A 70 5.36 5.63 8.64
C TYR A 70 5.14 4.24 8.03
N LEU A 71 4.38 4.18 6.97
CA LEU A 71 4.13 2.87 6.31
C LEU A 71 5.39 2.45 5.54
N ALA A 72 5.98 3.37 4.83
CA ALA A 72 7.21 3.04 4.08
C ALA A 72 8.35 2.76 5.06
N ASP A 73 8.12 3.00 6.32
CA ASP A 73 9.19 2.74 7.33
C ASP A 73 9.05 1.32 7.87
N ALA A 74 7.86 0.79 7.87
CA ALA A 74 7.66 -0.60 8.39
C ALA A 74 8.65 -1.54 7.70
N PRO A 75 8.91 -2.65 8.33
CA PRO A 75 9.83 -3.64 7.80
C PRO A 75 9.50 -3.95 6.33
N GLN A 76 10.48 -4.37 5.57
CA GLN A 76 10.22 -4.67 4.13
C GLN A 76 10.74 -6.08 3.82
N GLN A 77 10.82 -6.94 4.80
CA GLN A 77 11.33 -8.32 4.56
C GLN A 77 11.05 -9.20 5.79
N ASP A 78 11.14 -8.62 6.96
CA ASP A 78 10.88 -9.41 8.21
C ASP A 78 12.15 -10.19 8.59
N PRO A 79 12.19 -10.62 9.83
CA PRO A 79 13.35 -11.34 10.37
C PRO A 79 13.83 -12.45 9.43
N GLU A 80 12.97 -12.98 8.60
CA GLU A 80 13.40 -14.07 7.68
C GLU A 80 13.92 -13.46 6.37
N GLY A 81 13.37 -12.36 5.95
CA GLY A 81 13.84 -11.72 4.68
C GLY A 81 12.67 -11.60 3.70
N ASN A 82 11.72 -12.50 3.78
CA ASN A 82 10.55 -12.42 2.84
C ASN A 82 10.08 -10.97 2.73
N LYS A 83 10.19 -10.37 1.58
CA LYS A 83 9.74 -8.97 1.45
C LYS A 83 8.35 -8.86 2.08
N THR A 84 8.09 -7.77 2.74
CA THR A 84 6.75 -7.60 3.37
C THR A 84 6.10 -6.34 2.81
N MET A 85 4.85 -6.41 2.46
CA MET A 85 4.18 -5.20 1.91
C MET A 85 3.19 -4.64 2.92
N VAL A 86 2.48 -3.63 2.55
CA VAL A 86 1.49 -3.03 3.49
C VAL A 86 0.16 -3.76 3.39
N ARG A 87 -0.54 -3.84 4.49
CA ARG A 87 -1.86 -4.53 4.49
C ARG A 87 -2.85 -3.67 5.28
N PHE A 88 -4.04 -4.15 5.50
CA PHE A 88 -5.01 -3.33 6.28
C PHE A 88 -5.81 -4.23 7.23
N SER A 89 -5.94 -3.82 8.46
CA SER A 89 -6.71 -4.63 9.44
C SER A 89 -7.98 -3.87 9.80
N ARG A 90 -9.10 -4.54 9.82
CA ARG A 90 -10.37 -3.84 10.17
C ARG A 90 -10.58 -3.90 11.67
N LYS A 91 -9.87 -4.75 12.35
CA LYS A 91 -10.02 -4.84 13.83
C LYS A 91 -9.58 -3.52 14.46
N THR A 92 -8.73 -2.79 13.78
CA THR A 92 -8.27 -1.49 14.33
C THR A 92 -8.19 -0.45 13.21
N LYS A 93 -8.64 -0.80 12.04
CA LYS A 93 -8.59 0.18 10.91
C LYS A 93 -7.18 0.76 10.82
N GLN A 94 -6.19 -0.08 10.61
CA GLN A 94 -4.79 0.43 10.51
C GLN A 94 -4.05 -0.30 9.39
N GLN A 95 -2.78 -0.06 9.25
CA GLN A 95 -2.00 -0.74 8.18
C GLN A 95 -1.05 -1.77 8.80
N TYR A 96 -1.19 -3.01 8.44
CA TYR A 96 -0.29 -4.06 9.00
C TYR A 96 0.54 -4.64 7.84
N VAL A 97 1.81 -4.80 8.02
CA VAL A 97 2.65 -5.35 6.91
C VAL A 97 2.69 -6.87 7.00
N SER A 98 3.11 -7.52 5.94
CA SER A 98 3.18 -9.00 5.94
C SER A 98 4.30 -9.46 5.00
N SER A 99 5.25 -10.20 5.53
CA SER A 99 6.39 -10.68 4.69
C SER A 99 5.88 -11.76 3.72
N GLU A 100 5.30 -11.36 2.61
CA GLU A 100 4.78 -12.38 1.64
C GLU A 100 5.57 -12.29 0.34
N LYS A 101 6.03 -13.40 -0.16
CA LYS A 101 6.81 -13.37 -1.43
C LYS A 101 6.03 -14.10 -2.53
N ASP A 102 5.90 -13.49 -3.68
CA ASP A 102 5.16 -14.14 -4.79
C ASP A 102 3.68 -14.27 -4.40
N GLY A 103 3.33 -15.33 -3.75
CA GLY A 103 1.92 -15.53 -3.35
C GLY A 103 1.83 -16.71 -2.37
N LYS A 104 2.86 -16.93 -1.60
CA LYS A 104 2.82 -18.06 -0.63
C LYS A 104 2.51 -17.52 0.77
N ALA A 105 2.49 -16.23 0.92
CA ALA A 105 2.19 -15.64 2.26
C ALA A 105 2.97 -16.40 3.33
N THR A 106 4.16 -15.95 3.64
CA THR A 106 4.97 -16.64 4.68
C THR A 106 4.20 -16.67 6.00
N GLY A 107 3.45 -15.64 6.29
CA GLY A 107 2.69 -15.60 7.56
C GLY A 107 3.09 -14.36 8.36
N TRP A 108 4.35 -14.02 8.31
CA TRP A 108 4.82 -12.82 9.06
C TRP A 108 3.87 -11.65 8.79
N SER A 109 3.38 -11.02 9.82
CA SER A 109 2.44 -9.88 9.61
C SER A 109 2.62 -8.87 10.76
N ALA A 110 3.27 -7.77 10.49
CA ALA A 110 3.47 -6.75 11.57
C ALA A 110 2.30 -5.77 11.56
N PHE A 111 2.07 -5.11 12.67
CA PHE A 111 0.94 -4.14 12.73
C PHE A 111 1.45 -2.77 13.17
N TYR A 112 1.00 -1.72 12.52
CA TYR A 112 1.46 -0.36 12.90
C TYR A 112 0.55 0.19 14.00
N VAL A 113 1.01 0.21 15.22
CA VAL A 113 0.16 0.74 16.31
C VAL A 113 0.44 2.23 16.44
N ASP A 114 0.46 2.77 17.64
CA ASP A 114 0.76 4.22 17.78
C ASP A 114 2.21 4.41 17.42
N GLY A 115 2.50 4.59 16.16
CA GLY A 115 3.92 4.70 15.76
C GLY A 115 4.60 3.49 16.42
N LYS A 116 3.84 2.44 16.63
CA LYS A 116 4.41 1.25 17.33
C LYS A 116 4.26 -0.01 16.48
N TRP A 117 4.97 -0.12 15.38
CA TRP A 117 4.85 -1.36 14.57
C TRP A 117 4.93 -2.57 15.50
N VAL A 118 4.46 -3.71 15.07
CA VAL A 118 4.52 -4.91 15.95
C VAL A 118 4.63 -6.18 15.09
N GLU A 119 4.64 -7.32 15.71
CA GLU A 119 4.74 -8.59 14.93
C GLU A 119 3.75 -9.61 15.49
N GLY A 120 2.83 -10.07 14.68
CA GLY A 120 1.83 -11.06 15.17
C GLY A 120 2.34 -12.47 14.86
N LYS A 121 2.85 -12.69 13.68
CA LYS A 121 3.36 -14.06 13.33
C LYS A 121 2.16 -15.01 13.18
N LYS A 122 2.31 -16.00 12.33
CA LYS A 122 1.19 -16.96 12.13
C LYS A 122 1.75 -18.36 11.92
N MET A 1 -29.09 10.87 -11.02
CA MET A 1 -27.77 11.55 -10.85
C MET A 1 -27.47 11.71 -9.36
N ASN A 2 -27.11 10.64 -8.70
CA ASN A 2 -26.80 10.73 -7.25
C ASN A 2 -25.81 9.63 -6.87
N GLY A 3 -25.02 9.19 -7.81
CA GLY A 3 -24.02 8.12 -7.51
C GLY A 3 -22.64 8.75 -7.34
N GLU A 4 -22.54 9.83 -6.63
CA GLU A 4 -21.22 10.50 -6.43
C GLU A 4 -20.30 9.56 -5.66
N VAL A 5 -19.33 8.99 -6.31
CA VAL A 5 -18.39 8.07 -5.61
C VAL A 5 -16.96 8.54 -5.81
N ALA A 6 -16.64 9.71 -5.31
CA ALA A 6 -15.25 10.24 -5.48
C ALA A 6 -14.95 10.43 -6.96
N PRO A 7 -15.62 11.40 -7.56
CA PRO A 7 -15.43 11.71 -8.96
C PRO A 7 -13.94 11.86 -9.29
N PRO A 8 -13.65 12.07 -10.55
CA PRO A 8 -12.28 12.24 -11.01
C PRO A 8 -11.57 13.30 -10.16
N LYS A 9 -12.30 14.16 -9.50
CA LYS A 9 -11.67 15.20 -8.66
C LYS A 9 -11.01 14.55 -7.44
N GLU A 10 -9.71 14.52 -7.41
CA GLU A 10 -9.01 13.89 -6.25
C GLU A 10 -7.53 14.24 -6.29
N ASP A 11 -6.85 14.20 -5.17
CA ASP A 11 -5.40 14.53 -5.16
C ASP A 11 -4.62 13.37 -4.53
N PRO A 12 -4.61 12.26 -5.21
CA PRO A 12 -3.91 11.07 -4.74
C PRO A 12 -2.40 11.21 -4.95
N VAL A 13 -1.69 10.12 -4.94
CA VAL A 13 -0.21 10.19 -5.15
C VAL A 13 0.15 9.45 -6.45
N PRO A 14 -0.03 10.12 -7.55
CA PRO A 14 0.28 9.56 -8.85
C PRO A 14 1.65 8.89 -8.81
N LEU A 15 1.75 7.67 -9.26
CA LEU A 15 3.07 7.00 -9.24
C LEU A 15 3.50 6.59 -10.66
N PRO A 16 3.42 7.53 -11.58
CA PRO A 16 3.83 7.30 -12.95
C PRO A 16 5.09 6.41 -13.00
N GLU A 17 6.06 6.67 -12.15
CA GLU A 17 7.29 5.82 -12.16
C GLU A 17 6.88 4.35 -12.28
N LEU A 18 6.01 3.91 -11.43
CA LEU A 18 5.52 2.50 -11.48
C LEU A 18 4.33 2.44 -12.44
N PRO A 19 4.49 1.73 -13.53
CA PRO A 19 3.45 1.62 -14.54
C PRO A 19 2.25 0.80 -14.03
N CYS A 20 1.10 0.99 -14.63
CA CYS A 20 -0.11 0.26 -14.19
C CYS A 20 -0.14 -1.12 -14.87
N GLU A 21 -1.31 -1.63 -15.15
CA GLU A 21 -1.41 -2.96 -15.81
C GLU A 21 -0.49 -3.01 -17.03
N LYS A 22 -0.89 -2.38 -18.10
CA LYS A 22 -0.04 -2.39 -19.33
C LYS A 22 -0.54 -1.31 -20.30
N SER A 23 -1.11 -0.26 -19.78
CA SER A 23 -1.62 0.82 -20.67
C SER A 23 -0.89 2.13 -20.35
N ASP A 24 -1.49 3.24 -20.66
CA ASP A 24 -0.83 4.55 -20.38
C ASP A 24 -1.21 5.00 -18.97
N ALA A 25 -1.66 4.10 -18.15
CA ALA A 25 -2.04 4.47 -16.76
C ALA A 25 -0.83 4.32 -15.84
N TYR A 26 -0.97 4.71 -14.60
CA TYR A 26 0.17 4.57 -13.65
C TYR A 26 -0.37 4.15 -12.28
N PHE A 27 0.41 4.26 -11.25
CA PHE A 27 -0.08 3.84 -9.90
C PHE A 27 -0.47 5.07 -9.06
N VAL A 28 -1.63 5.60 -9.29
CA VAL A 28 -2.08 6.77 -8.50
C VAL A 28 -2.63 6.29 -7.15
N LEU A 29 -1.94 6.60 -6.08
CA LEU A 29 -2.40 6.16 -4.74
C LEU A 29 -3.73 6.83 -4.40
N ARG A 30 -4.80 6.09 -4.44
CA ARG A 30 -6.12 6.67 -4.11
C ARG A 30 -6.47 6.33 -2.66
N ASP A 31 -7.66 6.63 -2.22
CA ASP A 31 -8.04 6.32 -0.83
C ASP A 31 -9.43 5.68 -0.80
N GLY A 32 -9.50 4.38 -0.64
CA GLY A 32 -10.83 3.70 -0.63
C GLY A 32 -10.63 2.19 -0.50
N ALA A 33 -9.91 1.60 -1.42
CA ALA A 33 -9.68 0.13 -1.35
C ALA A 33 -9.17 -0.25 0.04
N ALA A 34 -10.07 -0.56 0.94
CA ALA A 34 -9.65 -0.94 2.32
C ALA A 34 -8.55 0.01 2.80
N GLY A 35 -8.78 1.29 2.69
CA GLY A 35 -7.76 2.27 3.14
C GLY A 35 -6.92 2.71 1.94
N VAL A 36 -6.05 3.67 2.15
CA VAL A 36 -5.19 4.14 1.02
C VAL A 36 -4.64 2.95 0.24
N PHE A 37 -4.20 3.17 -0.97
CA PHE A 37 -3.64 2.06 -1.78
C PHE A 37 -3.19 2.59 -3.14
N LEU A 38 -2.45 1.82 -3.88
CA LEU A 38 -1.97 2.30 -5.22
C LEU A 38 -2.82 1.66 -6.33
N ALA A 39 -3.83 2.35 -6.77
CA ALA A 39 -4.68 1.77 -7.85
C ALA A 39 -4.20 2.31 -9.21
N ALA A 40 -4.39 1.54 -10.24
CA ALA A 40 -3.96 2.01 -11.59
C ALA A 40 -4.90 3.13 -12.04
N ASN A 41 -4.38 4.14 -12.66
CA ASN A 41 -5.25 5.26 -13.12
C ASN A 41 -6.14 4.78 -14.28
N THR A 42 -5.92 3.57 -14.74
CA THR A 42 -6.75 3.05 -15.86
C THR A 42 -7.97 2.31 -15.29
N PHE A 43 -8.04 2.18 -13.98
CA PHE A 43 -9.20 1.47 -13.35
C PHE A 43 -10.49 1.82 -14.12
N PRO A 44 -11.35 0.84 -14.28
CA PRO A 44 -11.12 -0.52 -13.79
C PRO A 44 -10.20 -1.30 -14.75
N LYS A 45 -9.90 -0.74 -15.90
CA LYS A 45 -9.03 -1.46 -16.86
C LYS A 45 -7.86 -2.11 -16.12
N SER A 46 -7.49 -1.55 -15.00
CA SER A 46 -6.36 -2.15 -14.23
C SER A 46 -6.80 -2.37 -12.78
N ARG A 47 -7.10 -3.59 -12.42
CA ARG A 47 -7.53 -3.86 -11.02
C ARG A 47 -6.30 -4.16 -10.17
N GLU A 48 -5.15 -3.72 -10.58
CA GLU A 48 -3.92 -3.98 -9.79
C GLU A 48 -3.81 -2.95 -8.68
N THR A 49 -4.65 -3.04 -7.68
CA THR A 49 -4.58 -2.06 -6.56
C THR A 49 -4.51 -2.79 -5.23
N ARG A 50 -3.90 -2.20 -4.24
CA ARG A 50 -3.79 -2.87 -2.92
C ARG A 50 -2.75 -2.14 -2.06
N ALA A 51 -2.36 -2.72 -0.96
CA ALA A 51 -1.36 -2.05 -0.08
C ALA A 51 -0.01 -2.00 -0.81
N PRO A 52 0.69 -0.90 -0.64
CA PRO A 52 1.98 -0.70 -1.27
C PRO A 52 3.07 -1.49 -0.54
N LEU A 53 3.90 -2.19 -1.25
CA LEU A 53 4.99 -2.96 -0.60
C LEU A 53 5.83 -2.00 0.24
N VAL A 54 6.38 -2.47 1.33
CA VAL A 54 7.21 -1.59 2.19
C VAL A 54 8.42 -1.11 1.40
N GLU A 55 8.93 -1.93 0.53
CA GLU A 55 10.11 -1.52 -0.29
C GLU A 55 9.65 -0.55 -1.37
N GLU A 56 8.41 -0.67 -1.80
CA GLU A 56 7.91 0.26 -2.84
C GLU A 56 7.73 1.64 -2.23
N LEU A 57 7.43 1.70 -0.95
CA LEU A 57 7.25 3.01 -0.28
C LEU A 57 8.62 3.68 -0.11
N TYR A 58 9.61 2.93 0.31
CA TYR A 58 10.97 3.53 0.49
C TYR A 58 11.51 3.98 -0.86
N ARG A 59 11.35 3.18 -1.87
CA ARG A 59 11.87 3.58 -3.22
C ARG A 59 11.14 4.84 -3.70
N PHE A 60 9.89 4.99 -3.33
CA PHE A 60 9.13 6.20 -3.75
C PHE A 60 9.07 7.20 -2.59
N ARG A 61 10.04 7.15 -1.71
CA ARG A 61 10.04 8.08 -0.55
C ARG A 61 10.10 9.53 -1.06
N ASP A 62 10.72 9.74 -2.19
CA ASP A 62 10.82 11.13 -2.75
C ASP A 62 9.41 11.63 -3.10
N ARG A 63 8.53 10.73 -3.42
CA ARG A 63 7.14 11.13 -3.79
C ARG A 63 6.20 10.83 -2.62
N LEU A 64 6.74 10.48 -1.48
CA LEU A 64 5.88 10.16 -0.31
C LEU A 64 5.18 11.44 0.18
N PRO A 65 3.87 11.41 0.19
CA PRO A 65 3.08 12.55 0.65
C PRO A 65 3.09 12.65 2.18
N GLU A 66 3.95 11.90 2.84
CA GLU A 66 4.05 11.92 4.33
C GLU A 66 2.84 11.24 4.99
N LYS A 67 1.70 11.18 4.34
CA LYS A 67 0.52 10.51 4.97
C LYS A 67 0.73 9.00 5.02
N LEU A 68 1.89 8.52 4.64
CA LEU A 68 2.14 7.06 4.68
C LEU A 68 3.62 6.80 4.96
N ARG A 69 4.32 7.80 5.44
CA ARG A 69 5.77 7.62 5.74
C ARG A 69 5.95 6.47 6.73
N TYR A 70 5.24 6.51 7.84
CA TYR A 70 5.37 5.42 8.83
C TYR A 70 5.38 4.06 8.12
N LEU A 71 4.59 3.94 7.09
CA LEU A 71 4.55 2.64 6.35
C LEU A 71 5.89 2.43 5.66
N ALA A 72 6.41 3.44 5.02
CA ALA A 72 7.72 3.28 4.32
C ALA A 72 8.81 3.02 5.36
N ASP A 73 8.49 3.19 6.63
CA ASP A 73 9.51 2.93 7.69
C ASP A 73 9.35 1.51 8.21
N ALA A 74 8.16 0.98 8.16
CA ALA A 74 7.93 -0.41 8.65
C ALA A 74 8.86 -1.37 7.92
N PRO A 75 9.07 -2.52 8.51
CA PRO A 75 9.93 -3.54 7.91
C PRO A 75 9.53 -3.79 6.46
N GLN A 76 10.43 -4.30 5.66
CA GLN A 76 10.09 -4.55 4.23
C GLN A 76 10.66 -5.90 3.79
N GLN A 77 10.65 -6.88 4.66
CA GLN A 77 11.19 -8.22 4.29
C GLN A 77 11.05 -9.18 5.47
N ASP A 78 11.05 -8.67 6.67
CA ASP A 78 10.91 -9.55 7.89
C ASP A 78 12.31 -10.07 8.29
N PRO A 79 12.40 -10.55 9.50
CA PRO A 79 13.66 -11.06 10.06
C PRO A 79 14.42 -11.95 9.07
N GLU A 80 13.73 -12.65 8.20
CA GLU A 80 14.44 -13.53 7.23
C GLU A 80 14.77 -12.73 5.97
N GLY A 81 13.77 -12.40 5.21
CA GLY A 81 14.01 -11.62 3.96
C GLY A 81 13.08 -12.12 2.85
N ASN A 82 11.87 -12.46 3.19
CA ASN A 82 10.92 -12.94 2.15
C ASN A 82 10.13 -11.75 1.62
N LYS A 83 10.71 -10.58 1.67
CA LYS A 83 10.03 -9.36 1.20
C LYS A 83 8.75 -9.16 1.99
N THR A 84 8.50 -7.95 2.38
CA THR A 84 7.28 -7.67 3.17
C THR A 84 6.53 -6.48 2.57
N MET A 85 5.26 -6.64 2.33
CA MET A 85 4.47 -5.52 1.75
C MET A 85 3.54 -4.94 2.80
N VAL A 86 2.76 -3.96 2.43
CA VAL A 86 1.83 -3.34 3.42
C VAL A 86 0.47 -4.03 3.34
N ARG A 87 -0.34 -3.88 4.35
CA ARG A 87 -1.69 -4.49 4.34
C ARG A 87 -2.66 -3.53 5.03
N PHE A 88 -3.90 -3.90 5.16
CA PHE A 88 -4.86 -2.99 5.83
C PHE A 88 -5.89 -3.80 6.62
N SER A 89 -6.26 -3.33 7.78
CA SER A 89 -7.27 -4.05 8.60
C SER A 89 -8.49 -3.15 8.79
N ARG A 90 -9.67 -3.68 8.59
CA ARG A 90 -10.89 -2.84 8.77
C ARG A 90 -11.36 -2.93 10.22
N LYS A 91 -10.88 -3.91 10.94
CA LYS A 91 -11.29 -4.05 12.37
C LYS A 91 -10.79 -2.83 13.14
N THR A 92 -9.75 -2.20 12.66
CA THR A 92 -9.21 -1.01 13.37
C THR A 92 -8.85 0.07 12.34
N LYS A 93 -9.16 -0.15 11.09
CA LYS A 93 -8.83 0.86 10.06
C LYS A 93 -7.38 1.30 10.22
N GLN A 94 -6.44 0.38 10.08
CA GLN A 94 -5.01 0.76 10.23
C GLN A 94 -4.18 0.07 9.15
N GLN A 95 -2.88 0.15 9.24
CA GLN A 95 -2.02 -0.49 8.21
C GLN A 95 -1.07 -1.49 8.87
N TYR A 96 -1.02 -2.70 8.38
CA TYR A 96 -0.12 -3.72 8.97
C TYR A 96 0.66 -4.40 7.83
N VAL A 97 1.93 -4.62 8.01
CA VAL A 97 2.73 -5.24 6.92
C VAL A 97 2.68 -6.77 7.04
N SER A 98 3.07 -7.46 6.00
CA SER A 98 3.06 -8.94 6.05
C SER A 98 4.17 -9.48 5.13
N SER A 99 5.10 -10.22 5.68
CA SER A 99 6.21 -10.78 4.85
C SER A 99 5.65 -11.91 3.98
N GLU A 100 5.72 -11.76 2.68
CA GLU A 100 5.19 -12.81 1.78
C GLU A 100 6.26 -13.15 0.73
N LYS A 101 6.41 -14.41 0.40
CA LYS A 101 7.43 -14.79 -0.61
C LYS A 101 6.81 -14.78 -2.01
N ASP A 102 6.90 -13.68 -2.69
CA ASP A 102 6.33 -13.60 -4.06
C ASP A 102 4.87 -14.06 -4.07
N GLY A 103 4.24 -14.10 -2.91
CA GLY A 103 2.83 -14.55 -2.86
C GLY A 103 2.75 -15.81 -2.01
N LYS A 104 3.67 -15.99 -1.11
CA LYS A 104 3.67 -17.20 -0.26
C LYS A 104 2.99 -16.88 1.08
N ALA A 105 2.80 -15.63 1.37
CA ALA A 105 2.15 -15.26 2.67
C ALA A 105 2.75 -16.11 3.78
N THR A 106 4.05 -16.10 3.90
CA THR A 106 4.72 -16.91 4.95
C THR A 106 3.91 -16.82 6.26
N GLY A 107 3.21 -15.75 6.47
CA GLY A 107 2.41 -15.60 7.72
C GLY A 107 2.86 -14.34 8.45
N TRP A 108 4.11 -14.00 8.37
CA TRP A 108 4.61 -12.78 9.06
C TRP A 108 3.61 -11.63 8.85
N SER A 109 3.36 -10.87 9.87
CA SER A 109 2.39 -9.73 9.73
C SER A 109 2.63 -8.72 10.84
N ALA A 110 3.31 -7.64 10.55
CA ALA A 110 3.58 -6.61 11.60
C ALA A 110 2.44 -5.59 11.62
N PHE A 111 2.20 -4.97 12.74
CA PHE A 111 1.11 -3.96 12.81
C PHE A 111 1.65 -2.60 13.25
N TYR A 112 1.23 -1.55 12.61
CA TYR A 112 1.72 -0.21 13.00
C TYR A 112 0.84 0.34 14.13
N VAL A 113 1.33 0.34 15.34
CA VAL A 113 0.51 0.86 16.47
C VAL A 113 0.80 2.34 16.61
N ASP A 114 0.84 2.86 17.80
CA ASP A 114 1.14 4.31 17.97
C ASP A 114 2.59 4.50 17.61
N GLY A 115 2.87 4.69 16.34
CA GLY A 115 4.30 4.78 15.94
C GLY A 115 4.97 3.55 16.56
N LYS A 116 4.19 2.52 16.78
CA LYS A 116 4.74 1.30 17.42
C LYS A 116 4.52 0.06 16.55
N TRP A 117 5.28 -0.11 15.50
CA TRP A 117 5.09 -1.32 14.66
C TRP A 117 5.16 -2.55 15.56
N VAL A 118 4.64 -3.66 15.12
CA VAL A 118 4.66 -4.89 15.97
C VAL A 118 4.73 -6.12 15.07
N GLU A 119 4.62 -7.29 15.65
CA GLU A 119 4.67 -8.53 14.82
C GLU A 119 3.59 -9.51 15.29
N GLY A 120 2.96 -10.19 14.39
CA GLY A 120 1.89 -11.16 14.79
C GLY A 120 2.28 -12.57 14.31
N LYS A 121 1.34 -13.30 13.78
CA LYS A 121 1.66 -14.67 13.30
C LYS A 121 0.39 -15.33 12.76
N LYS A 122 0.51 -16.10 11.70
CA LYS A 122 -0.70 -16.77 11.13
C LYS A 122 -1.85 -15.76 11.06
N MET A 1 -25.34 8.76 3.58
CA MET A 1 -24.75 7.82 2.59
C MET A 1 -24.58 8.53 1.25
N ASN A 2 -24.15 9.76 1.28
CA ASN A 2 -23.96 10.51 0.00
C ASN A 2 -22.67 11.34 0.08
N GLY A 3 -21.60 10.75 0.51
CA GLY A 3 -20.32 11.50 0.61
C GLY A 3 -19.55 11.40 -0.70
N GLU A 4 -18.35 11.88 -0.74
CA GLU A 4 -17.54 11.80 -2.00
C GLU A 4 -16.82 10.46 -2.05
N VAL A 5 -16.66 9.91 -3.23
CA VAL A 5 -15.95 8.59 -3.35
C VAL A 5 -14.94 8.66 -4.48
N ALA A 6 -13.88 9.40 -4.30
CA ALA A 6 -12.86 9.51 -5.37
C ALA A 6 -13.46 10.21 -6.60
N PRO A 7 -13.44 11.51 -6.58
CA PRO A 7 -13.97 12.31 -7.67
C PRO A 7 -13.07 12.21 -8.91
N PRO A 8 -13.56 12.67 -10.02
CA PRO A 8 -12.82 12.64 -11.27
C PRO A 8 -11.42 13.22 -11.07
N LYS A 9 -11.31 14.50 -10.84
CA LYS A 9 -9.98 15.12 -10.64
C LYS A 9 -9.15 14.24 -9.68
N GLU A 10 -9.33 14.41 -8.40
CA GLU A 10 -8.57 13.59 -7.42
C GLU A 10 -7.07 13.83 -7.62
N ASP A 11 -6.44 13.04 -8.44
CA ASP A 11 -4.98 13.22 -8.69
C ASP A 11 -4.27 13.47 -7.35
N PRO A 12 -4.37 12.52 -6.47
CA PRO A 12 -3.76 12.61 -5.15
C PRO A 12 -2.26 12.29 -5.24
N VAL A 13 -1.90 11.05 -5.05
CA VAL A 13 -0.47 10.67 -5.13
C VAL A 13 -0.30 9.69 -6.30
N PRO A 14 -0.27 10.23 -7.49
CA PRO A 14 -0.10 9.42 -8.68
C PRO A 14 1.33 8.89 -8.75
N LEU A 15 1.51 7.64 -9.11
CA LEU A 15 2.89 7.11 -9.16
C LEU A 15 3.25 6.64 -10.58
N PRO A 16 3.05 7.50 -11.54
CA PRO A 16 3.38 7.22 -12.92
C PRO A 16 4.70 6.44 -13.00
N GLU A 17 5.68 6.79 -12.21
CA GLU A 17 6.99 6.06 -12.25
C GLU A 17 6.71 4.55 -12.32
N LEU A 18 5.89 4.06 -11.44
CA LEU A 18 5.56 2.62 -11.43
C LEU A 18 4.39 2.37 -12.40
N PRO A 19 4.63 1.59 -13.43
CA PRO A 19 3.62 1.30 -14.43
C PRO A 19 2.52 0.39 -13.85
N CYS A 20 1.44 0.22 -14.57
CA CYS A 20 0.34 -0.65 -14.08
C CYS A 20 0.19 -1.87 -15.00
N GLU A 21 -0.54 -1.73 -16.07
CA GLU A 21 -0.71 -2.88 -17.01
C GLU A 21 0.10 -2.63 -18.28
N LYS A 22 1.15 -1.86 -18.19
CA LYS A 22 1.98 -1.60 -19.39
C LYS A 22 1.10 -1.01 -20.50
N SER A 23 -0.05 -0.52 -20.14
CA SER A 23 -0.95 0.08 -21.17
C SER A 23 -0.89 1.61 -21.08
N ASP A 24 0.26 2.13 -20.75
CA ASP A 24 0.40 3.61 -20.62
C ASP A 24 -0.17 4.05 -19.29
N ALA A 25 -0.69 3.12 -18.54
CA ALA A 25 -1.27 3.48 -17.21
C ALA A 25 -0.21 3.31 -16.14
N TYR A 26 -0.52 3.69 -14.93
CA TYR A 26 0.48 3.54 -13.84
C TYR A 26 -0.26 3.28 -12.53
N PHE A 27 0.41 3.41 -11.41
CA PHE A 27 -0.27 3.13 -10.12
C PHE A 27 -0.50 4.43 -9.35
N VAL A 28 -1.62 5.07 -9.56
CA VAL A 28 -1.91 6.33 -8.82
C VAL A 28 -2.42 5.97 -7.42
N LEU A 29 -1.55 6.04 -6.44
CA LEU A 29 -1.96 5.70 -5.06
C LEU A 29 -3.13 6.58 -4.63
N ARG A 30 -4.07 6.01 -3.92
CA ARG A 30 -5.24 6.79 -3.45
C ARG A 30 -5.56 6.39 -2.01
N ASP A 31 -6.71 6.75 -1.52
CA ASP A 31 -7.07 6.39 -0.12
C ASP A 31 -8.58 6.14 -0.02
N GLY A 32 -9.02 4.94 -0.24
CA GLY A 32 -10.47 4.64 -0.15
C GLY A 32 -11.00 5.04 1.22
N ALA A 33 -12.13 4.52 1.61
CA ALA A 33 -12.70 4.88 2.94
C ALA A 33 -12.27 3.83 3.97
N ALA A 34 -11.20 3.12 3.71
CA ALA A 34 -10.73 2.09 4.66
C ALA A 34 -9.22 2.20 4.85
N GLY A 35 -8.49 2.25 3.77
CA GLY A 35 -7.01 2.36 3.88
C GLY A 35 -6.43 2.88 2.56
N VAL A 36 -5.13 3.07 2.50
CA VAL A 36 -4.51 3.57 1.24
C VAL A 36 -4.22 2.39 0.31
N PHE A 37 -3.96 2.66 -0.94
CA PHE A 37 -3.68 1.55 -1.89
C PHE A 37 -3.17 2.13 -3.21
N LEU A 38 -3.04 1.32 -4.22
CA LEU A 38 -2.54 1.82 -5.53
C LEU A 38 -3.46 1.35 -6.65
N ALA A 39 -4.35 2.20 -7.10
CA ALA A 39 -5.26 1.79 -8.21
C ALA A 39 -4.65 2.23 -9.53
N ALA A 40 -4.75 1.42 -10.54
CA ALA A 40 -4.18 1.80 -11.86
C ALA A 40 -4.90 3.05 -12.35
N ASN A 41 -4.20 3.99 -12.93
CA ASN A 41 -4.85 5.23 -13.42
C ASN A 41 -5.73 4.89 -14.63
N THR A 42 -5.68 3.67 -15.10
CA THR A 42 -6.52 3.29 -16.27
C THR A 42 -7.79 2.58 -15.79
N PHE A 43 -7.95 2.46 -14.49
CA PHE A 43 -9.16 1.77 -13.94
C PHE A 43 -10.39 2.16 -14.78
N PRO A 44 -11.28 1.20 -14.96
CA PRO A 44 -11.13 -0.14 -14.42
C PRO A 44 -10.21 -0.99 -15.31
N LYS A 45 -9.79 -0.46 -16.42
CA LYS A 45 -8.89 -1.25 -17.33
C LYS A 45 -7.86 -2.00 -16.49
N SER A 46 -7.52 -1.47 -15.34
CA SER A 46 -6.52 -2.17 -14.48
C SER A 46 -7.03 -2.19 -13.04
N ARG A 47 -7.64 -3.26 -12.63
CA ARG A 47 -8.17 -3.34 -11.24
C ARG A 47 -7.08 -3.89 -10.33
N GLU A 48 -5.86 -3.48 -10.52
CA GLU A 48 -4.75 -3.98 -9.66
C GLU A 48 -4.67 -3.11 -8.40
N THR A 49 -5.72 -3.09 -7.62
CA THR A 49 -5.71 -2.25 -6.38
C THR A 49 -5.15 -3.06 -5.21
N ARG A 50 -4.56 -2.40 -4.26
CA ARG A 50 -4.00 -3.13 -3.08
C ARG A 50 -3.01 -2.21 -2.36
N ALA A 51 -2.64 -2.55 -1.15
CA ALA A 51 -1.67 -1.70 -0.40
C ALA A 51 -0.30 -1.77 -1.08
N PRO A 52 0.44 -0.70 -0.99
CA PRO A 52 1.76 -0.62 -1.59
C PRO A 52 2.80 -1.38 -0.77
N LEU A 53 3.56 -2.24 -1.41
CA LEU A 53 4.60 -3.00 -0.68
C LEU A 53 5.49 -2.00 0.10
N VAL A 54 5.99 -2.40 1.23
CA VAL A 54 6.85 -1.45 2.02
C VAL A 54 8.10 -1.08 1.20
N GLU A 55 8.53 -1.95 0.32
CA GLU A 55 9.74 -1.63 -0.49
C GLU A 55 9.37 -0.62 -1.57
N GLU A 56 8.16 -0.64 -2.04
CA GLU A 56 7.74 0.32 -3.09
C GLU A 56 7.49 1.67 -2.43
N LEU A 57 7.00 1.67 -1.22
CA LEU A 57 6.74 2.94 -0.51
C LEU A 57 8.07 3.54 -0.04
N TYR A 58 9.04 2.70 0.23
CA TYR A 58 10.36 3.21 0.68
C TYR A 58 11.12 3.76 -0.52
N ARG A 59 11.12 3.05 -1.62
CA ARG A 59 11.81 3.54 -2.83
C ARG A 59 11.11 4.79 -3.34
N PHE A 60 9.84 4.93 -3.04
CA PHE A 60 9.09 6.12 -3.50
C PHE A 60 9.13 7.20 -2.42
N ARG A 61 10.12 7.15 -1.57
CA ARG A 61 10.22 8.17 -0.49
C ARG A 61 10.39 9.55 -1.11
N ASP A 62 11.12 9.65 -2.18
CA ASP A 62 11.33 10.97 -2.84
C ASP A 62 9.99 11.47 -3.41
N ARG A 63 9.05 10.57 -3.58
CA ARG A 63 7.72 10.99 -4.12
C ARG A 63 6.65 10.69 -3.08
N LEU A 64 7.05 10.50 -1.85
CA LEU A 64 6.06 10.19 -0.77
C LEU A 64 5.73 11.48 -0.01
N PRO A 65 4.54 11.99 -0.18
CA PRO A 65 4.11 13.19 0.50
C PRO A 65 4.41 13.08 2.00
N GLU A 66 3.61 12.33 2.72
CA GLU A 66 3.85 12.18 4.18
C GLU A 66 2.70 11.36 4.79
N LYS A 67 1.55 11.41 4.21
CA LYS A 67 0.39 10.65 4.75
C LYS A 67 0.70 9.14 4.78
N LEU A 68 1.80 8.71 4.23
CA LEU A 68 2.11 7.25 4.25
C LEU A 68 3.56 7.04 4.68
N ARG A 69 4.25 8.07 5.08
CA ARG A 69 5.67 7.90 5.51
C ARG A 69 5.75 6.82 6.58
N TYR A 70 5.00 6.96 7.64
CA TYR A 70 5.04 5.92 8.72
C TYR A 70 4.96 4.53 8.08
N LEU A 71 4.28 4.42 6.98
CA LEU A 71 4.16 3.08 6.30
C LEU A 71 5.48 2.77 5.61
N ALA A 72 6.07 3.74 4.97
CA ALA A 72 7.37 3.50 4.28
C ALA A 72 8.44 3.19 5.34
N ASP A 73 8.13 3.38 6.58
CA ASP A 73 9.13 3.10 7.66
C ASP A 73 8.96 1.66 8.14
N ALA A 74 7.77 1.13 8.07
CA ALA A 74 7.55 -0.27 8.52
C ALA A 74 8.56 -1.19 7.82
N PRO A 75 8.74 -2.37 8.40
CA PRO A 75 9.66 -3.35 7.85
C PRO A 75 9.40 -3.54 6.35
N GLN A 76 10.23 -4.31 5.70
CA GLN A 76 10.04 -4.53 4.23
C GLN A 76 10.47 -5.95 3.86
N GLN A 77 10.43 -6.86 4.80
CA GLN A 77 10.83 -8.27 4.50
C GLN A 77 10.91 -9.08 5.80
N ASP A 78 11.11 -8.42 6.91
CA ASP A 78 11.20 -9.17 8.21
C ASP A 78 12.60 -9.80 8.30
N PRO A 79 12.91 -10.38 9.43
CA PRO A 79 14.22 -11.01 9.64
C PRO A 79 14.40 -12.28 8.79
N GLU A 80 13.64 -12.46 7.73
CA GLU A 80 13.79 -13.67 6.89
C GLU A 80 14.22 -13.24 5.49
N GLY A 81 13.56 -12.26 4.93
CA GLY A 81 13.93 -11.78 3.57
C GLY A 81 12.65 -11.59 2.74
N ASN A 82 11.75 -12.52 2.78
CA ASN A 82 10.49 -12.38 2.00
C ASN A 82 9.95 -10.96 2.19
N LYS A 83 10.25 -10.07 1.27
CA LYS A 83 9.77 -8.68 1.41
C LYS A 83 8.32 -8.67 1.89
N THR A 84 7.97 -7.70 2.70
CA THR A 84 6.57 -7.63 3.20
C THR A 84 5.88 -6.43 2.56
N MET A 85 4.59 -6.51 2.39
CA MET A 85 3.87 -5.36 1.77
C MET A 85 2.92 -4.72 2.79
N VAL A 86 2.32 -3.63 2.43
CA VAL A 86 1.37 -2.97 3.37
C VAL A 86 0.01 -3.65 3.28
N ARG A 87 -0.68 -3.74 4.39
CA ARG A 87 -2.02 -4.37 4.39
C ARG A 87 -2.99 -3.49 5.17
N PHE A 88 -4.19 -3.94 5.39
CA PHE A 88 -5.16 -3.11 6.17
C PHE A 88 -6.06 -4.00 7.01
N SER A 89 -6.35 -3.59 8.21
CA SER A 89 -7.24 -4.41 9.08
C SER A 89 -8.48 -3.59 9.45
N ARG A 90 -9.63 -4.17 9.37
CA ARG A 90 -10.87 -3.41 9.71
C ARG A 90 -11.15 -3.56 11.21
N LYS A 91 -10.54 -4.51 11.85
CA LYS A 91 -10.77 -4.70 13.30
C LYS A 91 -10.31 -3.44 14.04
N THR A 92 -9.42 -2.69 13.45
CA THR A 92 -8.94 -1.45 14.10
C THR A 92 -8.67 -0.38 13.04
N LYS A 93 -9.11 -0.60 11.83
CA LYS A 93 -8.89 0.40 10.75
C LYS A 93 -7.44 0.90 10.83
N GLN A 94 -6.49 0.06 10.52
CA GLN A 94 -5.07 0.50 10.59
C GLN A 94 -4.27 -0.15 9.45
N GLN A 95 -2.98 0.03 9.43
CA GLN A 95 -2.16 -0.58 8.36
C GLN A 95 -1.25 -1.67 8.94
N TYR A 96 -1.30 -2.85 8.41
CA TYR A 96 -0.42 -3.94 8.94
C TYR A 96 0.35 -4.55 7.76
N VAL A 97 1.64 -4.73 7.92
CA VAL A 97 2.44 -5.31 6.79
C VAL A 97 2.47 -6.83 6.91
N SER A 98 2.88 -7.50 5.87
CA SER A 98 2.95 -8.98 5.91
C SER A 98 4.05 -9.46 4.96
N SER A 99 4.98 -10.23 5.46
CA SER A 99 6.09 -10.73 4.59
C SER A 99 5.50 -11.69 3.54
N GLU A 100 6.18 -11.84 2.44
CA GLU A 100 5.66 -12.77 1.38
C GLU A 100 6.83 -13.37 0.59
N LYS A 101 7.06 -14.64 0.75
CA LYS A 101 8.19 -15.28 0.02
C LYS A 101 7.92 -15.26 -1.48
N ASP A 102 8.42 -14.26 -2.17
CA ASP A 102 8.19 -14.18 -3.63
C ASP A 102 6.69 -14.25 -3.92
N GLY A 103 6.19 -15.44 -4.09
CA GLY A 103 4.74 -15.61 -4.37
C GLY A 103 4.23 -16.89 -3.69
N LYS A 104 4.36 -16.97 -2.40
CA LYS A 104 3.89 -18.19 -1.67
C LYS A 104 3.43 -17.80 -0.27
N ALA A 105 3.22 -16.54 -0.02
CA ALA A 105 2.78 -16.10 1.33
C ALA A 105 3.69 -16.75 2.38
N THR A 106 3.41 -16.53 3.63
CA THR A 106 4.26 -17.14 4.71
C THR A 106 3.54 -17.03 6.04
N GLY A 107 3.05 -15.87 6.38
CA GLY A 107 2.35 -15.70 7.68
C GLY A 107 2.81 -14.42 8.35
N TRP A 108 4.07 -14.07 8.21
CA TRP A 108 4.58 -12.83 8.84
C TRP A 108 3.58 -11.69 8.63
N SER A 109 3.26 -10.97 9.66
CA SER A 109 2.29 -9.85 9.52
C SER A 109 2.52 -8.84 10.64
N ALA A 110 3.17 -7.74 10.35
CA ALA A 110 3.42 -6.72 11.42
C ALA A 110 2.24 -5.75 11.47
N PHE A 111 2.02 -5.14 12.59
CA PHE A 111 0.86 -4.20 12.71
C PHE A 111 1.36 -2.83 13.17
N TYR A 112 0.71 -1.79 12.71
CA TYR A 112 1.11 -0.42 13.14
C TYR A 112 0.31 -0.03 14.38
N VAL A 113 0.93 -0.03 15.52
CA VAL A 113 0.19 0.33 16.76
C VAL A 113 0.31 1.85 16.94
N ASP A 114 0.43 2.31 18.15
CA ASP A 114 0.58 3.79 18.36
C ASP A 114 1.95 4.17 17.81
N GLY A 115 2.03 4.43 16.53
CA GLY A 115 3.36 4.70 15.96
C GLY A 115 4.27 3.57 16.45
N LYS A 116 3.66 2.44 16.73
CA LYS A 116 4.44 1.30 17.28
C LYS A 116 4.26 0.04 16.42
N TRP A 117 4.94 -0.07 15.33
CA TRP A 117 4.80 -1.30 14.49
C TRP A 117 4.93 -2.53 15.39
N VAL A 118 4.53 -3.67 14.92
CA VAL A 118 4.62 -4.90 15.76
C VAL A 118 4.82 -6.12 14.86
N GLU A 119 5.08 -7.26 15.43
CA GLU A 119 5.27 -8.49 14.59
C GLU A 119 4.37 -9.60 15.12
N GLY A 120 3.39 -9.98 14.37
CA GLY A 120 2.47 -11.07 14.83
C GLY A 120 2.58 -12.26 13.87
N LYS A 121 3.25 -13.30 14.29
CA LYS A 121 3.40 -14.50 13.40
C LYS A 121 2.14 -15.36 13.50
N LYS A 122 1.37 -15.44 12.45
CA LYS A 122 0.13 -16.26 12.48
C LYS A 122 -0.63 -15.98 13.78
N MET A 1 -21.15 14.89 1.40
CA MET A 1 -21.24 14.50 2.83
C MET A 1 -22.10 13.24 2.96
N ASN A 2 -22.99 13.01 2.04
CA ASN A 2 -23.86 11.81 2.11
C ASN A 2 -23.01 10.55 1.87
N GLY A 3 -21.84 10.72 1.30
CA GLY A 3 -20.99 9.53 1.03
C GLY A 3 -20.16 9.77 -0.23
N GLU A 4 -19.13 10.57 -0.14
CA GLU A 4 -18.29 10.85 -1.34
C GLU A 4 -17.84 9.51 -1.95
N VAL A 5 -17.55 9.51 -3.23
CA VAL A 5 -17.11 8.25 -3.89
C VAL A 5 -15.98 8.56 -4.87
N ALA A 6 -14.86 9.02 -4.38
CA ALA A 6 -13.71 9.34 -5.28
C ALA A 6 -14.11 10.49 -6.22
N PRO A 7 -13.80 11.69 -5.80
CA PRO A 7 -14.11 12.88 -6.59
C PRO A 7 -13.61 12.71 -8.02
N PRO A 8 -13.98 13.63 -8.87
CA PRO A 8 -13.58 13.59 -10.28
C PRO A 8 -12.10 13.89 -10.42
N LYS A 9 -11.60 14.00 -11.61
CA LYS A 9 -10.15 14.29 -11.80
C LYS A 9 -9.34 13.40 -10.85
N GLU A 10 -9.12 12.16 -11.22
CA GLU A 10 -8.35 11.25 -10.34
C GLU A 10 -6.85 11.50 -10.51
N ASP A 11 -6.36 12.60 -9.98
CA ASP A 11 -4.90 12.89 -10.11
C ASP A 11 -4.36 13.31 -8.74
N PRO A 12 -4.44 12.42 -7.80
CA PRO A 12 -3.97 12.68 -6.45
C PRO A 12 -2.45 12.50 -6.38
N VAL A 13 -1.99 11.34 -5.99
CA VAL A 13 -0.53 11.10 -5.92
C VAL A 13 -0.14 10.12 -7.02
N PRO A 14 0.04 10.65 -8.21
CA PRO A 14 0.39 9.85 -9.37
C PRO A 14 1.81 9.30 -9.23
N LEU A 15 2.00 8.03 -9.47
CA LEU A 15 3.38 7.47 -9.37
C LEU A 15 3.83 6.89 -10.72
N PRO A 16 3.70 7.70 -11.77
CA PRO A 16 4.12 7.33 -13.12
C PRO A 16 5.38 6.46 -13.13
N GLU A 17 6.19 6.51 -12.10
CA GLU A 17 7.42 5.66 -12.10
C GLU A 17 7.06 4.20 -11.80
N LEU A 18 5.80 3.85 -11.92
CA LEU A 18 5.37 2.44 -11.66
C LEU A 18 4.13 2.16 -12.53
N PRO A 19 4.38 1.87 -13.78
CA PRO A 19 3.31 1.59 -14.72
C PRO A 19 2.29 0.62 -14.13
N CYS A 20 1.10 0.62 -14.67
CA CYS A 20 0.04 -0.29 -14.14
C CYS A 20 -0.09 -1.53 -15.06
N GLU A 21 -0.77 -1.41 -16.15
CA GLU A 21 -0.94 -2.56 -17.07
C GLU A 21 0.04 -2.43 -18.24
N LYS A 22 1.24 -1.97 -17.97
CA LYS A 22 2.23 -1.81 -19.06
C LYS A 22 1.61 -0.95 -20.17
N SER A 23 0.60 -0.20 -19.84
CA SER A 23 -0.05 0.66 -20.87
C SER A 23 0.23 2.12 -20.57
N ASP A 24 -0.63 3.01 -20.99
CA ASP A 24 -0.41 4.45 -20.72
C ASP A 24 -0.93 4.79 -19.32
N ALA A 25 -1.26 3.78 -18.55
CA ALA A 25 -1.77 4.03 -17.18
C ALA A 25 -0.65 3.87 -16.16
N TYR A 26 -0.60 4.72 -15.17
CA TYR A 26 0.48 4.60 -14.15
C TYR A 26 -0.12 4.17 -12.82
N PHE A 27 0.61 4.27 -11.75
CA PHE A 27 0.05 3.83 -10.44
C PHE A 27 -0.13 5.02 -9.49
N VAL A 28 -1.25 5.68 -9.54
CA VAL A 28 -1.47 6.83 -8.60
C VAL A 28 -1.55 6.27 -7.18
N LEU A 29 -1.90 7.09 -6.22
CA LEU A 29 -1.99 6.59 -4.81
C LEU A 29 -3.11 7.32 -4.09
N ARG A 30 -4.29 6.75 -4.08
CA ARG A 30 -5.43 7.41 -3.39
C ARG A 30 -5.54 6.86 -1.97
N ASP A 31 -6.61 7.17 -1.29
CA ASP A 31 -6.78 6.65 0.10
C ASP A 31 -8.26 6.26 0.32
N GLY A 32 -8.64 5.08 -0.09
CA GLY A 32 -10.05 4.65 0.09
C GLY A 32 -10.11 3.13 0.17
N ALA A 33 -9.33 2.45 -0.64
CA ALA A 33 -9.35 0.96 -0.61
C ALA A 33 -8.82 0.47 0.75
N ALA A 34 -9.68 0.35 1.71
CA ALA A 34 -9.23 -0.12 3.06
C ALA A 34 -8.01 0.67 3.49
N GLY A 35 -8.00 1.95 3.25
CA GLY A 35 -6.83 2.79 3.66
C GLY A 35 -6.14 3.35 2.41
N VAL A 36 -4.84 3.41 2.40
CA VAL A 36 -4.12 3.94 1.22
C VAL A 36 -3.94 2.84 0.18
N PHE A 37 -3.64 3.21 -1.04
CA PHE A 37 -3.45 2.19 -2.09
C PHE A 37 -3.02 2.88 -3.40
N LEU A 38 -2.83 2.13 -4.45
CA LEU A 38 -2.41 2.75 -5.73
C LEU A 38 -3.32 2.25 -6.86
N ALA A 39 -4.18 3.09 -7.36
CA ALA A 39 -5.08 2.66 -8.46
C ALA A 39 -4.41 2.92 -9.81
N ALA A 40 -4.79 2.22 -10.83
CA ALA A 40 -4.17 2.44 -12.16
C ALA A 40 -4.80 3.67 -12.81
N ASN A 41 -4.04 4.38 -13.60
CA ASN A 41 -4.60 5.60 -14.26
C ASN A 41 -5.56 5.18 -15.37
N THR A 42 -5.69 3.90 -15.62
CA THR A 42 -6.61 3.45 -16.70
C THR A 42 -7.87 2.83 -16.06
N PHE A 43 -7.93 2.78 -14.75
CA PHE A 43 -9.12 2.20 -14.06
C PHE A 43 -10.39 2.57 -14.85
N PRO A 44 -11.31 1.64 -14.91
CA PRO A 44 -11.17 0.31 -14.32
C PRO A 44 -10.31 -0.60 -15.20
N LYS A 45 -9.95 -0.17 -16.38
CA LYS A 45 -9.13 -1.03 -17.27
C LYS A 45 -8.05 -1.73 -16.44
N SER A 46 -7.63 -1.12 -15.37
CA SER A 46 -6.58 -1.76 -14.52
C SER A 46 -7.07 -1.79 -13.07
N ARG A 47 -7.56 -2.91 -12.62
CA ARG A 47 -8.06 -3.00 -11.23
C ARG A 47 -6.91 -3.41 -10.31
N GLU A 48 -5.73 -2.95 -10.57
CA GLU A 48 -4.57 -3.31 -9.71
C GLU A 48 -4.51 -2.34 -8.52
N THR A 49 -5.63 -2.11 -7.89
CA THR A 49 -5.65 -1.18 -6.73
C THR A 49 -5.66 -1.99 -5.43
N ARG A 50 -4.61 -1.90 -4.66
CA ARG A 50 -4.56 -2.67 -3.38
C ARG A 50 -3.47 -2.09 -2.48
N ALA A 51 -3.32 -2.62 -1.29
CA ALA A 51 -2.27 -2.10 -0.37
C ALA A 51 -0.91 -2.15 -1.08
N PRO A 52 -0.16 -1.08 -0.98
CA PRO A 52 1.15 -1.01 -1.60
C PRO A 52 2.14 -1.88 -0.82
N LEU A 53 3.31 -2.08 -1.35
CA LEU A 53 4.32 -2.91 -0.62
C LEU A 53 5.23 -2.00 0.18
N VAL A 54 5.60 -2.41 1.37
CA VAL A 54 6.49 -1.55 2.20
C VAL A 54 7.75 -1.21 1.39
N GLU A 55 8.26 -2.14 0.65
CA GLU A 55 9.47 -1.87 -0.16
C GLU A 55 9.12 -0.86 -1.26
N GLU A 56 7.95 -0.98 -1.83
CA GLU A 56 7.53 -0.01 -2.87
C GLU A 56 7.29 1.34 -2.22
N LEU A 57 7.11 1.35 -0.92
CA LEU A 57 6.88 2.63 -0.21
C LEU A 57 8.21 3.37 -0.09
N TYR A 58 9.27 2.67 0.20
CA TYR A 58 10.60 3.33 0.32
C TYR A 58 11.03 3.85 -1.04
N ARG A 59 10.75 3.12 -2.09
CA ARG A 59 11.15 3.57 -3.45
C ARG A 59 10.46 4.89 -3.77
N PHE A 60 9.16 4.92 -3.73
CA PHE A 60 8.43 6.19 -4.03
C PHE A 60 8.26 7.01 -2.75
N ARG A 61 9.03 6.70 -1.74
CA ARG A 61 8.91 7.47 -0.47
C ARG A 61 9.17 8.96 -0.75
N ASP A 62 10.13 9.26 -1.56
CA ASP A 62 10.43 10.69 -1.87
C ASP A 62 9.30 11.28 -2.72
N ARG A 63 8.55 10.45 -3.40
CA ARG A 63 7.44 10.97 -4.23
C ARG A 63 6.16 11.04 -3.40
N LEU A 64 6.17 10.44 -2.24
CA LEU A 64 4.95 10.48 -1.38
C LEU A 64 4.91 11.80 -0.61
N PRO A 65 3.70 12.28 -0.36
CA PRO A 65 3.51 13.51 0.40
C PRO A 65 3.61 13.23 1.90
N GLU A 66 4.30 12.18 2.27
CA GLU A 66 4.46 11.82 3.71
C GLU A 66 3.10 11.38 4.29
N LYS A 67 2.06 11.36 3.51
CA LYS A 67 0.73 10.92 4.03
C LYS A 67 0.76 9.42 4.34
N LEU A 68 1.88 8.78 4.15
CA LEU A 68 1.95 7.31 4.42
C LEU A 68 3.38 6.96 4.85
N ARG A 69 4.16 7.93 5.22
CA ARG A 69 5.56 7.64 5.65
C ARG A 69 5.55 6.50 6.67
N TYR A 70 4.76 6.62 7.70
CA TYR A 70 4.71 5.54 8.73
C TYR A 70 4.64 4.18 8.03
N LEU A 71 3.86 4.08 6.99
CA LEU A 71 3.75 2.78 6.27
C LEU A 71 5.11 2.42 5.66
N ALA A 72 5.77 3.38 5.07
CA ALA A 72 7.11 3.10 4.47
C ALA A 72 8.13 2.90 5.58
N ASP A 73 7.73 3.08 6.82
CA ASP A 73 8.69 2.90 7.94
C ASP A 73 8.69 1.44 8.38
N ALA A 74 7.63 0.73 8.10
CA ALA A 74 7.57 -0.71 8.51
C ALA A 74 8.56 -1.52 7.67
N PRO A 75 8.93 -2.67 8.18
CA PRO A 75 9.86 -3.55 7.50
C PRO A 75 9.46 -3.72 6.03
N GLN A 76 10.32 -4.25 5.21
CA GLN A 76 9.98 -4.43 3.78
C GLN A 76 10.35 -5.84 3.31
N GLN A 77 10.43 -6.78 4.21
CA GLN A 77 10.79 -8.17 3.79
C GLN A 77 11.08 -9.04 5.02
N ASP A 78 11.42 -8.43 6.13
CA ASP A 78 11.74 -9.22 7.36
C ASP A 78 13.19 -9.71 7.26
N PRO A 79 13.76 -10.04 8.40
CA PRO A 79 15.14 -10.53 8.48
C PRO A 79 15.36 -11.73 7.55
N GLU A 80 14.31 -12.33 7.05
CA GLU A 80 14.49 -13.49 6.14
C GLU A 80 14.60 -13.01 4.70
N GLY A 81 13.92 -11.95 4.36
CA GLY A 81 14.00 -11.42 2.96
C GLY A 81 12.60 -11.44 2.33
N ASN A 82 11.81 -12.43 2.64
CA ASN A 82 10.43 -12.48 2.05
C ASN A 82 9.83 -11.07 2.11
N LYS A 83 9.82 -10.38 1.00
CA LYS A 83 9.27 -9.00 0.98
C LYS A 83 8.04 -8.89 1.87
N THR A 84 7.81 -7.72 2.39
CA THR A 84 6.63 -7.54 3.29
C THR A 84 5.72 -6.45 2.72
N MET A 85 4.45 -6.75 2.57
CA MET A 85 3.51 -5.74 2.01
C MET A 85 2.65 -5.16 3.13
N VAL A 86 2.24 -3.93 3.00
CA VAL A 86 1.37 -3.33 4.06
C VAL A 86 -0.08 -3.73 3.83
N ARG A 87 -0.79 -4.05 4.87
CA ARG A 87 -2.21 -4.46 4.73
C ARG A 87 -3.08 -3.50 5.55
N PHE A 88 -4.36 -3.76 5.65
CA PHE A 88 -5.22 -2.87 6.45
C PHE A 88 -6.26 -3.68 7.21
N SER A 89 -6.18 -3.69 8.51
CA SER A 89 -7.18 -4.45 9.31
C SER A 89 -8.36 -3.53 9.65
N ARG A 90 -9.55 -4.00 9.48
CA ARG A 90 -10.73 -3.15 9.78
C ARG A 90 -11.12 -3.32 11.24
N LYS A 91 -10.63 -4.35 11.87
CA LYS A 91 -10.96 -4.56 13.32
C LYS A 91 -10.41 -3.38 14.13
N THR A 92 -9.42 -2.71 13.61
CA THR A 92 -8.83 -1.56 14.35
C THR A 92 -8.48 -0.45 13.35
N LYS A 93 -8.89 -0.59 12.12
CA LYS A 93 -8.57 0.45 11.10
C LYS A 93 -7.10 0.86 11.23
N GLN A 94 -6.20 0.00 10.83
CA GLN A 94 -4.76 0.34 10.92
C GLN A 94 -3.99 -0.27 9.76
N GLN A 95 -2.68 -0.21 9.80
CA GLN A 95 -1.87 -0.78 8.67
C GLN A 95 -1.06 -1.97 9.18
N TYR A 96 -1.43 -3.17 8.79
CA TYR A 96 -0.67 -4.36 9.24
C TYR A 96 -0.02 -5.03 8.03
N VAL A 97 1.28 -5.05 7.96
CA VAL A 97 1.97 -5.66 6.78
C VAL A 97 2.16 -7.16 7.03
N SER A 98 2.65 -7.86 6.05
CA SER A 98 2.89 -9.32 6.23
C SER A 98 4.05 -9.75 5.32
N SER A 99 5.08 -10.30 5.90
CA SER A 99 6.26 -10.72 5.07
C SER A 99 5.90 -11.99 4.28
N GLU A 100 5.22 -11.85 3.18
CA GLU A 100 4.84 -13.04 2.38
C GLU A 100 5.91 -13.29 1.31
N LYS A 101 6.44 -14.49 1.26
CA LYS A 101 7.49 -14.79 0.25
C LYS A 101 6.92 -14.63 -1.17
N ASP A 102 7.60 -15.17 -2.14
CA ASP A 102 7.12 -15.04 -3.55
C ASP A 102 5.69 -15.57 -3.66
N GLY A 103 5.23 -16.31 -2.70
CA GLY A 103 3.85 -16.85 -2.76
C GLY A 103 3.71 -18.07 -1.85
N LYS A 104 4.12 -17.94 -0.61
CA LYS A 104 4.00 -19.09 0.33
C LYS A 104 3.53 -18.60 1.69
N ALA A 105 3.17 -17.34 1.79
CA ALA A 105 2.69 -16.78 3.09
C ALA A 105 3.57 -17.31 4.22
N THR A 106 4.59 -16.55 4.58
CA THR A 106 5.49 -17.00 5.68
C THR A 106 4.73 -16.95 7.01
N GLY A 107 3.74 -16.11 7.10
CA GLY A 107 2.96 -16.00 8.37
C GLY A 107 3.32 -14.68 9.04
N TRP A 108 4.42 -14.09 8.66
CA TRP A 108 4.84 -12.79 9.25
C TRP A 108 3.77 -11.74 8.98
N SER A 109 3.22 -11.16 10.01
CA SER A 109 2.17 -10.11 9.82
C SER A 109 2.35 -9.04 10.89
N ALA A 110 2.96 -7.94 10.56
CA ALA A 110 3.18 -6.87 11.57
C ALA A 110 1.99 -5.91 11.58
N PHE A 111 1.81 -5.21 12.66
CA PHE A 111 0.68 -4.24 12.75
C PHE A 111 1.20 -2.87 13.16
N TYR A 112 0.63 -1.82 12.65
CA TYR A 112 1.09 -0.46 13.03
C TYR A 112 0.29 0.02 14.23
N VAL A 113 0.89 0.04 15.39
CA VAL A 113 0.15 0.50 16.59
C VAL A 113 0.36 2.01 16.73
N ASP A 114 0.49 2.51 17.92
CA ASP A 114 0.72 3.98 18.07
C ASP A 114 2.10 4.27 17.52
N GLY A 115 2.20 4.48 16.24
CA GLY A 115 3.55 4.68 15.65
C GLY A 115 4.40 3.53 16.19
N LYS A 116 3.74 2.42 16.50
CA LYS A 116 4.46 1.27 17.10
C LYS A 116 4.22 -0.01 16.29
N TRP A 117 4.91 -0.20 15.20
CA TRP A 117 4.71 -1.45 14.41
C TRP A 117 4.80 -2.64 15.38
N VAL A 118 4.34 -3.79 14.97
CA VAL A 118 4.39 -4.98 15.87
C VAL A 118 4.51 -6.25 15.03
N GLU A 119 4.62 -7.38 15.67
CA GLU A 119 4.74 -8.65 14.91
C GLU A 119 3.82 -9.71 15.53
N GLY A 120 2.73 -10.02 14.90
CA GLY A 120 1.80 -11.04 15.46
C GLY A 120 1.96 -12.35 14.68
N LYS A 121 3.16 -12.71 14.33
CA LYS A 121 3.39 -13.97 13.58
C LYS A 121 2.83 -15.15 14.39
N LYS A 122 2.73 -16.30 13.79
CA LYS A 122 2.19 -17.48 14.52
C LYS A 122 2.74 -18.77 13.89
N MET A 1 -31.67 8.67 -2.82
CA MET A 1 -30.39 7.92 -2.89
C MET A 1 -29.25 8.83 -2.42
N ASN A 2 -29.34 9.35 -1.22
CA ASN A 2 -28.26 10.23 -0.71
C ASN A 2 -27.08 9.38 -0.24
N GLY A 3 -26.19 9.03 -1.12
CA GLY A 3 -25.02 8.18 -0.71
C GLY A 3 -23.93 8.28 -1.77
N GLU A 4 -23.20 9.36 -1.80
CA GLU A 4 -22.12 9.51 -2.80
C GLU A 4 -20.76 9.31 -2.13
N VAL A 5 -19.74 9.02 -2.90
CA VAL A 5 -18.39 8.80 -2.30
C VAL A 5 -17.44 9.88 -2.80
N ALA A 6 -16.18 9.78 -2.45
CA ALA A 6 -15.20 10.80 -2.92
C ALA A 6 -15.45 11.14 -4.39
N PRO A 7 -16.07 12.25 -4.64
CA PRO A 7 -16.37 12.70 -5.99
C PRO A 7 -15.11 12.62 -6.86
N PRO A 8 -15.24 13.05 -8.09
CA PRO A 8 -14.13 13.04 -9.04
C PRO A 8 -12.89 13.70 -8.41
N LYS A 9 -13.09 14.50 -7.41
CA LYS A 9 -11.92 15.17 -6.76
C LYS A 9 -11.23 14.18 -5.81
N GLU A 10 -10.01 13.81 -6.10
CA GLU A 10 -9.30 12.85 -5.22
C GLU A 10 -7.86 13.34 -5.00
N ASP A 11 -7.26 13.90 -6.01
CA ASP A 11 -5.85 14.39 -5.87
C ASP A 11 -5.02 13.32 -5.13
N PRO A 12 -4.92 12.17 -5.75
CA PRO A 12 -4.17 11.07 -5.18
C PRO A 12 -2.69 11.26 -5.45
N VAL A 13 -1.91 10.21 -5.39
CA VAL A 13 -0.45 10.35 -5.66
C VAL A 13 -0.08 9.55 -6.91
N PRO A 14 -0.35 10.14 -8.06
CA PRO A 14 -0.05 9.51 -9.33
C PRO A 14 1.36 8.94 -9.31
N LEU A 15 1.52 7.65 -9.55
CA LEU A 15 2.90 7.09 -9.54
C LEU A 15 3.32 6.58 -10.93
N PRO A 16 3.27 7.45 -11.90
CA PRO A 16 3.71 7.11 -13.25
C PRO A 16 4.99 6.25 -13.23
N GLU A 17 6.02 6.71 -12.57
CA GLU A 17 7.31 5.94 -12.53
C GLU A 17 7.05 4.43 -12.41
N LEU A 18 5.98 4.08 -11.76
CA LEU A 18 5.63 2.63 -11.60
C LEU A 18 4.32 2.38 -12.33
N PRO A 19 4.42 2.19 -13.62
CA PRO A 19 3.24 1.95 -14.44
C PRO A 19 2.36 0.89 -13.79
N CYS A 20 1.27 0.54 -14.43
CA CYS A 20 0.37 -0.48 -13.85
C CYS A 20 0.47 -1.80 -14.63
N GLU A 21 -0.26 -1.92 -15.70
CA GLU A 21 -0.21 -3.19 -16.49
C GLU A 21 0.65 -2.96 -17.74
N LYS A 22 1.87 -2.54 -17.56
CA LYS A 22 2.75 -2.29 -18.74
C LYS A 22 1.98 -1.44 -19.75
N SER A 23 1.03 -0.70 -19.28
CA SER A 23 0.23 0.16 -20.19
C SER A 23 0.55 1.63 -19.91
N ASP A 24 -0.26 2.53 -20.38
CA ASP A 24 0.01 3.98 -20.12
C ASP A 24 -0.50 4.33 -18.72
N ALA A 25 -0.93 3.36 -17.97
CA ALA A 25 -1.44 3.64 -16.59
C ALA A 25 -0.30 3.46 -15.59
N TYR A 26 -0.51 3.88 -14.38
CA TYR A 26 0.54 3.75 -13.34
C TYR A 26 -0.13 3.58 -11.98
N PHE A 27 0.62 3.52 -10.92
CA PHE A 27 -0.03 3.35 -9.60
C PHE A 27 -0.39 4.71 -8.97
N VAL A 28 -1.50 5.26 -9.37
CA VAL A 28 -1.92 6.56 -8.78
C VAL A 28 -2.43 6.32 -7.36
N LEU A 29 -1.57 6.45 -6.38
CA LEU A 29 -1.97 6.21 -4.97
C LEU A 29 -3.38 6.73 -4.72
N ARG A 30 -4.36 5.88 -4.84
CA ARG A 30 -5.76 6.31 -4.59
C ARG A 30 -6.07 6.09 -3.10
N ASP A 31 -6.92 6.91 -2.53
CA ASP A 31 -7.25 6.75 -1.08
C ASP A 31 -8.74 6.49 -0.93
N GLY A 32 -9.12 5.29 -0.58
CA GLY A 32 -10.56 4.98 -0.41
C GLY A 32 -10.97 5.24 1.04
N ALA A 33 -11.88 4.46 1.55
CA ALA A 33 -12.33 4.66 2.95
C ALA A 33 -11.75 3.55 3.84
N ALA A 34 -11.54 2.39 3.30
CA ALA A 34 -10.97 1.27 4.11
C ALA A 34 -9.49 1.51 4.35
N GLY A 35 -8.92 2.48 3.68
CA GLY A 35 -7.47 2.76 3.87
C GLY A 35 -6.86 3.26 2.56
N VAL A 36 -5.58 3.49 2.53
CA VAL A 36 -4.93 3.97 1.28
C VAL A 36 -4.61 2.78 0.38
N PHE A 37 -4.22 3.03 -0.84
CA PHE A 37 -3.88 1.92 -1.76
C PHE A 37 -3.48 2.48 -3.12
N LEU A 38 -2.57 1.82 -3.81
CA LEU A 38 -2.15 2.33 -5.15
C LEU A 38 -3.03 1.71 -6.23
N ALA A 39 -4.02 2.44 -6.68
CA ALA A 39 -4.91 1.88 -7.74
C ALA A 39 -4.33 2.23 -9.11
N ALA A 40 -4.58 1.39 -10.08
CA ALA A 40 -4.05 1.67 -11.44
C ALA A 40 -4.76 2.90 -12.00
N ASN A 41 -4.06 3.72 -12.74
CA ASN A 41 -4.70 4.94 -13.31
C ASN A 41 -5.62 4.53 -14.47
N THR A 42 -5.54 3.30 -14.90
CA THR A 42 -6.41 2.85 -16.00
C THR A 42 -7.61 2.09 -15.43
N PHE A 43 -7.73 2.06 -14.13
CA PHE A 43 -8.89 1.36 -13.49
C PHE A 43 -10.16 1.59 -14.31
N PRO A 44 -10.99 0.58 -14.40
CA PRO A 44 -10.76 -0.71 -13.76
C PRO A 44 -9.85 -1.59 -14.64
N LYS A 45 -9.40 -1.09 -15.76
CA LYS A 45 -8.52 -1.90 -16.65
C LYS A 45 -7.52 -2.69 -15.80
N SER A 46 -6.90 -2.04 -14.85
CA SER A 46 -5.93 -2.74 -13.99
C SER A 46 -6.45 -2.73 -12.54
N ARG A 47 -6.91 -3.85 -12.07
CA ARG A 47 -7.45 -3.91 -10.67
C ARG A 47 -6.31 -4.25 -9.71
N GLU A 48 -5.11 -3.83 -10.01
CA GLU A 48 -3.97 -4.13 -9.11
C GLU A 48 -3.89 -3.04 -8.03
N THR A 49 -5.00 -2.73 -7.42
CA THR A 49 -4.99 -1.68 -6.37
C THR A 49 -4.98 -2.33 -4.99
N ARG A 50 -4.25 -1.76 -4.07
CA ARG A 50 -4.18 -2.34 -2.71
C ARG A 50 -3.07 -1.63 -1.92
N ALA A 51 -2.96 -1.91 -0.64
CA ALA A 51 -1.90 -1.24 0.16
C ALA A 51 -0.57 -1.28 -0.62
N PRO A 52 0.16 -0.20 -0.55
CA PRO A 52 1.44 -0.10 -1.24
C PRO A 52 2.52 -0.94 -0.56
N LEU A 53 3.30 -1.66 -1.32
CA LEU A 53 4.37 -2.49 -0.72
C LEU A 53 5.30 -1.59 0.11
N VAL A 54 5.81 -2.09 1.21
CA VAL A 54 6.71 -1.25 2.05
C VAL A 54 7.96 -0.88 1.25
N GLU A 55 8.37 -1.72 0.35
CA GLU A 55 9.58 -1.40 -0.46
C GLU A 55 9.24 -0.36 -1.52
N GLU A 56 8.00 -0.32 -1.95
CA GLU A 56 7.60 0.70 -2.96
C GLU A 56 7.47 2.05 -2.26
N LEU A 57 7.11 2.03 -1.00
CA LEU A 57 6.96 3.31 -0.25
C LEU A 57 8.34 3.89 0.03
N TYR A 58 9.30 3.06 0.37
CA TYR A 58 10.66 3.58 0.66
C TYR A 58 11.36 3.95 -0.64
N ARG A 59 11.13 3.19 -1.68
CA ARG A 59 11.77 3.49 -2.99
C ARG A 59 11.24 4.82 -3.53
N PHE A 60 10.02 5.15 -3.22
CA PHE A 60 9.45 6.44 -3.70
C PHE A 60 9.29 7.40 -2.53
N ARG A 61 10.16 7.31 -1.56
CA ARG A 61 10.06 8.21 -0.38
C ARG A 61 10.24 9.66 -0.84
N ASP A 62 11.02 9.88 -1.87
CA ASP A 62 11.22 11.27 -2.35
C ASP A 62 9.88 11.85 -2.81
N ARG A 63 8.97 11.00 -3.20
CA ARG A 63 7.64 11.50 -3.66
C ARG A 63 6.58 11.08 -2.65
N LEU A 64 6.94 11.02 -1.39
CA LEU A 64 5.95 10.61 -0.35
C LEU A 64 5.24 11.86 0.20
N PRO A 65 3.92 11.87 0.07
CA PRO A 65 3.12 12.98 0.56
C PRO A 65 2.95 12.90 2.09
N GLU A 66 3.75 12.09 2.75
CA GLU A 66 3.66 11.95 4.23
C GLU A 66 2.38 11.22 4.66
N LYS A 67 1.39 11.10 3.80
CA LYS A 67 0.15 10.38 4.20
C LYS A 67 0.44 8.88 4.37
N LEU A 68 1.67 8.47 4.18
CA LEU A 68 2.00 7.02 4.34
C LEU A 68 3.45 6.88 4.84
N ARG A 69 4.00 7.93 5.39
CA ARG A 69 5.41 7.86 5.87
C ARG A 69 5.55 6.71 6.87
N TYR A 70 4.87 6.79 7.97
CA TYR A 70 4.96 5.70 9.00
C TYR A 70 4.91 4.34 8.30
N LEU A 71 4.28 4.28 7.16
CA LEU A 71 4.19 2.98 6.42
C LEU A 71 5.53 2.69 5.74
N ALA A 72 6.08 3.67 5.07
CA ALA A 72 7.38 3.45 4.39
C ALA A 72 8.44 3.12 5.43
N ASP A 73 8.16 3.35 6.69
CA ASP A 73 9.16 3.04 7.75
C ASP A 73 9.06 1.56 8.11
N ALA A 74 7.88 1.01 8.11
CA ALA A 74 7.72 -0.43 8.44
C ALA A 74 8.71 -1.25 7.61
N PRO A 75 8.83 -2.51 7.95
CA PRO A 75 9.74 -3.41 7.24
C PRO A 75 9.22 -3.66 5.81
N GLN A 76 10.06 -4.15 4.94
CA GLN A 76 9.62 -4.39 3.55
C GLN A 76 10.16 -5.74 3.06
N GLN A 77 10.15 -6.73 3.89
CA GLN A 77 10.65 -8.07 3.46
C GLN A 77 10.94 -8.94 4.70
N ASP A 78 11.17 -8.32 5.83
CA ASP A 78 11.47 -9.11 7.06
C ASP A 78 12.94 -9.56 7.02
N PRO A 79 13.46 -9.90 8.19
CA PRO A 79 14.84 -10.34 8.31
C PRO A 79 15.15 -11.51 7.37
N GLU A 80 14.14 -12.13 6.81
CA GLU A 80 14.40 -13.27 5.89
C GLU A 80 14.55 -12.75 4.47
N GLY A 81 13.84 -11.71 4.12
CA GLY A 81 13.96 -11.14 2.75
C GLY A 81 12.59 -11.20 2.06
N ASN A 82 11.81 -12.22 2.34
CA ASN A 82 10.46 -12.32 1.69
C ASN A 82 9.82 -10.93 1.72
N LYS A 83 9.91 -10.22 0.63
CA LYS A 83 9.33 -8.84 0.56
C LYS A 83 8.08 -8.73 1.42
N THR A 84 7.83 -7.57 1.94
CA THR A 84 6.63 -7.37 2.80
C THR A 84 5.85 -6.16 2.30
N MET A 85 4.57 -6.31 2.07
CA MET A 85 3.78 -5.15 1.56
C MET A 85 2.87 -4.61 2.66
N VAL A 86 2.19 -3.54 2.40
CA VAL A 86 1.29 -2.96 3.42
C VAL A 86 -0.09 -3.60 3.31
N ARG A 87 -0.83 -3.62 4.39
CA ARG A 87 -2.20 -4.21 4.37
C ARG A 87 -3.12 -3.32 5.19
N PHE A 88 -4.34 -3.71 5.41
CA PHE A 88 -5.25 -2.86 6.21
C PHE A 88 -6.13 -3.73 7.10
N SER A 89 -6.23 -3.40 8.36
CA SER A 89 -7.08 -4.19 9.29
C SER A 89 -8.33 -3.37 9.64
N ARG A 90 -9.48 -3.96 9.57
CA ARG A 90 -10.72 -3.21 9.89
C ARG A 90 -11.00 -3.34 11.39
N LYS A 91 -10.41 -4.30 12.03
CA LYS A 91 -10.63 -4.47 13.49
C LYS A 91 -10.11 -3.24 14.22
N THR A 92 -9.18 -2.53 13.62
CA THR A 92 -8.63 -1.31 14.27
C THR A 92 -8.46 -0.21 13.22
N LYS A 93 -8.91 -0.43 12.03
CA LYS A 93 -8.77 0.61 10.98
C LYS A 93 -7.33 1.12 10.96
N GLN A 94 -6.38 0.24 10.82
CA GLN A 94 -4.95 0.67 10.79
C GLN A 94 -4.22 0.03 9.61
N GLN A 95 -2.94 0.17 9.55
CA GLN A 95 -2.16 -0.43 8.42
C GLN A 95 -1.23 -1.51 8.96
N TYR A 96 -1.35 -2.71 8.46
CA TYR A 96 -0.45 -3.81 8.93
C TYR A 96 0.26 -4.42 7.72
N VAL A 97 1.55 -4.61 7.79
CA VAL A 97 2.27 -5.20 6.64
C VAL A 97 2.27 -6.72 6.73
N SER A 98 2.61 -7.39 5.66
CA SER A 98 2.63 -8.87 5.68
C SER A 98 3.69 -9.38 4.68
N SER A 99 4.63 -10.14 5.15
CA SER A 99 5.69 -10.65 4.25
C SER A 99 5.10 -11.76 3.37
N GLU A 100 5.74 -12.05 2.26
CA GLU A 100 5.23 -13.12 1.36
C GLU A 100 6.40 -13.77 0.62
N LYS A 101 6.65 -15.02 0.88
CA LYS A 101 7.78 -15.71 0.20
C LYS A 101 7.61 -15.59 -1.32
N ASP A 102 8.34 -16.38 -2.06
CA ASP A 102 8.25 -16.31 -3.54
C ASP A 102 6.83 -16.68 -4.00
N GLY A 103 6.02 -17.18 -3.11
CA GLY A 103 4.63 -17.56 -3.50
C GLY A 103 4.08 -18.60 -2.53
N LYS A 104 4.15 -18.34 -1.26
CA LYS A 104 3.63 -19.31 -0.26
C LYS A 104 3.03 -18.56 0.94
N ALA A 105 2.86 -17.28 0.82
CA ALA A 105 2.29 -16.49 1.95
C ALA A 105 2.91 -16.95 3.27
N THR A 106 4.15 -16.64 3.49
CA THR A 106 4.82 -17.06 4.75
C THR A 106 3.87 -16.84 5.93
N GLY A 107 3.16 -15.75 5.95
CA GLY A 107 2.22 -15.49 7.06
C GLY A 107 2.66 -14.25 7.84
N TRP A 108 3.92 -13.90 7.74
CA TRP A 108 4.41 -12.70 8.47
C TRP A 108 3.39 -11.55 8.32
N SER A 109 3.04 -10.92 9.41
CA SER A 109 2.06 -9.81 9.33
C SER A 109 2.30 -8.82 10.48
N ALA A 110 2.99 -7.75 10.21
CA ALA A 110 3.27 -6.76 11.30
C ALA A 110 2.14 -5.73 11.32
N PHE A 111 1.92 -5.11 12.45
CA PHE A 111 0.83 -4.10 12.54
C PHE A 111 1.41 -2.76 12.97
N TYR A 112 0.79 -1.67 12.59
CA TYR A 112 1.32 -0.34 13.00
C TYR A 112 0.52 0.15 14.21
N VAL A 113 1.09 0.08 15.38
CA VAL A 113 0.36 0.54 16.58
C VAL A 113 0.66 2.02 16.79
N ASP A 114 0.77 2.47 18.01
CA ASP A 114 1.06 3.92 18.25
C ASP A 114 2.48 4.15 17.79
N GLY A 115 2.68 4.41 16.52
CA GLY A 115 4.06 4.55 16.03
C GLY A 115 4.80 3.32 16.54
N LYS A 116 4.05 2.26 16.76
CA LYS A 116 4.68 1.03 17.32
C LYS A 116 4.41 -0.19 16.43
N TRP A 117 5.15 -0.35 15.38
CA TRP A 117 4.91 -1.54 14.51
C TRP A 117 4.90 -2.79 15.39
N VAL A 118 4.42 -3.90 14.88
CA VAL A 118 4.37 -5.14 15.70
C VAL A 118 4.49 -6.36 14.78
N GLU A 119 4.52 -7.53 15.33
CA GLU A 119 4.64 -8.75 14.48
C GLU A 119 3.61 -9.79 14.93
N GLY A 120 2.85 -10.32 14.01
CA GLY A 120 1.83 -11.35 14.39
C GLY A 120 1.97 -12.57 13.49
N LYS A 121 2.25 -13.71 14.06
CA LYS A 121 2.40 -14.94 13.24
C LYS A 121 1.04 -15.59 13.04
N LYS A 122 0.47 -15.45 11.88
CA LYS A 122 -0.87 -16.06 11.62
C LYS A 122 -0.70 -17.56 11.34
N MET A 1 -24.30 12.42 -14.58
CA MET A 1 -24.50 11.24 -13.68
C MET A 1 -23.14 10.71 -13.23
N ASN A 2 -22.70 11.12 -12.07
CA ASN A 2 -21.38 10.64 -11.56
C ASN A 2 -21.54 9.24 -10.96
N GLY A 3 -21.81 9.18 -9.67
CA GLY A 3 -21.98 7.85 -9.03
C GLY A 3 -21.39 7.89 -7.61
N GLU A 4 -21.49 6.81 -6.88
CA GLU A 4 -20.93 6.80 -5.50
C GLU A 4 -19.61 6.02 -5.49
N VAL A 5 -18.70 6.39 -6.32
CA VAL A 5 -17.38 5.67 -6.36
C VAL A 5 -16.29 6.64 -6.82
N ALA A 6 -15.41 7.01 -5.93
CA ALA A 6 -14.31 7.95 -6.31
C ALA A 6 -14.89 9.09 -7.16
N PRO A 7 -15.39 10.10 -6.50
CA PRO A 7 -15.97 11.25 -7.17
C PRO A 7 -15.02 11.78 -8.23
N PRO A 8 -15.58 12.28 -9.31
CA PRO A 8 -14.80 12.82 -10.41
C PRO A 8 -13.76 13.83 -9.89
N LYS A 9 -12.99 14.41 -10.76
CA LYS A 9 -11.97 15.40 -10.32
C LYS A 9 -11.22 14.84 -9.11
N GLU A 10 -10.33 13.91 -9.33
CA GLU A 10 -9.56 13.33 -8.19
C GLU A 10 -8.07 13.59 -8.40
N ASP A 11 -7.36 13.89 -7.35
CA ASP A 11 -5.89 14.13 -7.50
C ASP A 11 -5.14 13.48 -6.34
N PRO A 12 -5.29 12.18 -6.20
CA PRO A 12 -4.61 11.43 -5.14
C PRO A 12 -3.10 11.63 -5.26
N VAL A 13 -2.33 10.57 -5.10
CA VAL A 13 -0.86 10.70 -5.24
C VAL A 13 -0.39 9.86 -6.43
N PRO A 14 -0.55 10.42 -7.61
CA PRO A 14 -0.17 9.74 -8.84
C PRO A 14 1.24 9.16 -8.70
N LEU A 15 1.43 7.91 -9.04
CA LEU A 15 2.80 7.32 -8.94
C LEU A 15 3.28 6.82 -10.30
N PRO A 16 3.14 7.66 -11.32
CA PRO A 16 3.60 7.35 -12.66
C PRO A 16 4.93 6.58 -12.65
N GLU A 17 5.71 6.67 -11.62
CA GLU A 17 7.00 5.93 -11.57
C GLU A 17 6.76 4.45 -11.29
N LEU A 18 5.55 3.97 -11.45
CA LEU A 18 5.25 2.54 -11.20
C LEU A 18 4.09 2.13 -12.12
N PRO A 19 4.44 1.70 -13.30
CA PRO A 19 3.45 1.30 -14.29
C PRO A 19 2.40 0.38 -13.67
N CYS A 20 1.23 0.33 -14.26
CA CYS A 20 0.14 -0.53 -13.71
C CYS A 20 0.07 -1.83 -14.52
N GLU A 21 -0.58 -1.80 -15.66
CA GLU A 21 -0.69 -3.03 -16.49
C GLU A 21 0.44 -3.06 -17.52
N LYS A 22 1.62 -2.67 -17.12
CA LYS A 22 2.75 -2.67 -18.08
C LYS A 22 2.37 -1.87 -19.32
N SER A 23 1.38 -1.02 -19.20
CA SER A 23 0.94 -0.21 -20.37
C SER A 23 1.17 1.27 -20.07
N ASP A 24 0.41 2.13 -20.68
CA ASP A 24 0.58 3.59 -20.43
C ASP A 24 -0.10 3.96 -19.12
N ALA A 25 -0.63 2.99 -18.41
CA ALA A 25 -1.31 3.29 -17.13
C ALA A 25 -0.27 3.30 -16.01
N TYR A 26 -0.55 4.01 -14.94
CA TYR A 26 0.41 4.05 -13.81
C TYR A 26 -0.31 3.70 -12.52
N PHE A 27 0.31 3.92 -11.39
CA PHE A 27 -0.37 3.58 -10.11
C PHE A 27 -0.72 4.85 -9.32
N VAL A 28 -1.84 5.43 -9.61
CA VAL A 28 -2.25 6.66 -8.86
C VAL A 28 -2.75 6.26 -7.48
N LEU A 29 -1.95 6.45 -6.46
CA LEU A 29 -2.38 6.07 -5.09
C LEU A 29 -3.70 6.75 -4.75
N ARG A 30 -4.79 6.02 -4.78
CA ARG A 30 -6.10 6.63 -4.45
C ARG A 30 -6.42 6.36 -2.98
N ASP A 31 -7.60 6.73 -2.53
CA ASP A 31 -7.97 6.49 -1.12
C ASP A 31 -9.31 5.77 -1.04
N GLY A 32 -9.29 4.46 -0.95
CA GLY A 32 -10.56 3.71 -0.88
C GLY A 32 -11.35 4.14 0.36
N ALA A 33 -12.42 3.44 0.68
CA ALA A 33 -13.21 3.81 1.88
C ALA A 33 -12.71 3.01 3.09
N ALA A 34 -11.58 2.39 2.96
CA ALA A 34 -11.03 1.60 4.10
C ALA A 34 -9.57 1.98 4.34
N GLY A 35 -8.80 2.08 3.29
CA GLY A 35 -7.36 2.45 3.45
C GLY A 35 -6.80 2.91 2.11
N VAL A 36 -5.76 3.69 2.13
CA VAL A 36 -5.16 4.18 0.85
C VAL A 36 -4.59 2.99 0.08
N PHE A 37 -4.49 3.12 -1.22
CA PHE A 37 -3.93 2.00 -2.03
C PHE A 37 -3.40 2.56 -3.35
N LEU A 38 -3.05 1.70 -4.28
CA LEU A 38 -2.52 2.17 -5.59
C LEU A 38 -3.32 1.54 -6.72
N ALA A 39 -4.25 2.26 -7.28
CA ALA A 39 -5.05 1.69 -8.40
C ALA A 39 -4.49 2.20 -9.73
N ALA A 40 -4.73 1.50 -10.79
CA ALA A 40 -4.22 1.95 -12.12
C ALA A 40 -4.96 3.22 -12.53
N ASN A 41 -4.25 4.18 -13.04
CA ASN A 41 -4.91 5.45 -13.46
C ASN A 41 -5.78 5.19 -14.70
N THR A 42 -5.70 4.02 -15.24
CA THR A 42 -6.53 3.71 -16.46
C THR A 42 -7.80 2.97 -16.04
N PHE A 43 -7.99 2.76 -14.76
CA PHE A 43 -9.21 2.04 -14.26
C PHE A 43 -10.42 2.42 -15.13
N PRO A 44 -11.28 1.46 -15.39
CA PRO A 44 -11.12 0.09 -14.90
C PRO A 44 -10.10 -0.68 -15.74
N LYS A 45 -9.52 -0.04 -16.74
CA LYS A 45 -8.52 -0.74 -17.60
C LYS A 45 -7.65 -1.64 -16.74
N SER A 46 -7.44 -1.29 -15.50
CA SER A 46 -6.59 -2.13 -14.61
C SER A 46 -7.20 -2.15 -13.21
N ARG A 47 -7.58 -3.30 -12.73
CA ARG A 47 -8.17 -3.38 -11.38
C ARG A 47 -7.05 -3.59 -10.35
N GLU A 48 -5.83 -3.38 -10.75
CA GLU A 48 -4.70 -3.57 -9.80
C GLU A 48 -4.85 -2.59 -8.64
N THR A 49 -5.27 -3.07 -7.50
CA THR A 49 -5.45 -2.17 -6.32
C THR A 49 -5.07 -2.91 -5.04
N ARG A 50 -4.36 -2.27 -4.16
CA ARG A 50 -3.96 -2.95 -2.89
C ARG A 50 -2.84 -2.15 -2.22
N ALA A 51 -2.40 -2.57 -1.06
CA ALA A 51 -1.31 -1.83 -0.36
C ALA A 51 0.01 -2.02 -1.13
N PRO A 52 0.81 -0.99 -1.15
CA PRO A 52 2.08 -1.01 -1.85
C PRO A 52 3.18 -1.70 -1.02
N LEU A 53 4.04 -2.43 -1.67
CA LEU A 53 5.15 -3.10 -0.94
C LEU A 53 5.87 -2.07 -0.06
N VAL A 54 6.18 -2.42 1.16
CA VAL A 54 6.87 -1.46 2.06
C VAL A 54 8.17 -1.00 1.38
N GLU A 55 8.91 -1.92 0.81
CA GLU A 55 10.18 -1.53 0.13
C GLU A 55 9.85 -0.59 -1.03
N GLU A 56 8.75 -0.82 -1.69
CA GLU A 56 8.37 0.07 -2.83
C GLU A 56 8.26 1.51 -2.32
N LEU A 57 7.55 1.71 -1.25
CA LEU A 57 7.41 3.09 -0.70
C LEU A 57 8.81 3.67 -0.46
N TYR A 58 9.70 2.88 0.06
CA TYR A 58 11.08 3.39 0.31
C TYR A 58 11.61 4.03 -0.97
N ARG A 59 11.51 3.34 -2.08
CA ARG A 59 12.01 3.91 -3.35
C ARG A 59 11.13 5.11 -3.75
N PHE A 60 9.91 5.12 -3.29
CA PHE A 60 9.00 6.25 -3.63
C PHE A 60 8.99 7.25 -2.49
N ARG A 61 10.00 7.22 -1.65
CA ARG A 61 10.05 8.17 -0.51
C ARG A 61 10.19 9.60 -1.04
N ASP A 62 10.92 9.77 -2.10
CA ASP A 62 11.11 11.13 -2.67
C ASP A 62 9.76 11.68 -3.15
N ARG A 63 8.76 10.84 -3.20
CA ARG A 63 7.42 11.30 -3.65
C ARG A 63 6.41 11.12 -2.51
N LEU A 64 6.78 10.37 -1.52
CA LEU A 64 5.86 10.13 -0.37
C LEU A 64 5.52 11.46 0.30
N PRO A 65 4.28 11.88 0.16
CA PRO A 65 3.83 13.13 0.76
C PRO A 65 4.19 13.15 2.25
N GLU A 66 3.50 12.38 3.04
CA GLU A 66 3.79 12.34 4.50
C GLU A 66 2.76 11.45 5.19
N LYS A 67 1.56 11.41 4.68
CA LYS A 67 0.50 10.57 5.30
C LYS A 67 0.76 9.08 5.06
N LEU A 68 1.90 8.72 4.53
CA LEU A 68 2.19 7.28 4.30
C LEU A 68 3.65 6.98 4.68
N ARG A 69 4.33 7.94 5.26
CA ARG A 69 5.75 7.69 5.66
C ARG A 69 5.80 6.59 6.72
N TYR A 70 4.97 6.68 7.71
CA TYR A 70 4.97 5.64 8.79
C TYR A 70 4.81 4.25 8.15
N LEU A 71 4.19 4.18 7.00
CA LEU A 71 4.00 2.87 6.33
C LEU A 71 5.28 2.50 5.58
N ALA A 72 5.86 3.43 4.89
CA ALA A 72 7.12 3.13 4.14
C ALA A 72 8.26 2.90 5.14
N ASP A 73 8.01 3.13 6.41
CA ASP A 73 9.08 2.93 7.43
C ASP A 73 9.00 1.50 7.96
N ALA A 74 7.84 0.90 7.91
CA ALA A 74 7.70 -0.49 8.43
C ALA A 74 8.66 -1.42 7.67
N PRO A 75 8.89 -2.58 8.23
CA PRO A 75 9.78 -3.56 7.62
C PRO A 75 9.38 -3.79 6.16
N GLN A 76 10.30 -4.22 5.34
CA GLN A 76 9.97 -4.44 3.91
C GLN A 76 10.45 -5.84 3.48
N GLN A 77 10.40 -6.78 4.37
CA GLN A 77 10.83 -8.16 4.02
C GLN A 77 11.09 -8.97 5.29
N ASP A 78 11.30 -8.33 6.41
CA ASP A 78 11.56 -9.08 7.67
C ASP A 78 13.04 -9.52 7.69
N PRO A 79 13.54 -9.77 8.88
CA PRO A 79 14.92 -10.20 9.07
C PRO A 79 15.23 -11.42 8.19
N GLU A 80 14.23 -12.09 7.69
CA GLU A 80 14.49 -13.29 6.83
C GLU A 80 14.65 -12.86 5.38
N GLY A 81 13.88 -11.90 4.95
CA GLY A 81 14.00 -11.43 3.53
C GLY A 81 12.63 -11.48 2.85
N ASN A 82 11.80 -12.41 3.22
CA ASN A 82 10.45 -12.49 2.59
C ASN A 82 9.87 -11.09 2.49
N LYS A 83 10.01 -10.46 1.35
CA LYS A 83 9.49 -9.06 1.17
C LYS A 83 8.21 -8.87 1.96
N THR A 84 8.02 -7.70 2.48
CA THR A 84 6.80 -7.45 3.28
C THR A 84 6.04 -6.28 2.68
N MET A 85 4.81 -6.49 2.29
CA MET A 85 4.04 -5.37 1.69
C MET A 85 3.07 -4.80 2.73
N VAL A 86 2.39 -3.74 2.40
CA VAL A 86 1.44 -3.15 3.38
C VAL A 86 0.09 -3.87 3.28
N ARG A 87 -0.67 -3.84 4.34
CA ARG A 87 -2.01 -4.51 4.33
C ARG A 87 -2.99 -3.63 5.11
N PHE A 88 -4.18 -4.10 5.33
CA PHE A 88 -5.16 -3.29 6.10
C PHE A 88 -6.05 -4.19 6.95
N SER A 89 -6.38 -3.76 8.13
CA SER A 89 -7.24 -4.58 9.02
C SER A 89 -8.50 -3.78 9.37
N ARG A 90 -9.65 -4.38 9.29
CA ARG A 90 -10.91 -3.66 9.62
C ARG A 90 -11.20 -3.81 11.11
N LYS A 91 -10.55 -4.73 11.76
CA LYS A 91 -10.79 -4.92 13.21
C LYS A 91 -10.41 -3.63 13.95
N THR A 92 -9.59 -2.82 13.36
CA THR A 92 -9.17 -1.55 14.02
C THR A 92 -8.88 -0.49 12.96
N LYS A 93 -9.30 -0.71 11.74
CA LYS A 93 -9.05 0.29 10.67
C LYS A 93 -7.60 0.78 10.77
N GLN A 94 -6.64 -0.07 10.53
CA GLN A 94 -5.22 0.37 10.62
C GLN A 94 -4.42 -0.26 9.49
N GLN A 95 -3.12 -0.08 9.49
CA GLN A 95 -2.28 -0.66 8.40
C GLN A 95 -1.31 -1.68 8.99
N TYR A 96 -1.24 -2.85 8.41
CA TYR A 96 -0.31 -3.89 8.93
C TYR A 96 0.45 -4.52 7.75
N VAL A 97 1.72 -4.70 7.86
CA VAL A 97 2.50 -5.29 6.73
C VAL A 97 2.51 -6.81 6.87
N SER A 98 2.85 -7.50 5.81
CA SER A 98 2.89 -8.99 5.87
C SER A 98 3.94 -9.51 4.88
N SER A 99 4.90 -10.25 5.36
CA SER A 99 5.95 -10.79 4.44
C SER A 99 5.26 -11.65 3.38
N GLU A 100 5.96 -12.05 2.36
CA GLU A 100 5.34 -12.89 1.30
C GLU A 100 6.40 -13.80 0.67
N LYS A 101 5.99 -14.66 -0.22
CA LYS A 101 6.97 -15.57 -0.88
C LYS A 101 6.55 -15.82 -2.33
N ASP A 102 6.43 -14.77 -3.11
CA ASP A 102 6.03 -14.95 -4.53
C ASP A 102 4.51 -15.17 -4.61
N GLY A 103 3.85 -15.24 -3.49
CA GLY A 103 2.37 -15.47 -3.51
C GLY A 103 2.01 -16.53 -2.47
N LYS A 104 2.67 -16.51 -1.35
CA LYS A 104 2.37 -17.54 -0.29
C LYS A 104 1.98 -16.85 1.00
N ALA A 105 2.28 -15.58 1.13
CA ALA A 105 1.95 -14.84 2.38
C ALA A 105 3.07 -15.07 3.41
N THR A 106 3.52 -16.29 3.54
CA THR A 106 4.62 -16.60 4.49
C THR A 106 4.07 -16.72 5.93
N GLY A 107 3.14 -15.89 6.31
CA GLY A 107 2.58 -15.98 7.69
C GLY A 107 3.08 -14.79 8.51
N TRP A 108 3.94 -13.98 7.95
CA TRP A 108 4.45 -12.80 8.70
C TRP A 108 3.47 -11.64 8.55
N SER A 109 3.16 -10.97 9.63
CA SER A 109 2.21 -9.82 9.55
C SER A 109 2.48 -8.85 10.70
N ALA A 110 3.16 -7.77 10.43
CA ALA A 110 3.45 -6.79 11.51
C ALA A 110 2.32 -5.77 11.58
N PHE A 111 2.10 -5.17 12.72
CA PHE A 111 1.02 -4.17 12.85
C PHE A 111 1.58 -2.82 13.26
N TYR A 112 1.13 -1.76 12.65
CA TYR A 112 1.63 -0.41 13.01
C TYR A 112 0.80 0.14 14.18
N VAL A 113 1.35 0.12 15.37
CA VAL A 113 0.59 0.65 16.53
C VAL A 113 0.89 2.14 16.68
N ASP A 114 0.99 2.63 17.88
CA ASP A 114 1.29 4.08 18.06
C ASP A 114 2.72 4.28 17.60
N GLY A 115 2.93 4.49 16.33
CA GLY A 115 4.32 4.60 15.84
C GLY A 115 5.04 3.39 16.41
N LYS A 116 4.29 2.33 16.67
CA LYS A 116 4.89 1.12 17.28
C LYS A 116 4.61 -0.12 16.43
N TRP A 117 5.32 -0.31 15.35
CA TRP A 117 5.09 -1.53 14.54
C TRP A 117 5.18 -2.76 15.44
N VAL A 118 4.68 -3.88 15.01
CA VAL A 118 4.74 -5.10 15.87
C VAL A 118 4.84 -6.35 14.99
N GLU A 119 4.98 -7.50 15.58
CA GLU A 119 5.08 -8.75 14.77
C GLU A 119 4.27 -9.86 15.45
N GLY A 120 3.13 -10.19 14.92
CA GLY A 120 2.31 -11.27 15.53
C GLY A 120 3.06 -12.59 15.45
N LYS A 121 3.49 -12.97 14.28
CA LYS A 121 4.24 -14.26 14.13
C LYS A 121 3.34 -15.42 14.56
N LYS A 122 3.45 -16.53 13.90
CA LYS A 122 2.60 -17.71 14.27
C LYS A 122 3.24 -18.99 13.74
N MET A 1 -20.12 0.99 -9.11
CA MET A 1 -20.84 1.76 -10.16
C MET A 1 -21.42 3.04 -9.56
N ASN A 2 -20.67 3.71 -8.73
CA ASN A 2 -21.18 4.96 -8.10
C ASN A 2 -20.64 6.17 -8.86
N GLY A 3 -21.50 7.07 -9.26
CA GLY A 3 -21.04 8.27 -10.02
C GLY A 3 -21.05 9.48 -9.08
N GLU A 4 -20.63 9.31 -7.86
CA GLU A 4 -20.62 10.46 -6.91
C GLU A 4 -19.56 10.21 -5.83
N VAL A 5 -18.56 9.41 -6.13
CA VAL A 5 -17.51 9.14 -5.12
C VAL A 5 -16.14 9.14 -5.80
N ALA A 6 -15.30 10.08 -5.46
CA ALA A 6 -13.96 10.14 -6.10
C ALA A 6 -14.09 10.08 -7.62
N PRO A 7 -14.64 11.14 -8.18
CA PRO A 7 -14.85 11.22 -9.62
C PRO A 7 -13.55 10.88 -10.37
N PRO A 8 -13.64 10.76 -11.67
CA PRO A 8 -12.50 10.44 -12.50
C PRO A 8 -11.33 11.37 -12.18
N LYS A 9 -11.56 12.65 -12.15
CA LYS A 9 -10.46 13.61 -11.84
C LYS A 9 -9.91 13.32 -10.45
N GLU A 10 -8.62 13.42 -10.27
CA GLU A 10 -8.02 13.16 -8.93
C GLU A 10 -6.50 13.12 -9.05
N ASP A 11 -5.82 13.95 -8.31
CA ASP A 11 -4.32 13.95 -8.39
C ASP A 11 -3.75 13.73 -6.98
N PRO A 12 -3.92 12.54 -6.48
CA PRO A 12 -3.44 12.18 -5.16
C PRO A 12 -1.92 11.97 -5.19
N VAL A 13 -1.48 10.78 -5.49
CA VAL A 13 -0.01 10.52 -5.54
C VAL A 13 0.31 9.66 -6.76
N PRO A 14 0.06 10.20 -7.93
CA PRO A 14 0.32 9.51 -9.18
C PRO A 14 1.75 8.95 -9.18
N LEU A 15 1.91 7.69 -9.51
CA LEU A 15 3.30 7.11 -9.53
C LEU A 15 3.67 6.64 -10.95
N PRO A 16 3.50 7.51 -11.91
CA PRO A 16 3.85 7.21 -13.28
C PRO A 16 5.15 6.39 -13.36
N GLU A 17 6.15 6.75 -12.60
CA GLU A 17 7.44 5.99 -12.63
C GLU A 17 7.13 4.48 -12.66
N LEU A 18 6.29 4.03 -11.77
CA LEU A 18 5.93 2.59 -11.74
C LEU A 18 4.76 2.33 -12.69
N PRO A 19 4.94 1.43 -13.62
CA PRO A 19 3.91 1.10 -14.60
C PRO A 19 2.76 0.33 -13.95
N CYS A 20 1.63 0.28 -14.60
CA CYS A 20 0.46 -0.45 -14.04
C CYS A 20 0.21 -1.73 -14.86
N GLU A 21 -0.48 -1.61 -15.95
CA GLU A 21 -0.77 -2.81 -16.79
C GLU A 21 0.02 -2.73 -18.10
N LYS A 22 1.14 -2.06 -18.08
CA LYS A 22 1.95 -1.95 -19.33
C LYS A 22 1.10 -1.35 -20.44
N SER A 23 0.01 -0.73 -20.10
CA SER A 23 -0.88 -0.12 -21.14
C SER A 23 -0.69 1.40 -21.14
N ASP A 24 0.49 1.86 -20.84
CA ASP A 24 0.73 3.33 -20.80
C ASP A 24 0.11 3.87 -19.52
N ALA A 25 -0.42 3.01 -18.70
CA ALA A 25 -1.05 3.48 -17.45
C ALA A 25 0.00 3.51 -16.34
N TYR A 26 -0.38 3.84 -15.14
CA TYR A 26 0.60 3.90 -14.03
C TYR A 26 -0.10 3.57 -12.72
N PHE A 27 0.59 3.72 -11.62
CA PHE A 27 -0.04 3.39 -10.31
C PHE A 27 -0.20 4.66 -9.47
N VAL A 28 -1.30 5.35 -9.60
CA VAL A 28 -1.50 6.58 -8.79
C VAL A 28 -1.92 6.17 -7.37
N LEU A 29 -1.02 6.31 -6.43
CA LEU A 29 -1.35 5.91 -5.03
C LEU A 29 -2.50 6.79 -4.49
N ARG A 30 -3.53 6.17 -3.99
CA ARG A 30 -4.67 6.94 -3.44
C ARG A 30 -4.97 6.47 -2.02
N ASP A 31 -6.13 6.76 -1.51
CA ASP A 31 -6.46 6.32 -0.12
C ASP A 31 -7.97 6.11 -0.01
N GLY A 32 -8.41 4.87 -0.12
CA GLY A 32 -9.87 4.60 -0.02
C GLY A 32 -10.35 4.91 1.39
N ALA A 33 -11.35 4.22 1.87
CA ALA A 33 -11.86 4.48 3.24
C ALA A 33 -11.27 3.47 4.22
N ALA A 34 -10.58 2.47 3.71
CA ALA A 34 -9.97 1.46 4.60
C ALA A 34 -8.50 1.81 4.85
N GLY A 35 -7.74 2.00 3.80
CA GLY A 35 -6.31 2.34 3.98
C GLY A 35 -5.76 2.94 2.68
N VAL A 36 -4.47 2.95 2.53
CA VAL A 36 -3.88 3.51 1.28
C VAL A 36 -3.60 2.38 0.28
N PHE A 37 -3.37 2.72 -0.96
CA PHE A 37 -3.08 1.66 -1.97
C PHE A 37 -2.66 2.32 -3.28
N LEU A 38 -2.53 1.55 -4.33
CA LEU A 38 -2.11 2.14 -5.64
C LEU A 38 -3.03 1.61 -6.75
N ALA A 39 -3.94 2.42 -7.22
CA ALA A 39 -4.85 1.96 -8.31
C ALA A 39 -4.28 2.40 -9.65
N ALA A 40 -4.56 1.66 -10.68
CA ALA A 40 -4.05 2.03 -12.03
C ALA A 40 -4.87 3.21 -12.57
N ASN A 41 -4.25 4.15 -13.22
CA ASN A 41 -5.00 5.31 -13.76
C ASN A 41 -5.92 4.84 -14.90
N THR A 42 -5.75 3.62 -15.35
CA THR A 42 -6.60 3.11 -16.45
C THR A 42 -7.89 2.50 -15.87
N PHE A 43 -8.02 2.50 -14.57
CA PHE A 43 -9.24 1.92 -13.94
C PHE A 43 -10.47 2.25 -14.79
N PRO A 44 -11.38 1.31 -14.89
CA PRO A 44 -11.27 0.02 -14.24
C PRO A 44 -10.37 -0.92 -15.04
N LYS A 45 -9.92 -0.51 -16.21
CA LYS A 45 -9.05 -1.40 -17.03
C LYS A 45 -8.03 -2.09 -16.13
N SER A 46 -7.06 -1.36 -15.64
CA SER A 46 -6.04 -1.97 -14.76
C SER A 46 -6.51 -1.84 -13.31
N ARG A 47 -7.30 -2.78 -12.84
CA ARG A 47 -7.80 -2.70 -11.44
C ARG A 47 -6.82 -3.40 -10.51
N GLU A 48 -5.55 -3.16 -10.68
CA GLU A 48 -4.54 -3.81 -9.80
C GLU A 48 -4.37 -2.97 -8.53
N THR A 49 -5.41 -2.87 -7.75
CA THR A 49 -5.31 -2.06 -6.49
C THR A 49 -4.84 -2.96 -5.34
N ARG A 50 -4.16 -2.39 -4.38
CA ARG A 50 -3.68 -3.20 -3.23
C ARG A 50 -2.59 -2.43 -2.49
N ALA A 51 -2.48 -2.61 -1.20
CA ALA A 51 -1.43 -1.88 -0.43
C ALA A 51 -0.08 -2.02 -1.15
N PRO A 52 0.69 -0.96 -1.13
CA PRO A 52 1.98 -0.94 -1.78
C PRO A 52 3.06 -1.60 -0.92
N LEU A 53 3.97 -2.29 -1.54
CA LEU A 53 5.08 -2.94 -0.78
C LEU A 53 5.71 -1.90 0.15
N VAL A 54 6.18 -2.29 1.30
CA VAL A 54 6.80 -1.31 2.22
C VAL A 54 8.04 -0.72 1.56
N GLU A 55 8.76 -1.52 0.82
CA GLU A 55 9.98 -1.01 0.14
C GLU A 55 9.55 -0.10 -1.02
N GLU A 56 8.38 -0.35 -1.57
CA GLU A 56 7.90 0.50 -2.69
C GLU A 56 7.53 1.88 -2.12
N LEU A 57 7.00 1.90 -0.93
CA LEU A 57 6.62 3.19 -0.31
C LEU A 57 7.88 4.02 -0.05
N TYR A 58 8.92 3.37 0.41
CA TYR A 58 10.19 4.12 0.69
C TYR A 58 10.82 4.52 -0.65
N ARG A 59 10.67 3.73 -1.66
CA ARG A 59 11.25 4.07 -2.99
C ARG A 59 10.67 5.40 -3.48
N PHE A 60 9.39 5.58 -3.29
CA PHE A 60 8.74 6.85 -3.73
C PHE A 60 8.55 7.77 -2.53
N ARG A 61 9.37 7.62 -1.53
CA ARG A 61 9.25 8.48 -0.32
C ARG A 61 9.28 9.96 -0.73
N ASP A 62 10.29 10.37 -1.43
CA ASP A 62 10.37 11.80 -1.85
C ASP A 62 9.19 12.12 -2.76
N ARG A 63 8.56 11.12 -3.32
CA ARG A 63 7.40 11.38 -4.21
C ARG A 63 6.11 10.96 -3.50
N LEU A 64 6.08 11.04 -2.20
CA LEU A 64 4.85 10.64 -1.46
C LEU A 64 4.28 11.87 -0.73
N PRO A 65 3.06 11.74 -0.27
CA PRO A 65 2.38 12.81 0.45
C PRO A 65 2.99 12.97 1.85
N GLU A 66 2.41 12.34 2.83
CA GLU A 66 2.96 12.45 4.21
C GLU A 66 2.13 11.60 5.18
N LYS A 67 0.85 11.49 4.92
CA LYS A 67 -0.02 10.68 5.81
C LYS A 67 0.21 9.18 5.59
N LEU A 68 1.24 8.81 4.88
CA LEU A 68 1.52 7.37 4.65
C LEU A 68 3.00 7.07 4.91
N ARG A 69 3.76 8.06 5.27
CA ARG A 69 5.21 7.84 5.52
C ARG A 69 5.39 6.79 6.62
N TYR A 70 4.72 6.96 7.73
CA TYR A 70 4.85 5.95 8.84
C TYR A 70 4.72 4.55 8.24
N LEU A 71 4.05 4.42 7.14
CA LEU A 71 3.88 3.09 6.50
C LEU A 71 5.15 2.74 5.73
N ALA A 72 5.69 3.69 5.01
CA ALA A 72 6.94 3.43 4.25
C ALA A 72 8.09 3.16 5.22
N ASP A 73 7.87 3.40 6.49
CA ASP A 73 8.95 3.15 7.49
C ASP A 73 8.87 1.71 7.98
N ALA A 74 7.71 1.10 7.87
CA ALA A 74 7.58 -0.30 8.33
C ALA A 74 8.62 -1.18 7.63
N PRO A 75 8.74 -2.39 8.09
CA PRO A 75 9.69 -3.34 7.52
C PRO A 75 9.24 -3.76 6.11
N GLN A 76 10.17 -3.91 5.21
CA GLN A 76 9.80 -4.32 3.82
C GLN A 76 10.35 -5.72 3.55
N GLN A 77 10.21 -6.61 4.49
CA GLN A 77 10.71 -8.01 4.30
C GLN A 77 10.96 -8.64 5.67
N ASP A 78 11.03 -9.94 5.74
CA ASP A 78 11.29 -10.60 7.05
C ASP A 78 12.73 -11.15 7.05
N PRO A 79 13.12 -11.75 8.15
CA PRO A 79 14.47 -12.29 8.30
C PRO A 79 14.86 -13.17 7.10
N GLU A 80 13.89 -13.65 6.37
CA GLU A 80 14.22 -14.51 5.20
C GLU A 80 14.40 -13.65 3.95
N GLY A 81 13.63 -12.60 3.82
CA GLY A 81 13.76 -11.72 2.62
C GLY A 81 12.54 -11.91 1.72
N ASN A 82 11.45 -12.35 2.27
CA ASN A 82 10.22 -12.56 1.44
C ASN A 82 9.54 -11.20 1.17
N LYS A 83 10.17 -10.13 1.57
CA LYS A 83 9.57 -8.79 1.34
C LYS A 83 8.27 -8.65 2.11
N THR A 84 7.99 -7.48 2.58
CA THR A 84 6.75 -7.25 3.36
C THR A 84 6.01 -6.04 2.80
N MET A 85 4.78 -6.22 2.44
CA MET A 85 4.00 -5.08 1.86
C MET A 85 3.02 -4.54 2.90
N VAL A 86 2.23 -3.58 2.52
CA VAL A 86 1.25 -3.01 3.49
C VAL A 86 -0.07 -3.77 3.41
N ARG A 87 -0.84 -3.74 4.47
CA ARG A 87 -2.15 -4.45 4.47
C ARG A 87 -3.13 -3.61 5.27
N PHE A 88 -4.33 -4.10 5.49
CA PHE A 88 -5.31 -3.30 6.27
C PHE A 88 -6.23 -4.24 7.06
N SER A 89 -6.55 -3.87 8.27
CA SER A 89 -7.45 -4.72 9.09
C SER A 89 -8.67 -3.89 9.50
N ARG A 90 -9.85 -4.45 9.42
CA ARG A 90 -11.06 -3.69 9.80
C ARG A 90 -11.32 -3.89 11.29
N LYS A 91 -10.77 -4.92 11.87
CA LYS A 91 -10.98 -5.15 13.33
C LYS A 91 -10.51 -3.92 14.10
N THR A 92 -9.62 -3.16 13.52
CA THR A 92 -9.12 -1.94 14.21
C THR A 92 -8.91 -0.82 13.19
N LYS A 93 -9.36 -1.01 11.98
CA LYS A 93 -9.18 0.04 10.94
C LYS A 93 -7.75 0.59 11.02
N GLN A 94 -6.77 -0.24 10.79
CA GLN A 94 -5.36 0.24 10.86
C GLN A 94 -4.55 -0.37 9.71
N GLN A 95 -3.30 0.00 9.60
CA GLN A 95 -2.45 -0.55 8.52
C GLN A 95 -1.44 -1.55 9.10
N TYR A 96 -1.40 -2.74 8.57
CA TYR A 96 -0.44 -3.76 9.08
C TYR A 96 0.32 -4.36 7.90
N VAL A 97 1.60 -4.57 8.02
CA VAL A 97 2.37 -5.14 6.87
C VAL A 97 2.37 -6.67 6.96
N SER A 98 2.74 -7.32 5.91
CA SER A 98 2.77 -8.81 5.91
C SER A 98 3.87 -9.30 4.96
N SER A 99 4.82 -10.03 5.47
CA SER A 99 5.91 -10.55 4.61
C SER A 99 5.41 -11.75 3.81
N GLU A 100 5.49 -11.69 2.52
CA GLU A 100 5.01 -12.83 1.68
C GLU A 100 6.14 -13.32 0.77
N LYS A 101 6.48 -14.57 0.87
CA LYS A 101 7.57 -15.10 0.00
C LYS A 101 7.19 -14.96 -1.47
N ASP A 102 7.87 -15.66 -2.33
CA ASP A 102 7.55 -15.57 -3.79
C ASP A 102 6.07 -15.82 -4.01
N GLY A 103 5.41 -16.44 -3.07
CA GLY A 103 3.96 -16.72 -3.23
C GLY A 103 3.54 -17.84 -2.29
N LYS A 104 3.81 -17.70 -1.02
CA LYS A 104 3.43 -18.78 -0.05
C LYS A 104 2.92 -18.13 1.24
N ALA A 105 2.74 -16.84 1.25
CA ALA A 105 2.23 -16.16 2.47
C ALA A 105 2.95 -16.73 3.70
N THR A 106 4.20 -16.38 3.88
CA THR A 106 4.96 -16.91 5.05
C THR A 106 4.09 -16.80 6.31
N GLY A 107 3.20 -15.84 6.34
CA GLY A 107 2.33 -15.67 7.54
C GLY A 107 2.77 -14.45 8.34
N TRP A 108 3.92 -13.91 8.02
CA TRP A 108 4.40 -12.71 8.77
C TRP A 108 3.39 -11.58 8.61
N SER A 109 3.15 -10.85 9.67
CA SER A 109 2.17 -9.72 9.59
C SER A 109 2.45 -8.73 10.72
N ALA A 110 3.11 -7.65 10.44
CA ALA A 110 3.41 -6.65 11.50
C ALA A 110 2.27 -5.63 11.58
N PHE A 111 2.05 -5.05 12.72
CA PHE A 111 0.95 -4.05 12.86
C PHE A 111 1.52 -2.69 13.28
N TYR A 112 1.04 -1.64 12.68
CA TYR A 112 1.54 -0.28 13.05
C TYR A 112 0.70 0.26 14.19
N VAL A 113 1.22 0.25 15.39
CA VAL A 113 0.43 0.79 16.53
C VAL A 113 0.75 2.28 16.68
N ASP A 114 0.82 2.80 17.87
CA ASP A 114 1.14 4.24 18.02
C ASP A 114 2.58 4.41 17.62
N GLY A 115 2.83 4.60 16.34
CA GLY A 115 4.24 4.68 15.90
C GLY A 115 4.93 3.47 16.51
N LYS A 116 4.15 2.43 16.75
CA LYS A 116 4.71 1.22 17.40
C LYS A 116 4.50 -0.02 16.53
N TRP A 117 5.15 -0.12 15.41
CA TRP A 117 4.97 -1.33 14.56
C TRP A 117 5.10 -2.56 15.47
N VAL A 118 4.63 -3.70 15.01
CA VAL A 118 4.73 -4.92 15.85
C VAL A 118 4.84 -6.15 14.95
N GLU A 119 5.04 -7.31 15.52
CA GLU A 119 5.15 -8.54 14.69
C GLU A 119 4.25 -9.63 15.27
N GLY A 120 3.07 -9.78 14.72
CA GLY A 120 2.14 -10.82 15.23
C GLY A 120 2.27 -12.09 14.39
N LYS A 121 2.84 -13.12 14.95
CA LYS A 121 3.00 -14.39 14.17
C LYS A 121 1.75 -15.24 14.33
N LYS A 122 1.32 -15.88 13.27
CA LYS A 122 0.10 -16.74 13.35
C LYS A 122 0.48 -18.12 13.87
N MET A 1 -26.31 8.32 -10.78
CA MET A 1 -24.85 8.19 -10.54
C MET A 1 -24.41 6.76 -10.80
N ASN A 2 -23.24 6.58 -11.36
CA ASN A 2 -22.76 5.20 -11.64
C ASN A 2 -21.37 5.01 -11.03
N GLY A 3 -20.52 5.99 -11.16
CA GLY A 3 -19.15 5.86 -10.58
C GLY A 3 -19.23 5.51 -9.10
N GLU A 4 -19.38 6.48 -8.24
CA GLU A 4 -19.48 6.19 -6.79
C GLU A 4 -18.20 5.50 -6.32
N VAL A 5 -17.17 5.53 -7.12
CA VAL A 5 -15.89 4.88 -6.72
C VAL A 5 -14.71 5.74 -7.18
N ALA A 6 -14.36 6.74 -6.42
CA ALA A 6 -13.22 7.62 -6.81
C ALA A 6 -13.45 8.14 -8.24
N PRO A 7 -14.27 9.15 -8.35
CA PRO A 7 -14.58 9.75 -9.63
C PRO A 7 -13.38 10.54 -10.16
N PRO A 8 -13.46 10.95 -11.39
CA PRO A 8 -12.40 11.71 -12.03
C PRO A 8 -11.98 12.90 -11.14
N LYS A 9 -11.09 13.72 -11.61
CA LYS A 9 -10.65 14.89 -10.79
C LYS A 9 -10.15 14.40 -9.43
N GLU A 10 -9.01 13.77 -9.41
CA GLU A 10 -8.45 13.27 -8.12
C GLU A 10 -6.94 13.47 -8.10
N ASP A 11 -6.21 12.67 -8.83
CA ASP A 11 -4.74 12.80 -8.85
C ASP A 11 -4.23 13.01 -7.42
N PRO A 12 -4.41 12.01 -6.60
CA PRO A 12 -3.99 12.07 -5.21
C PRO A 12 -2.47 11.86 -5.10
N VAL A 13 -2.00 10.68 -5.40
CA VAL A 13 -0.53 10.42 -5.33
C VAL A 13 -0.12 9.61 -6.56
N PRO A 14 -0.27 10.22 -7.72
CA PRO A 14 0.08 9.59 -8.97
C PRO A 14 1.50 9.02 -8.91
N LEU A 15 1.70 7.78 -9.31
CA LEU A 15 3.08 7.22 -9.27
C LEU A 15 3.54 6.82 -10.67
N PRO A 16 3.38 7.71 -11.62
CA PRO A 16 3.81 7.47 -12.98
C PRO A 16 5.14 6.70 -13.01
N GLU A 17 6.06 7.01 -12.12
CA GLU A 17 7.36 6.28 -12.11
C GLU A 17 7.09 4.79 -12.26
N LEU A 18 6.22 4.26 -11.44
CA LEU A 18 5.89 2.81 -11.51
C LEU A 18 4.74 2.63 -12.51
N PRO A 19 5.05 2.04 -13.65
CA PRO A 19 4.07 1.82 -14.70
C PRO A 19 3.03 0.78 -14.29
N CYS A 20 1.89 0.78 -14.94
CA CYS A 20 0.82 -0.19 -14.60
C CYS A 20 0.96 -1.45 -15.49
N GLU A 21 0.32 -1.45 -16.62
CA GLU A 21 0.41 -2.63 -17.53
C GLU A 21 1.24 -2.27 -18.76
N LYS A 22 0.59 -1.80 -19.79
CA LYS A 22 1.34 -1.43 -21.03
C LYS A 22 0.51 -0.45 -21.85
N SER A 23 -0.40 0.24 -21.23
CA SER A 23 -1.26 1.21 -21.97
C SER A 23 -0.81 2.64 -21.65
N ASP A 24 0.37 2.78 -21.09
CA ASP A 24 0.86 4.13 -20.75
C ASP A 24 0.21 4.56 -19.43
N ALA A 25 -0.39 3.64 -18.73
CA ALA A 25 -1.04 3.98 -17.44
C ALA A 25 0.01 3.99 -16.33
N TYR A 26 -0.39 4.23 -15.12
CA TYR A 26 0.59 4.25 -14.01
C TYR A 26 -0.08 3.81 -12.70
N PHE A 27 0.58 4.00 -11.59
CA PHE A 27 -0.01 3.56 -10.29
C PHE A 27 -0.38 4.78 -9.43
N VAL A 28 -1.53 5.34 -9.65
CA VAL A 28 -1.95 6.51 -8.83
C VAL A 28 -2.33 6.02 -7.43
N LEU A 29 -1.44 6.17 -6.48
CA LEU A 29 -1.76 5.72 -5.10
C LEU A 29 -3.02 6.40 -4.59
N ARG A 30 -4.06 5.64 -4.37
CA ARG A 30 -5.33 6.23 -3.87
C ARG A 30 -5.71 5.57 -2.55
N ASP A 31 -6.96 5.65 -2.16
CA ASP A 31 -7.38 5.02 -0.88
C ASP A 31 -8.76 4.38 -1.06
N GLY A 32 -8.86 3.10 -0.84
CA GLY A 32 -10.18 2.42 -0.99
C GLY A 32 -10.94 2.46 0.33
N ALA A 33 -10.76 3.51 1.10
CA ALA A 33 -11.47 3.61 2.40
C ALA A 33 -11.04 2.45 3.30
N ALA A 34 -10.61 2.75 4.50
CA ALA A 34 -10.17 1.67 5.44
C ALA A 34 -8.72 1.27 5.13
N GLY A 35 -8.36 1.16 3.87
CA GLY A 35 -6.97 0.76 3.53
C GLY A 35 -6.49 1.54 2.30
N VAL A 36 -5.22 1.79 2.20
CA VAL A 36 -4.69 2.53 1.02
C VAL A 36 -4.24 1.54 -0.05
N PHE A 37 -3.85 2.02 -1.19
CA PHE A 37 -3.40 1.11 -2.27
C PHE A 37 -3.01 1.92 -3.51
N LEU A 38 -2.74 1.27 -4.60
CA LEU A 38 -2.34 2.00 -5.84
C LEU A 38 -3.12 1.44 -7.03
N ALA A 39 -4.13 2.14 -7.47
CA ALA A 39 -4.91 1.64 -8.63
C ALA A 39 -4.29 2.16 -9.93
N ALA A 40 -4.43 1.41 -10.99
CA ALA A 40 -3.86 1.86 -12.28
C ALA A 40 -4.65 3.06 -12.79
N ASN A 41 -3.99 4.03 -13.36
CA ASN A 41 -4.72 5.23 -13.85
C ASN A 41 -5.54 4.85 -15.08
N THR A 42 -5.42 3.63 -15.55
CA THR A 42 -6.20 3.19 -16.74
C THR A 42 -7.35 2.29 -16.30
N PHE A 43 -7.49 2.08 -15.01
CA PHE A 43 -8.59 1.20 -14.50
C PHE A 43 -9.86 1.42 -15.33
N PRO A 44 -10.60 0.37 -15.55
CA PRO A 44 -10.26 -0.97 -15.04
C PRO A 44 -9.21 -1.63 -15.94
N LYS A 45 -8.85 -1.00 -17.03
CA LYS A 45 -7.84 -1.60 -17.95
C LYS A 45 -6.71 -2.25 -17.13
N SER A 46 -6.42 -1.71 -15.98
CA SER A 46 -5.36 -2.29 -15.13
C SER A 46 -5.87 -2.42 -13.70
N ARG A 47 -6.34 -3.58 -13.32
CA ARG A 47 -6.85 -3.76 -11.94
C ARG A 47 -5.72 -4.19 -11.02
N GLU A 48 -4.54 -3.66 -11.23
CA GLU A 48 -3.39 -4.03 -10.36
C GLU A 48 -3.39 -3.13 -9.12
N THR A 49 -4.52 -3.00 -8.48
CA THR A 49 -4.59 -2.14 -7.26
C THR A 49 -4.55 -3.01 -6.02
N ARG A 50 -3.81 -2.61 -5.03
CA ARG A 50 -3.72 -3.42 -3.78
C ARG A 50 -2.71 -2.78 -2.82
N ALA A 51 -2.66 -3.22 -1.60
CA ALA A 51 -1.68 -2.63 -0.64
C ALA A 51 -0.32 -2.49 -1.33
N PRO A 52 0.32 -1.36 -1.15
CA PRO A 52 1.61 -1.10 -1.75
C PRO A 52 2.72 -1.83 -0.98
N LEU A 53 3.68 -2.39 -1.67
CA LEU A 53 4.78 -3.10 -0.97
C LEU A 53 5.49 -2.11 -0.04
N VAL A 54 5.85 -2.52 1.14
CA VAL A 54 6.55 -1.59 2.07
C VAL A 54 7.83 -1.07 1.40
N GLU A 55 8.59 -1.95 0.81
CA GLU A 55 9.84 -1.51 0.14
C GLU A 55 9.48 -0.52 -0.97
N GLU A 56 8.34 -0.70 -1.59
CA GLU A 56 7.92 0.23 -2.67
C GLU A 56 7.62 1.59 -2.05
N LEU A 57 7.09 1.59 -0.85
CA LEU A 57 6.77 2.88 -0.18
C LEU A 57 8.07 3.66 0.04
N TYR A 58 9.14 2.98 0.38
CA TYR A 58 10.43 3.68 0.60
C TYR A 58 11.05 4.05 -0.74
N ARG A 59 10.83 3.26 -1.75
CA ARG A 59 11.40 3.57 -3.09
C ARG A 59 10.74 4.83 -3.65
N PHE A 60 9.55 5.13 -3.21
CA PHE A 60 8.85 6.33 -3.70
C PHE A 60 8.75 7.36 -2.57
N ARG A 61 9.73 7.39 -1.71
CA ARG A 61 9.70 8.36 -0.58
C ARG A 61 9.77 9.79 -1.13
N ASP A 62 10.48 9.99 -2.21
CA ASP A 62 10.59 11.36 -2.79
C ASP A 62 9.21 11.85 -3.21
N ARG A 63 8.23 10.98 -3.23
CA ARG A 63 6.86 11.40 -3.64
C ARG A 63 5.91 11.17 -2.47
N LEU A 64 6.32 10.39 -1.51
CA LEU A 64 5.44 10.10 -0.34
C LEU A 64 4.99 11.42 0.30
N PRO A 65 3.72 11.74 0.14
CA PRO A 65 3.17 12.96 0.71
C PRO A 65 3.54 13.05 2.20
N GLU A 66 2.87 12.29 3.02
CA GLU A 66 3.19 12.33 4.48
C GLU A 66 2.20 11.42 5.21
N LYS A 67 1.00 11.35 4.74
CA LYS A 67 -0.03 10.49 5.41
C LYS A 67 0.25 9.00 5.19
N LEU A 68 1.39 8.66 4.65
CA LEU A 68 1.70 7.22 4.43
C LEU A 68 3.14 6.92 4.87
N ARG A 69 3.83 7.91 5.37
CA ARG A 69 5.23 7.68 5.81
C ARG A 69 5.27 6.49 6.79
N TYR A 70 4.52 6.57 7.85
CA TYR A 70 4.51 5.46 8.84
C TYR A 70 4.44 4.13 8.09
N LEU A 71 3.65 4.05 7.06
CA LEU A 71 3.55 2.78 6.29
C LEU A 71 4.89 2.48 5.63
N ALA A 72 5.51 3.48 5.05
CA ALA A 72 6.83 3.26 4.41
C ALA A 72 7.90 3.09 5.50
N ASP A 73 7.51 3.21 6.75
CA ASP A 73 8.50 3.05 7.84
C ASP A 73 8.47 1.61 8.35
N ALA A 74 7.41 0.91 8.09
CA ALA A 74 7.32 -0.51 8.56
C ALA A 74 8.30 -1.38 7.76
N PRO A 75 8.66 -2.50 8.33
CA PRO A 75 9.58 -3.42 7.69
C PRO A 75 9.13 -3.69 6.25
N GLN A 76 9.95 -4.37 5.48
CA GLN A 76 9.56 -4.65 4.06
C GLN A 76 9.92 -6.10 3.72
N GLN A 77 9.87 -6.99 4.67
CA GLN A 77 10.22 -8.41 4.38
C GLN A 77 10.32 -9.19 5.70
N ASP A 78 10.67 -8.52 6.76
CA ASP A 78 10.80 -9.21 8.08
C ASP A 78 12.16 -9.91 8.17
N PRO A 79 12.54 -10.28 9.36
CA PRO A 79 13.84 -10.93 9.63
C PRO A 79 14.14 -12.07 8.64
N GLU A 80 13.17 -12.55 7.91
CA GLU A 80 13.44 -13.66 6.95
C GLU A 80 13.84 -13.07 5.59
N GLY A 81 12.97 -12.34 4.96
CA GLY A 81 13.32 -11.74 3.64
C GLY A 81 12.27 -12.12 2.59
N ASN A 82 11.08 -12.44 3.01
CA ASN A 82 10.02 -12.82 2.04
C ASN A 82 9.27 -11.56 1.60
N LYS A 83 9.80 -10.41 1.90
CA LYS A 83 9.13 -9.14 1.51
C LYS A 83 7.76 -9.07 2.15
N THR A 84 7.41 -7.91 2.63
CA THR A 84 6.07 -7.74 3.27
C THR A 84 5.42 -6.46 2.73
N MET A 85 4.14 -6.44 2.62
CA MET A 85 3.46 -5.22 2.11
C MET A 85 2.66 -4.57 3.25
N VAL A 86 2.01 -3.47 2.96
CA VAL A 86 1.21 -2.79 4.02
C VAL A 86 -0.25 -3.22 3.94
N ARG A 87 -0.65 -4.09 4.81
CA ARG A 87 -2.06 -4.55 4.82
C ARG A 87 -2.87 -3.61 5.71
N PHE A 88 -4.12 -3.93 5.96
CA PHE A 88 -4.94 -3.04 6.83
C PHE A 88 -5.71 -3.88 7.85
N SER A 89 -5.92 -3.34 9.02
CA SER A 89 -6.67 -4.10 10.06
C SER A 89 -7.85 -3.26 10.55
N ARG A 90 -9.01 -3.84 10.64
CA ARG A 90 -10.19 -3.06 11.10
C ARG A 90 -10.29 -3.15 12.62
N LYS A 91 -9.66 -4.12 13.21
CA LYS A 91 -9.71 -4.25 14.69
C LYS A 91 -9.12 -2.99 15.33
N THR A 92 -8.34 -2.26 14.59
CA THR A 92 -7.73 -1.01 15.15
C THR A 92 -7.61 0.05 14.05
N LYS A 93 -8.24 -0.19 12.93
CA LYS A 93 -8.15 0.81 11.82
C LYS A 93 -6.69 1.26 11.66
N GLN A 94 -5.79 0.32 11.55
CA GLN A 94 -4.35 0.70 11.40
C GLN A 94 -3.75 -0.06 10.21
N GLN A 95 -2.46 0.04 10.03
CA GLN A 95 -1.82 -0.68 8.90
C GLN A 95 -0.98 -1.84 9.43
N TYR A 96 -1.28 -3.04 9.04
CA TYR A 96 -0.49 -4.21 9.51
C TYR A 96 0.25 -4.80 8.31
N VAL A 97 1.54 -4.97 8.39
CA VAL A 97 2.29 -5.51 7.22
C VAL A 97 2.27 -7.04 7.26
N SER A 98 2.58 -7.67 6.16
CA SER A 98 2.58 -9.15 6.12
C SER A 98 3.61 -9.62 5.08
N SER A 99 4.60 -10.36 5.52
CA SER A 99 5.63 -10.84 4.56
C SER A 99 4.98 -11.77 3.54
N GLU A 100 4.72 -11.29 2.36
CA GLU A 100 4.10 -12.16 1.32
C GLU A 100 4.89 -12.06 0.02
N LYS A 101 5.23 -13.17 -0.57
CA LYS A 101 6.01 -13.13 -1.83
C LYS A 101 5.34 -14.03 -2.87
N ASP A 102 4.99 -13.48 -4.00
CA ASP A 102 4.33 -14.31 -5.07
C ASP A 102 2.87 -14.57 -4.69
N GLY A 103 2.45 -14.08 -3.55
CA GLY A 103 1.04 -14.31 -3.14
C GLY A 103 0.94 -15.61 -2.33
N LYS A 104 2.02 -16.02 -1.71
CA LYS A 104 1.98 -17.27 -0.92
C LYS A 104 1.80 -16.94 0.56
N ALA A 105 1.69 -15.68 0.90
CA ALA A 105 1.52 -15.31 2.33
C ALA A 105 2.48 -16.11 3.20
N THR A 106 3.66 -15.60 3.43
CA THR A 106 4.64 -16.34 4.27
C THR A 106 4.05 -16.57 5.66
N GLY A 107 3.27 -15.65 6.15
CA GLY A 107 2.67 -15.82 7.50
C GLY A 107 3.05 -14.63 8.39
N TRP A 108 4.24 -14.12 8.21
CA TRP A 108 4.67 -12.95 9.03
C TRP A 108 3.67 -11.81 8.86
N SER A 109 3.26 -11.19 9.94
CA SER A 109 2.29 -10.09 9.84
C SER A 109 2.57 -9.06 10.94
N ALA A 110 3.19 -7.96 10.61
CA ALA A 110 3.49 -6.93 11.65
C ALA A 110 2.31 -5.96 11.75
N PHE A 111 2.25 -5.20 12.82
CA PHE A 111 1.12 -4.25 12.97
C PHE A 111 1.65 -2.86 13.30
N TYR A 112 0.93 -1.83 12.94
CA TYR A 112 1.40 -0.45 13.25
C TYR A 112 0.64 0.07 14.47
N VAL A 113 1.25 0.10 15.61
CA VAL A 113 0.55 0.60 16.81
C VAL A 113 0.78 2.10 16.93
N ASP A 114 0.92 2.63 18.12
CA ASP A 114 1.16 4.09 18.26
C ASP A 114 2.55 4.36 17.72
N GLY A 115 2.66 4.58 16.43
CA GLY A 115 4.01 4.75 15.86
C GLY A 115 4.84 3.60 16.39
N LYS A 116 4.17 2.51 16.71
CA LYS A 116 4.87 1.35 17.29
C LYS A 116 4.66 0.09 16.46
N TRP A 117 5.30 -0.03 15.32
CA TRP A 117 5.09 -1.26 14.52
C TRP A 117 5.30 -2.48 15.44
N VAL A 118 4.92 -3.65 15.00
CA VAL A 118 5.08 -4.84 15.87
C VAL A 118 5.30 -6.08 14.99
N GLU A 119 5.75 -7.15 15.58
CA GLU A 119 5.97 -8.39 14.78
C GLU A 119 4.95 -9.46 15.18
N GLY A 120 3.85 -9.53 14.46
CA GLY A 120 2.82 -10.55 14.79
C GLY A 120 3.48 -11.91 14.98
N LYS A 121 4.20 -12.38 14.00
CA LYS A 121 4.87 -13.70 14.12
C LYS A 121 3.82 -14.80 14.26
N LYS A 122 3.62 -15.57 13.22
CA LYS A 122 2.61 -16.66 13.28
C LYS A 122 3.21 -17.95 12.72
N MET A 1 -23.16 20.99 -5.78
CA MET A 1 -22.82 19.60 -5.35
C MET A 1 -21.98 18.92 -6.44
N ASN A 2 -21.23 17.92 -6.08
CA ASN A 2 -20.39 17.22 -7.09
C ASN A 2 -19.95 15.86 -6.54
N GLY A 3 -20.81 15.19 -5.84
CA GLY A 3 -20.44 13.86 -5.27
C GLY A 3 -19.97 14.04 -3.82
N GLU A 4 -20.08 13.00 -3.03
CA GLU A 4 -19.64 13.12 -1.61
C GLU A 4 -18.55 12.08 -1.33
N VAL A 5 -18.03 11.47 -2.36
CA VAL A 5 -16.96 10.44 -2.15
C VAL A 5 -16.19 10.25 -3.46
N ALA A 6 -14.90 10.04 -3.38
CA ALA A 6 -14.09 9.83 -4.61
C ALA A 6 -14.48 10.89 -5.65
N PRO A 7 -13.77 11.99 -5.64
CA PRO A 7 -14.02 13.08 -6.57
C PRO A 7 -13.58 12.68 -7.98
N PRO A 8 -13.92 13.52 -8.95
CA PRO A 8 -13.56 13.27 -10.34
C PRO A 8 -12.06 13.42 -10.53
N LYS A 9 -11.60 13.33 -11.75
CA LYS A 9 -10.14 13.45 -11.99
C LYS A 9 -9.40 12.33 -11.26
N GLU A 10 -8.61 11.56 -11.96
CA GLU A 10 -7.89 10.45 -11.29
C GLU A 10 -6.39 10.78 -11.21
N ASP A 11 -6.04 11.81 -10.48
CA ASP A 11 -4.59 12.18 -10.37
C ASP A 11 -4.26 12.47 -8.90
N PRO A 12 -4.43 11.46 -8.08
CA PRO A 12 -4.15 11.58 -6.66
C PRO A 12 -2.66 11.46 -6.40
N VAL A 13 -2.08 10.35 -6.77
CA VAL A 13 -0.62 10.15 -6.55
C VAL A 13 -0.05 9.31 -7.69
N PRO A 14 -0.15 9.83 -8.89
CA PRO A 14 0.34 9.13 -10.07
C PRO A 14 1.75 8.60 -9.82
N LEU A 15 1.98 7.34 -10.10
CA LEU A 15 3.34 6.79 -9.87
C LEU A 15 3.95 6.31 -11.20
N PRO A 16 3.95 7.17 -12.18
CA PRO A 16 4.53 6.88 -13.48
C PRO A 16 5.77 5.98 -13.32
N GLU A 17 6.64 6.28 -12.39
CA GLU A 17 7.83 5.42 -12.20
C GLU A 17 7.38 3.96 -12.21
N LEU A 18 6.47 3.62 -11.34
CA LEU A 18 5.95 2.23 -11.29
C LEU A 18 4.76 2.11 -12.25
N PRO A 19 4.92 1.33 -13.29
CA PRO A 19 3.85 1.14 -14.28
C PRO A 19 2.68 0.37 -13.67
N CYS A 20 1.57 0.36 -14.35
CA CYS A 20 0.38 -0.37 -13.82
C CYS A 20 0.07 -1.59 -14.69
N GLU A 21 -0.61 -1.39 -15.79
CA GLU A 21 -0.95 -2.54 -16.67
C GLU A 21 -0.05 -2.52 -17.91
N LYS A 22 1.19 -2.15 -17.76
CA LYS A 22 2.11 -2.10 -18.92
C LYS A 22 1.47 -1.26 -20.03
N SER A 23 0.54 -0.42 -19.67
CA SER A 23 -0.13 0.44 -20.70
C SER A 23 0.23 1.89 -20.46
N ASP A 24 -0.59 2.81 -20.90
CA ASP A 24 -0.30 4.24 -20.68
C ASP A 24 -0.78 4.65 -19.29
N ALA A 25 -1.13 3.69 -18.47
CA ALA A 25 -1.63 4.02 -17.12
C ALA A 25 -0.50 3.79 -16.11
N TYR A 26 -0.51 4.52 -15.03
CA TYR A 26 0.56 4.35 -14.00
C TYR A 26 -0.09 3.99 -12.66
N PHE A 27 0.64 4.08 -11.58
CA PHE A 27 0.04 3.73 -10.26
C PHE A 27 -0.25 4.98 -9.43
N VAL A 28 -1.40 5.57 -9.63
CA VAL A 28 -1.78 6.78 -8.85
C VAL A 28 -2.11 6.36 -7.41
N LEU A 29 -1.11 6.21 -6.57
CA LEU A 29 -1.38 5.82 -5.15
C LEU A 29 -2.58 6.60 -4.62
N ARG A 30 -3.75 6.02 -4.67
CA ARG A 30 -4.96 6.73 -4.15
C ARG A 30 -5.23 6.29 -2.72
N ASP A 31 -6.38 6.58 -2.19
CA ASP A 31 -6.69 6.18 -0.80
C ASP A 31 -8.16 5.76 -0.71
N GLY A 32 -8.42 4.48 -0.68
CA GLY A 32 -9.84 4.01 -0.60
C GLY A 32 -10.46 4.49 0.71
N ALA A 33 -11.53 3.87 1.13
CA ALA A 33 -12.18 4.30 2.40
C ALA A 33 -11.83 3.31 3.52
N ALA A 34 -10.71 2.66 3.41
CA ALA A 34 -10.31 1.68 4.46
C ALA A 34 -8.78 1.66 4.59
N GLY A 35 -8.08 1.74 3.50
CA GLY A 35 -6.60 1.72 3.55
C GLY A 35 -6.02 2.42 2.32
N VAL A 36 -4.78 2.79 2.37
CA VAL A 36 -4.15 3.47 1.20
C VAL A 36 -3.71 2.42 0.17
N PHE A 37 -3.97 2.66 -1.09
CA PHE A 37 -3.56 1.69 -2.13
C PHE A 37 -3.17 2.44 -3.40
N LEU A 38 -2.92 1.75 -4.48
CA LEU A 38 -2.53 2.44 -5.74
C LEU A 38 -3.29 1.83 -6.91
N ALA A 39 -4.21 2.56 -7.48
CA ALA A 39 -4.98 2.03 -8.63
C ALA A 39 -4.27 2.43 -9.93
N ALA A 40 -4.54 1.73 -11.00
CA ALA A 40 -3.88 2.06 -12.29
C ALA A 40 -4.64 3.20 -12.97
N ASN A 41 -3.95 4.06 -13.67
CA ASN A 41 -4.63 5.18 -14.36
C ASN A 41 -5.47 4.63 -15.52
N THR A 42 -5.35 3.35 -15.79
CA THR A 42 -6.14 2.76 -16.91
C THR A 42 -7.49 2.26 -16.38
N PHE A 43 -7.64 2.20 -15.08
CA PHE A 43 -8.92 1.72 -14.49
C PHE A 43 -10.10 2.22 -15.34
N PRO A 44 -11.09 1.37 -15.51
CA PRO A 44 -11.10 0.03 -14.93
C PRO A 44 -10.21 -0.93 -15.73
N LYS A 45 -9.72 -0.51 -16.87
CA LYS A 45 -8.86 -1.41 -17.69
C LYS A 45 -7.86 -2.13 -16.76
N SER A 46 -7.52 -1.52 -15.65
CA SER A 46 -6.58 -2.17 -14.71
C SER A 46 -7.13 -2.08 -13.29
N ARG A 47 -7.54 -3.19 -12.73
CA ARG A 47 -8.10 -3.16 -11.35
C ARG A 47 -6.96 -3.34 -10.34
N GLU A 48 -5.74 -3.20 -10.79
CA GLU A 48 -4.59 -3.38 -9.87
C GLU A 48 -4.69 -2.34 -8.74
N THR A 49 -5.26 -2.71 -7.64
CA THR A 49 -5.39 -1.74 -6.51
C THR A 49 -5.17 -2.47 -5.18
N ARG A 50 -4.25 -1.99 -4.38
CA ARG A 50 -3.99 -2.68 -3.08
C ARG A 50 -2.95 -1.89 -2.28
N ALA A 51 -2.67 -2.30 -1.08
CA ALA A 51 -1.66 -1.59 -0.25
C ALA A 51 -0.30 -1.62 -0.96
N PRO A 52 0.49 -0.60 -0.71
CA PRO A 52 1.80 -0.46 -1.33
C PRO A 52 2.84 -1.29 -0.56
N LEU A 53 3.62 -2.08 -1.26
CA LEU A 53 4.67 -2.88 -0.57
C LEU A 53 5.58 -1.93 0.20
N VAL A 54 6.09 -2.36 1.33
CA VAL A 54 6.98 -1.45 2.12
C VAL A 54 8.20 -1.06 1.27
N GLU A 55 8.55 -1.88 0.31
CA GLU A 55 9.71 -1.54 -0.55
C GLU A 55 9.30 -0.46 -1.55
N GLU A 56 8.09 -0.51 -2.04
CA GLU A 56 7.64 0.53 -3.01
C GLU A 56 7.46 1.84 -2.26
N LEU A 57 7.20 1.78 -0.97
CA LEU A 57 7.02 3.02 -0.19
C LEU A 57 8.38 3.67 0.06
N TYR A 58 9.39 2.88 0.32
CA TYR A 58 10.75 3.44 0.56
C TYR A 58 11.30 4.02 -0.74
N ARG A 59 11.15 3.30 -1.83
CA ARG A 59 11.67 3.80 -3.13
C ARG A 59 10.88 5.06 -3.55
N PHE A 60 9.65 5.16 -3.12
CA PHE A 60 8.85 6.35 -3.50
C PHE A 60 8.74 7.29 -2.29
N ARG A 61 9.72 7.28 -1.44
CA ARG A 61 9.68 8.18 -0.25
C ARG A 61 9.75 9.63 -0.71
N ASP A 62 10.47 9.90 -1.77
CA ASP A 62 10.58 11.29 -2.26
C ASP A 62 9.20 11.80 -2.70
N ARG A 63 8.24 10.92 -2.79
CA ARG A 63 6.87 11.34 -3.20
C ARG A 63 5.89 11.04 -2.07
N LEU A 64 6.31 10.25 -1.12
CA LEU A 64 5.43 9.90 0.03
C LEU A 64 4.70 11.15 0.52
N PRO A 65 3.44 11.27 0.17
CA PRO A 65 2.64 12.40 0.59
C PRO A 65 2.74 12.57 2.11
N GLU A 66 2.10 11.71 2.85
CA GLU A 66 2.17 11.81 4.34
C GLU A 66 1.26 10.74 4.94
N LYS A 67 0.18 10.42 4.27
CA LYS A 67 -0.77 9.40 4.80
C LYS A 67 -0.16 7.99 4.68
N LEU A 68 1.09 7.87 4.35
CA LEU A 68 1.70 6.51 4.25
C LEU A 68 3.11 6.53 4.82
N ARG A 69 3.48 7.61 5.47
CA ARG A 69 4.86 7.69 6.05
C ARG A 69 5.09 6.49 6.98
N TYR A 70 4.29 6.33 7.98
CA TYR A 70 4.47 5.19 8.91
C TYR A 70 4.55 3.89 8.12
N LEU A 71 3.89 3.83 7.00
CA LEU A 71 3.94 2.58 6.17
C LEU A 71 5.32 2.43 5.55
N ALA A 72 5.91 3.52 5.14
CA ALA A 72 7.27 3.45 4.52
C ALA A 72 8.30 3.19 5.62
N ASP A 73 7.92 3.36 6.85
CA ASP A 73 8.89 3.13 7.97
C ASP A 73 8.80 1.66 8.39
N ALA A 74 7.79 0.96 7.95
CA ALA A 74 7.64 -0.47 8.33
C ALA A 74 8.71 -1.29 7.60
N PRO A 75 8.84 -2.54 7.98
CA PRO A 75 9.81 -3.44 7.37
C PRO A 75 9.41 -3.74 5.92
N GLN A 76 10.29 -4.32 5.16
CA GLN A 76 9.96 -4.62 3.74
C GLN A 76 10.48 -6.02 3.37
N GLN A 77 10.63 -6.89 4.33
CA GLN A 77 11.12 -8.26 4.01
C GLN A 77 11.55 -9.00 5.28
N ASP A 78 11.76 -8.29 6.37
CA ASP A 78 12.19 -8.98 7.62
C ASP A 78 13.64 -9.43 7.45
N PRO A 79 14.23 -9.92 8.52
CA PRO A 79 15.61 -10.38 8.50
C PRO A 79 15.72 -11.66 7.67
N GLU A 80 14.62 -12.20 7.22
CA GLU A 80 14.67 -13.44 6.39
C GLU A 80 14.76 -13.05 4.91
N GLY A 81 14.06 -12.01 4.52
CA GLY A 81 14.09 -11.57 3.10
C GLY A 81 12.67 -11.53 2.53
N ASN A 82 11.85 -12.49 2.91
CA ASN A 82 10.45 -12.50 2.39
C ASN A 82 9.88 -11.09 2.40
N LYS A 83 10.00 -10.37 1.32
CA LYS A 83 9.48 -8.98 1.28
C LYS A 83 8.12 -8.90 1.95
N THR A 84 7.85 -7.81 2.60
CA THR A 84 6.53 -7.65 3.27
C THR A 84 5.85 -6.42 2.68
N MET A 85 4.58 -6.50 2.41
CA MET A 85 3.89 -5.33 1.83
C MET A 85 2.94 -4.71 2.86
N VAL A 86 2.29 -3.65 2.48
CA VAL A 86 1.35 -2.99 3.43
C VAL A 86 0.01 -3.71 3.37
N ARG A 87 -0.68 -3.79 4.47
CA ARG A 87 -2.00 -4.47 4.50
C ARG A 87 -2.97 -3.61 5.31
N PHE A 88 -4.15 -4.09 5.56
CA PHE A 88 -5.11 -3.28 6.37
C PHE A 88 -5.93 -4.19 7.28
N SER A 89 -6.02 -3.85 8.53
CA SER A 89 -6.81 -4.69 9.47
C SER A 89 -8.09 -3.93 9.84
N ARG A 90 -9.22 -4.60 9.80
CA ARG A 90 -10.50 -3.92 10.14
C ARG A 90 -10.74 -4.03 11.64
N LYS A 91 -10.06 -4.94 12.30
CA LYS A 91 -10.25 -5.09 13.76
C LYS A 91 -9.80 -3.80 14.45
N THR A 92 -8.93 -3.07 13.82
CA THR A 92 -8.45 -1.79 14.45
C THR A 92 -8.41 -0.69 13.39
N LYS A 93 -8.85 -0.98 12.18
CA LYS A 93 -8.82 0.05 11.11
C LYS A 93 -7.43 0.67 11.05
N GLN A 94 -6.42 -0.14 10.85
CA GLN A 94 -5.04 0.41 10.78
C GLN A 94 -4.27 -0.25 9.63
N GLN A 95 -2.99 -0.02 9.55
CA GLN A 95 -2.18 -0.64 8.46
C GLN A 95 -1.23 -1.69 9.04
N TYR A 96 -1.29 -2.89 8.55
CA TYR A 96 -0.38 -3.96 9.07
C TYR A 96 0.41 -4.55 7.88
N VAL A 97 1.69 -4.74 8.04
CA VAL A 97 2.48 -5.30 6.90
C VAL A 97 2.51 -6.82 7.00
N SER A 98 2.93 -7.47 5.94
CA SER A 98 2.98 -8.97 5.96
C SER A 98 4.10 -9.45 5.03
N SER A 99 5.07 -10.15 5.57
CA SER A 99 6.20 -10.65 4.73
C SER A 99 5.69 -11.77 3.82
N GLU A 100 5.18 -11.44 2.67
CA GLU A 100 4.68 -12.49 1.75
C GLU A 100 5.81 -12.96 0.83
N LYS A 101 5.88 -14.23 0.55
CA LYS A 101 6.96 -14.73 -0.34
C LYS A 101 6.43 -14.92 -1.76
N ASP A 102 6.60 -13.93 -2.60
CA ASP A 102 6.11 -14.04 -3.99
C ASP A 102 4.57 -13.93 -4.01
N GLY A 103 3.98 -13.68 -2.88
CA GLY A 103 2.49 -13.56 -2.84
C GLY A 103 1.89 -14.86 -2.28
N LYS A 104 2.71 -15.77 -1.85
CA LYS A 104 2.18 -17.05 -1.30
C LYS A 104 1.99 -16.93 0.21
N ALA A 105 1.92 -15.72 0.71
CA ALA A 105 1.75 -15.53 2.18
C ALA A 105 2.79 -16.36 2.93
N THR A 106 2.80 -16.28 4.23
CA THR A 106 3.80 -17.06 5.01
C THR A 106 3.38 -17.09 6.48
N GLY A 107 2.94 -15.98 7.01
CA GLY A 107 2.53 -15.94 8.43
C GLY A 107 3.07 -14.67 9.09
N TRP A 108 4.01 -14.03 8.46
CA TRP A 108 4.59 -12.78 9.04
C TRP A 108 3.64 -11.62 8.78
N SER A 109 3.17 -10.98 9.82
CA SER A 109 2.24 -9.83 9.63
C SER A 109 2.46 -8.83 10.76
N ALA A 110 3.13 -7.73 10.48
CA ALA A 110 3.39 -6.72 11.55
C ALA A 110 2.24 -5.71 11.59
N PHE A 111 2.05 -5.09 12.72
CA PHE A 111 0.96 -4.08 12.83
C PHE A 111 1.53 -2.73 13.27
N TYR A 112 1.01 -1.66 12.74
CA TYR A 112 1.54 -0.32 13.12
C TYR A 112 0.77 0.19 14.35
N VAL A 113 1.38 0.18 15.50
CA VAL A 113 0.68 0.68 16.71
C VAL A 113 0.97 2.17 16.83
N ASP A 114 1.10 2.68 18.02
CA ASP A 114 1.40 4.13 18.17
C ASP A 114 2.82 4.34 17.69
N GLY A 115 2.99 4.53 16.41
CA GLY A 115 4.38 4.64 15.90
C GLY A 115 5.11 3.43 16.45
N LYS A 116 4.36 2.37 16.73
CA LYS A 116 4.97 1.16 17.32
C LYS A 116 4.66 -0.08 16.48
N TRP A 117 5.35 -0.28 15.39
CA TRP A 117 5.07 -1.50 14.57
C TRP A 117 5.11 -2.71 15.50
N VAL A 118 4.63 -3.84 15.04
CA VAL A 118 4.63 -5.05 15.91
C VAL A 118 4.76 -6.30 15.04
N GLU A 119 4.91 -7.45 15.64
CA GLU A 119 5.03 -8.69 14.83
C GLU A 119 4.22 -9.81 15.49
N GLY A 120 3.06 -10.10 14.95
CA GLY A 120 2.23 -11.18 15.54
C GLY A 120 2.40 -12.47 14.74
N LYS A 121 3.25 -13.35 15.20
CA LYS A 121 3.47 -14.62 14.46
C LYS A 121 2.17 -15.45 14.46
N LYS A 122 1.88 -16.10 13.38
CA LYS A 122 0.63 -16.91 13.32
C LYS A 122 1.00 -18.39 13.10
#